data_4APW
#
_entry.id   4APW
#
_cell.length_a   1.000
_cell.length_b   1.000
_cell.length_c   1.000
_cell.angle_alpha   90.00
_cell.angle_beta   90.00
_cell.angle_gamma   90.00
#
_symmetry.space_group_name_H-M   'P 1'
#
_entity_poly.entity_id   1
_entity_poly.type   'polypeptide(L)'
_entity_poly.pdbx_seq_one_letter_code
;MENITNEYVMTLDAGKYETKLIGKNKKGTTEDIKRVIFKTKIYNLEDGYIDIEGNSHKIELDGKEYLIGEQGVEDSSETS
KTNLIHKLAAYTAITQVLDSNKNNKVQLVLACPLSVLRNAKAKEEYRDYIKGNGEITVKVDDKEYSFEITDITIKAEGSG
VLFLEQENFKNKNVAVIDFGGLNMGFSLYRNCVVNPSERFIEEHGVKDLIIRVGDALTDLNNGNLITNEQAESALNNGYM
KKGGEIDTESSTVIKKVKEKFLKDAIKLIEKRGFKLDQLDSLIFIGGTTQKLKEQISKTYPNNSIITNNSQWTTCEGLYK
VAVAKYCIQ
;
_entity_poly.pdbx_strand_id   A,B,C,D,E,F,G,H,I,J,K,L,M,N,O,P
#
# COMPACT_ATOMS: atom_id res chain seq x y z
N THR A 5 24.76 19.71 68.68
CA THR A 5 25.04 18.67 67.66
C THR A 5 23.80 18.35 66.80
N ASN A 6 24.08 17.73 65.66
CA ASN A 6 23.05 17.29 64.71
C ASN A 6 22.98 15.76 64.73
N GLU A 7 22.26 15.25 65.70
CA GLU A 7 22.20 13.80 65.87
C GLU A 7 20.71 13.36 65.61
N TYR A 8 20.54 12.20 65.03
CA TYR A 8 19.22 11.61 64.76
C TYR A 8 19.06 10.30 65.54
N VAL A 9 17.83 9.83 65.60
CA VAL A 9 17.51 8.58 66.28
C VAL A 9 17.05 7.55 65.24
N MET A 10 17.76 6.44 65.23
CA MET A 10 17.38 5.31 64.38
C MET A 10 16.90 4.17 65.28
N THR A 11 15.71 3.69 64.93
CA THR A 11 15.12 2.57 65.65
C THR A 11 15.00 1.39 64.70
N LEU A 12 15.54 0.28 65.16
CA LEU A 12 15.58 -0.94 64.36
C LEU A 12 15.01 -2.13 65.13
N ASP A 13 14.39 -3.02 64.38
CA ASP A 13 13.79 -4.25 64.91
C ASP A 13 14.07 -5.41 63.96
N ALA A 14 15.15 -6.13 64.24
CA ALA A 14 15.55 -7.30 63.45
C ALA A 14 14.82 -8.54 63.97
N GLY A 15 13.58 -8.70 63.50
CA GLY A 15 12.69 -9.75 64.04
C GLY A 15 12.63 -10.97 63.14
N LYS A 16 11.69 -11.84 63.48
CA LYS A 16 11.41 -13.11 62.79
C LYS A 16 11.92 -13.08 61.33
N TYR A 17 11.01 -12.71 60.42
CA TYR A 17 11.29 -12.77 58.99
C TYR A 17 11.30 -11.38 58.37
N GLU A 18 11.05 -10.36 59.19
CA GLU A 18 11.06 -8.98 58.71
C GLU A 18 11.91 -8.07 59.60
N THR A 19 12.49 -7.07 58.95
CA THR A 19 13.25 -6.02 59.64
C THR A 19 12.45 -4.72 59.52
N LYS A 20 12.20 -4.10 60.68
CA LYS A 20 11.49 -2.82 60.74
C LYS A 20 12.47 -1.73 61.13
N LEU A 21 12.36 -0.60 60.47
CA LEU A 21 13.25 0.54 60.73
C LEU A 21 12.47 1.86 60.67
N ILE A 22 12.88 2.80 61.50
CA ILE A 22 12.23 4.12 61.57
C ILE A 22 13.26 5.21 61.91
N GLY A 23 13.17 6.30 61.16
CA GLY A 23 13.95 7.51 61.42
C GLY A 23 13.04 8.70 61.18
N LYS A 24 13.25 9.76 61.94
CA LYS A 24 12.41 10.98 61.79
C LYS A 24 12.60 11.65 60.44
N ASN A 25 13.79 11.46 59.89
CA ASN A 25 14.11 12.00 58.56
C ASN A 25 13.36 11.26 57.45
N LYS A 26 13.35 9.94 57.55
CA LYS A 26 12.63 9.16 56.55
C LYS A 26 11.13 9.28 56.70
N LYS A 27 10.67 9.21 57.95
CA LYS A 27 9.24 9.33 58.25
C LYS A 27 8.68 10.66 57.72
N GLY A 28 9.54 11.69 57.80
CA GLY A 28 9.20 13.05 57.36
C GLY A 28 8.97 13.15 55.85
N THR A 29 9.61 12.26 55.10
CA THR A 29 9.59 12.33 53.62
C THR A 29 8.65 11.28 53.01
N THR A 30 8.66 10.08 53.57
CA THR A 30 7.82 8.99 53.06
C THR A 30 6.69 8.75 54.04
N GLU A 31 5.53 8.42 53.47
CA GLU A 31 4.31 8.27 54.27
C GLU A 31 4.11 6.84 54.76
N ASP A 32 4.73 5.92 54.07
CA ASP A 32 4.56 4.54 54.46
C ASP A 32 5.02 4.39 55.92
N ILE A 33 5.04 3.15 56.36
CA ILE A 33 5.35 2.87 57.75
C ILE A 33 6.74 2.41 58.04
N LYS A 34 7.79 2.75 57.38
CA LYS A 34 7.92 3.81 56.39
C LYS A 34 8.46 5.19 56.79
N ARG A 35 9.56 5.18 57.59
CA ARG A 35 10.17 4.00 58.20
C ARG A 35 10.44 2.94 57.05
N VAL A 36 10.37 1.69 57.35
CA VAL A 36 10.28 0.55 56.43
C VAL A 36 10.15 -0.85 57.09
N ILE A 37 9.50 -1.73 56.36
CA ILE A 37 9.39 -3.15 56.77
C ILE A 37 9.68 -4.01 55.55
N PHE A 38 10.80 -4.71 55.64
CA PHE A 38 11.27 -5.58 54.54
C PHE A 38 11.64 -6.95 55.09
N LYS A 39 11.43 -7.97 54.26
CA LYS A 39 11.77 -9.35 54.64
C LYS A 39 13.26 -9.43 54.96
N THR A 40 13.58 -10.23 55.97
CA THR A 40 14.97 -10.44 56.42
C THR A 40 15.71 -11.34 55.43
N LYS A 41 15.88 -10.82 54.23
CA LYS A 41 16.60 -11.49 53.14
C LYS A 41 17.51 -10.47 52.50
N ILE A 42 18.62 -10.96 51.98
CA ILE A 42 19.62 -10.08 51.34
C ILE A 42 20.15 -10.79 50.09
N TYR A 43 20.47 -9.98 49.10
CA TYR A 43 21.06 -10.49 47.87
C TYR A 43 22.29 -9.68 47.48
N ASN A 44 22.88 -10.05 46.35
CA ASN A 44 24.06 -9.36 45.82
C ASN A 44 23.96 -9.31 44.30
N LEU A 45 24.49 -8.24 43.74
CA LEU A 45 24.41 -8.03 42.29
C LEU A 45 25.71 -8.46 41.63
N GLU A 46 25.62 -9.61 40.99
CA GLU A 46 26.78 -10.18 40.29
C GLU A 46 26.57 -10.12 38.77
N ASP A 47 27.69 -10.11 38.06
CA ASP A 47 27.69 -10.01 36.59
C ASP A 47 26.99 -11.21 35.92
N GLY A 48 26.84 -12.29 36.68
CA GLY A 48 26.14 -13.49 36.18
C GLY A 48 24.62 -13.29 36.12
N TYR A 49 24.17 -12.05 36.26
CA TYR A 49 22.74 -11.70 36.30
C TYR A 49 22.56 -10.23 35.92
N ILE A 50 21.30 -9.89 35.64
CA ILE A 50 20.91 -8.53 35.21
C ILE A 50 20.17 -7.82 36.34
N ASP A 51 20.80 -6.76 36.83
CA ASP A 51 20.16 -5.92 37.84
C ASP A 51 18.87 -5.25 37.37
N ILE A 52 17.98 -4.99 38.30
CA ILE A 52 16.69 -4.33 38.04
C ILE A 52 16.37 -3.31 39.14
N GLU A 53 15.61 -2.30 38.79
CA GLU A 53 15.15 -1.29 39.76
C GLU A 53 14.23 -1.90 40.83
N GLY A 54 14.26 -1.26 41.99
CA GLY A 54 13.48 -1.72 43.13
C GLY A 54 12.06 -1.16 43.21
N ASN A 55 11.31 -1.54 44.26
CA ASN A 55 11.60 -1.18 45.66
C ASN A 55 12.74 -2.00 46.27
N SER A 56 13.94 -1.57 45.94
CA SER A 56 15.17 -2.24 46.33
C SER A 56 16.34 -1.33 45.99
N HIS A 57 17.34 -1.39 46.85
CA HIS A 57 18.51 -0.52 46.73
C HIS A 57 19.80 -1.34 46.70
N LYS A 58 20.83 -0.67 46.22
CA LYS A 58 22.17 -1.25 46.18
C LYS A 58 23.04 -0.55 47.24
N ILE A 59 23.78 -1.35 47.97
CA ILE A 59 24.65 -0.84 49.04
C ILE A 59 26.08 -1.36 48.86
N GLU A 60 27.03 -0.53 49.24
CA GLU A 60 28.45 -0.89 49.17
C GLU A 60 28.93 -1.26 50.56
N LEU A 61 29.27 -2.53 50.66
CA LEU A 61 29.85 -3.05 51.90
C LEU A 61 30.91 -4.10 51.49
N ASP A 62 32.03 -4.03 52.20
CA ASP A 62 33.20 -4.89 51.90
C ASP A 62 33.67 -4.54 50.46
N GLY A 63 33.73 -5.55 49.62
CA GLY A 63 33.65 -5.41 48.14
C GLY A 63 32.37 -6.19 47.88
N LYS A 64 31.60 -6.05 46.76
CA LYS A 64 30.19 -6.54 46.69
C LYS A 64 29.19 -5.41 46.81
N GLU A 65 28.25 -5.51 45.88
CA GLU A 65 27.10 -4.62 45.89
C GLU A 65 25.91 -5.38 46.47
N TYR A 66 25.67 -5.14 47.75
CA TYR A 66 24.57 -5.83 48.42
C TYR A 66 23.24 -5.28 47.96
N LEU A 67 22.26 -6.15 48.06
CA LEU A 67 20.96 -5.79 47.59
C LEU A 67 19.94 -6.12 48.68
N ILE A 68 19.05 -5.16 48.89
CA ILE A 68 18.07 -5.21 50.01
C ILE A 68 16.85 -4.35 49.68
N GLY A 69 15.69 -4.90 50.02
CA GLY A 69 14.42 -4.18 49.82
C GLY A 69 13.58 -4.85 48.74
N GLU A 70 14.27 -5.34 47.70
CA GLU A 70 13.58 -6.12 46.65
C GLU A 70 13.22 -7.47 47.24
N GLN A 71 12.35 -8.15 46.53
CA GLN A 71 11.94 -9.49 46.96
C GLN A 71 12.60 -10.60 46.12
N GLY A 72 13.32 -10.16 45.08
CA GLY A 72 13.92 -11.07 44.09
C GLY A 72 13.31 -10.83 42.71
N VAL A 73 12.75 -9.64 42.54
CA VAL A 73 12.32 -9.13 41.23
C VAL A 73 13.54 -8.62 40.44
N GLU A 74 14.61 -8.40 41.16
CA GLU A 74 15.81 -7.82 40.57
C GLU A 74 16.98 -8.76 40.64
N ASP A 75 16.89 -9.92 41.26
CA ASP A 75 18.02 -10.84 41.36
C ASP A 75 17.54 -12.21 41.80
N SER A 76 18.41 -13.19 41.61
CA SER A 76 18.15 -14.57 42.02
C SER A 76 19.02 -14.96 43.22
N SER A 77 19.91 -14.06 43.61
CA SER A 77 20.83 -14.26 44.75
C SER A 77 20.17 -14.07 46.12
N GLU A 78 18.92 -13.64 46.16
CA GLU A 78 18.19 -13.42 47.41
C GLU A 78 18.12 -14.69 48.26
N THR A 79 17.91 -15.82 47.58
CA THR A 79 17.83 -17.13 48.25
C THR A 79 19.15 -17.51 48.94
N SER A 80 20.26 -17.11 48.30
CA SER A 80 21.61 -17.36 48.79
C SER A 80 21.86 -16.60 50.11
N LYS A 81 22.70 -17.18 50.95
CA LYS A 81 23.04 -16.59 52.26
C LYS A 81 24.53 -16.68 52.57
N THR A 82 24.96 -15.80 53.47
CA THR A 82 26.36 -15.76 53.93
C THR A 82 26.46 -15.75 55.45
N ASN A 83 27.66 -15.87 56.01
CA ASN A 83 27.92 -16.07 57.45
C ASN A 83 28.51 -14.81 58.14
N LEU A 84 27.68 -13.78 58.23
CA LEU A 84 27.89 -12.55 57.43
C LEU A 84 26.52 -12.03 56.99
N ILE A 85 25.59 -12.96 56.86
CA ILE A 85 24.21 -12.69 56.44
C ILE A 85 23.58 -11.58 57.29
N HIS A 86 23.61 -11.79 58.60
CA HIS A 86 23.00 -10.88 59.56
C HIS A 86 23.80 -9.58 59.61
N LYS A 87 25.13 -9.69 59.60
CA LYS A 87 25.99 -8.51 59.66
C LYS A 87 25.79 -7.57 58.47
N LEU A 88 25.54 -8.17 57.30
CA LEU A 88 25.24 -7.41 56.08
C LEU A 88 23.87 -6.76 56.14
N ALA A 89 22.93 -7.52 56.70
CA ALA A 89 21.54 -7.03 56.89
C ALA A 89 21.51 -5.80 57.80
N ALA A 90 22.36 -5.82 58.82
CA ALA A 90 22.45 -4.70 59.78
C ALA A 90 22.96 -3.43 59.09
N TYR A 91 23.93 -3.62 58.22
CA TYR A 91 24.58 -2.50 57.52
C TYR A 91 23.62 -1.91 56.53
N THR A 92 22.87 -2.74 55.84
CA THR A 92 21.90 -2.29 54.84
C THR A 92 20.68 -1.62 55.48
N ALA A 93 20.29 -2.11 56.64
CA ALA A 93 19.18 -1.54 57.41
C ALA A 93 19.58 -0.15 57.92
N ILE A 94 20.81 -0.01 58.39
CA ILE A 94 21.31 1.28 58.86
C ILE A 94 21.41 2.26 57.68
N THR A 95 21.80 1.73 56.54
CA THR A 95 22.00 2.54 55.32
C THR A 95 20.69 3.14 54.85
N GLN A 96 19.66 2.29 54.85
CA GLN A 96 18.34 2.71 54.36
C GLN A 96 17.80 3.73 55.35
N VAL A 97 17.17 4.77 54.79
CA VAL A 97 16.55 5.82 55.64
C VAL A 97 17.66 6.58 56.43
N LEU A 98 18.78 6.81 55.78
CA LEU A 98 19.88 7.50 56.45
C LEU A 98 20.45 8.58 55.53
N ASP A 99 19.79 9.73 55.59
CA ASP A 99 20.22 10.91 54.81
C ASP A 99 20.16 12.18 55.64
N SER A 100 21.31 12.75 55.91
CA SER A 100 21.32 14.01 56.67
C SER A 100 20.95 15.16 55.70
N ASN A 101 21.78 15.53 54.72
CA ASN A 101 23.25 15.71 54.79
C ASN A 101 24.10 14.44 54.63
N LYS A 102 25.33 14.71 54.22
CA LYS A 102 26.34 13.68 53.96
C LYS A 102 26.75 12.94 55.24
N ASN A 103 27.04 13.71 56.29
CA ASN A 103 27.44 13.16 57.59
C ASN A 103 26.21 12.99 58.48
N ASN A 104 25.91 11.74 58.78
CA ASN A 104 24.74 11.37 59.58
C ASN A 104 25.17 10.80 60.93
N LYS A 105 24.98 11.63 61.95
CA LYS A 105 25.29 11.25 63.33
C LYS A 105 24.01 10.75 63.98
N VAL A 106 24.08 9.57 64.56
CA VAL A 106 22.88 8.96 65.16
C VAL A 106 23.17 8.30 66.51
N GLN A 107 22.07 7.84 67.05
CA GLN A 107 21.98 6.97 68.21
C GLN A 107 21.09 5.83 67.74
N LEU A 108 21.44 4.60 68.09
CA LEU A 108 20.66 3.44 67.65
C LEU A 108 19.97 2.78 68.82
N VAL A 109 18.67 2.64 68.67
CA VAL A 109 17.88 1.91 69.63
C VAL A 109 17.31 0.65 68.96
N LEU A 110 17.55 -0.46 69.62
CA LEU A 110 17.05 -1.75 69.14
C LEU A 110 16.79 -2.70 70.31
N ALA A 111 16.25 -3.86 69.98
CA ALA A 111 15.94 -4.93 70.93
C ALA A 111 16.50 -6.30 70.52
N CYS A 112 16.45 -7.22 71.44
CA CYS A 112 16.89 -8.60 71.19
C CYS A 112 16.08 -9.52 72.10
N PRO A 113 16.04 -10.82 71.75
CA PRO A 113 15.29 -11.82 72.54
C PRO A 113 15.64 -11.64 74.02
N LEU A 114 14.63 -11.77 74.87
CA LEU A 114 14.80 -11.57 76.32
C LEU A 114 15.86 -12.50 76.92
N SER A 115 15.97 -13.69 76.33
CA SER A 115 16.87 -14.74 76.84
C SER A 115 18.36 -14.44 76.61
N VAL A 116 18.65 -13.50 75.73
CA VAL A 116 20.03 -13.14 75.40
C VAL A 116 20.42 -11.73 75.91
N LEU A 117 19.42 -10.99 76.34
CA LEU A 117 19.61 -9.60 76.77
C LEU A 117 20.43 -9.50 78.06
N ARG A 118 21.70 -9.83 78.01
CA ARG A 118 22.63 -9.73 79.17
C ARG A 118 23.86 -10.61 78.96
N ASN A 119 23.73 -11.58 78.06
CA ASN A 119 24.81 -12.53 77.76
C ASN A 119 25.91 -11.87 76.92
N ALA A 120 26.79 -12.71 76.38
CA ALA A 120 27.84 -12.32 75.43
C ALA A 120 27.23 -11.91 74.08
N LYS A 121 26.02 -12.35 73.81
CA LYS A 121 25.35 -12.00 72.55
C LYS A 121 24.11 -11.19 72.86
N ALA A 122 23.73 -10.35 71.90
CA ALA A 122 22.65 -9.37 72.07
C ALA A 122 22.87 -8.47 73.29
N LYS A 123 24.14 -8.42 73.68
CA LYS A 123 24.59 -7.58 74.78
C LYS A 123 26.03 -7.13 74.60
N GLU A 124 26.89 -7.98 74.03
CA GLU A 124 28.25 -7.50 73.73
C GLU A 124 28.59 -7.54 72.23
N GLU A 125 28.28 -8.65 71.58
CA GLU A 125 28.61 -8.79 70.15
C GLU A 125 27.64 -7.99 69.30
N TYR A 126 26.37 -7.92 69.68
CA TYR A 126 25.38 -7.14 68.92
C TYR A 126 25.66 -5.63 69.02
N ARG A 127 26.00 -5.20 70.24
CA ARG A 127 26.39 -3.81 70.51
C ARG A 127 27.64 -3.41 69.75
N ASP A 128 28.53 -4.38 69.56
CA ASP A 128 29.78 -4.14 68.82
C ASP A 128 29.53 -3.96 67.32
N TYR A 129 28.51 -4.64 66.83
CA TYR A 129 28.12 -4.55 65.41
C TYR A 129 27.51 -3.19 65.14
N ILE A 130 26.71 -2.74 66.10
CA ILE A 130 25.96 -1.47 65.98
C ILE A 130 26.85 -0.25 66.24
N LYS A 131 27.68 -0.38 67.28
CA LYS A 131 28.61 0.59 67.80
C LYS A 131 29.87 0.84 66.93
N GLY A 132 29.75 1.46 65.74
CA GLY A 132 30.89 1.91 64.92
C GLY A 132 30.44 2.84 63.78
N ASN A 133 31.41 3.63 63.33
CA ASN A 133 31.24 4.49 62.15
C ASN A 133 31.41 3.64 60.89
N GLY A 134 30.76 4.08 59.82
CA GLY A 134 30.85 3.39 58.52
C GLY A 134 30.41 4.29 57.38
N GLU A 135 31.02 4.02 56.23
CA GLU A 135 30.67 4.72 54.98
C GLU A 135 29.81 3.75 54.17
N ILE A 136 28.61 4.22 53.88
CA ILE A 136 27.67 3.44 53.10
C ILE A 136 27.20 4.29 51.91
N THR A 137 27.18 3.63 50.77
CA THR A 137 26.63 4.24 49.56
C THR A 137 25.13 3.86 49.43
N VAL A 138 24.43 4.64 48.63
CA VAL A 138 22.98 4.42 48.44
C VAL A 138 22.70 3.94 47.04
N LYS A 139 23.25 4.66 46.10
CA LYS A 139 23.06 4.31 44.69
C LYS A 139 24.41 3.96 44.06
N VAL A 140 24.40 3.09 43.08
CA VAL A 140 25.64 2.71 42.36
C VAL A 140 26.32 3.96 41.74
N ASP A 141 25.49 4.93 41.38
CA ASP A 141 25.98 6.19 40.83
C ASP A 141 25.84 7.32 41.87
N ASP A 142 25.65 6.94 43.12
CA ASP A 142 25.46 7.83 44.29
C ASP A 142 25.50 6.92 45.52
N LYS A 143 24.73 7.14 46.57
CA LYS A 143 24.82 8.38 47.35
C LYS A 143 25.52 8.02 48.65
N GLU A 144 26.75 8.52 48.77
CA GLU A 144 27.57 8.23 49.95
C GLU A 144 27.03 8.93 51.21
N TYR A 145 26.92 8.15 52.27
CA TYR A 145 26.59 8.68 53.60
C TYR A 145 27.64 8.22 54.59
N SER A 146 28.12 9.17 55.38
CA SER A 146 29.10 8.89 56.44
C SER A 146 28.34 8.82 57.76
N PHE A 147 28.31 7.63 58.33
CA PHE A 147 27.48 7.35 59.51
C PHE A 147 28.32 7.15 60.75
N GLU A 148 28.01 8.00 61.70
CA GLU A 148 28.59 7.91 63.01
C GLU A 148 27.60 7.59 64.09
N ILE A 149 27.99 6.67 64.95
CA ILE A 149 27.08 6.28 66.02
C ILE A 149 27.59 6.80 67.36
N THR A 150 26.74 7.61 67.96
CA THR A 150 27.12 8.30 69.20
C THR A 150 26.70 7.52 70.44
N ASP A 151 25.87 6.51 70.26
CA ASP A 151 25.40 5.65 71.37
C ASP A 151 24.50 4.53 70.82
N ILE A 152 24.32 3.54 71.66
CA ILE A 152 23.45 2.39 71.34
C ILE A 152 22.68 1.96 72.57
N THR A 153 21.45 1.51 72.36
CA THR A 153 20.56 1.16 73.49
C THR A 153 19.71 -0.04 73.10
N ILE A 154 19.97 -1.10 73.84
CA ILE A 154 19.32 -2.39 73.56
C ILE A 154 18.49 -2.82 74.77
N LYS A 155 17.26 -3.23 74.48
CA LYS A 155 16.35 -3.77 75.50
C LYS A 155 15.70 -5.05 74.98
N ALA A 156 14.92 -5.71 75.83
CA ALA A 156 14.25 -6.96 75.50
C ALA A 156 13.15 -6.55 74.53
N GLU A 157 12.95 -7.39 73.52
CA GLU A 157 11.99 -7.06 72.45
C GLU A 157 10.59 -6.67 72.95
N GLY A 158 10.09 -7.47 73.90
CA GLY A 158 8.76 -7.24 74.51
C GLY A 158 8.71 -5.84 75.16
N SER A 159 9.84 -5.33 75.58
CA SER A 159 9.87 -4.00 76.21
C SER A 159 9.54 -2.86 75.24
N GLY A 160 9.91 -3.04 73.97
CA GLY A 160 9.64 -2.03 72.92
C GLY A 160 8.12 -1.84 72.76
N VAL A 161 7.42 -2.96 72.81
CA VAL A 161 5.95 -2.97 72.70
C VAL A 161 5.28 -2.29 73.90
N LEU A 162 5.73 -2.65 75.10
CA LEU A 162 5.21 -2.04 76.33
C LEU A 162 5.41 -0.52 76.34
N PHE A 163 6.55 -0.09 75.82
CA PHE A 163 6.94 1.32 75.84
C PHE A 163 6.10 2.12 74.85
N LEU A 164 5.81 1.48 73.73
CA LEU A 164 5.04 2.12 72.67
C LEU A 164 3.62 2.45 73.15
N GLU A 165 3.03 1.50 73.87
CA GLU A 165 1.70 1.69 74.44
C GLU A 165 1.78 2.80 75.50
N GLN A 166 0.69 3.56 75.65
CA GLN A 166 0.56 4.65 76.63
C GLN A 166 -0.11 4.14 77.93
N GLU A 167 0.72 3.53 78.76
CA GLU A 167 0.25 2.98 80.04
C GLU A 167 1.27 3.32 81.11
N ASN A 168 0.74 3.49 82.31
CA ASN A 168 1.58 3.73 83.49
C ASN A 168 1.46 2.52 84.42
N PHE A 169 2.53 2.18 85.11
CA PHE A 169 3.45 1.14 84.60
C PHE A 169 4.59 0.83 85.57
N LYS A 170 5.00 1.84 86.33
CA LYS A 170 6.12 1.68 87.29
C LYS A 170 5.84 0.61 88.36
N ASN A 171 4.57 0.49 88.74
CA ASN A 171 4.16 -0.46 89.79
C ASN A 171 2.96 -1.32 89.40
N LYS A 172 2.89 -1.65 88.11
CA LYS A 172 1.77 -2.43 87.57
C LYS A 172 2.25 -3.77 87.02
N ASN A 173 1.27 -4.62 86.72
CA ASN A 173 1.51 -5.92 86.11
C ASN A 173 0.89 -5.91 84.72
N VAL A 174 1.75 -6.13 83.74
CA VAL A 174 1.35 -6.11 82.33
C VAL A 174 1.90 -7.35 81.62
N ALA A 175 1.18 -7.79 80.62
CA ALA A 175 1.67 -8.88 79.77
C ALA A 175 1.53 -8.52 78.29
N VAL A 176 2.46 -9.07 77.53
CA VAL A 176 2.50 -8.88 76.08
C VAL A 176 2.16 -10.23 75.45
N ILE A 177 1.02 -10.24 74.77
CA ILE A 177 0.54 -11.46 74.10
C ILE A 177 0.77 -11.31 72.58
N ASP A 178 1.81 -11.99 72.15
CA ASP A 178 2.33 -11.84 70.79
C ASP A 178 1.93 -13.06 69.94
N PHE A 179 0.95 -12.86 69.09
CA PHE A 179 0.56 -13.89 68.14
C PHE A 179 1.44 -13.86 66.87
N GLY A 180 2.50 -14.67 66.96
CA GLY A 180 3.47 -14.84 65.87
C GLY A 180 2.97 -15.88 64.86
N GLY A 181 3.74 -15.98 63.77
CA GLY A 181 3.49 -16.95 62.69
C GLY A 181 3.53 -18.41 63.14
N LEU A 182 4.55 -18.72 63.94
CA LEU A 182 4.78 -20.10 64.38
C LEU A 182 4.55 -20.31 65.88
N ASN A 183 4.56 -19.23 66.65
CA ASN A 183 4.37 -19.31 68.10
C ASN A 183 3.55 -18.13 68.63
N MET A 184 2.99 -18.33 69.81
CA MET A 184 2.28 -17.28 70.55
C MET A 184 2.97 -17.09 71.91
N GLY A 185 3.64 -15.94 72.04
CA GLY A 185 4.51 -15.67 73.20
C GLY A 185 3.96 -14.63 74.17
N PHE A 186 4.00 -15.01 75.45
CA PHE A 186 3.45 -14.20 76.54
C PHE A 186 4.60 -13.84 77.46
N SER A 187 4.81 -12.54 77.59
CA SER A 187 5.85 -11.99 78.46
C SER A 187 5.19 -11.08 79.49
N LEU A 188 5.39 -11.39 80.75
CA LEU A 188 4.75 -10.66 81.85
C LEU A 188 5.80 -9.81 82.57
N TYR A 189 5.38 -8.59 82.87
CA TYR A 189 6.19 -7.59 83.58
C TYR A 189 5.46 -7.13 84.84
N ARG A 190 6.23 -6.98 85.90
CA ARG A 190 5.73 -6.47 87.18
C ARG A 190 6.70 -5.43 87.70
N ASN A 191 6.23 -4.21 87.85
CA ASN A 191 7.05 -3.09 88.33
C ASN A 191 8.24 -2.89 87.41
N CYS A 192 7.94 -2.93 86.10
CA CYS A 192 8.91 -2.70 84.99
C CYS A 192 9.99 -3.79 84.85
N VAL A 193 9.77 -4.95 85.47
CA VAL A 193 10.72 -6.07 85.37
C VAL A 193 9.98 -7.31 84.88
N VAL A 194 10.57 -7.93 83.87
CA VAL A 194 10.03 -9.18 83.33
C VAL A 194 10.02 -10.27 84.42
N ASN A 195 8.93 -11.01 84.45
CA ASN A 195 8.73 -12.11 85.39
C ASN A 195 8.72 -13.43 84.60
N PRO A 196 9.89 -14.10 84.57
CA PRO A 196 10.08 -15.35 83.84
C PRO A 196 9.13 -16.47 84.27
N SER A 197 8.84 -16.49 85.56
CA SER A 197 7.90 -17.47 86.15
C SER A 197 6.49 -17.30 85.60
N GLU A 198 6.18 -16.13 85.06
CA GLU A 198 4.83 -15.83 84.55
C GLU A 198 4.81 -15.53 83.04
N ARG A 199 5.86 -15.99 82.38
CA ARG A 199 5.96 -15.88 80.90
C ARG A 199 6.05 -17.28 80.32
N PHE A 200 5.60 -17.42 79.08
CA PHE A 200 5.55 -18.74 78.43
C PHE A 200 5.29 -18.60 76.93
N ILE A 201 5.52 -19.70 76.24
CA ILE A 201 5.33 -19.79 74.79
C ILE A 201 4.43 -20.98 74.46
N GLU A 202 3.57 -20.76 73.48
CA GLU A 202 2.77 -21.85 72.93
C GLU A 202 3.21 -22.04 71.50
N GLU A 203 3.55 -23.30 71.20
CA GLU A 203 4.17 -23.67 69.93
C GLU A 203 3.16 -23.68 68.76
N HIS A 204 2.21 -22.80 68.75
CA HIS A 204 1.25 -22.72 67.64
C HIS A 204 1.12 -21.25 67.28
N GLY A 205 1.06 -21.00 65.97
CA GLY A 205 0.99 -19.62 65.47
C GLY A 205 -0.18 -19.44 64.50
N VAL A 206 -0.08 -18.37 63.72
CA VAL A 206 -1.08 -18.06 62.68
C VAL A 206 -1.07 -19.11 61.57
N LYS A 207 0.13 -19.60 61.25
CA LYS A 207 0.30 -20.63 60.23
C LYS A 207 -0.49 -21.87 60.64
N ASP A 208 -0.39 -22.24 61.91
CA ASP A 208 -1.18 -23.35 62.47
C ASP A 208 -2.69 -23.07 62.46
N LEU A 209 -3.02 -21.81 62.68
CA LEU A 209 -4.40 -21.36 62.71
C LEU A 209 -5.07 -21.56 61.34
N ILE A 210 -4.48 -20.91 60.34
CA ILE A 210 -4.99 -20.95 58.96
C ILE A 210 -4.97 -22.38 58.41
N ILE A 211 -3.99 -23.15 58.90
CA ILE A 211 -3.82 -24.56 58.52
C ILE A 211 -4.94 -25.46 58.98
N ARG A 212 -5.24 -25.23 60.24
CA ARG A 212 -6.26 -25.99 60.96
C ARG A 212 -7.64 -25.67 60.36
N VAL A 213 -7.76 -24.45 59.82
CA VAL A 213 -9.02 -24.01 59.21
C VAL A 213 -9.15 -24.57 57.79
N GLY A 214 -8.07 -24.40 57.00
CA GLY A 214 -8.02 -24.86 55.61
C GLY A 214 -8.31 -26.36 55.53
N ASP A 215 -7.97 -27.06 56.62
CA ASP A 215 -8.19 -28.52 56.73
C ASP A 215 -7.41 -29.24 55.61
N ALA A 216 -6.26 -28.69 55.26
CA ALA A 216 -5.40 -29.25 54.21
C ALA A 216 -3.99 -28.69 54.37
N LEU A 217 -3.01 -29.55 54.05
CA LEU A 217 -1.59 -29.18 54.18
C LEU A 217 -1.25 -28.01 53.25
N THR A 218 -1.85 -28.04 52.09
CA THR A 218 -1.68 -26.93 51.14
C THR A 218 -3.01 -26.26 51.20
N ASP A 219 -3.17 -25.33 50.30
CA ASP A 219 -4.54 -24.99 50.16
C ASP A 219 -5.11 -23.93 51.13
N LEU A 220 -4.16 -23.16 51.66
CA LEU A 220 -4.49 -22.32 52.79
C LEU A 220 -4.18 -20.93 52.49
N ASN A 221 -2.99 -20.35 52.52
CA ASN A 221 -2.75 -19.02 51.88
C ASN A 221 -4.04 -18.53 51.24
N ASN A 222 -4.27 -17.27 51.15
CA ASN A 222 -5.55 -16.84 50.58
C ASN A 222 -5.93 -17.37 49.18
N GLY A 223 -4.90 -17.92 48.53
CA GLY A 223 -5.06 -18.70 47.31
C GLY A 223 -4.20 -19.95 47.39
N ASN A 224 -4.83 -21.04 47.66
CA ASN A 224 -4.10 -22.28 47.73
C ASN A 224 -3.88 -23.00 46.40
N LEU A 225 -4.86 -22.85 45.53
CA LEU A 225 -4.79 -23.31 44.15
C LEU A 225 -5.21 -22.14 43.28
N ILE A 226 -4.30 -21.73 42.41
CA ILE A 226 -4.54 -20.55 41.55
C ILE A 226 -5.70 -20.78 40.57
N THR A 227 -5.92 -22.02 40.21
CA THR A 227 -7.03 -22.37 39.28
C THR A 227 -8.41 -22.32 39.96
N ASN A 228 -8.46 -21.71 41.14
CA ASN A 228 -9.73 -21.43 41.83
C ASN A 228 -9.96 -19.93 41.85
N GLU A 229 -11.21 -19.55 41.63
CA GLU A 229 -11.61 -18.13 41.60
C GLU A 229 -11.23 -17.45 42.91
N GLN A 230 -10.93 -16.16 42.81
CA GLN A 230 -10.57 -15.33 43.98
C GLN A 230 -11.65 -15.52 45.04
N ALA A 231 -11.23 -16.01 46.22
CA ALA A 231 -12.11 -16.24 47.40
C ALA A 231 -12.20 -17.73 47.72
N GLU A 232 -12.12 -18.56 46.67
CA GLU A 232 -12.17 -20.01 46.85
C GLU A 232 -10.82 -20.46 47.34
N SER A 233 -10.91 -21.33 48.35
CA SER A 233 -9.77 -21.96 48.99
C SER A 233 -8.83 -20.90 49.57
N ALA A 234 -9.48 -20.03 50.34
CA ALA A 234 -8.88 -18.96 51.13
C ALA A 234 -7.65 -19.50 51.88
N LEU A 235 -7.26 -19.05 53.06
CA LEU A 235 -8.03 -18.37 54.10
C LEU A 235 -7.53 -17.00 54.39
N ASN A 236 -6.22 -16.89 54.42
CA ASN A 236 -5.56 -15.63 54.78
C ASN A 236 -6.10 -14.46 53.94
N ASN A 237 -6.53 -14.75 52.72
CA ASN A 237 -7.18 -13.70 51.92
C ASN A 237 -8.62 -14.00 51.75
N GLY A 238 -9.21 -13.18 52.58
CA GLY A 238 -10.67 -13.15 52.64
C GLY A 238 -11.12 -13.70 53.98
N TYR A 239 -12.21 -13.11 54.44
CA TYR A 239 -12.85 -13.52 55.70
C TYR A 239 -14.10 -14.34 55.38
N MET A 240 -15.26 -13.88 55.85
CA MET A 240 -16.55 -14.50 55.56
C MET A 240 -17.19 -13.69 54.43
N LYS A 241 -16.65 -13.87 53.23
CA LYS A 241 -17.05 -13.06 52.06
C LYS A 241 -17.84 -13.85 51.01
N LYS A 242 -18.29 -15.06 51.37
CA LYS A 242 -19.10 -15.88 50.47
C LYS A 242 -20.58 -15.58 50.72
N GLY A 243 -21.11 -14.71 49.86
CA GLY A 243 -22.50 -14.22 49.98
C GLY A 243 -23.54 -15.24 49.49
N GLY A 244 -23.12 -16.49 49.39
CA GLY A 244 -23.99 -17.62 49.01
C GLY A 244 -24.51 -18.24 50.29
N GLU A 245 -25.74 -17.88 50.65
CA GLU A 245 -26.37 -18.33 51.91
C GLU A 245 -26.40 -19.85 52.07
N ILE A 246 -26.17 -20.56 50.96
CA ILE A 246 -26.15 -22.04 50.93
C ILE A 246 -24.82 -22.64 51.41
N ASP A 247 -23.73 -21.92 51.21
CA ASP A 247 -22.39 -22.44 51.56
C ASP A 247 -22.30 -22.70 53.07
N THR A 248 -21.61 -23.77 53.41
CA THR A 248 -21.45 -24.18 54.82
C THR A 248 -19.98 -24.15 55.28
N GLU A 249 -19.08 -23.83 54.35
CA GLU A 249 -17.66 -23.61 54.71
C GLU A 249 -17.58 -22.41 55.65
N SER A 250 -16.50 -22.32 56.42
CA SER A 250 -16.27 -21.15 57.32
C SER A 250 -16.59 -19.86 56.57
N SER A 251 -17.00 -18.77 57.19
CA SER A 251 -17.06 -18.37 58.62
C SER A 251 -17.19 -19.34 59.79
N THR A 252 -17.97 -20.38 59.66
CA THR A 252 -18.22 -21.28 60.81
C THR A 252 -16.92 -21.89 61.37
N VAL A 253 -16.03 -22.26 60.47
CA VAL A 253 -14.75 -22.89 60.84
C VAL A 253 -13.88 -21.87 61.59
N ILE A 254 -13.77 -20.66 61.05
CA ILE A 254 -12.93 -19.60 61.65
C ILE A 254 -13.25 -19.43 63.16
N LYS A 255 -14.52 -19.19 63.46
CA LYS A 255 -14.96 -18.93 64.84
C LYS A 255 -14.70 -20.16 65.71
N LYS A 256 -14.71 -21.34 65.10
CA LYS A 256 -14.45 -22.61 65.79
C LYS A 256 -13.01 -22.82 66.19
N VAL A 257 -12.13 -22.56 65.22
CA VAL A 257 -10.68 -22.67 65.46
C VAL A 257 -10.22 -21.60 66.47
N LYS A 258 -10.66 -20.37 66.21
CA LYS A 258 -10.30 -19.22 67.05
C LYS A 258 -10.89 -19.37 68.46
N GLU A 259 -12.03 -20.03 68.54
CA GLU A 259 -12.71 -20.25 69.83
C GLU A 259 -11.83 -21.10 70.75
N LYS A 260 -11.24 -22.13 70.15
CA LYS A 260 -10.34 -23.05 70.88
C LYS A 260 -8.98 -22.40 71.18
N PHE A 261 -8.52 -21.58 70.24
CA PHE A 261 -7.23 -20.90 70.39
C PHE A 261 -7.27 -19.90 71.56
N LEU A 262 -8.37 -19.15 71.63
CA LEU A 262 -8.58 -18.17 72.70
C LEU A 262 -8.79 -18.81 74.06
N LYS A 263 -9.50 -19.94 74.05
CA LYS A 263 -9.78 -20.68 75.29
C LYS A 263 -8.49 -21.26 75.85
N ASP A 264 -7.60 -21.71 74.97
CA ASP A 264 -6.31 -22.28 75.38
C ASP A 264 -5.40 -21.18 75.91
N ALA A 265 -5.38 -20.04 75.24
CA ALA A 265 -4.51 -18.91 75.63
C ALA A 265 -4.86 -18.36 77.01
N ILE A 266 -6.15 -18.10 77.20
CA ILE A 266 -6.64 -17.51 78.47
C ILE A 266 -6.54 -18.51 79.63
N LYS A 267 -6.71 -19.79 79.29
CA LYS A 267 -6.62 -20.87 80.29
C LYS A 267 -5.20 -20.98 80.83
N LEU A 268 -4.22 -20.82 79.93
CA LEU A 268 -2.80 -20.83 80.31
C LEU A 268 -2.45 -19.59 81.14
N ILE A 269 -3.09 -18.48 80.79
CA ILE A 269 -2.90 -17.21 81.51
C ILE A 269 -3.28 -17.35 82.96
N GLU A 270 -4.45 -17.92 83.16
CA GLU A 270 -5.01 -18.05 84.52
C GLU A 270 -4.21 -19.06 85.35
N LYS A 271 -3.62 -20.03 84.67
CA LYS A 271 -2.77 -21.03 85.33
C LYS A 271 -1.41 -20.44 85.75
N ARG A 272 -0.78 -19.73 84.82
CA ARG A 272 0.58 -19.21 85.03
C ARG A 272 0.59 -17.79 85.60
N GLY A 273 -0.08 -16.89 84.88
CA GLY A 273 -0.14 -15.47 85.20
C GLY A 273 -0.88 -15.20 86.50
N PHE A 274 -2.08 -15.80 86.64
CA PHE A 274 -3.00 -15.71 87.79
C PHE A 274 -4.37 -15.11 87.41
N LYS A 275 -5.08 -14.60 88.42
CA LYS A 275 -6.39 -13.97 88.26
C LYS A 275 -6.25 -12.85 87.23
N LEU A 276 -7.03 -12.94 86.18
CA LEU A 276 -7.03 -11.92 85.11
C LEU A 276 -7.31 -10.50 85.62
N ASP A 277 -7.82 -10.43 86.85
CA ASP A 277 -8.10 -9.15 87.50
C ASP A 277 -6.84 -8.50 88.10
N GLN A 278 -5.84 -9.31 88.38
CA GLN A 278 -4.57 -8.78 88.92
C GLN A 278 -3.67 -8.18 87.83
N LEU A 279 -4.09 -8.34 86.58
CA LEU A 279 -3.37 -7.81 85.41
C LEU A 279 -3.96 -6.45 85.06
N ASP A 280 -3.07 -5.48 84.90
CA ASP A 280 -3.47 -4.10 84.57
C ASP A 280 -3.80 -3.93 83.10
N SER A 281 -3.05 -4.67 82.27
CA SER A 281 -3.26 -4.64 80.81
C SER A 281 -2.48 -5.77 80.14
N LEU A 282 -3.08 -6.23 79.06
CA LEU A 282 -2.48 -7.27 78.20
C LEU A 282 -2.44 -6.72 76.78
N ILE A 283 -1.25 -6.37 76.34
CA ILE A 283 -1.05 -5.80 75.00
C ILE A 283 -1.05 -6.97 74.01
N PHE A 284 -1.86 -6.80 72.97
CA PHE A 284 -2.05 -7.86 71.97
C PHE A 284 -1.28 -7.43 70.75
N ILE A 285 -0.23 -8.16 70.42
CA ILE A 285 0.67 -7.80 69.31
C ILE A 285 1.00 -9.05 68.48
N GLY A 286 1.67 -8.80 67.36
CA GLY A 286 2.02 -9.87 66.42
C GLY A 286 1.11 -9.79 65.20
N GLY A 287 1.49 -10.57 64.19
CA GLY A 287 0.74 -10.64 62.92
C GLY A 287 -0.72 -11.05 63.13
N THR A 288 -0.94 -11.87 64.17
CA THR A 288 -2.30 -12.38 64.46
C THR A 288 -3.14 -11.42 65.30
N THR A 289 -2.55 -10.36 65.82
CA THR A 289 -3.33 -9.48 66.70
C THR A 289 -4.64 -9.01 66.08
N GLN A 290 -4.54 -8.49 64.85
CA GLN A 290 -5.72 -7.97 64.15
C GLN A 290 -6.82 -9.04 64.03
N LYS A 291 -6.39 -10.29 63.97
CA LYS A 291 -7.31 -11.43 63.80
C LYS A 291 -8.07 -11.78 65.09
N LEU A 292 -7.41 -11.66 66.24
CA LEU A 292 -7.98 -12.11 67.52
C LEU A 292 -8.40 -11.03 68.49
N LYS A 293 -7.94 -9.80 68.27
CA LYS A 293 -8.20 -8.71 69.22
C LYS A 293 -9.70 -8.54 69.53
N GLU A 294 -10.54 -8.70 68.52
CA GLU A 294 -11.99 -8.52 68.71
C GLU A 294 -12.59 -9.54 69.68
N GLN A 295 -12.28 -10.81 69.44
CA GLN A 295 -12.83 -11.87 70.29
C GLN A 295 -12.30 -11.85 71.69
N ILE A 296 -11.04 -11.48 71.83
CA ILE A 296 -10.47 -11.37 73.16
C ILE A 296 -11.16 -10.28 74.00
N SER A 297 -11.45 -9.16 73.34
CA SER A 297 -12.08 -8.02 74.00
C SER A 297 -13.44 -8.39 74.57
N LYS A 298 -14.10 -9.34 73.91
CA LYS A 298 -15.40 -9.85 74.37
C LYS A 298 -15.24 -10.97 75.41
N THR A 299 -14.09 -11.62 75.38
CA THR A 299 -13.75 -12.68 76.34
C THR A 299 -13.61 -12.07 77.74
N TYR A 300 -12.84 -10.99 77.81
CA TYR A 300 -12.61 -10.23 79.04
C TYR A 300 -12.66 -8.72 78.77
N PRO A 301 -13.47 -8.01 79.54
CA PRO A 301 -13.62 -6.55 79.45
C PRO A 301 -12.51 -5.80 80.20
N ASN A 302 -12.15 -4.65 79.64
CA ASN A 302 -11.20 -3.68 80.25
C ASN A 302 -9.79 -4.22 80.57
N ASN A 303 -9.28 -5.14 79.76
CA ASN A 303 -7.91 -5.64 80.01
C ASN A 303 -7.02 -5.63 78.75
N SER A 304 -7.59 -6.07 77.64
CA SER A 304 -6.83 -6.16 76.37
C SER A 304 -6.74 -4.81 75.68
N ILE A 305 -5.58 -4.56 75.10
CA ILE A 305 -5.31 -3.33 74.35
C ILE A 305 -4.47 -3.67 73.11
N ILE A 306 -4.74 -2.93 72.05
CA ILE A 306 -3.98 -3.06 70.80
C ILE A 306 -3.53 -1.68 70.32
N THR A 307 -2.40 -1.67 69.63
CA THR A 307 -1.90 -0.44 69.01
C THR A 307 -2.03 -0.59 67.49
N ASN A 308 -2.23 0.53 66.81
CA ASN A 308 -2.29 0.55 65.34
C ASN A 308 -0.91 0.22 64.76
N ASN A 309 -0.92 -0.46 63.62
CA ASN A 309 0.32 -0.91 62.96
C ASN A 309 1.21 -1.64 63.97
N SER A 310 0.69 -2.78 64.45
CA SER A 310 1.39 -3.60 65.44
C SER A 310 2.82 -3.97 65.00
N GLN A 311 3.01 -4.04 63.70
CA GLN A 311 4.33 -4.34 63.13
C GLN A 311 5.43 -3.33 63.51
N TRP A 312 5.03 -2.08 63.74
CA TRP A 312 5.98 -1.03 64.15
C TRP A 312 5.94 -0.74 65.64
N THR A 313 5.30 -1.61 66.40
CA THR A 313 5.21 -1.42 67.85
C THR A 313 6.53 -1.35 68.60
N THR A 314 7.38 -2.30 68.24
CA THR A 314 8.70 -2.41 68.90
C THR A 314 9.54 -1.17 68.57
N CYS A 315 9.58 -0.85 67.29
CA CYS A 315 10.38 0.28 66.82
C CYS A 315 9.92 1.62 67.44
N GLU A 316 8.61 1.80 67.57
CA GLU A 316 8.13 3.06 68.16
C GLU A 316 8.49 3.12 69.66
N GLY A 317 8.62 1.94 70.26
CA GLY A 317 9.03 1.80 71.66
C GLY A 317 10.52 2.10 71.84
N LEU A 318 11.30 1.53 70.93
CA LEU A 318 12.75 1.73 70.92
C LEU A 318 13.10 3.19 70.62
N TYR A 319 12.34 3.80 69.72
CA TYR A 319 12.57 5.20 69.35
C TYR A 319 12.51 6.15 70.54
N LYS A 320 11.60 5.84 71.46
CA LYS A 320 11.41 6.67 72.66
C LYS A 320 12.63 6.59 73.58
N VAL A 321 13.20 5.41 73.73
CA VAL A 321 14.43 5.29 74.54
C VAL A 321 15.62 5.92 73.84
N ALA A 322 15.57 5.90 72.52
CA ALA A 322 16.66 6.49 71.76
C ALA A 322 16.64 8.01 71.78
N VAL A 323 15.46 8.60 71.93
CA VAL A 323 15.34 10.06 72.12
C VAL A 323 16.00 10.47 73.45
N ALA A 324 15.82 9.60 74.45
CA ALA A 324 16.39 9.79 75.79
C ALA A 324 17.92 9.65 75.73
N LYS A 325 18.37 8.72 74.90
CA LYS A 325 19.80 8.50 74.68
C LYS A 325 20.43 9.65 73.91
N TYR A 326 19.63 10.21 73.02
CA TYR A 326 20.04 11.36 72.21
C TYR A 326 20.27 12.60 73.11
N CYS A 327 19.40 12.76 74.10
CA CYS A 327 19.56 13.86 75.06
C CYS A 327 20.80 13.64 75.93
N ILE A 328 21.03 12.47 76.31
N THR B 5 39.64 -1.61 32.85
CA THR B 5 39.76 -2.60 31.76
C THR B 5 38.54 -2.59 30.81
N ASN B 6 38.75 -3.16 29.64
CA ASN B 6 37.73 -3.31 28.60
C ASN B 6 37.35 -4.79 28.48
N GLU B 7 36.49 -5.21 29.38
CA GLU B 7 36.12 -6.62 29.40
C GLU B 7 34.59 -6.72 29.02
N TYR B 8 34.23 -7.78 28.34
CA TYR B 8 32.83 -8.06 27.95
C TYR B 8 32.36 -9.36 28.61
N VAL B 9 31.05 -9.56 28.55
CA VAL B 9 30.46 -10.78 29.10
C VAL B 9 29.85 -11.60 27.95
N MET B 10 30.33 -12.82 27.87
CA MET B 10 29.79 -13.79 26.91
C MET B 10 29.03 -14.86 27.67
N THR B 11 27.80 -15.05 27.23
CA THR B 11 26.94 -16.08 27.81
C THR B 11 26.64 -17.13 26.75
N LEU B 12 26.93 -18.37 27.13
CA LEU B 12 26.76 -19.50 26.23
C LEU B 12 25.92 -20.61 26.85
N ASP B 13 25.17 -21.28 25.99
CA ASP B 13 24.31 -22.40 26.40
C ASP B 13 24.43 -23.51 25.35
N ALA B 14 25.31 -24.46 25.62
CA ALA B 14 25.51 -25.63 24.73
C ALA B 14 24.51 -26.72 25.11
N GLY B 15 23.30 -26.59 24.57
CA GLY B 15 22.18 -27.47 24.96
C GLY B 15 21.94 -28.58 23.95
N LYS B 16 20.81 -29.25 24.17
CA LYS B 16 20.34 -30.38 23.35
C LYS B 16 20.93 -30.34 21.93
N TYR B 17 20.18 -29.72 21.03
CA TYR B 17 20.53 -29.73 19.60
C TYR B 17 20.86 -28.32 19.12
N GLU B 18 20.78 -27.34 20.00
CA GLU B 18 21.11 -25.95 19.65
C GLU B 18 22.05 -25.31 20.66
N THR B 19 22.86 -24.41 20.14
CA THR B 19 23.78 -23.59 20.96
C THR B 19 23.27 -22.15 20.93
N LYS B 20 23.06 -21.60 22.11
CA LYS B 20 22.63 -20.20 22.26
C LYS B 20 23.79 -19.37 22.80
N LEU B 21 23.94 -18.19 22.23
CA LEU B 21 25.03 -17.28 22.64
C LEU B 21 24.53 -15.84 22.66
N ILE B 22 25.07 -15.07 23.59
CA ILE B 22 24.70 -13.65 23.75
C ILE B 22 25.90 -12.83 24.25
N GLY B 23 26.08 -11.69 23.58
CA GLY B 23 27.08 -10.69 23.99
C GLY B 23 26.44 -9.32 23.83
N LYS B 24 26.81 -8.39 24.69
CA LYS B 24 26.25 -7.02 24.61
C LYS B 24 26.65 -6.30 23.33
N ASN B 25 27.82 -6.69 22.82
CA ASN B 25 28.33 -6.12 21.57
C ASN B 25 27.52 -6.60 20.36
N LYS B 26 27.24 -7.89 20.34
CA LYS B 26 26.44 -8.43 19.24
C LYS B 26 24.99 -8.01 19.33
N LYS B 27 24.45 -8.09 20.54
CA LYS B 27 23.05 -7.69 20.78
C LYS B 27 22.82 -6.23 20.35
N GLY B 28 23.85 -5.41 20.57
CA GLY B 28 23.82 -3.99 20.24
C GLY B 28 23.72 -3.71 18.73
N THR B 29 24.21 -4.65 17.93
CA THR B 29 24.31 -4.47 16.48
C THR B 29 23.22 -5.25 15.72
N THR B 30 22.95 -6.46 16.17
CA THR B 30 21.95 -7.31 15.52
C THR B 30 20.71 -7.39 16.41
N GLU B 31 19.56 -7.41 15.77
CA GLU B 31 18.28 -7.39 16.49
C GLU B 31 17.77 -8.78 16.84
N ASP B 32 18.23 -9.75 16.09
CA ASP B 32 17.75 -11.08 16.34
C ASP B 32 18.09 -11.45 17.82
N ILE B 33 17.82 -12.69 18.14
CA ILE B 33 17.98 -13.14 19.51
C ILE B 33 19.22 -13.90 19.82
N LYS B 34 20.36 -13.73 19.24
CA LYS B 34 20.77 -12.65 18.37
C LYS B 34 21.55 -11.45 18.92
N ARG B 35 22.56 -11.75 19.76
CA ARG B 35 22.89 -13.07 20.29
C ARG B 35 23.01 -14.06 19.06
N VAL B 36 22.67 -15.30 19.25
CA VAL B 36 22.42 -16.32 18.22
C VAL B 36 21.96 -17.72 18.74
N ILE B 37 21.20 -18.39 17.90
CA ILE B 37 20.77 -19.76 18.17
C ILE B 37 20.96 -20.57 16.91
N PHE B 38 21.91 -21.50 16.97
CA PHE B 38 22.26 -22.35 15.84
C PHE B 38 22.31 -23.80 16.26
N LYS B 39 21.96 -24.69 15.34
CA LYS B 39 21.98 -26.14 15.60
C LYS B 39 23.41 -26.56 15.99
N THR B 40 23.49 -27.48 16.93
CA THR B 40 24.78 -28.01 17.43
C THR B 40 25.38 -28.97 16.40
N LYS B 41 25.72 -28.39 15.26
CA LYS B 41 26.37 -29.10 14.15
C LYS B 41 27.52 -28.25 13.65
N ILE B 42 28.53 -28.92 13.15
CA ILE B 42 29.72 -28.21 12.63
C ILE B 42 30.18 -28.91 11.35
N TYR B 43 30.73 -28.11 10.46
CA TYR B 43 31.27 -28.63 9.21
C TYR B 43 32.67 -28.08 8.96
N ASN B 44 33.24 -28.47 7.83
CA ASN B 44 34.57 -27.99 7.42
C ASN B 44 34.59 -27.80 5.91
N LEU B 45 35.36 -26.83 5.48
CA LEU B 45 35.42 -26.49 4.06
C LEU B 45 36.64 -27.13 3.42
N GLU B 46 36.37 -28.18 2.67
CA GLU B 46 37.44 -28.93 1.98
C GLU B 46 37.34 -28.69 0.48
N ASP B 47 38.48 -28.86 -0.18
CA ASP B 47 38.60 -28.64 -1.64
C ASP B 47 37.71 -29.62 -2.45
N GLY B 48 37.30 -30.70 -1.80
CA GLY B 48 36.41 -31.69 -2.44
C GLY B 48 34.96 -31.18 -2.55
N TYR B 49 34.76 -29.88 -2.32
CA TYR B 49 33.44 -29.25 -2.32
C TYR B 49 33.58 -27.74 -2.57
N ILE B 50 32.45 -27.13 -2.88
CA ILE B 50 32.36 -25.70 -3.21
C ILE B 50 31.71 -24.93 -2.05
N ASP B 51 32.50 -24.07 -1.44
CA ASP B 51 31.98 -23.20 -0.38
C ASP B 51 30.89 -22.23 -0.85
N ILE B 52 30.01 -21.87 0.06
CA ILE B 52 28.90 -20.94 -0.22
C ILE B 52 28.73 -19.97 0.96
N GLU B 53 28.21 -18.80 0.67
CA GLU B 53 27.90 -17.80 1.70
C GLU B 53 26.80 -18.30 2.66
N GLY B 54 26.89 -17.76 3.88
CA GLY B 54 25.96 -18.15 4.94
C GLY B 54 24.67 -17.32 5.00
N ASN B 55 23.81 -17.60 5.97
CA ASN B 55 24.05 -17.42 7.42
C ASN B 55 24.97 -18.50 8.00
N SER B 56 26.25 -18.31 7.77
CA SER B 56 27.30 -19.25 8.16
C SER B 56 28.64 -18.58 7.95
N HIS B 57 29.55 -18.92 8.86
CA HIS B 57 30.89 -18.30 8.88
C HIS B 57 31.97 -19.36 8.82
N LYS B 58 33.15 -18.89 8.46
CA LYS B 58 34.35 -19.72 8.44
C LYS B 58 35.26 -19.30 9.59
N ILE B 59 35.78 -20.29 10.28
CA ILE B 59 36.66 -20.06 11.44
C ILE B 59 37.97 -20.85 11.27
N GLU B 60 39.04 -20.27 11.78
CA GLU B 60 40.36 -20.91 11.74
C GLU B 60 40.66 -21.48 13.12
N LEU B 61 40.73 -22.80 13.12
CA LEU B 61 41.11 -23.52 14.32
C LEU B 61 41.95 -24.74 13.89
N ASP B 62 43.03 -24.97 14.64
CA ASP B 62 44.01 -26.02 14.32
C ASP B 62 44.63 -25.65 12.94
N GLY B 63 44.54 -26.58 12.01
CA GLY B 63 44.60 -26.31 10.56
C GLY B 63 43.19 -26.79 10.17
N LYS B 64 42.54 -26.41 9.04
CA LYS B 64 41.07 -26.58 8.84
C LYS B 64 40.32 -25.28 9.01
N GLU B 65 39.44 -25.12 8.05
CA GLU B 65 38.50 -24.01 8.08
C GLU B 65 37.14 -24.54 8.52
N TYR B 66 36.86 -24.36 9.81
CA TYR B 66 35.61 -24.87 10.36
C TYR B 66 34.46 -24.01 9.88
N LEU B 67 33.32 -24.67 9.86
CA LEU B 67 32.14 -24.01 9.35
C LEU B 67 31.01 -24.21 10.37
N ILE B 68 30.32 -23.11 10.63
CA ILE B 68 29.29 -23.04 11.69
C ILE B 68 28.29 -21.93 11.37
N GLY B 69 27.02 -22.25 11.60
CA GLY B 69 25.94 -21.26 11.42
C GLY B 69 25.06 -21.67 10.23
N GLU B 70 25.69 -22.21 9.19
CA GLU B 70 24.94 -22.73 8.04
C GLU B 70 24.27 -24.02 8.49
N GLN B 71 23.33 -24.45 7.67
CA GLN B 71 22.62 -25.71 7.96
C GLN B 71 23.10 -26.85 7.06
N GLY B 72 23.96 -26.49 6.09
CA GLY B 72 24.43 -27.43 5.06
C GLY B 72 23.97 -26.95 3.68
N VAL B 73 23.68 -25.67 3.59
CA VAL B 73 23.45 -24.97 2.31
C VAL B 73 24.79 -24.66 1.63
N GLU B 74 25.84 -24.74 2.44
CA GLU B 74 27.17 -24.37 1.95
C GLU B 74 28.12 -25.54 1.99
N ASP B 75 27.75 -26.69 2.49
CA ASP B 75 28.67 -27.83 2.56
C ASP B 75 27.89 -29.10 2.85
N SER B 76 28.56 -30.22 2.62
CA SER B 76 27.99 -31.56 2.89
C SER B 76 28.68 -32.21 4.09
N SER B 77 29.72 -31.54 4.60
CA SER B 77 30.50 -32.02 5.76
C SER B 77 29.80 -31.82 7.11
N GLU B 78 28.66 -31.14 7.12
CA GLU B 78 27.90 -30.87 8.36
C GLU B 78 27.52 -32.16 9.08
N THR B 79 27.14 -33.17 8.29
CA THR B 79 26.75 -34.48 8.83
C THR B 79 27.92 -35.17 9.54
N SER B 80 29.13 -34.96 9.00
CA SER B 80 30.37 -35.53 9.54
C SER B 80 30.67 -34.94 10.92
N LYS B 81 31.33 -35.74 11.75
CA LYS B 81 31.68 -35.35 13.13
C LYS B 81 33.12 -35.77 13.50
N THR B 82 33.65 -35.07 14.48
CA THR B 82 34.99 -35.35 15.01
C THR B 82 34.99 -35.49 16.53
N ASN B 83 36.11 -35.89 17.13
CA ASN B 83 36.22 -36.25 18.57
C ASN B 83 37.01 -35.20 19.39
N LEU B 84 36.40 -34.04 19.54
CA LEU B 84 36.91 -32.82 18.87
C LEU B 84 35.70 -31.99 18.41
N ILE B 85 34.61 -32.70 18.15
CA ILE B 85 33.34 -32.12 17.70
C ILE B 85 32.90 -30.97 18.60
N HIS B 86 32.80 -31.29 19.89
CA HIS B 86 32.32 -30.34 20.89
C HIS B 86 33.37 -29.24 21.12
N LYS B 87 34.64 -29.64 21.15
CA LYS B 87 35.73 -28.66 21.36
C LYS B 87 35.79 -27.62 20.24
N LEU B 88 35.50 -28.06 19.03
CA LEU B 88 35.45 -27.15 17.87
C LEU B 88 34.23 -26.24 17.92
N ALA B 89 33.12 -26.83 18.36
CA ALA B 89 31.86 -26.09 18.53
C ALA B 89 32.02 -24.95 19.54
N ALA B 90 32.76 -25.22 20.61
CA ALA B 90 33.03 -24.23 21.67
C ALA B 90 33.83 -23.04 21.12
N TYR B 91 34.79 -23.36 20.28
CA TYR B 91 35.69 -22.34 19.72
C TYR B 91 34.95 -21.49 18.75
N THR B 92 34.09 -22.09 17.94
CA THR B 92 33.30 -21.37 16.94
C THR B 92 32.20 -20.51 17.58
N ALA B 93 31.65 -21.00 18.67
CA ALA B 93 30.63 -20.28 19.43
C ALA B 93 31.26 -19.06 20.09
N ILE B 94 32.46 -19.21 20.63
CA ILE B 94 33.18 -18.08 21.24
C ILE B 94 33.55 -17.06 20.15
N THR B 95 33.90 -17.57 18.99
CA THR B 95 34.33 -16.72 17.86
C THR B 95 33.21 -15.83 17.38
N GLN B 96 32.03 -16.44 17.26
CA GLN B 96 30.87 -15.73 16.75
C GLN B 96 30.47 -14.69 17.79
N VAL B 97 30.11 -13.51 17.31
CA VAL B 97 29.66 -12.42 18.22
C VAL B 97 30.84 -11.97 19.13
N LEU B 98 32.02 -11.93 18.55
CA LEU B 98 33.20 -11.54 19.34
C LEU B 98 34.03 -10.52 18.55
N ASP B 99 33.62 -9.27 18.68
CA ASP B 99 34.32 -8.15 18.03
C ASP B 99 34.47 -6.96 18.97
N SER B 100 35.69 -6.67 19.35
CA SER B 100 35.90 -5.51 20.22
C SER B 100 35.84 -4.23 19.35
N ASN B 101 36.80 -3.97 18.44
CA ASN B 101 38.26 -4.09 18.60
C ASN B 101 38.85 -5.50 18.36
N LYS B 102 40.13 -5.45 18.05
CA LYS B 102 40.92 -6.66 17.74
C LYS B 102 41.09 -7.56 18.97
N ASN B 103 41.47 -6.95 20.09
CA ASN B 103 41.66 -7.68 21.35
C ASN B 103 40.36 -7.65 22.16
N ASN B 104 39.80 -8.84 22.34
CA ASN B 104 38.53 -9.01 23.04
C ASN B 104 38.74 -9.77 24.35
N LYS B 105 38.65 -9.00 25.43
CA LYS B 105 38.78 -9.56 26.79
C LYS B 105 37.38 -9.81 27.32
N VAL B 106 37.18 -11.03 27.79
CA VAL B 106 35.85 -11.43 28.28
C VAL B 106 35.91 -12.23 29.58
N GLN B 107 34.70 -12.49 30.02
CA GLN B 107 34.36 -13.42 31.08
C GLN B 107 33.29 -14.30 30.47
N LEU B 108 33.37 -15.59 30.72
CA LEU B 108 32.40 -16.54 30.14
C LEU B 108 31.52 -17.14 31.22
N VAL B 109 30.23 -16.99 30.98
CA VAL B 109 29.24 -17.63 31.85
C VAL B 109 28.48 -18.67 31.03
N LEU B 110 28.43 -19.87 31.60
CA LEU B 110 27.73 -20.97 30.97
C LEU B 110 27.20 -21.94 32.04
N ALA B 111 26.46 -22.94 31.58
CA ALA B 111 25.89 -23.99 32.42
C ALA B 111 26.17 -25.41 31.91
N CYS B 112 25.88 -26.38 32.74
CA CYS B 112 26.05 -27.78 32.38
C CYS B 112 25.01 -28.59 33.16
N PRO B 113 24.73 -29.82 32.70
CA PRO B 113 23.75 -30.70 33.35
C PRO B 113 24.03 -30.72 34.86
N LEU B 114 22.96 -30.70 35.64
CA LEU B 114 23.06 -30.66 37.12
C LEU B 114 23.87 -31.84 37.68
N SER B 115 23.77 -32.97 36.99
CA SER B 115 24.42 -34.22 37.44
C SER B 115 25.95 -34.22 37.31
N VAL B 116 26.47 -33.29 36.52
CA VAL B 116 27.91 -33.20 36.31
C VAL B 116 28.56 -31.96 36.96
N LEU B 117 27.70 -31.05 37.41
CA LEU B 117 28.13 -29.77 37.97
C LEU B 117 28.87 -29.94 39.30
N ARG B 118 30.05 -30.53 39.29
CA ARG B 118 30.91 -30.71 40.49
C ARG B 118 31.94 -31.80 40.27
N ASN B 119 31.68 -32.65 39.28
CA ASN B 119 32.55 -33.78 38.94
C ASN B 119 33.82 -33.29 38.22
N ALA B 120 34.55 -34.25 37.66
CA ALA B 120 35.72 -34.01 36.80
C ALA B 120 35.30 -33.39 35.46
N LYS B 121 34.04 -33.54 35.09
CA LYS B 121 33.54 -32.97 33.84
C LYS B 121 32.47 -31.94 34.16
N ALA B 122 32.33 -30.96 33.26
CA ALA B 122 31.46 -29.79 33.46
C ALA B 122 31.77 -29.06 34.77
N LYS B 123 32.99 -29.31 35.22
CA LYS B 123 33.54 -28.67 36.41
C LYS B 123 35.05 -28.52 36.35
N GLU B 124 35.76 -29.48 35.75
CA GLU B 124 37.20 -29.26 35.56
C GLU B 124 37.63 -29.25 34.09
N GLU B 125 37.15 -30.23 33.32
CA GLU B 125 37.52 -30.32 31.90
C GLU B 125 36.80 -29.26 31.08
N TYR B 126 35.55 -28.97 31.39
CA TYR B 126 34.79 -27.93 30.66
C TYR B 126 35.36 -26.54 30.93
N ARG B 127 35.71 -26.29 32.19
CA ARG B 127 36.33 -25.03 32.60
C ARG B 127 37.70 -24.84 31.94
N ASP B 128 38.39 -25.95 31.71
CA ASP B 128 39.70 -25.92 31.06
C ASP B 128 39.60 -25.56 29.57
N TYR B 129 38.49 -25.98 28.96
CA TYR B 129 38.23 -25.71 27.54
C TYR B 129 37.92 -24.23 27.37
N ILE B 130 37.17 -23.70 28.33
CA ILE B 130 36.70 -22.30 28.29
C ILE B 130 37.79 -21.31 28.70
N LYS B 131 38.51 -21.70 29.77
CA LYS B 131 39.59 -20.98 30.41
C LYS B 131 40.92 -20.93 29.63
N GLY B 132 41.00 -20.21 28.49
CA GLY B 132 42.26 -19.94 27.78
C GLY B 132 42.09 -18.85 26.72
N ASN B 133 43.22 -18.25 26.38
CA ASN B 133 43.31 -17.28 25.27
C ASN B 133 43.40 -18.04 23.96
N GLY B 134 42.92 -17.38 22.90
CA GLY B 134 42.95 -17.99 21.55
C GLY B 134 42.77 -16.92 20.47
N GLU B 135 43.39 -17.21 19.33
CA GLU B 135 43.28 -16.36 18.15
C GLU B 135 42.30 -17.06 17.20
N ILE B 136 41.24 -16.33 16.90
CA ILE B 136 40.20 -16.84 16.02
C ILE B 136 40.00 -15.83 14.89
N THR B 137 39.92 -16.37 13.68
CA THR B 137 39.58 -15.57 12.50
C THR B 137 38.06 -15.61 12.28
N VAL B 138 37.58 -14.64 11.52
CA VAL B 138 36.13 -14.55 11.25
C VAL B 138 35.85 -14.84 9.79
N LYS B 139 36.60 -14.17 8.94
CA LYS B 139 36.44 -14.37 7.49
C LYS B 139 37.72 -14.94 6.91
N VAL B 140 37.61 -15.71 5.86
CA VAL B 140 38.79 -16.27 5.16
C VAL B 140 39.75 -15.16 4.70
N ASP B 141 39.15 -14.01 4.39
CA ASP B 141 39.92 -12.83 3.97
C ASP B 141 39.95 -11.80 5.11
N ASP B 142 39.61 -12.22 6.31
CA ASP B 142 39.52 -11.41 7.54
C ASP B 142 39.29 -12.40 8.68
N LYS B 143 38.51 -12.11 9.71
CA LYS B 143 38.80 -10.98 10.60
C LYS B 143 39.34 -11.57 11.90
N GLU B 144 40.61 -11.35 12.13
CA GLU B 144 41.28 -11.90 13.31
C GLU B 144 40.82 -11.20 14.60
N TYR B 145 40.50 -12.02 15.59
CA TYR B 145 40.19 -11.54 16.93
C TYR B 145 41.05 -12.30 17.93
N SER B 146 41.66 -11.53 18.82
CA SER B 146 42.49 -12.09 19.91
C SER B 146 41.64 -12.11 21.17
N PHE B 147 41.34 -13.31 21.62
CA PHE B 147 40.39 -13.49 22.73
C PHE B 147 41.09 -13.97 23.99
N GLU B 148 40.90 -13.15 25.00
CA GLU B 148 41.36 -13.45 26.32
C GLU B 148 40.26 -13.64 27.32
N ILE B 149 40.40 -14.70 28.10
CA ILE B 149 39.35 -14.98 29.09
C ILE B 149 39.87 -14.68 30.49
N THR B 150 39.17 -13.77 31.12
CA THR B 150 39.59 -13.26 32.44
C THR B 150 38.95 -14.04 33.59
N ASP B 151 37.94 -14.84 33.27
CA ASP B 151 37.23 -15.66 34.27
C ASP B 151 36.15 -16.52 33.58
N ILE B 152 35.73 -17.52 34.32
CA ILE B 152 34.67 -18.44 33.85
C ILE B 152 33.75 -18.80 35.01
N THR B 153 32.48 -18.96 34.69
CA THR B 153 31.45 -19.21 35.73
C THR B 153 30.41 -20.17 35.20
N ILE B 154 30.40 -21.33 35.86
CA ILE B 154 29.52 -22.43 35.42
C ILE B 154 28.55 -22.76 36.56
N LYS B 155 27.28 -22.89 36.17
CA LYS B 155 26.21 -23.30 37.09
C LYS B 155 25.36 -24.38 36.41
N ALA B 156 24.41 -24.92 37.16
CA ALA B 156 23.52 -25.98 36.69
C ALA B 156 22.59 -25.29 35.72
N GLU B 157 22.28 -25.97 34.63
CA GLU B 157 21.49 -25.37 33.53
C GLU B 157 20.17 -24.75 34.00
N GLY B 158 19.45 -25.49 34.86
CA GLY B 158 18.16 -25.04 35.41
C GLY B 158 18.35 -23.72 36.18
N SER B 159 19.53 -23.48 36.70
CA SER B 159 19.78 -22.24 37.46
C SER B 159 19.77 -20.99 36.57
N GLY B 160 20.17 -21.15 35.32
CA GLY B 160 20.18 -20.02 34.36
C GLY B 160 18.75 -19.50 34.14
N VAL B 161 17.83 -20.46 34.05
CA VAL B 161 16.40 -20.16 33.87
C VAL B 161 15.80 -19.44 35.09
N LEU B 162 16.08 -19.98 36.28
CA LEU B 162 15.63 -19.37 37.54
C LEU B 162 16.11 -17.94 37.69
N PHE B 163 17.36 -17.72 37.26
CA PHE B 163 18.02 -16.42 37.43
C PHE B 163 17.44 -15.39 36.48
N LEU B 164 17.10 -15.87 35.29
CA LEU B 164 16.55 -14.99 34.26
C LEU B 164 15.18 -14.42 34.70
N GLU B 165 14.38 -15.28 35.31
CA GLU B 165 13.07 -14.86 35.83
C GLU B 165 13.31 -13.87 36.99
N GLN B 166 12.38 -12.93 37.14
CA GLN B 166 12.41 -11.91 38.22
C GLN B 166 11.58 -12.38 39.43
N GLU B 167 12.20 -13.20 40.24
CA GLU B 167 11.55 -13.76 41.44
C GLU B 167 12.54 -13.71 42.59
N ASN B 168 11.98 -13.53 43.78
CA ASN B 168 12.77 -13.56 45.01
C ASN B 168 12.36 -14.79 45.82
N PHE B 169 13.29 -15.40 46.52
CA PHE B 169 14.00 -16.57 45.97
C PHE B 169 14.99 -17.19 46.96
N LYS B 170 15.55 -16.34 47.83
CA LYS B 170 16.54 -16.80 48.82
C LYS B 170 15.98 -17.87 49.76
N ASN B 171 14.70 -17.76 50.08
CA ASN B 171 14.04 -18.69 51.02
C ASN B 171 12.70 -19.25 50.48
N LYS B 172 12.66 -19.45 49.18
CA LYS B 172 11.45 -19.94 48.51
C LYS B 172 11.67 -21.30 47.87
N ASN B 173 10.57 -21.90 47.45
CA ASN B 173 10.58 -23.18 46.73
C ASN B 173 10.07 -22.92 45.31
N VAL B 174 10.93 -23.23 44.35
CA VAL B 174 10.64 -23.02 42.93
C VAL B 174 10.97 -24.30 42.15
N ALA B 175 10.24 -24.50 41.07
CA ALA B 175 10.56 -25.59 40.16
C ALA B 175 10.60 -25.10 38.72
N VAL B 176 11.44 -25.76 37.95
CA VAL B 176 11.60 -25.47 36.53
C VAL B 176 11.04 -26.66 35.76
N ILE B 177 9.98 -26.39 35.03
CA ILE B 177 9.30 -27.41 34.23
C ILE B 177 9.65 -27.19 32.75
N ASP B 178 10.58 -28.04 32.31
CA ASP B 178 11.19 -27.90 30.99
C ASP B 178 10.62 -28.93 30.02
N PHE B 179 9.75 -28.47 29.14
CA PHE B 179 9.23 -29.32 28.08
C PHE B 179 10.17 -29.38 26.86
N GLY B 180 11.03 -30.38 26.93
CA GLY B 180 12.02 -30.66 25.87
C GLY B 180 11.39 -31.49 24.75
N GLY B 181 12.20 -31.67 23.69
CA GLY B 181 11.83 -32.47 22.52
C GLY B 181 11.55 -33.95 22.83
N LEU B 182 12.42 -34.51 23.65
CA LEU B 182 12.34 -35.94 23.98
C LEU B 182 11.97 -36.22 25.43
N ASN B 183 12.16 -35.23 26.30
CA ASN B 183 11.85 -35.38 27.73
C ASN B 183 11.26 -34.11 28.32
N MET B 184 10.60 -34.28 29.45
CA MET B 184 10.06 -33.16 30.25
C MET B 184 10.68 -33.23 31.65
N GLY B 185 11.55 -32.26 31.92
CA GLY B 185 12.38 -32.28 33.13
C GLY B 185 12.01 -31.22 34.17
N PHE B 186 11.88 -31.70 35.41
CA PHE B 186 11.43 -30.88 36.54
C PHE B 186 12.56 -30.84 37.55
N SER B 187 13.03 -29.63 37.80
CA SER B 187 14.09 -29.38 38.77
C SER B 187 13.56 -28.44 39.85
N LEU B 188 13.61 -28.89 41.09
CA LEU B 188 13.06 -28.13 42.21
C LEU B 188 14.21 -27.57 43.06
N TYR B 189 14.03 -26.32 43.44
CA TYR B 189 14.98 -25.57 44.29
C TYR B 189 14.27 -25.07 45.54
N ARG B 190 14.99 -25.17 46.65
CA ARG B 190 14.52 -24.67 47.95
C ARG B 190 15.64 -23.90 48.60
N ASN B 191 15.41 -22.61 48.85
CA ASN B 191 16.41 -21.73 49.46
C ASN B 191 17.68 -21.71 48.61
N CYS B 192 17.47 -21.58 47.30
CA CYS B 192 18.54 -21.48 46.27
C CYS B 192 19.37 -22.75 46.07
N VAL B 193 18.89 -23.89 46.58
CA VAL B 193 19.59 -25.16 46.42
C VAL B 193 18.66 -26.18 45.78
N VAL B 194 19.17 -26.83 44.76
CA VAL B 194 18.43 -27.90 44.08
C VAL B 194 18.12 -29.04 45.06
N ASN B 195 16.91 -29.54 44.96
CA ASN B 195 16.43 -30.65 45.80
C ASN B 195 16.21 -31.87 44.89
N PRO B 196 17.21 -32.76 44.86
CA PRO B 196 17.20 -33.96 44.02
C PRO B 196 16.02 -34.88 44.29
N SER B 197 15.64 -34.96 45.57
CA SER B 197 14.49 -35.75 46.02
C SER B 197 13.17 -35.26 45.42
N GLU B 198 13.15 -34.01 44.97
CA GLU B 198 11.92 -33.40 44.43
C GLU B 198 12.06 -32.98 42.96
N ARG B 199 13.04 -33.59 42.30
CA ARG B 199 13.26 -33.39 40.86
C ARG B 199 13.10 -34.74 40.16
N PHE B 200 12.72 -34.68 38.89
CA PHE B 200 12.44 -35.89 38.11
C PHE B 200 12.31 -35.58 36.62
N ILE B 201 12.36 -36.65 35.84
CA ILE B 201 12.25 -36.59 34.39
C ILE B 201 11.15 -37.53 33.91
N GLU B 202 10.42 -37.06 32.92
CA GLU B 202 9.45 -37.92 32.23
C GLU B 202 9.96 -38.08 30.80
N GLU B 203 10.03 -39.35 30.41
CA GLU B 203 10.65 -39.74 29.14
C GLU B 203 9.75 -39.45 27.93
N HIS B 204 8.99 -38.39 27.95
CA HIS B 204 8.15 -38.02 26.81
C HIS B 204 8.34 -36.54 26.58
N GLY B 205 8.41 -36.18 25.29
CA GLY B 205 8.66 -34.78 24.92
C GLY B 205 7.62 -34.29 23.91
N VAL B 206 7.98 -33.20 23.25
CA VAL B 206 7.14 -32.61 22.19
C VAL B 206 7.00 -33.55 20.99
N LYS B 207 8.09 -34.25 20.69
CA LYS B 207 8.12 -35.21 19.57
C LYS B 207 7.08 -36.28 19.84
N ASP B 208 7.01 -36.77 21.07
CA ASP B 208 5.98 -37.72 21.49
C ASP B 208 4.57 -37.14 21.43
N LEU B 209 4.50 -35.87 21.75
CA LEU B 209 3.22 -35.15 21.75
C LEU B 209 2.62 -35.09 20.34
N ILE B 210 3.39 -34.50 19.44
CA ILE B 210 2.98 -34.32 18.03
C ILE B 210 2.75 -35.68 17.36
N ILE B 211 3.51 -36.68 17.82
CA ILE B 211 3.41 -38.04 17.34
C ILE B 211 2.10 -38.73 17.65
N ARG B 212 1.79 -38.55 18.91
CA ARG B 212 0.58 -39.14 19.50
C ARG B 212 -0.65 -38.49 18.87
N VAL B 213 -0.49 -37.24 18.44
CA VAL B 213 -1.58 -36.49 17.81
C VAL B 213 -1.74 -36.90 16.34
N GLY B 214 -0.60 -36.90 15.64
CA GLY B 214 -0.55 -37.25 14.20
C GLY B 214 -1.13 -38.63 13.98
N ASP B 215 -1.02 -39.48 15.01
CA ASP B 215 -1.54 -40.86 14.97
C ASP B 215 -0.84 -41.64 13.83
N ALA B 216 0.41 -41.30 13.58
CA ALA B 216 1.21 -41.95 12.53
C ALA B 216 2.70 -41.72 12.81
N LEU B 217 3.49 -42.72 12.46
CA LEU B 217 4.94 -42.67 12.70
C LEU B 217 5.58 -41.53 11.90
N THR B 218 5.06 -41.34 10.70
CA THR B 218 5.51 -40.22 9.87
C THR B 218 4.35 -39.29 9.93
N ASP B 219 4.44 -38.28 9.10
CA ASP B 219 3.18 -37.65 8.95
C ASP B 219 2.77 -36.59 9.98
N LEU B 220 3.81 -36.07 10.62
CA LEU B 220 3.59 -35.27 11.79
C LEU B 220 4.20 -33.95 11.64
N ASN B 221 5.47 -33.63 11.78
CA ASN B 221 6.03 -32.35 11.28
C ASN B 221 4.91 -31.55 10.62
N ASN B 222 4.94 -30.26 10.63
CA ASN B 222 3.81 -29.53 10.06
C ASN B 222 3.43 -29.86 8.59
N GLY B 223 4.38 -30.55 7.94
CA GLY B 223 4.13 -31.19 6.64
C GLY B 223 4.72 -32.59 6.66
N ASN B 224 3.86 -33.54 6.80
CA ASN B 224 4.32 -34.92 6.78
C ASN B 224 4.48 -35.55 5.41
N LEU B 225 3.61 -35.13 4.50
CA LEU B 225 3.68 -35.49 3.10
C LEU B 225 3.55 -34.19 2.32
N ILE B 226 4.59 -33.91 1.54
CA ILE B 226 4.65 -32.64 0.78
C ILE B 226 3.53 -32.54 -0.27
N THR B 227 3.08 -33.68 -0.76
CA THR B 227 2.00 -33.72 -1.77
C THR B 227 0.62 -33.44 -1.15
N ASN B 228 0.60 -32.92 0.07
CA ASN B 228 -0.62 -32.45 0.72
C ASN B 228 -0.54 -30.93 0.87
N GLU B 229 -1.68 -30.29 0.64
CA GLU B 229 -1.77 -28.83 0.70
C GLU B 229 -1.36 -28.34 2.10
N GLN B 230 -0.80 -27.14 2.13
CA GLN B 230 -0.35 -26.51 3.39
C GLN B 230 -1.50 -26.54 4.37
N ALA B 231 -1.28 -27.20 5.52
CA ALA B 231 -2.26 -27.33 6.63
C ALA B 231 -2.68 -28.80 6.80
N GLU B 232 -2.70 -29.53 5.70
CA GLU B 232 -3.05 -30.95 5.72
C GLU B 232 -1.85 -31.71 6.24
N SER B 233 -2.19 -32.63 7.16
CA SER B 233 -1.24 -33.52 7.80
C SER B 233 -0.14 -32.73 8.51
N ALA B 234 -0.66 -31.81 9.33
CA ALA B 234 0.09 -30.95 10.24
C ALA B 234 1.14 -31.80 11.00
N LEU B 235 1.53 -31.53 12.24
CA LEU B 235 0.85 -30.79 13.29
C LEU B 235 1.59 -29.57 13.72
N ASN B 236 2.90 -29.75 13.83
CA ASN B 236 3.77 -28.68 14.35
C ASN B 236 3.54 -27.37 13.59
N ASN B 237 3.13 -27.47 12.33
CA ASN B 237 2.77 -26.23 11.59
C ASN B 237 1.31 -26.22 11.32
N GLY B 238 0.84 -25.37 12.19
CA GLY B 238 -0.57 -25.03 12.19
C GLY B 238 -1.22 -25.58 13.44
N TYR B 239 -2.19 -24.82 13.92
CA TYR B 239 -2.99 -25.19 15.10
C TYR B 239 -4.35 -25.71 14.65
N MET B 240 -5.42 -25.05 15.10
CA MET B 240 -6.79 -25.36 14.69
C MET B 240 -7.18 -24.35 13.61
N LYS B 241 -6.62 -24.55 12.42
CA LYS B 241 -6.76 -23.59 11.32
C LYS B 241 -7.62 -24.11 10.16
N LYS B 242 -8.32 -25.22 10.39
CA LYS B 242 -9.23 -25.78 9.37
C LYS B 242 -10.62 -25.20 9.58
N GLY B 243 -10.91 -24.16 8.78
CA GLY B 243 -12.19 -23.41 8.87
C GLY B 243 -13.38 -24.15 8.24
N GLY B 244 -13.20 -25.47 8.04
CA GLY B 244 -14.26 -26.34 7.53
C GLY B 244 -14.98 -26.95 8.72
N GLU B 245 -16.13 -26.37 9.05
CA GLU B 245 -16.92 -26.77 10.23
C GLU B 245 -17.26 -28.27 10.25
N ILE B 246 -17.10 -28.92 9.10
CA ILE B 246 -17.39 -30.35 8.93
C ILE B 246 -16.25 -31.26 9.41
N ASP B 247 -15.02 -30.77 9.33
CA ASP B 247 -13.85 -31.58 9.70
C ASP B 247 -13.90 -31.96 11.18
N THR B 248 -13.47 -33.19 11.45
CA THR B 248 -13.48 -33.73 12.83
C THR B 248 -12.07 -34.05 13.35
N GLU B 249 -11.07 -33.84 12.51
CA GLU B 249 -9.67 -33.95 12.95
C GLU B 249 -9.41 -32.86 14.01
N SER B 250 -8.38 -33.07 14.82
CA SER B 250 -7.97 -32.06 15.84
C SER B 250 -7.98 -30.67 15.20
N SER B 251 -8.19 -29.57 15.90
CA SER B 251 -8.27 -29.28 17.35
C SER B 251 -8.68 -30.28 18.42
N THR B 252 -9.64 -31.13 18.16
CA THR B 252 -10.15 -32.04 19.20
C THR B 252 -9.04 -32.95 19.78
N VAL B 253 -8.17 -33.43 18.88
CA VAL B 253 -7.07 -34.33 19.25
C VAL B 253 -6.06 -33.59 20.14
N ILE B 254 -5.68 -32.40 19.72
CA ILE B 254 -4.69 -31.58 20.46
C ILE B 254 -5.06 -31.46 21.94
N LYS B 255 -6.28 -30.99 22.22
CA LYS B 255 -6.75 -30.76 23.59
C LYS B 255 -6.80 -32.08 24.36
N LYS B 256 -7.00 -33.17 23.63
CA LYS B 256 -7.05 -34.52 24.23
C LYS B 256 -5.70 -35.06 24.67
N VAL B 257 -4.74 -34.91 23.78
CA VAL B 257 -3.36 -35.33 24.07
C VAL B 257 -2.76 -34.47 25.19
N LYS B 258 -2.92 -33.16 25.03
CA LYS B 258 -2.39 -32.18 25.98
C LYS B 258 -3.09 -32.31 27.34
N GLU B 259 -4.35 -32.72 27.31
CA GLU B 259 -5.13 -32.91 28.54
C GLU B 259 -4.52 -33.99 29.42
N LYS B 260 -4.10 -35.07 28.76
CA LYS B 260 -3.46 -36.21 29.44
C LYS B 260 -2.03 -35.88 29.86
N PHE B 261 -1.35 -35.10 29.03
CA PHE B 261 0.05 -34.71 29.30
C PHE B 261 0.13 -33.82 30.55
N LEU B 262 -0.80 -32.87 30.63
CA LEU B 262 -0.87 -31.96 31.78
C LEU B 262 -1.30 -32.65 33.07
N LYS B 263 -2.21 -33.60 32.92
CA LYS B 263 -2.72 -34.36 34.08
C LYS B 263 -1.62 -35.25 34.64
N ASP B 264 -0.79 -35.80 33.76
CA ASP B 264 0.33 -36.65 34.17
C ASP B 264 1.41 -35.80 34.86
N ALA B 265 1.71 -34.64 34.30
CA ALA B 265 2.77 -33.76 34.82
C ALA B 265 2.44 -33.25 36.23
N ILE B 266 1.22 -32.75 36.39
CA ILE B 266 0.77 -32.17 37.68
C ILE B 266 0.59 -33.27 38.74
N LYS B 267 0.19 -34.45 38.28
CA LYS B 267 -0.01 -35.60 39.17
C LYS B 267 1.32 -36.05 39.78
N LEU B 268 2.37 -36.02 38.95
CA LEU B 268 3.74 -36.35 39.39
C LEU B 268 4.27 -35.28 40.34
N ILE B 269 3.89 -34.04 40.06
CA ILE B 269 4.30 -32.90 40.91
C ILE B 269 3.79 -33.07 42.32
N GLU B 270 2.52 -33.40 42.41
CA GLU B 270 1.85 -33.51 43.72
C GLU B 270 2.37 -34.73 44.50
N LYS B 271 2.81 -35.76 43.76
CA LYS B 271 3.40 -36.96 44.37
C LYS B 271 4.81 -36.70 44.90
N ARG B 272 5.63 -36.06 44.08
CA ARG B 272 7.05 -35.85 44.40
C ARG B 272 7.31 -34.51 45.10
N GLY B 273 6.89 -33.45 44.43
CA GLY B 273 7.10 -32.06 44.87
C GLY B 273 6.34 -31.76 46.15
N PHE B 274 5.04 -32.10 46.18
CA PHE B 274 4.07 -31.91 47.28
C PHE B 274 2.89 -31.02 46.89
N LYS B 275 2.24 -30.45 47.92
CA LYS B 275 1.10 -29.56 47.75
C LYS B 275 1.52 -28.41 46.83
N LEU B 276 0.81 -28.25 45.73
CA LEU B 276 1.09 -27.17 44.77
C LEU B 276 1.07 -25.78 45.40
N ASP B 277 0.50 -25.69 46.59
CA ASP B 277 0.44 -24.44 47.36
C ASP B 277 1.77 -24.11 48.07
N GLN B 278 2.57 -25.13 48.32
CA GLN B 278 3.87 -24.93 48.97
C GLN B 278 4.95 -24.44 47.98
N LEU B 279 4.58 -24.40 46.70
CA LEU B 279 5.47 -23.94 45.63
C LEU B 279 5.19 -22.46 45.37
N ASP B 280 6.28 -21.69 45.35
CA ASP B 280 6.19 -20.24 45.13
C ASP B 280 6.00 -19.89 43.65
N SER B 281 6.62 -20.70 42.80
CA SER B 281 6.53 -20.51 41.35
C SER B 281 7.11 -21.72 40.61
N LEU B 282 6.49 -21.97 39.46
CA LEU B 282 6.93 -23.03 38.54
C LEU B 282 7.16 -22.39 37.19
N ILE B 283 8.43 -22.25 36.84
CA ILE B 283 8.83 -21.64 35.56
C ILE B 283 8.66 -22.70 34.47
N PHE B 284 7.98 -22.28 33.42
CA PHE B 284 7.64 -23.21 32.32
C PHE B 284 8.56 -22.85 31.17
N ILE B 285 9.46 -23.75 30.84
CA ILE B 285 10.49 -23.49 29.81
C ILE B 285 10.61 -24.71 28.88
N GLY B 286 11.40 -24.51 27.82
CA GLY B 286 11.58 -25.56 26.81
C GLY B 286 10.78 -25.21 25.56
N GLY B 287 11.07 -25.96 24.49
CA GLY B 287 10.40 -25.77 23.19
C GLY B 287 8.88 -25.89 23.30
N THR B 288 8.43 -26.72 24.24
CA THR B 288 6.98 -26.95 24.42
C THR B 288 6.29 -25.92 25.31
N THR B 289 7.05 -25.04 25.95
CA THR B 289 6.41 -24.10 26.86
C THR B 289 5.27 -23.32 26.22
N GLN B 290 5.55 -22.74 25.06
CA GLN B 290 4.55 -21.93 24.35
C GLN B 290 3.27 -22.74 24.08
N LYS B 291 3.44 -24.05 23.92
CA LYS B 291 2.32 -24.95 23.62
C LYS B 291 1.42 -25.24 24.83
N LEU B 292 2.02 -25.34 26.00
CA LEU B 292 1.28 -25.77 27.20
C LEU B 292 1.03 -24.70 28.27
N LYS B 293 1.73 -23.57 28.18
CA LYS B 293 1.64 -22.54 29.21
C LYS B 293 0.18 -22.09 29.46
N GLU B 294 -0.60 -22.00 28.40
CA GLU B 294 -1.99 -21.53 28.53
C GLU B 294 -2.84 -22.47 29.37
N GLN B 295 -2.78 -23.75 29.03
CA GLN B 295 -3.60 -24.74 29.75
C GLN B 295 -3.17 -24.95 31.19
N ILE B 296 -1.88 -24.86 31.40
CA ILE B 296 -1.38 -24.98 32.78
C ILE B 296 -1.89 -23.84 33.68
N SER B 297 -1.90 -22.64 33.11
CA SER B 297 -2.32 -21.44 33.84
C SER B 297 -3.77 -21.57 34.31
N LYS B 298 -4.56 -22.29 33.53
CA LYS B 298 -5.96 -22.56 33.88
C LYS B 298 -6.11 -23.77 34.81
N THR B 299 -5.11 -24.65 34.78
CA THR B 299 -5.06 -25.83 35.66
C THR B 299 -4.88 -25.38 37.11
N TYR B 300 -3.93 -24.47 37.31
CA TYR B 300 -3.62 -23.89 38.62
C TYR B 300 -3.34 -22.38 38.49
N PRO B 301 -4.05 -21.57 39.29
CA PRO B 301 -3.88 -20.12 39.31
C PRO B 301 -2.70 -19.68 40.19
N ASN B 302 -2.08 -18.59 39.76
CA ASN B 302 -1.00 -17.89 40.50
C ASN B 302 0.24 -18.73 40.83
N ASN B 303 0.61 -19.67 39.96
CA ASN B 303 1.83 -20.46 40.22
C ASN B 303 2.79 -20.54 39.03
N SER B 304 2.21 -20.76 37.85
CA SER B 304 3.02 -20.90 36.62
C SER B 304 3.42 -19.55 36.05
N ILE B 305 4.64 -19.50 35.55
CA ILE B 305 5.22 -18.29 34.94
C ILE B 305 6.04 -18.71 33.72
N ILE B 306 6.01 -17.85 32.71
CA ILE B 306 6.80 -18.03 31.49
C ILE B 306 7.55 -16.74 31.16
N THR B 307 8.70 -16.91 30.53
CA THR B 307 9.49 -15.77 30.05
C THR B 307 9.43 -15.77 28.52
N ASN B 308 9.50 -14.58 27.94
CA ASN B 308 9.54 -14.43 26.48
C ASN B 308 10.86 -14.99 25.94
N ASN B 309 10.79 -15.55 24.74
CA ASN B 309 11.96 -16.20 24.11
C ASN B 309 12.61 -17.17 25.09
N SER B 310 11.85 -18.21 25.42
CA SER B 310 12.30 -19.24 26.37
C SER B 310 13.65 -19.86 25.97
N GLN B 311 13.90 -19.86 24.67
CA GLN B 311 15.16 -20.39 24.14
C GLN B 311 16.42 -19.66 24.68
N TRP B 312 16.27 -18.38 24.99
CA TRP B 312 17.39 -17.59 25.55
C TRP B 312 17.30 -17.41 27.06
N THR B 313 16.45 -18.19 27.70
CA THR B 313 16.30 -18.10 29.15
C THR B 313 17.56 -18.37 29.97
N THR B 314 18.23 -19.43 29.58
CA THR B 314 19.44 -19.87 30.27
C THR B 314 20.54 -18.82 30.10
N CYS B 315 20.73 -18.40 28.86
CA CYS B 315 21.78 -17.42 28.54
C CYS B 315 21.55 -16.08 29.25
N GLU B 316 20.31 -15.65 29.34
CA GLU B 316 20.05 -14.36 30.02
C GLU B 316 20.31 -14.49 31.52
N GLY B 317 20.16 -15.72 32.02
CA GLY B 317 20.43 -16.04 33.43
C GLY B 317 21.95 -16.07 33.69
N LEU B 318 22.66 -16.74 32.78
CA LEU B 318 24.11 -16.84 32.87
C LEU B 318 24.76 -15.46 32.71
N TYR B 319 24.21 -14.64 31.84
CA TYR B 319 24.74 -13.29 31.61
C TYR B 319 24.80 -12.45 32.88
N LYS B 320 23.78 -12.62 33.71
CA LYS B 320 23.68 -11.87 34.98
C LYS B 320 24.80 -12.28 35.95
N VAL B 321 25.11 -13.56 36.02
CA VAL B 321 26.22 -14.01 36.87
C VAL B 321 27.57 -13.56 36.28
N ALA B 322 27.61 -13.47 34.96
CA ALA B 322 28.84 -13.06 34.32
C ALA B 322 29.13 -11.58 34.47
N VAL B 323 28.08 -10.78 34.62
CA VAL B 323 28.25 -9.35 34.94
C VAL B 323 28.88 -9.19 36.33
N ALA B 324 28.46 -10.08 37.24
CA ALA B 324 28.98 -10.11 38.61
C ALA B 324 30.44 -10.57 38.61
N LYS B 325 30.75 -11.50 37.73
CA LYS B 325 32.12 -11.99 37.56
C LYS B 325 33.02 -10.94 36.93
N TYR B 326 32.41 -10.16 36.06
CA TYR B 326 33.10 -9.06 35.38
C TYR B 326 33.51 -7.98 36.38
N CYS B 327 32.63 -7.71 37.34
CA CYS B 327 32.93 -6.75 38.42
C CYS B 327 34.06 -7.29 39.32
N ILE B 328 34.03 -8.51 39.60
N THR C 5 52.21 -22.64 -4.02
CA THR C 5 52.21 -23.54 -5.19
C THR C 5 51.08 -23.20 -6.18
N ASN C 6 51.25 -23.72 -7.39
CA ASN C 6 50.29 -23.56 -8.49
C ASN C 6 49.63 -24.91 -8.77
N GLU C 7 48.63 -25.21 -7.95
CA GLU C 7 47.99 -26.52 -8.08
C GLU C 7 46.51 -26.26 -8.54
N TYR C 8 45.98 -27.17 -9.33
CA TYR C 8 44.59 -27.12 -9.81
C TYR C 8 43.82 -28.35 -9.30
N VAL C 9 42.51 -28.27 -9.44
CA VAL C 9 41.63 -29.37 -9.02
C VAL C 9 40.96 -29.96 -10.27
N MET C 10 41.19 -31.24 -10.45
CA MET C 10 40.52 -31.99 -11.52
C MET C 10 39.51 -32.94 -10.89
N THR C 11 38.31 -32.84 -11.41
CA THR C 11 37.22 -33.72 -10.96
C THR C 11 36.79 -34.59 -12.13
N LEU C 12 36.78 -35.89 -11.85
CA LEU C 12 36.45 -36.89 -12.86
C LEU C 12 35.37 -37.84 -12.38
N ASP C 13 34.56 -38.29 -13.33
CA ASP C 13 33.47 -39.22 -13.07
C ASP C 13 33.41 -40.24 -14.22
N ALA C 14 34.07 -41.37 -13.99
CA ALA C 14 34.09 -42.48 -14.97
C ALA C 14 32.87 -43.37 -14.74
N GLY C 15 31.75 -42.95 -15.33
CA GLY C 15 30.45 -43.60 -15.07
C GLY C 15 30.05 -44.55 -16.18
N LYS C 16 28.80 -45.00 -16.08
CA LYS C 16 28.16 -45.93 -17.02
C LYS C 16 28.85 -45.90 -18.40
N TYR C 17 28.30 -45.08 -19.29
CA TYR C 17 28.73 -45.03 -20.69
C TYR C 17 29.38 -43.69 -21.02
N GLU C 18 29.43 -42.80 -20.05
CA GLU C 18 30.06 -41.48 -20.26
C GLU C 18 31.05 -41.13 -19.15
N THR C 19 32.05 -40.38 -19.55
CA THR C 19 33.05 -39.84 -18.61
C THR C 19 32.85 -38.32 -18.54
N LYS C 20 32.68 -37.84 -17.32
CA LYS C 20 32.54 -36.39 -17.07
C LYS C 20 33.80 -35.87 -16.40
N LEU C 21 34.23 -34.70 -16.85
CA LEU C 21 35.44 -34.07 -16.31
C LEU C 21 35.26 -32.57 -16.18
N ILE C 22 35.87 -32.00 -15.16
CA ILE C 22 35.79 -30.56 -14.89
C ILE C 22 37.09 -30.05 -14.26
N GLY C 23 37.54 -28.92 -14.80
CA GLY C 23 38.69 -28.18 -14.26
C GLY C 23 38.36 -26.71 -14.34
N LYS C 24 38.84 -25.94 -13.37
CA LYS C 24 38.59 -24.48 -13.36
C LYS C 24 39.21 -23.76 -14.54
N ASN C 25 40.30 -24.34 -15.02
CA ASN C 25 41.01 -23.79 -16.19
C ASN C 25 40.20 -23.99 -17.48
N LYS C 26 39.65 -25.20 -17.63
CA LYS C 26 38.85 -25.46 -18.81
C LYS C 26 37.50 -24.75 -18.76
N LYS C 27 36.88 -24.82 -17.58
CA LYS C 27 35.58 -24.17 -17.37
C LYS C 27 35.67 -22.66 -17.67
N GLY C 28 36.84 -22.09 -17.34
CA GLY C 28 37.13 -20.67 -17.54
C GLY C 28 37.17 -20.26 -19.02
N THR C 29 37.51 -21.22 -19.88
CA THR C 29 37.74 -20.94 -21.31
C THR C 29 36.56 -21.41 -22.18
N THR C 30 36.03 -22.58 -21.86
CA THR C 30 34.92 -23.15 -22.62
C THR C 30 33.65 -23.04 -21.81
N GLU C 31 32.55 -22.79 -22.51
CA GLU C 31 31.25 -22.54 -21.84
C GLU C 31 30.45 -23.81 -21.65
N ASP C 32 30.76 -24.80 -22.47
CA ASP C 32 30.01 -26.03 -22.36
C ASP C 32 30.16 -26.56 -20.91
N ILE C 33 29.63 -27.75 -20.71
CA ILE C 33 29.60 -28.33 -19.38
C ILE C 33 30.64 -29.35 -19.09
N LYS C 34 31.82 -29.37 -19.59
CA LYS C 34 32.49 -28.35 -20.33
C LYS C 34 33.48 -27.38 -19.65
N ARG C 35 34.35 -27.94 -18.79
CA ARG C 35 34.36 -29.35 -18.36
C ARG C 35 34.37 -30.24 -19.67
N VAL C 36 33.77 -31.38 -19.61
CA VAL C 36 33.38 -32.25 -20.74
C VAL C 36 32.62 -33.55 -20.37
N ILE C 37 31.79 -33.98 -21.31
CA ILE C 37 31.08 -35.26 -21.19
C ILE C 37 31.18 -35.99 -22.51
N PHE C 38 31.92 -37.09 -22.48
CA PHE C 38 32.17 -37.90 -23.67
C PHE C 38 31.90 -39.37 -23.38
N LYS C 39 31.42 -40.09 -24.40
CA LYS C 39 31.14 -41.52 -24.26
C LYS C 39 32.42 -42.26 -23.84
N THR C 40 32.26 -43.25 -22.98
CA THR C 40 33.37 -44.07 -22.48
C THR C 40 33.84 -45.05 -23.56
N LYS C 41 34.36 -44.47 -24.63
CA LYS C 41 34.92 -45.21 -25.77
C LYS C 41 36.26 -44.57 -26.13
N ILE C 42 37.14 -45.40 -26.65
CA ILE C 42 38.48 -44.92 -27.03
C ILE C 42 38.87 -45.59 -28.35
N TYR C 43 39.63 -44.84 -29.14
CA TYR C 43 40.14 -45.37 -30.40
C TYR C 43 41.64 -45.10 -30.53
N ASN C 44 42.19 -45.50 -31.66
CA ASN C 44 43.61 -45.29 -31.96
C ASN C 44 43.75 -44.99 -33.44
N LEU C 45 44.75 -44.16 -33.75
CA LEU C 45 44.96 -43.73 -35.14
C LEU C 45 46.07 -44.55 -35.76
N GLU C 46 45.65 -45.46 -36.62
CA GLU C 46 46.57 -46.36 -37.32
C GLU C 46 46.62 -45.99 -38.81
N ASP C 47 47.75 -46.34 -39.42
CA ASP C 47 48.01 -46.04 -40.84
C ASP C 47 47.00 -46.73 -41.77
N GLY C 48 46.33 -47.76 -41.25
CA GLY C 48 45.30 -48.48 -42.02
C GLY C 48 44.01 -47.68 -42.16
N TYR C 49 44.06 -46.39 -41.82
CA TYR C 49 42.89 -45.50 -41.82
C TYR C 49 43.35 -44.05 -41.93
N ILE C 50 42.38 -43.18 -42.23
CA ILE C 50 42.61 -41.75 -42.43
C ILE C 50 42.05 -40.96 -41.24
N ASP C 51 42.96 -40.33 -40.52
CA ASP C 51 42.56 -39.46 -39.41
C ASP C 51 41.73 -38.26 -39.85
N ILE C 52 40.88 -37.79 -38.95
CA ILE C 52 39.99 -36.63 -39.18
C ILE C 52 39.94 -35.73 -37.93
N GLU C 53 39.69 -34.47 -38.15
CA GLU C 53 39.52 -33.52 -37.04
C GLU C 53 38.29 -33.84 -36.18
N GLY C 54 38.41 -33.44 -34.92
CA GLY C 54 37.35 -33.70 -33.95
C GLY C 54 36.26 -32.64 -33.88
N ASN C 55 35.29 -32.81 -32.98
CA ASN C 55 35.47 -32.80 -31.51
C ASN C 55 36.11 -34.09 -30.98
N SER C 56 37.42 -34.15 -31.14
CA SER C 56 38.22 -35.32 -30.79
C SER C 56 39.68 -34.92 -30.85
N HIS C 57 40.44 -35.51 -29.95
CA HIS C 57 41.87 -35.18 -29.80
C HIS C 57 42.72 -36.45 -29.91
N LYS C 58 43.99 -36.20 -30.17
CA LYS C 58 44.99 -37.26 -30.21
C LYS C 58 45.89 -37.13 -28.98
N ILE C 59 46.16 -38.26 -28.35
CA ILE C 59 46.99 -38.30 -27.14
C ILE C 59 48.11 -39.34 -27.32
N GLU C 60 49.24 -39.02 -26.71
CA GLU C 60 50.41 -39.93 -26.74
C GLU C 60 50.49 -40.66 -25.42
N LEU C 61 50.30 -41.96 -25.53
CA LEU C 61 50.45 -42.84 -24.37
C LEU C 61 51.05 -44.16 -24.88
N ASP C 62 52.00 -44.66 -24.10
CA ASP C 62 52.77 -45.87 -24.47
C ASP C 62 53.55 -45.53 -25.77
N GLY C 63 53.32 -46.35 -26.79
CA GLY C 63 53.53 -45.98 -28.21
C GLY C 63 52.09 -46.13 -28.70
N LYS C 64 51.62 -45.52 -29.83
CA LYS C 64 50.16 -45.37 -30.11
C LYS C 64 49.67 -43.96 -29.86
N GLU C 65 48.91 -43.54 -30.84
CA GLU C 65 48.22 -42.27 -30.75
C GLU C 65 46.75 -42.55 -30.43
N TYR C 66 46.42 -42.42 -29.15
CA TYR C 66 45.06 -42.69 -28.70
C TYR C 66 44.13 -41.58 -29.17
N LEU C 67 42.90 -41.98 -29.29
CA LEU C 67 41.91 -41.05 -29.79
C LEU C 67 40.70 -41.10 -28.86
N ILE C 68 40.23 -39.89 -28.53
CA ILE C 68 39.16 -39.70 -27.52
C ILE C 68 38.44 -38.38 -27.79
N GLY C 69 37.11 -38.45 -27.64
CA GLY C 69 36.26 -37.26 -27.79
C GLY C 69 35.41 -37.37 -29.05
N GLU C 70 35.98 -37.95 -30.10
CA GLU C 70 35.22 -38.21 -31.33
C GLU C 70 34.28 -39.36 -31.03
N GLN C 71 33.32 -39.52 -31.93
CA GLN C 71 32.36 -40.63 -31.80
C GLN C 71 32.66 -41.77 -32.78
N GLY C 72 33.63 -41.52 -33.65
CA GLY C 72 33.97 -42.44 -34.75
C GLY C 72 33.71 -41.78 -36.10
N VAL C 73 33.68 -40.45 -36.08
CA VAL C 73 33.69 -39.63 -37.31
C VAL C 73 35.11 -39.56 -37.88
N GLU C 74 36.06 -39.90 -37.05
CA GLU C 74 37.46 -39.79 -37.43
C GLU C 74 38.15 -41.13 -37.45
N ASP C 75 37.53 -42.21 -37.07
CA ASP C 75 38.20 -43.52 -37.07
C ASP C 75 37.15 -44.61 -36.93
N SER C 76 37.60 -45.83 -37.23
CA SER C 76 36.76 -47.03 -37.11
C SER C 76 37.22 -47.91 -35.95
N SER C 77 38.33 -47.53 -35.33
CA SER C 77 38.93 -48.24 -34.18
C SER C 77 38.19 -48.00 -32.86
N GLU C 78 37.22 -47.10 -32.84
CA GLU C 78 36.45 -46.78 -31.61
C GLU C 78 35.77 -48.03 -31.03
N THR C 79 35.24 -48.86 -31.93
CA THR C 79 34.56 -50.10 -31.53
C THR C 79 35.52 -51.08 -30.83
N SER C 80 36.77 -51.09 -31.29
CA SER C 80 37.84 -51.93 -30.74
C SER C 80 38.17 -51.53 -29.30
N LYS C 81 38.58 -52.52 -28.52
CA LYS C 81 38.92 -52.31 -27.10
C LYS C 81 40.21 -53.05 -26.70
N THR C 82 40.81 -52.56 -25.62
CA THR C 82 42.03 -53.16 -25.07
C THR C 82 41.90 -53.42 -23.56
N ASN C 83 42.87 -54.09 -22.95
CA ASN C 83 42.81 -54.58 -21.54
C ASN C 83 43.74 -53.79 -20.59
N LEU C 84 43.37 -52.53 -20.38
CA LEU C 84 44.16 -51.39 -20.91
C LEU C 84 43.18 -50.30 -21.35
N ILE C 85 41.99 -50.74 -21.72
CA ILE C 85 40.89 -49.88 -22.18
C ILE C 85 40.64 -48.74 -21.20
N HIS C 86 40.40 -49.13 -19.95
CA HIS C 86 40.05 -48.18 -18.88
C HIS C 86 41.27 -47.35 -18.52
N LYS C 87 42.44 -47.99 -18.45
CA LYS C 87 43.68 -47.28 -18.11
C LYS C 87 44.03 -46.20 -19.11
N LEU C 88 43.74 -46.46 -20.38
CA LEU C 88 43.94 -45.47 -21.45
C LEU C 88 42.93 -44.35 -21.37
N ALA C 89 41.70 -44.72 -21.04
CA ALA C 89 40.61 -43.76 -20.87
C ALA C 89 40.92 -42.75 -19.75
N ALA C 90 41.54 -43.26 -18.68
CA ALA C 90 41.92 -42.43 -17.53
C ALA C 90 42.98 -41.39 -17.92
N TYR C 91 43.91 -41.84 -18.75
CA TYR C 91 45.04 -40.99 -19.16
C TYR C 91 44.55 -39.93 -20.09
N THR C 92 43.64 -40.27 -20.98
CA THR C 92 43.08 -39.33 -21.96
C THR C 92 42.13 -38.30 -21.29
N ALA C 93 41.42 -38.77 -20.28
CA ALA C 93 40.52 -37.90 -19.51
C ALA C 93 41.34 -36.89 -18.70
N ILE C 94 42.44 -37.34 -18.13
CA ILE C 94 43.35 -36.44 -17.38
C ILE C 94 43.98 -35.42 -18.35
N THR C 95 44.30 -35.90 -19.54
CA THR C 95 44.97 -35.08 -20.57
C THR C 95 44.08 -33.94 -21.00
N GLN C 96 42.82 -34.28 -21.25
CA GLN C 96 41.85 -33.30 -21.75
C GLN C 96 41.61 -32.29 -20.62
N VAL C 97 41.53 -31.02 -21.02
CA VAL C 97 41.25 -29.94 -20.04
C VAL C 97 42.43 -29.82 -19.04
N LEU C 98 43.63 -29.98 -19.54
CA LEU C 98 44.81 -29.91 -18.68
C LEU C 98 45.87 -29.03 -19.32
N ASP C 99 45.73 -27.73 -19.10
CA ASP C 99 46.68 -26.74 -19.61
C ASP C 99 47.00 -25.67 -18.56
N SER C 100 48.22 -25.68 -18.10
CA SER C 100 48.61 -24.66 -17.12
C SER C 100 48.87 -23.32 -17.87
N ASN C 101 49.91 -23.20 -18.70
CA ASN C 101 51.31 -23.64 -18.48
C ASN C 101 51.61 -25.11 -18.82
N LYS C 102 52.89 -25.31 -19.07
CA LYS C 102 53.44 -26.62 -19.44
C LYS C 102 53.34 -27.63 -18.30
N ASN C 103 53.76 -27.20 -17.11
CA ASN C 103 53.71 -28.06 -15.91
C ASN C 103 52.40 -27.82 -15.17
N ASN C 104 51.60 -28.88 -15.14
CA ASN C 104 50.28 -28.84 -14.51
C ASN C 104 50.25 -29.72 -13.26
N LYS C 105 50.25 -29.05 -12.12
CA LYS C 105 50.18 -29.72 -10.82
C LYS C 105 48.73 -29.73 -10.37
N VAL C 106 48.25 -30.91 -10.02
CA VAL C 106 46.83 -31.05 -9.64
C VAL C 106 46.64 -31.96 -8.42
N GLN C 107 45.38 -32.00 -8.07
CA GLN C 107 44.80 -32.92 -7.10
C GLN C 107 43.60 -33.50 -7.86
N LEU C 108 43.40 -34.81 -7.71
CA LEU C 108 42.31 -35.48 -8.43
C LEU C 108 41.25 -35.96 -7.46
N VAL C 109 40.04 -35.54 -7.73
CA VAL C 109 38.88 -36.01 -6.99
C VAL C 109 37.98 -36.82 -7.92
N LEU C 110 37.66 -38.01 -7.47
CA LEU C 110 36.79 -38.90 -8.23
C LEU C 110 36.00 -39.82 -7.28
N ALA C 111 35.11 -40.60 -7.87
CA ALA C 111 34.28 -41.57 -7.16
C ALA C 111 34.31 -42.98 -7.78
N CYS C 112 33.78 -43.92 -7.05
CA CYS C 112 33.67 -45.30 -7.52
C CYS C 112 32.45 -45.94 -6.87
N PRO C 113 31.95 -47.04 -7.46
CA PRO C 113 30.78 -47.75 -6.94
C PRO C 113 30.95 -47.94 -5.43
N LEU C 114 29.86 -47.77 -4.71
CA LEU C 114 29.87 -47.87 -3.23
C LEU C 114 30.39 -49.22 -2.74
N SER C 115 30.10 -50.26 -3.53
CA SER C 115 30.46 -51.64 -3.17
C SER C 115 31.95 -51.95 -3.22
N VAL C 116 32.70 -51.09 -3.88
CA VAL C 116 34.15 -51.28 -4.03
C VAL C 116 34.99 -50.26 -3.23
N LEU C 117 34.30 -49.24 -2.75
CA LEU C 117 34.95 -48.11 -2.05
C LEU C 117 35.54 -48.54 -0.70
N ARG C 118 36.58 -49.35 -0.72
CA ARG C 118 37.30 -49.81 0.51
C ARG C 118 38.10 -51.07 0.23
N ASN C 119 37.73 -51.76 -0.85
CA ASN C 119 38.39 -53.02 -1.23
C ASN C 119 39.77 -52.75 -1.86
N ALA C 120 40.32 -53.79 -2.47
CA ALA C 120 41.58 -53.73 -3.24
C ALA C 120 41.38 -52.93 -4.54
N LYS C 121 40.15 -52.79 -4.97
CA LYS C 121 39.85 -52.02 -6.19
C LYS C 121 38.99 -50.83 -5.84
N ALA C 122 39.12 -49.77 -6.64
CA ALA C 122 38.49 -48.47 -6.38
C ALA C 122 38.86 -47.93 -4.99
N LYS C 123 39.97 -48.46 -4.51
CA LYS C 123 40.55 -48.04 -3.24
C LYS C 123 42.07 -48.20 -3.21
N GLU C 124 42.60 -49.23 -3.86
CA GLU C 124 44.07 -49.31 -3.96
C GLU C 124 44.58 -49.27 -5.40
N GLU C 125 43.96 -50.06 -6.29
CA GLU C 125 44.41 -50.11 -7.68
C GLU C 125 43.97 -48.87 -8.44
N TYR C 126 42.78 -48.35 -8.16
CA TYR C 126 42.30 -47.12 -8.83
C TYR C 126 43.13 -45.89 -8.42
N ARG C 127 43.43 -45.83 -7.12
CA ARG C 127 44.27 -44.77 -6.56
C ARG C 127 45.69 -44.81 -7.13
N ASP C 128 46.14 -46.01 -7.43
CA ASP C 128 47.49 -46.21 -8.02
C ASP C 128 47.54 -45.73 -9.46
N TYR C 129 46.42 -45.85 -10.16
CA TYR C 129 46.31 -45.42 -11.56
C TYR C 129 46.33 -43.89 -11.61
N ILE C 130 45.63 -43.31 -10.64
CA ILE C 130 45.47 -41.84 -10.58
C ILE C 130 46.70 -41.14 -10.04
N LYS C 131 47.26 -41.74 -8.97
CA LYS C 131 48.41 -41.31 -8.21
C LYS C 131 49.77 -41.48 -8.91
N GLY C 132 50.08 -40.70 -9.99
CA GLY C 132 51.41 -40.65 -10.60
C GLY C 132 51.54 -39.46 -11.58
N ASN C 133 52.79 -39.09 -11.79
CA ASN C 133 53.14 -38.07 -12.80
C ASN C 133 53.15 -38.73 -14.19
N GLY C 134 52.89 -37.90 -15.19
CA GLY C 134 52.89 -38.39 -16.59
C GLY C 134 53.00 -37.23 -17.57
N GLU C 135 53.62 -37.55 -18.70
CA GLU C 135 53.76 -36.60 -19.81
C GLU C 135 52.72 -37.01 -20.86
N ILE C 136 51.85 -36.06 -21.14
CA ILE C 136 50.80 -36.27 -22.13
C ILE C 136 50.88 -35.14 -23.16
N THR C 137 50.77 -35.56 -24.41
CA THR C 137 50.69 -34.61 -25.53
C THR C 137 49.20 -34.33 -25.84
N VAL C 138 48.97 -33.22 -26.51
CA VAL C 138 47.60 -32.80 -26.86
C VAL C 138 47.35 -32.92 -28.35
N LYS C 139 48.29 -32.36 -29.09
CA LYS C 139 48.19 -32.40 -30.55
C LYS C 139 49.36 -33.18 -31.13
N VAL C 140 49.16 -33.82 -32.25
CA VAL C 140 50.25 -34.55 -32.94
C VAL C 140 51.44 -33.63 -33.26
N ASP C 141 51.11 -32.36 -33.48
CA ASP C 141 52.13 -31.33 -33.74
C ASP C 141 52.30 -30.42 -32.53
N ASP C 142 51.79 -30.87 -31.38
CA ASP C 142 51.78 -30.15 -30.09
C ASP C 142 51.29 -31.17 -29.05
N LYS C 143 50.52 -30.80 -28.04
CA LYS C 143 50.97 -29.82 -27.04
C LYS C 143 51.28 -30.62 -25.79
N GLU C 144 52.57 -30.68 -25.48
CA GLU C 144 53.03 -31.46 -24.31
C GLU C 144 52.64 -30.78 -22.99
N TYR C 145 52.09 -31.60 -22.10
CA TYR C 145 51.79 -31.17 -20.73
C TYR C 145 52.42 -32.17 -19.76
N SER C 146 53.11 -31.61 -18.78
CA SER C 146 53.74 -32.42 -17.71
C SER C 146 52.82 -32.35 -16.49
N PHE C 147 52.25 -33.51 -16.16
CA PHE C 147 51.22 -33.58 -15.13
C PHE C 147 51.71 -34.28 -13.89
N GLU C 148 51.63 -33.52 -12.82
CA GLU C 148 51.94 -34.02 -11.51
C GLU C 148 50.76 -34.07 -10.59
N ILE C 149 50.62 -35.18 -9.90
CA ILE C 149 49.48 -35.31 -8.99
C ILE C 149 49.95 -35.23 -7.54
N THR C 150 49.42 -34.26 -6.86
CA THR C 150 49.84 -33.95 -5.49
C THR C 150 48.99 -34.67 -4.45
N ASP C 151 47.85 -35.21 -4.89
CA ASP C 151 46.93 -35.95 -4.00
C ASP C 151 45.75 -36.51 -4.82
N ILE C 152 45.08 -37.46 -4.20
CA ILE C 152 43.90 -38.09 -4.80
C ILE C 152 42.85 -38.34 -3.72
N THR C 153 41.59 -38.20 -4.11
CA THR C 153 40.46 -38.33 -3.16
C THR C 153 39.29 -39.01 -3.81
N ILE C 154 39.00 -40.19 -3.27
CA ILE C 154 37.95 -41.04 -3.85
C ILE C 154 36.86 -41.25 -2.80
N LYS C 155 35.62 -41.08 -3.25
CA LYS C 155 34.43 -41.33 -2.43
C LYS C 155 33.42 -42.16 -3.24
N ALA C 156 32.33 -42.55 -2.58
CA ALA C 156 31.28 -43.36 -3.19
C ALA C 156 30.58 -42.41 -4.15
N GLU C 157 30.22 -42.94 -5.31
CA GLU C 157 29.64 -42.09 -6.38
C GLU C 157 28.44 -41.25 -5.92
N GLY C 158 27.53 -41.90 -5.18
CA GLY C 158 26.33 -41.23 -4.64
C GLY C 158 26.73 -40.05 -3.74
N SER C 159 27.89 -40.09 -3.15
CA SER C 159 28.34 -39.01 -2.26
C SER C 159 28.63 -37.71 -3.03
N GLY C 160 29.08 -37.84 -4.28
CA GLY C 160 29.38 -36.68 -5.13
C GLY C 160 28.10 -35.85 -5.38
N VAL C 161 27.02 -36.59 -5.59
CA VAL C 161 25.69 -35.98 -5.82
C VAL C 161 25.17 -35.26 -4.57
N LEU C 162 25.26 -35.94 -3.43
CA LEU C 162 24.85 -35.35 -2.14
C LEU C 162 25.62 -34.07 -1.82
N PHE C 163 26.90 -34.08 -2.18
CA PHE C 163 27.81 -32.97 -1.86
C PHE C 163 27.50 -31.76 -2.73
N LEU C 164 27.14 -32.07 -3.98
CA LEU C 164 26.85 -31.01 -4.95
C LEU C 164 25.61 -30.20 -4.52
N GLU C 165 24.60 -30.92 -4.03
CA GLU C 165 23.38 -30.28 -3.54
C GLU C 165 23.73 -29.46 -2.29
N GLN C 166 23.01 -28.37 -2.08
CA GLN C 166 23.17 -27.46 -0.93
C GLN C 166 22.19 -27.84 0.19
N GLU C 167 22.58 -28.84 0.95
CA GLU C 167 21.75 -29.34 2.07
C GLU C 167 22.65 -29.60 3.27
N ASN C 168 22.05 -29.40 4.43
CA ASN C 168 22.75 -29.69 5.69
C ASN C 168 22.04 -30.87 6.35
N PHE C 169 22.78 -31.71 7.05
CA PHE C 169 23.28 -32.95 6.43
C PHE C 169 24.06 -33.84 7.41
N LYS C 170 24.71 -33.20 8.38
CA LYS C 170 25.52 -33.93 9.36
C LYS C 170 24.70 -34.94 10.18
N ASN C 171 23.44 -34.59 10.45
CA ASN C 171 22.55 -35.43 11.25
C ASN C 171 21.17 -35.65 10.61
N LYS C 172 21.17 -35.75 9.29
CA LYS C 172 19.93 -35.91 8.53
C LYS C 172 19.92 -37.24 7.77
N ASN C 173 18.75 -37.57 7.25
CA ASN C 173 18.55 -38.75 6.41
C ASN C 173 18.20 -38.29 5.00
N VAL C 174 19.03 -38.69 4.07
CA VAL C 174 18.89 -38.30 2.67
C VAL C 174 19.01 -39.55 1.78
N ALA C 175 18.32 -39.52 0.65
CA ALA C 175 18.48 -40.58 -0.34
C ALA C 175 18.70 -39.98 -1.73
N VAL C 176 19.44 -40.74 -2.50
CA VAL C 176 19.76 -40.37 -3.89
C VAL C 176 19.02 -41.37 -4.78
N ILE C 177 18.08 -40.82 -5.54
CA ILE C 177 17.26 -41.62 -6.47
C ILE C 177 17.75 -41.37 -7.90
N ASP C 178 18.51 -42.34 -8.37
CA ASP C 178 19.23 -42.22 -9.65
C ASP C 178 18.52 -43.04 -10.72
N PHE C 179 17.83 -42.33 -11.61
CA PHE C 179 17.22 -42.97 -12.76
C PHE C 179 18.20 -43.12 -13.92
N GLY C 180 18.84 -44.29 -13.92
CA GLY C 180 19.82 -44.69 -14.95
C GLY C 180 19.11 -45.28 -16.17
N GLY C 181 19.92 -45.53 -17.19
CA GLY C 181 19.49 -46.14 -18.45
C GLY C 181 18.89 -47.54 -18.29
N LEU C 182 19.58 -48.35 -17.49
CA LEU C 182 19.19 -49.76 -17.30
C LEU C 182 18.67 -50.07 -15.88
N ASN C 183 19.00 -49.20 -14.93
CA ASN C 183 18.58 -49.40 -13.53
C ASN C 183 18.22 -48.08 -12.86
N MET C 184 17.46 -48.21 -11.78
CA MET C 184 17.11 -47.07 -10.91
C MET C 184 17.60 -47.38 -9.49
N GLY C 185 18.64 -46.63 -9.09
CA GLY C 185 19.37 -46.91 -7.84
C GLY C 185 19.14 -45.89 -6.74
N PHE C 186 18.84 -46.43 -5.56
CA PHE C 186 18.50 -45.62 -4.38
C PHE C 186 19.54 -45.90 -3.31
N SER C 187 20.22 -44.84 -2.94
CA SER C 187 21.25 -44.89 -1.90
C SER C 187 20.85 -43.94 -0.76
N LEU C 188 20.73 -44.49 0.43
CA LEU C 188 20.27 -43.73 1.60
C LEU C 188 21.45 -43.50 2.54
N TYR C 189 21.50 -42.27 3.04
CA TYR C 189 22.52 -41.79 3.98
C TYR C 189 21.86 -41.26 5.25
N ARG C 190 22.46 -41.60 6.37
CA ARG C 190 22.01 -41.12 7.68
C ARG C 190 23.22 -40.65 8.46
N ASN C 191 23.24 -39.37 8.80
CA ASN C 191 24.36 -38.76 9.55
C ASN C 191 25.66 -38.94 8.77
N CYS C 192 25.56 -38.67 7.46
CA CYS C 192 26.69 -38.70 6.50
C CYS C 192 27.26 -40.11 6.23
N VAL C 193 26.53 -41.15 6.61
CA VAL C 193 26.98 -42.53 6.36
C VAL C 193 25.90 -43.28 5.59
N VAL C 194 26.34 -43.93 4.54
CA VAL C 194 25.44 -44.76 3.73
C VAL C 194 24.83 -45.90 4.59
N ASN C 195 23.56 -46.12 4.38
CA ASN C 195 22.82 -47.17 5.09
C ASN C 195 22.42 -48.23 4.07
N PRO C 196 23.21 -49.31 4.00
CA PRO C 196 23.01 -50.42 3.06
C PRO C 196 21.65 -51.09 3.19
N SER C 197 21.19 -51.19 4.43
CA SER C 197 19.87 -51.77 4.75
C SER C 197 18.72 -50.97 4.14
N GLU C 198 18.98 -49.70 3.80
CA GLU C 198 17.94 -48.81 3.26
C GLU C 198 18.27 -48.32 1.85
N ARG C 199 19.14 -49.06 1.18
CA ARG C 199 19.49 -48.80 -0.23
C ARG C 199 19.10 -50.02 -1.06
N PHE C 200 18.83 -49.78 -2.33
CA PHE C 200 18.36 -50.85 -3.23
C PHE C 200 18.40 -50.39 -4.68
N ILE C 201 18.28 -51.38 -5.55
CA ILE C 201 18.28 -51.19 -7.00
C ILE C 201 17.05 -51.85 -7.61
N GLU C 202 16.50 -51.16 -8.60
CA GLU C 202 15.42 -51.73 -9.40
C GLU C 202 15.97 -51.88 -10.82
N GLU C 203 15.81 -53.10 -11.32
CA GLU C 203 16.43 -53.52 -12.58
C GLU C 203 15.68 -52.94 -13.81
N HIS C 204 15.15 -51.77 -13.72
CA HIS C 204 14.49 -51.13 -14.87
C HIS C 204 14.99 -49.71 -14.95
N GLY C 205 15.22 -49.27 -16.19
CA GLY C 205 15.76 -47.94 -16.42
C GLY C 205 14.91 -47.16 -17.43
N VAL C 206 15.53 -46.12 -17.98
CA VAL C 206 14.90 -45.27 -19.02
C VAL C 206 14.65 -46.07 -20.30
N LYS C 207 15.60 -46.97 -20.61
CA LYS C 207 15.50 -47.81 -21.80
C LYS C 207 14.25 -48.67 -21.70
N ASP C 208 14.01 -49.22 -20.51
CA ASP C 208 12.78 -49.97 -20.23
C ASP C 208 11.51 -49.11 -20.31
N LEU C 209 11.68 -47.88 -19.88
CA LEU C 209 10.58 -46.91 -19.88
C LEU C 209 10.11 -46.62 -21.30
N ILE C 210 11.03 -46.12 -22.11
CA ILE C 210 10.77 -45.76 -23.51
C ILE C 210 10.30 -46.97 -24.31
N ILE C 211 10.82 -48.14 -23.91
CA ILE C 211 10.48 -49.42 -24.52
C ILE C 211 9.04 -49.85 -24.33
N ARG C 212 8.68 -49.70 -23.08
CA ARG C 212 7.35 -50.07 -22.61
C ARG C 212 6.32 -49.13 -23.23
N VAL C 213 6.75 -47.92 -23.53
CA VAL C 213 5.88 -46.90 -24.15
C VAL C 213 5.74 -47.15 -25.66
N GLY C 214 6.90 -47.34 -26.30
CA GLY C 214 6.97 -47.57 -27.75
C GLY C 214 6.13 -48.79 -28.13
N ASP C 215 6.01 -49.71 -27.19
CA ASP C 215 5.23 -50.95 -27.38
C ASP C 215 5.82 -51.76 -28.54
N ALA C 216 7.14 -51.68 -28.69
CA ALA C 216 7.85 -52.40 -29.76
C ALA C 216 9.33 -52.50 -29.39
N LEU C 217 9.93 -53.61 -29.79
CA LEU C 217 11.35 -53.89 -29.48
C LEU C 217 12.25 -52.83 -30.14
N THR C 218 11.85 -52.45 -31.34
CA THR C 218 12.58 -51.38 -32.04
C THR C 218 11.63 -50.25 -31.96
N ASP C 219 11.97 -49.21 -32.67
CA ASP C 219 10.88 -48.32 -32.84
C ASP C 219 10.63 -47.28 -31.74
N LEU C 220 11.71 -47.04 -31.01
CA LEU C 220 11.59 -46.31 -29.77
C LEU C 220 12.44 -45.13 -29.78
N ASN C 221 13.74 -45.10 -29.54
CA ASN C 221 14.58 -43.92 -29.89
C ASN C 221 13.69 -42.85 -30.53
N ASN C 222 13.98 -41.62 -30.40
CA ASN C 222 13.07 -40.62 -30.97
C ASN C 222 12.72 -40.76 -32.47
N GLY C 223 13.55 -41.57 -33.14
CA GLY C 223 13.26 -42.04 -34.50
C GLY C 223 13.56 -43.52 -34.58
N ASN C 224 12.51 -44.29 -34.57
CA ASN C 224 12.69 -45.72 -34.69
C ASN C 224 12.81 -46.27 -36.11
N LEU C 225 12.10 -45.60 -37.01
CA LEU C 225 12.19 -45.85 -38.43
C LEU C 225 12.38 -44.50 -39.10
N ILE C 226 13.50 -44.37 -39.80
CA ILE C 226 13.86 -43.09 -40.43
C ILE C 226 12.87 -42.68 -41.53
N THR C 227 12.23 -43.66 -42.14
CA THR C 227 11.23 -43.40 -43.19
C THR C 227 9.89 -42.89 -42.62
N ASN C 228 9.91 -42.47 -41.36
CA ASN C 228 8.76 -41.82 -40.73
C ASN C 228 9.13 -40.36 -40.45
N GLU C 229 8.17 -39.49 -40.67
CA GLU C 229 8.37 -38.04 -40.47
C GLU C 229 8.78 -37.75 -39.03
N GLN C 230 9.57 -36.70 -38.85
CA GLN C 230 10.05 -36.28 -37.52
C GLN C 230 8.85 -36.15 -36.60
N ALA C 231 8.87 -36.93 -35.52
CA ALA C 231 7.80 -36.96 -34.47
C ALA C 231 7.09 -38.31 -34.45
N GLU C 232 6.99 -38.93 -35.62
CA GLU C 232 6.36 -40.24 -35.73
C GLU C 232 7.34 -41.27 -35.23
N SER C 233 6.77 -42.17 -34.42
CA SER C 233 7.47 -43.29 -33.82
C SER C 233 8.66 -42.80 -32.98
N ALA C 234 8.29 -41.86 -32.12
CA ALA C 234 9.14 -41.25 -31.09
C ALA C 234 9.94 -42.36 -30.36
N LEU C 235 10.29 -42.28 -29.09
CA LEU C 235 9.70 -41.51 -28.01
C LEU C 235 10.65 -40.49 -27.43
N ASN C 236 11.89 -40.94 -27.28
CA ASN C 236 12.92 -40.13 -26.62
C ASN C 236 13.00 -38.75 -27.27
N ASN C 237 12.67 -38.65 -28.55
CA ASN C 237 12.62 -37.31 -29.19
C ASN C 237 11.21 -36.98 -29.53
N GLY C 238 10.87 -36.12 -28.60
CA GLY C 238 9.55 -35.50 -28.64
C GLY C 238 8.72 -36.00 -27.47
N TYR C 239 7.90 -35.10 -26.99
CA TYR C 239 6.97 -35.38 -25.89
C TYR C 239 5.55 -35.57 -26.45
N MET C 240 4.62 -34.75 -25.99
CA MET C 240 3.25 -34.73 -26.49
C MET C 240 3.14 -33.57 -27.49
N LYS C 241 3.73 -33.80 -28.65
CA LYS C 241 3.86 -32.73 -29.68
C LYS C 241 2.98 -32.98 -30.92
N LYS C 242 2.06 -33.92 -30.82
CA LYS C 242 1.13 -34.21 -31.93
C LYS C 242 -0.13 -33.38 -31.74
N GLY C 243 -0.15 -32.24 -32.46
CA GLY C 243 -1.25 -31.26 -32.36
C GLY C 243 -2.52 -31.68 -33.11
N GLY C 244 -2.60 -32.98 -33.42
CA GLY C 244 -3.77 -33.57 -34.07
C GLY C 244 -4.68 -34.10 -32.96
N GLU C 245 -5.71 -33.33 -32.64
CA GLU C 245 -6.65 -33.65 -31.54
C GLU C 245 -7.28 -35.05 -31.68
N ILE C 246 -7.19 -35.62 -32.88
CA ILE C 246 -7.75 -36.94 -33.17
C ILE C 246 -6.84 -38.11 -32.73
N ASP C 247 -5.53 -37.88 -32.71
CA ASP C 247 -4.57 -38.93 -32.35
C ASP C 247 -4.81 -39.42 -30.92
N THR C 248 -4.65 -40.73 -30.75
CA THR C 248 -4.85 -41.36 -29.43
C THR C 248 -3.59 -42.01 -28.86
N GLU C 249 -2.50 -41.94 -29.63
CA GLU C 249 -1.18 -42.37 -29.13
C GLU C 249 -0.78 -41.45 -27.97
N SER C 250 0.13 -41.94 -27.13
CA SER C 250 0.66 -41.11 -26.02
C SER C 250 0.97 -39.70 -26.52
N SER C 251 0.94 -38.63 -25.74
CA SER C 251 0.83 -38.45 -24.27
C SER C 251 0.16 -39.44 -23.31
N THR C 252 -0.93 -40.04 -23.70
CA THR C 252 -1.68 -40.92 -22.77
C THR C 252 -0.82 -42.07 -22.23
N VAL C 253 -0.01 -42.64 -23.12
CA VAL C 253 0.86 -43.78 -22.78
C VAL C 253 1.92 -43.34 -21.78
N ILE C 254 2.58 -42.22 -22.07
CA ILE C 254 3.66 -41.69 -21.21
C ILE C 254 3.22 -41.62 -19.74
N LYS C 255 2.11 -40.92 -19.50
CA LYS C 255 1.61 -40.71 -18.13
C LYS C 255 1.24 -42.05 -17.49
N LYS C 256 0.87 -43.02 -18.31
CA LYS C 256 0.51 -44.36 -17.86
C LYS C 256 1.68 -45.20 -17.40
N VAL C 257 2.72 -45.19 -18.23
CA VAL C 257 3.96 -45.91 -17.91
C VAL C 257 4.65 -45.28 -16.68
N LYS C 258 4.77 -43.96 -16.73
CA LYS C 258 5.42 -43.18 -15.67
C LYS C 258 4.63 -43.29 -14.36
N GLU C 259 3.31 -43.42 -14.49
CA GLU C 259 2.43 -43.53 -13.32
C GLU C 259 2.75 -44.79 -12.52
N LYS C 260 2.98 -45.87 -13.25
CA LYS C 260 3.33 -47.17 -12.64
C LYS C 260 4.77 -47.18 -12.13
N PHE C 261 5.65 -46.49 -12.85
CA PHE C 261 7.07 -46.43 -12.48
C PHE C 261 7.25 -45.69 -11.15
N LEU C 262 6.53 -44.57 -11.02
CA LEU C 262 6.57 -43.74 -9.80
C LEU C 262 5.92 -44.43 -8.61
N LYS C 263 4.84 -45.17 -8.89
CA LYS C 263 4.12 -45.89 -7.83
C LYS C 263 4.99 -47.03 -7.29
N ASP C 264 5.75 -47.66 -8.18
CA ASP C 264 6.63 -48.76 -7.79
C ASP C 264 7.82 -48.21 -6.98
N ALA C 265 8.38 -47.10 -7.42
CA ALA C 265 9.55 -46.50 -6.77
C ALA C 265 9.25 -46.05 -5.34
N ILE C 266 8.14 -45.32 -5.19
CA ILE C 266 7.74 -44.78 -3.88
C ILE C 266 7.28 -45.88 -2.93
N LYS C 267 6.67 -46.92 -3.52
CA LYS C 267 6.18 -48.07 -2.74
C LYS C 267 7.37 -48.82 -2.12
N LEU C 268 8.44 -48.95 -2.89
CA LEU C 268 9.68 -49.59 -2.42
C LEU C 268 10.35 -48.74 -1.35
N ILE C 269 10.26 -47.42 -1.52
CA ILE C 269 10.83 -46.46 -0.56
C ILE C 269 10.20 -46.64 0.80
N GLU C 270 8.88 -46.70 0.80
CA GLU C 270 8.13 -46.78 2.06
C GLU C 270 8.34 -48.14 2.75
N LYS C 271 8.62 -49.17 1.94
CA LYS C 271 8.90 -50.51 2.46
C LYS C 271 10.31 -50.59 3.09
N ARG C 272 11.28 -50.08 2.36
CA ARG C 272 12.69 -50.19 2.77
C ARG C 272 13.18 -48.99 3.61
N GLY C 273 13.02 -47.81 3.01
CA GLY C 273 13.47 -46.55 3.59
C GLY C 273 12.71 -46.20 4.85
N PHE C 274 11.36 -46.25 4.79
CA PHE C 274 10.39 -45.96 5.86
C PHE C 274 9.44 -44.81 5.50
N LYS C 275 8.85 -44.21 6.53
CA LYS C 275 7.92 -43.08 6.39
C LYS C 275 8.63 -41.99 5.61
N LEU C 276 8.04 -41.59 4.49
CA LEU C 276 8.60 -40.52 3.65
C LEU C 276 8.82 -39.20 4.39
N ASP C 277 8.19 -39.10 5.57
CA ASP C 277 8.35 -37.92 6.43
C ASP C 277 9.66 -37.94 7.24
N GLN C 278 10.22 -39.12 7.44
CA GLN C 278 11.50 -39.24 8.16
C GLN C 278 12.71 -38.92 7.28
N LEU C 279 12.44 -38.71 5.99
CA LEU C 279 13.47 -38.35 5.01
C LEU C 279 13.52 -36.83 4.87
N ASP C 280 14.72 -36.30 4.97
CA ASP C 280 14.95 -34.84 4.89
C ASP C 280 14.95 -34.35 3.44
N SER C 281 15.44 -35.20 2.55
CA SER C 281 15.49 -34.88 1.12
C SER C 281 15.85 -36.12 0.30
N LEU C 282 15.28 -36.15 -0.89
CA LEU C 282 15.55 -37.20 -1.88
C LEU C 282 16.00 -36.51 -3.16
N ILE C 283 17.29 -36.62 -3.44
CA ILE C 283 17.89 -36.00 -4.64
C ILE C 283 17.58 -36.91 -5.82
N PHE C 284 17.06 -36.28 -6.87
CA PHE C 284 16.62 -37.02 -8.06
C PHE C 284 17.66 -36.77 -9.12
N ILE C 285 18.39 -37.81 -9.49
CA ILE C 285 19.52 -37.69 -10.44
C ILE C 285 19.44 -38.83 -11.47
N GLY C 286 20.31 -38.72 -12.48
CA GLY C 286 20.35 -39.69 -13.56
C GLY C 286 19.73 -39.08 -14.81
N GLY C 287 19.93 -39.79 -15.93
CA GLY C 287 19.40 -39.36 -17.24
C GLY C 287 17.87 -39.18 -17.21
N THR C 288 17.21 -39.96 -16.38
CA THR C 288 15.73 -39.91 -16.29
C THR C 288 15.22 -38.83 -15.34
N THR C 289 16.09 -38.19 -14.59
CA THR C 289 15.60 -37.20 -13.62
C THR C 289 14.68 -36.15 -14.26
N GLN C 290 15.15 -35.55 -15.33
CA GLN C 290 14.38 -34.50 -16.01
C GLN C 290 12.98 -35.00 -16.42
N LYS C 291 12.90 -36.30 -16.69
CA LYS C 291 11.64 -36.92 -17.13
C LYS C 291 10.63 -37.11 -16.00
N LEU C 292 11.10 -37.43 -14.80
CA LEU C 292 10.22 -37.80 -13.69
C LEU C 292 10.12 -36.78 -12.55
N LYS C 293 11.05 -35.83 -12.50
CA LYS C 293 11.09 -34.87 -11.39
C LYS C 293 9.74 -34.16 -11.17
N GLU C 294 9.08 -33.81 -12.25
CA GLU C 294 7.80 -33.08 -12.14
C GLU C 294 6.71 -33.91 -11.42
N GLN C 295 6.53 -35.14 -11.88
CA GLN C 295 5.50 -35.99 -11.30
C GLN C 295 5.77 -36.39 -9.87
N ILE C 296 7.05 -36.58 -9.58
CA ILE C 296 7.41 -36.91 -8.20
C ILE C 296 7.09 -35.77 -7.23
N SER C 297 7.36 -34.56 -7.68
CA SER C 297 7.14 -33.36 -6.87
C SER C 297 5.67 -33.22 -6.48
N LYS C 298 4.80 -33.70 -7.36
CA LYS C 298 3.35 -33.70 -7.11
C LYS C 298 2.91 -34.92 -6.29
N THR C 299 3.71 -35.98 -6.36
CA THR C 299 3.46 -37.21 -5.59
C THR C 299 3.63 -36.92 -4.09
N TYR C 300 4.74 -36.26 -3.76
CA TYR C 300 5.06 -35.85 -2.39
C TYR C 300 5.65 -34.43 -2.38
N PRO C 301 5.06 -33.56 -1.55
CA PRO C 301 5.52 -32.17 -1.38
C PRO C 301 6.70 -32.06 -0.42
N ASN C 302 7.57 -31.09 -0.71
CA ASN C 302 8.71 -30.70 0.14
C ASN C 302 9.74 -31.81 0.46
N ASN C 303 9.96 -32.73 -0.47
CA ASN C 303 10.97 -33.77 -0.23
C ASN C 303 11.97 -33.94 -1.38
N SER C 304 11.46 -33.95 -2.59
CA SER C 304 12.29 -34.16 -3.79
C SER C 304 13.00 -32.88 -4.21
N ILE C 305 14.23 -33.05 -4.65
CA ILE C 305 15.07 -31.93 -5.12
C ILE C 305 15.88 -32.41 -6.33
N ILE C 306 16.08 -31.48 -7.26
CA ILE C 306 16.89 -31.73 -8.45
C ILE C 306 17.91 -30.60 -8.62
N THR C 307 19.05 -30.96 -9.21
CA THR C 307 20.08 -29.97 -9.55
C THR C 307 20.12 -29.84 -11.08
N ASN C 308 20.47 -28.64 -11.53
CA ASN C 308 20.64 -28.39 -12.98
C ASN C 308 21.85 -29.17 -13.50
N ASN C 309 21.75 -29.61 -14.75
CA ASN C 309 22.80 -30.43 -15.39
C ASN C 309 23.17 -31.59 -14.46
N SER C 310 22.20 -32.47 -14.26
CA SER C 310 22.36 -33.65 -13.38
C SER C 310 23.58 -34.49 -13.77
N GLN C 311 23.91 -34.45 -15.05
CA GLN C 311 25.08 -35.18 -15.57
C GLN C 311 26.42 -34.78 -14.92
N TRP C 312 26.51 -33.53 -14.49
CA TRP C 312 27.72 -33.02 -13.81
C TRP C 312 27.58 -32.95 -12.29
N THR C 313 26.54 -33.58 -11.77
CA THR C 313 26.33 -33.58 -10.32
C THR C 313 27.45 -34.17 -9.47
N THR C 314 27.90 -35.32 -9.94
CA THR C 314 28.96 -36.05 -9.22
C THR C 314 30.25 -35.23 -9.24
N CYS C 315 30.61 -34.77 -10.43
CA CYS C 315 31.85 -34.01 -10.62
C CYS C 315 31.86 -32.71 -9.79
N GLU C 316 30.73 -32.03 -9.73
CA GLU C 316 30.68 -30.79 -8.94
C GLU C 316 30.82 -31.08 -7.45
N GLY C 317 30.37 -32.29 -7.07
CA GLY C 317 30.50 -32.79 -5.69
C GLY C 317 31.95 -33.14 -5.35
N LEU C 318 32.57 -33.86 -6.28
CA LEU C 318 33.96 -34.27 -6.13
C LEU C 318 34.90 -33.05 -6.14
N TYR C 319 34.57 -32.06 -6.96
CA TYR C 319 35.38 -30.84 -7.04
C TYR C 319 35.52 -30.13 -5.70
N LYS C 320 34.44 -30.16 -4.93
CA LYS C 320 34.41 -29.50 -3.60
C LYS C 320 35.35 -30.21 -2.63
N VAL C 321 35.39 -31.53 -2.66
CA VAL C 321 36.34 -32.26 -1.80
C VAL C 321 37.78 -32.06 -2.28
N ALA C 322 37.92 -31.88 -3.57
CA ALA C 322 39.25 -31.68 -4.12
C ALA C 322 39.83 -30.31 -3.82
N VAL C 323 38.95 -29.32 -3.64
CA VAL C 323 39.38 -27.99 -3.19
C VAL C 323 39.95 -28.08 -1.76
N ALA C 324 39.30 -28.93 -0.96
CA ALA C 324 39.70 -29.17 0.43
C ALA C 324 41.03 -29.92 0.46
N LYS C 325 41.21 -30.82 -0.50
CA LYS C 325 42.46 -31.58 -0.64
C LYS C 325 43.60 -30.68 -1.12
N TYR C 326 43.21 -29.73 -1.96
CA TYR C 326 44.16 -28.74 -2.50
C TYR C 326 44.71 -27.85 -1.37
N CYS C 327 43.83 -27.48 -0.44
CA CYS C 327 44.26 -26.70 0.74
C CYS C 327 45.19 -27.53 1.64
N ILE C 328 44.89 -28.73 1.79
N THR D 5 62.68 -42.81 -42.01
CA THR D 5 62.57 -43.59 -43.25
C THR D 5 61.60 -42.96 -44.26
N ASN D 6 61.75 -43.39 -45.50
CA ASN D 6 60.91 -42.96 -46.63
C ASN D 6 60.01 -44.11 -47.06
N GLU D 7 58.92 -44.27 -46.32
CA GLU D 7 58.04 -45.40 -46.60
C GLU D 7 56.67 -44.81 -47.10
N TYR D 8 56.03 -45.52 -48.00
CA TYR D 8 54.70 -45.14 -48.54
C TYR D 8 53.67 -46.22 -48.18
N VAL D 9 52.42 -45.87 -48.37
CA VAL D 9 51.32 -46.78 -48.11
C VAL D 9 50.62 -47.12 -49.43
N MET D 10 50.59 -48.41 -49.71
CA MET D 10 49.85 -48.92 -50.87
C MET D 10 48.64 -49.69 -50.39
N THR D 11 47.52 -49.30 -50.96
CA THR D 11 46.25 -49.96 -50.65
C THR D 11 45.73 -50.63 -51.90
N LEU D 12 45.44 -51.91 -51.74
CA LEU D 12 44.98 -52.74 -52.86
C LEU D 12 43.70 -53.48 -52.52
N ASP D 13 42.88 -53.66 -53.54
CA ASP D 13 41.61 -54.38 -53.43
C ASP D 13 41.43 -55.27 -54.65
N ALA D 14 41.82 -56.53 -54.51
CA ALA D 14 41.68 -57.53 -55.57
C ALA D 14 40.29 -58.17 -55.49
N GLY D 15 39.32 -57.48 -56.09
CA GLY D 15 37.91 -57.86 -55.96
C GLY D 15 37.40 -58.63 -57.17
N LYS D 16 36.09 -58.81 -57.17
CA LYS D 16 35.33 -59.51 -58.22
C LYS D 16 36.10 -59.51 -59.56
N TYR D 17 35.79 -58.52 -60.39
CA TYR D 17 36.32 -58.47 -61.76
C TYR D 17 37.24 -57.26 -61.94
N GLU D 18 37.40 -56.48 -60.88
CA GLU D 18 38.29 -55.31 -60.95
C GLU D 18 39.25 -55.25 -59.76
N THR D 19 40.42 -54.70 -60.04
CA THR D 19 41.44 -54.45 -59.01
C THR D 19 41.55 -52.94 -58.81
N LYS D 20 41.40 -52.53 -57.56
CA LYS D 20 41.53 -51.11 -57.19
C LYS D 20 42.83 -50.92 -56.42
N LEU D 21 43.52 -49.83 -56.73
CA LEU D 21 44.80 -49.51 -56.08
C LEU D 21 44.91 -48.01 -55.82
N ILE D 22 45.56 -47.67 -54.72
CA ILE D 22 45.75 -46.27 -54.33
C ILE D 22 47.09 -46.08 -53.59
N GLY D 23 47.79 -45.04 -54.01
CA GLY D 23 49.03 -44.60 -53.34
C GLY D 23 49.00 -43.09 -53.31
N LYS D 24 49.57 -42.52 -52.25
CA LYS D 24 49.61 -41.05 -52.11
C LYS D 24 50.45 -40.38 -53.19
N ASN D 25 51.43 -41.13 -53.68
CA ASN D 25 52.30 -40.64 -54.76
C ASN D 25 51.55 -40.57 -56.09
N LYS D 26 50.79 -41.62 -56.37
CA LYS D 26 50.02 -41.62 -57.63
C LYS D 26 48.85 -40.66 -57.56
N LYS D 27 48.16 -40.69 -56.43
CA LYS D 27 47.00 -39.80 -56.23
C LYS D 27 47.42 -38.33 -56.39
N GLY D 28 48.64 -38.04 -55.94
CA GLY D 28 49.22 -36.69 -56.00
C GLY D 28 49.45 -36.18 -57.43
N THR D 29 49.65 -37.12 -58.35
CA THR D 29 50.02 -36.79 -59.74
C THR D 29 48.83 -36.94 -60.71
N THR D 30 48.06 -37.99 -60.52
CA THR D 30 46.91 -38.26 -61.40
C THR D 30 45.63 -37.95 -60.62
N GLU D 31 44.66 -37.41 -61.35
CA GLU D 31 43.40 -36.96 -60.73
C GLU D 31 42.34 -38.05 -60.69
N ASP D 32 42.50 -39.02 -61.58
CA ASP D 32 41.51 -40.06 -61.62
C ASP D 32 41.45 -40.74 -60.22
N ILE D 33 40.68 -41.79 -60.17
CA ILE D 33 40.46 -42.45 -58.89
C ILE D 33 41.24 -43.69 -58.64
N LYS D 34 42.42 -43.91 -59.08
CA LYS D 34 43.34 -42.99 -59.70
C LYS D 34 44.45 -42.31 -58.89
N ARG D 35 45.13 -43.10 -58.04
CA ARG D 35 44.83 -44.51 -57.74
C ARG D 35 44.73 -45.28 -59.13
N VAL D 36 43.92 -46.28 -59.20
CA VAL D 36 43.44 -46.95 -60.42
C VAL D 36 42.40 -48.09 -60.21
N ILE D 37 41.58 -48.26 -61.21
CA ILE D 37 40.61 -49.37 -61.24
C ILE D 37 40.66 -50.00 -62.63
N PHE D 38 41.15 -51.23 -62.66
CA PHE D 38 41.31 -51.98 -63.91
C PHE D 38 40.72 -53.39 -63.76
N LYS D 39 40.19 -53.90 -64.87
CA LYS D 39 39.60 -55.25 -64.88
C LYS D 39 40.68 -56.27 -64.47
N THR D 40 40.27 -57.26 -63.71
CA THR D 40 41.15 -58.34 -63.23
C THR D 40 41.48 -59.31 -64.38
N LYS D 41 42.19 -58.76 -65.36
CA LYS D 41 42.65 -59.51 -66.52
C LYS D 41 44.11 -59.13 -66.77
N ILE D 42 44.85 -60.08 -67.31
CA ILE D 42 46.27 -59.86 -67.59
C ILE D 42 46.61 -60.49 -68.94
N TYR D 43 47.55 -59.87 -69.62
CA TYR D 43 48.03 -60.38 -70.91
C TYR D 43 49.55 -60.42 -70.94
N ASN D 44 50.09 -60.83 -72.07
CA ASN D 44 51.53 -60.90 -72.28
C ASN D 44 51.84 -60.51 -73.72
N LEU D 45 52.99 -59.89 -73.90
CA LEU D 45 53.38 -59.40 -75.23
C LEU D 45 54.34 -60.38 -75.87
N GLU D 46 53.79 -61.12 -76.83
CA GLU D 46 54.57 -62.13 -77.57
C GLU D 46 54.79 -61.66 -79.00
N ASP D 47 55.86 -62.19 -79.60
CA ASP D 47 56.27 -61.83 -80.97
C ASP D 47 55.21 -62.23 -82.01
N GLY D 48 54.31 -63.14 -81.61
CA GLY D 48 53.21 -63.57 -82.50
C GLY D 48 52.11 -62.50 -82.63
N TYR D 49 52.40 -61.28 -82.16
CA TYR D 49 51.44 -60.17 -82.14
C TYR D 49 52.19 -58.84 -82.10
N ILE D 50 51.44 -57.77 -82.36
CA ILE D 50 51.97 -56.40 -82.41
C ILE D 50 51.51 -55.61 -81.19
N ASP D 51 52.47 -55.25 -80.37
CA ASP D 51 52.18 -54.39 -79.20
C ASP D 51 51.63 -53.02 -79.57
N ILE D 52 50.84 -52.46 -78.68
CA ILE D 52 50.23 -51.13 -78.85
C ILE D 52 50.28 -50.34 -77.52
N GLU D 53 50.31 -49.04 -77.64
CA GLU D 53 50.26 -48.17 -76.45
C GLU D 53 48.94 -48.29 -75.69
N GLY D 54 49.05 -48.03 -74.38
CA GLY D 54 47.89 -48.14 -73.50
C GLY D 54 47.03 -46.87 -73.38
N ASN D 55 46.00 -46.92 -72.55
CA ASN D 55 46.08 -47.07 -71.08
C ASN D 55 46.40 -48.50 -70.65
N SER D 56 47.68 -48.82 -70.74
CA SER D 56 48.21 -50.15 -70.45
C SER D 56 49.73 -50.06 -70.42
N HIS D 57 50.29 -50.86 -69.54
CA HIS D 57 51.74 -50.86 -69.30
C HIS D 57 52.32 -52.25 -69.47
N LYS D 58 53.64 -52.25 -69.64
CA LYS D 58 54.39 -53.49 -69.74
C LYS D 58 55.22 -53.65 -68.45
N ILE D 59 55.21 -54.86 -67.93
CA ILE D 59 55.93 -55.17 -66.69
C ILE D 59 56.84 -56.39 -66.90
N GLU D 60 57.97 -56.38 -66.21
CA GLU D 60 58.91 -57.49 -66.27
C GLU D 60 58.76 -58.33 -65.01
N LEU D 61 58.32 -59.54 -65.25
CA LEU D 61 58.21 -60.52 -64.18
C LEU D 61 58.58 -61.90 -64.77
N ASP D 62 59.34 -62.65 -64.00
CA ASP D 62 59.89 -63.95 -64.44
C ASP D 62 60.80 -63.68 -65.67
N GLY D 63 60.48 -64.35 -66.76
CA GLY D 63 60.85 -63.92 -68.13
C GLY D 63 59.44 -63.72 -68.71
N LYS D 64 59.17 -62.95 -69.80
CA LYS D 64 57.79 -62.48 -70.13
C LYS D 64 57.58 -61.02 -69.77
N GLU D 65 57.00 -60.37 -70.75
CA GLU D 65 56.57 -59.00 -70.58
C GLU D 65 55.06 -59.00 -70.36
N TYR D 66 54.68 -58.90 -69.09
CA TYR D 66 53.27 -58.92 -68.73
C TYR D 66 52.62 -57.61 -69.13
N LEU D 67 51.33 -57.73 -69.36
CA LEU D 67 50.59 -56.60 -69.82
C LEU D 67 49.34 -56.45 -68.95
N ILE D 68 49.09 -55.22 -68.53
CA ILE D 68 48.03 -54.88 -67.57
C ILE D 68 47.60 -53.43 -67.75
N GLY D 69 46.29 -53.23 -67.67
CA GLY D 69 45.71 -51.88 -67.75
C GLY D 69 44.93 -51.70 -69.05
N GLU D 70 45.45 -52.30 -70.13
CA GLU D 70 44.72 -52.30 -71.41
C GLU D 70 43.55 -53.25 -71.27
N GLN D 71 42.65 -53.14 -72.22
CA GLN D 71 41.48 -54.03 -72.23
C GLN D 71 41.60 -55.14 -73.30
N GLY D 72 42.65 -55.02 -74.10
CA GLY D 72 42.88 -55.90 -75.26
C GLY D 72 42.85 -55.10 -76.56
N VAL D 73 43.10 -53.80 -76.42
CA VAL D 73 43.33 -52.89 -77.55
C VAL D 73 44.78 -53.07 -78.06
N GLU D 74 45.59 -53.68 -77.21
CA GLU D 74 47.00 -53.82 -77.52
C GLU D 74 47.41 -55.27 -77.63
N ASP D 75 46.55 -56.23 -77.38
CA ASP D 75 46.95 -57.65 -77.46
C ASP D 75 45.69 -58.51 -77.47
N SER D 76 45.90 -59.76 -77.86
CA SER D 76 44.83 -60.77 -77.89
C SER D 76 45.03 -61.82 -76.79
N SER D 77 46.15 -61.71 -76.08
CA SER D 77 46.51 -62.63 -74.98
C SER D 77 45.75 -62.34 -73.68
N GLU D 78 44.98 -61.27 -73.63
CA GLU D 78 44.23 -60.90 -72.41
C GLU D 78 43.27 -62.01 -71.98
N THR D 79 42.64 -62.65 -72.98
CA THR D 79 41.70 -63.75 -72.72
C THR D 79 42.38 -64.95 -72.07
N SER D 80 43.64 -65.18 -72.47
CA SER D 80 44.47 -66.27 -71.95
C SER D 80 44.78 -66.07 -70.47
N LYS D 81 44.93 -67.18 -69.76
CA LYS D 81 45.22 -67.16 -68.31
C LYS D 81 46.30 -68.17 -67.91
N THR D 82 46.91 -67.91 -66.77
CA THR D 82 47.95 -68.79 -66.22
C THR D 82 47.67 -69.13 -64.74
N ASN D 83 48.45 -70.03 -64.16
CA ASN D 83 48.19 -70.60 -62.81
C ASN D 83 49.19 -70.11 -61.74
N LEU D 84 49.08 -68.82 -61.43
CA LEU D 84 50.11 -67.83 -61.81
C LEU D 84 49.40 -66.53 -62.19
N ILE D 85 48.17 -66.69 -62.67
CA ILE D 85 47.31 -65.58 -63.10
C ILE D 85 47.23 -64.49 -62.03
N HIS D 86 46.83 -64.93 -60.83
CA HIS D 86 46.61 -64.03 -59.70
C HIS D 86 47.95 -63.49 -59.21
N LYS D 87 48.95 -64.36 -59.16
CA LYS D 87 50.29 -63.95 -58.67
C LYS D 87 50.92 -62.88 -59.56
N LEU D 88 50.66 -62.98 -60.86
CA LEU D 88 51.13 -61.98 -61.83
C LEU D 88 50.38 -60.68 -61.70
N ALA D 89 49.07 -60.81 -61.46
CA ALA D 89 48.18 -59.66 -61.25
C ALA D 89 48.63 -58.84 -60.04
N ALA D 90 49.05 -59.55 -58.98
CA ALA D 90 49.52 -58.91 -57.74
C ALA D 90 50.78 -58.08 -57.99
N TYR D 91 51.67 -58.64 -58.81
CA TYR D 91 52.96 -58.02 -59.08
C TYR D 91 52.76 -56.81 -59.93
N THR D 92 51.86 -56.88 -60.89
CA THR D 92 51.56 -55.77 -61.81
C THR D 92 50.80 -54.63 -61.11
N ALA D 93 49.95 -55.01 -60.17
CA ALA D 93 49.19 -54.05 -59.37
C ALA D 93 50.15 -53.29 -58.43
N ILE D 94 51.09 -54.00 -57.85
CA ILE D 94 52.11 -53.37 -56.98
C ILE D 94 53.00 -52.44 -57.81
N THR D 95 53.29 -52.88 -59.03
CA THR D 95 54.18 -52.12 -59.94
C THR D 95 53.57 -50.79 -60.33
N GLN D 96 52.29 -50.84 -60.66
CA GLN D 96 51.57 -49.65 -61.11
C GLN D 96 51.46 -48.71 -59.92
N VAL D 97 51.66 -47.42 -60.19
CA VAL D 97 51.54 -46.39 -59.13
C VAL D 97 52.65 -46.60 -58.07
N LEU D 98 53.84 -46.97 -58.53
CA LEU D 98 54.95 -47.20 -57.60
C LEU D 98 56.20 -46.51 -58.11
N ASP D 99 56.30 -45.24 -57.78
CA ASP D 99 57.47 -44.42 -58.15
C ASP D 99 57.94 -43.54 -56.99
N SER D 100 59.10 -43.83 -56.48
CA SER D 100 59.62 -43.00 -55.39
C SER D 100 60.19 -41.69 -56.00
N ASN D 101 61.30 -41.72 -56.77
CA ASN D 101 62.55 -42.45 -56.53
C ASN D 101 62.57 -43.92 -56.98
N LYS D 102 63.80 -44.36 -57.19
CA LYS D 102 64.10 -45.72 -57.65
C LYS D 102 63.71 -46.78 -56.60
N ASN D 103 64.14 -46.54 -55.37
CA ASN D 103 63.85 -47.46 -54.25
C ASN D 103 62.55 -47.02 -53.55
N ASN D 104 61.56 -47.89 -53.65
CA ASN D 104 60.23 -47.62 -53.09
C ASN D 104 59.94 -48.58 -51.93
N LYS D 105 60.01 -48.02 -50.74
CA LYS D 105 59.71 -48.76 -49.50
C LYS D 105 58.26 -48.50 -49.13
N VAL D 106 57.53 -49.58 -48.92
CA VAL D 106 56.10 -49.45 -48.62
C VAL D 106 55.65 -50.40 -47.50
N GLN D 107 54.38 -50.20 -47.20
CA GLN D 107 53.56 -51.06 -46.37
C GLN D 107 52.32 -51.32 -47.23
N LEU D 108 51.85 -52.56 -47.21
CA LEU D 108 50.70 -52.93 -48.04
C LEU D 108 49.50 -53.26 -47.16
N VAL D 109 48.42 -52.57 -47.45
CA VAL D 109 47.15 -52.85 -46.81
C VAL D 109 46.16 -53.38 -47.86
N LEU D 110 45.58 -54.52 -47.54
CA LEU D 110 44.60 -55.14 -48.42
C LEU D 110 43.59 -55.95 -47.59
N ALA D 111 42.59 -56.48 -48.29
CA ALA D 111 41.53 -57.31 -47.71
C ALA D 111 41.33 -58.65 -48.46
N CYS D 112 40.57 -59.50 -47.84
CA CYS D 112 40.22 -60.80 -48.45
C CYS D 112 38.85 -61.20 -47.93
N PRO D 113 38.19 -62.13 -48.63
CA PRO D 113 36.85 -62.63 -48.23
C PRO D 113 36.87 -62.97 -46.74
N LEU D 114 35.80 -62.63 -46.05
CA LEU D 114 35.69 -62.85 -44.59
C LEU D 114 35.89 -64.31 -44.21
N SER D 115 35.46 -65.20 -45.10
CA SER D 115 35.50 -66.65 -44.86
C SER D 115 36.91 -67.26 -44.87
N VAL D 116 37.85 -66.53 -45.41
CA VAL D 116 39.24 -66.99 -45.50
C VAL D 116 40.21 -66.23 -44.57
N LEU D 117 39.72 -65.14 -44.03
CA LEU D 117 40.52 -64.23 -43.21
C LEU D 117 40.93 -64.88 -41.87
N ARG D 118 41.79 -65.88 -41.91
CA ARG D 118 42.32 -66.57 -40.70
C ARG D 118 42.87 -67.95 -41.05
N ASN D 119 42.44 -68.47 -42.20
CA ASN D 119 42.84 -69.79 -42.68
C ASN D 119 44.30 -69.77 -43.20
N ALA D 120 44.66 -70.85 -43.87
CA ALA D 120 45.95 -70.99 -44.58
C ALA D 120 46.00 -70.06 -45.81
N LYS D 121 44.85 -69.64 -46.29
CA LYS D 121 44.81 -68.73 -47.45
C LYS D 121 44.18 -67.42 -47.02
N ALA D 122 44.57 -66.36 -47.72
CA ALA D 122 44.20 -64.97 -47.37
C ALA D 122 44.58 -64.62 -45.93
N LYS D 123 45.53 -65.41 -45.44
CA LYS D 123 46.10 -65.22 -44.10
C LYS D 123 47.55 -65.70 -44.02
N GLU D 124 47.90 -66.77 -44.74
CA GLU D 124 49.32 -67.14 -44.78
C GLU D 124 49.93 -67.09 -46.18
N GLU D 125 49.23 -67.66 -47.16
CA GLU D 125 49.74 -67.69 -48.54
C GLU D 125 49.61 -66.33 -49.19
N TYR D 126 48.55 -65.60 -48.93
CA TYR D 126 48.37 -64.25 -49.50
C TYR D 126 49.39 -63.26 -48.93
N ARG D 127 49.62 -63.36 -47.63
CA ARG D 127 50.62 -62.54 -46.93
C ARG D 127 52.03 -62.83 -47.44
N ASP D 128 52.25 -64.08 -47.83
CA ASP D 128 53.56 -64.50 -48.36
C ASP D 128 53.81 -63.92 -49.76
N TYR D 129 52.73 -63.76 -50.51
CA TYR D 129 52.81 -63.20 -51.86
C TYR D 129 53.14 -61.71 -51.78
N ILE D 130 52.51 -61.07 -50.79
CA ILE D 130 52.63 -59.62 -50.61
C ILE D 130 53.95 -59.23 -49.93
N LYS D 131 54.30 -60.02 -48.91
CA LYS D 131 55.47 -59.91 -48.06
C LYS D 131 56.81 -60.29 -48.71
N GLY D 132 57.34 -59.51 -49.68
CA GLY D 132 58.69 -59.69 -50.24
C GLY D 132 59.12 -58.48 -51.09
N ASN D 133 60.43 -58.35 -51.21
CA ASN D 133 61.04 -57.36 -52.11
C ASN D 133 61.02 -57.88 -53.54
N GLY D 134 60.99 -56.95 -54.49
CA GLY D 134 60.99 -57.31 -55.91
C GLY D 134 61.40 -56.13 -56.78
N GLU D 135 62.01 -56.47 -57.90
CA GLU D 135 62.42 -55.50 -58.92
C GLU D 135 61.38 -55.59 -60.04
N ILE D 136 60.74 -54.46 -60.28
CA ILE D 136 59.74 -54.37 -61.32
C ILE D 136 60.12 -53.21 -62.25
N THR D 137 60.00 -53.49 -63.54
CA THR D 137 60.18 -52.46 -64.57
C THR D 137 58.81 -51.85 -64.91
N VAL D 138 58.86 -50.67 -65.51
CA VAL D 138 57.63 -49.96 -65.87
C VAL D 138 57.46 -49.90 -67.37
N LYS D 139 58.53 -49.48 -68.02
CA LYS D 139 58.53 -49.38 -69.48
C LYS D 139 59.55 -50.34 -70.06
N VAL D 140 59.30 -50.84 -71.26
CA VAL D 140 60.26 -51.72 -71.95
C VAL D 140 61.63 -51.05 -72.13
N ASP D 141 61.58 -49.72 -72.25
CA ASP D 141 62.80 -48.91 -72.36
C ASP D 141 63.07 -48.15 -71.07
N ASP D 142 62.41 -48.57 -70.00
CA ASP D 142 62.46 -47.98 -68.64
C ASP D 142 61.71 -48.95 -67.72
N LYS D 143 60.96 -48.50 -66.72
CA LYS D 143 61.53 -47.73 -65.62
C LYS D 143 61.59 -48.68 -64.43
N GLU D 144 62.82 -49.02 -64.06
CA GLU D 144 63.04 -49.97 -62.95
C GLU D 144 62.70 -49.34 -61.60
N TYR D 145 61.94 -50.08 -60.81
CA TYR D 145 61.65 -49.72 -59.42
C TYR D 145 62.00 -50.89 -58.52
N SER D 146 62.72 -50.57 -57.45
CA SER D 146 63.10 -51.58 -56.45
C SER D 146 62.13 -51.42 -55.27
N PHE D 147 61.32 -52.44 -55.07
CA PHE D 147 60.23 -52.38 -54.11
C PHE D 147 60.49 -53.28 -52.90
N GLU D 148 60.49 -52.60 -51.77
CA GLU D 148 60.61 -53.25 -50.51
C GLU D 148 59.38 -53.13 -49.65
N ILE D 149 58.98 -54.24 -49.07
CA ILE D 149 57.78 -54.20 -48.23
C ILE D 149 58.16 -54.35 -46.76
N THR D 150 57.78 -53.34 -46.03
CA THR D 150 58.18 -53.24 -44.62
C THR D 150 57.13 -53.84 -43.69
N ASP D 151 55.93 -54.11 -44.23
CA ASP D 151 54.82 -54.70 -43.46
C ASP D 151 53.62 -54.94 -44.38
N ILE D 152 52.73 -55.78 -43.88
CA ILE D 152 51.48 -56.09 -44.59
C ILE D 152 50.34 -56.21 -43.60
N THR D 153 49.16 -55.79 -44.03
CA THR D 153 47.97 -55.75 -43.14
C THR D 153 46.73 -56.11 -43.91
N ILE D 154 46.18 -57.24 -43.50
CA ILE D 154 45.01 -57.82 -44.20
C ILE D 154 43.83 -57.88 -43.23
N LYS D 155 42.69 -57.43 -43.72
CA LYS D 155 41.42 -57.49 -43.00
C LYS D 155 40.32 -58.02 -43.92
N ALA D 156 39.14 -58.22 -43.35
CA ALA D 156 37.99 -58.75 -44.09
C ALA D 156 37.55 -57.61 -44.98
N GLU D 157 37.17 -57.94 -46.20
CA GLU D 157 36.84 -56.92 -47.21
C GLU D 157 35.82 -55.88 -46.74
N GLY D 158 34.74 -56.38 -46.10
CA GLY D 158 33.67 -55.53 -45.56
C GLY D 158 34.24 -54.53 -44.55
N SER D 159 35.33 -54.86 -43.91
CA SER D 159 35.93 -53.97 -42.91
C SER D 159 36.53 -52.70 -43.54
N GLY D 160 37.02 -52.83 -44.77
CA GLY D 160 37.60 -51.68 -45.49
C GLY D 160 36.54 -50.59 -45.72
N VAL D 161 35.35 -51.07 -46.05
CA VAL D 161 34.18 -50.19 -46.28
C VAL D 161 33.74 -49.47 -45.00
N LEU D 162 33.61 -50.25 -43.92
CA LEU D 162 33.25 -49.69 -42.61
C LEU D 162 34.24 -48.62 -42.14
N PHE D 163 35.52 -48.86 -42.43
CA PHE D 163 36.60 -47.99 -41.96
C PHE D 163 36.61 -46.69 -42.75
N LEU D 164 36.28 -46.81 -44.03
CA LEU D 164 36.27 -45.65 -44.92
C LEU D 164 35.19 -44.64 -44.48
N GLU D 165 34.03 -45.17 -44.11
CA GLU D 165 32.93 -44.33 -43.62
C GLU D 165 33.36 -43.70 -42.28
N GLN D 166 32.86 -42.50 -42.02
CA GLN D 166 33.12 -41.75 -40.77
C GLN D 166 32.01 -42.00 -39.74
N GLU D 167 32.14 -43.12 -39.05
CA GLU D 167 31.16 -43.53 -38.03
C GLU D 167 31.91 -44.05 -36.82
N ASN D 168 31.29 -43.83 -35.67
CA ASN D 168 31.83 -44.35 -34.41
C ASN D 168 30.85 -45.41 -33.89
N PHE D 169 31.36 -46.44 -33.24
CA PHE D 169 31.64 -47.71 -33.94
C PHE D 169 32.15 -48.80 -33.02
N LYS D 170 32.86 -48.40 -31.97
CA LYS D 170 33.43 -49.36 -31.01
C LYS D 170 32.38 -50.24 -30.32
N ASN D 171 31.20 -49.66 -30.10
CA ASN D 171 30.10 -50.35 -29.41
C ASN D 171 28.76 -50.23 -30.14
N LYS D 172 28.83 -50.22 -31.45
CA LYS D 172 27.63 -50.06 -32.29
C LYS D 172 27.39 -51.29 -33.16
N ASN D 173 26.21 -51.33 -33.77
CA ASN D 173 25.84 -52.38 -34.72
C ASN D 173 25.69 -51.74 -36.09
N VAL D 174 26.48 -52.23 -37.02
CA VAL D 174 26.51 -51.71 -38.40
C VAL D 174 26.44 -52.88 -39.37
N ALA D 175 25.84 -52.62 -40.53
CA ALA D 175 25.84 -53.61 -41.61
C ALA D 175 26.28 -52.97 -42.92
N VAL D 176 26.90 -53.80 -43.73
CA VAL D 176 27.37 -53.40 -45.05
C VAL D 176 26.51 -54.14 -46.07
N ILE D 177 25.76 -53.35 -46.82
CA ILE D 177 24.86 -53.89 -47.86
C ILE D 177 25.48 -53.63 -49.24
N ASP D 178 26.05 -54.69 -49.76
CA ASP D 178 26.86 -54.63 -50.97
C ASP D 178 26.08 -55.19 -52.16
N PHE D 179 25.60 -54.29 -53.00
CA PHE D 179 24.95 -54.69 -54.24
C PHE D 179 25.96 -54.96 -55.37
N GLY D 180 26.35 -56.23 -55.43
CA GLY D 180 27.29 -56.73 -56.44
C GLY D 180 26.56 -57.06 -57.75
N GLY D 181 27.37 -57.40 -58.75
CA GLY D 181 26.90 -57.80 -60.09
C GLY D 181 26.03 -59.07 -60.08
N LEU D 182 26.48 -60.05 -59.32
CA LEU D 182 25.81 -61.36 -59.27
C LEU D 182 25.14 -61.66 -57.92
N ASN D 183 25.57 -60.97 -56.88
CA ASN D 183 25.03 -61.19 -55.53
C ASN D 183 24.89 -59.88 -54.76
N MET D 184 24.07 -59.93 -53.73
CA MET D 184 23.89 -58.82 -52.79
C MET D 184 24.22 -59.33 -51.37
N GLY D 185 25.36 -58.85 -50.86
CA GLY D 185 25.93 -59.38 -49.60
C GLY D 185 25.84 -58.41 -48.43
N PHE D 186 25.37 -58.97 -47.32
CA PHE D 186 25.11 -58.21 -46.08
C PHE D 186 26.01 -58.79 -44.99
N SER D 187 26.86 -57.92 -44.49
CA SER D 187 27.79 -58.27 -43.41
C SER D 187 27.52 -57.35 -42.22
N LEU D 188 27.19 -57.95 -41.09
CA LEU D 188 26.84 -57.21 -39.88
C LEU D 188 27.98 -57.30 -38.86
N TYR D 189 28.25 -56.15 -38.27
CA TYR D 189 29.27 -55.98 -37.22
C TYR D 189 28.64 -55.41 -35.95
N ARG D 190 29.09 -55.95 -34.84
CA ARG D 190 28.66 -55.50 -33.51
C ARG D 190 29.89 -55.36 -32.63
N ASN D 191 30.15 -54.15 -32.17
CA ASN D 191 31.31 -53.84 -31.32
C ASN D 191 32.60 -54.22 -32.05
N CYS D 192 32.65 -53.83 -33.33
CA CYS D 192 33.81 -54.02 -34.24
C CYS D 192 34.09 -55.49 -34.61
N VAL D 193 33.14 -56.39 -34.37
CA VAL D 193 33.32 -57.81 -34.71
C VAL D 193 32.16 -58.24 -35.59
N VAL D 194 32.53 -58.90 -36.69
CA VAL D 194 31.53 -59.46 -37.61
C VAL D 194 30.67 -60.51 -36.88
N ASN D 195 29.38 -60.45 -37.17
CA ASN D 195 28.39 -61.36 -36.60
C ASN D 195 27.86 -62.25 -37.73
N PRO D 196 28.42 -63.45 -37.86
CA PRO D 196 28.06 -64.41 -38.91
C PRO D 196 26.58 -64.80 -38.91
N SER D 197 26.04 -64.90 -37.70
CA SER D 197 24.61 -65.20 -37.50
C SER D 197 23.69 -64.14 -38.09
N GLU D 198 24.22 -62.94 -38.30
CA GLU D 198 23.43 -61.80 -38.80
C GLU D 198 23.93 -61.28 -40.15
N ARG D 199 24.68 -62.14 -40.84
CA ARG D 199 25.17 -61.84 -42.20
C ARG D 199 24.60 -62.88 -43.16
N PHE D 200 24.46 -62.50 -44.42
CA PHE D 200 23.85 -63.37 -45.43
C PHE D 200 24.07 -62.82 -46.83
N ILE D 201 23.81 -63.70 -47.79
CA ILE D 201 23.95 -63.39 -49.21
C ILE D 201 22.65 -63.72 -49.94
N GLU D 202 22.32 -62.86 -50.88
CA GLU D 202 21.20 -63.13 -51.79
C GLU D 202 21.80 -63.28 -53.18
N GLU D 203 21.44 -64.40 -53.80
CA GLU D 203 22.04 -64.83 -55.07
C GLU D 203 21.50 -64.02 -56.26
N HIS D 204 21.23 -62.76 -56.10
CA HIS D 204 20.77 -61.91 -57.21
C HIS D 204 21.56 -60.62 -57.15
N GLY D 205 21.95 -60.16 -58.32
CA GLY D 205 22.76 -58.94 -58.41
C GLY D 205 22.16 -57.93 -59.38
N VAL D 206 23.00 -57.00 -59.80
CA VAL D 206 22.63 -55.96 -60.79
C VAL D 206 22.31 -56.59 -62.15
N LYS D 207 23.08 -57.62 -62.50
CA LYS D 207 22.90 -58.34 -63.76
C LYS D 207 21.49 -58.92 -63.79
N ASP D 208 21.06 -59.50 -62.68
CA ASP D 208 19.69 -60.01 -62.52
C ASP D 208 18.63 -58.90 -62.58
N LEU D 209 19.02 -57.76 -62.04
CA LEU D 209 18.14 -56.59 -62.00
C LEU D 209 17.82 -56.10 -63.41
N ILE D 210 18.89 -55.74 -64.12
CA ILE D 210 18.79 -55.22 -65.50
C ILE D 210 18.15 -56.25 -66.43
N ILE D 211 18.39 -57.52 -66.11
CA ILE D 211 17.84 -58.66 -66.85
C ILE D 211 16.33 -58.78 -66.78
N ARG D 212 15.93 -58.67 -65.53
CA ARG D 212 14.52 -58.79 -65.16
C ARG D 212 13.74 -57.61 -65.74
N VAL D 213 14.43 -56.49 -65.92
CA VAL D 213 13.83 -55.28 -66.48
C VAL D 213 13.74 -55.38 -68.01
N GLY D 214 14.89 -55.74 -68.61
CA GLY D 214 15.00 -55.87 -70.07
C GLY D 214 13.95 -56.85 -70.60
N ASP D 215 13.58 -57.80 -69.74
CA ASP D 215 12.59 -58.84 -70.09
C ASP D 215 13.08 -59.65 -71.29
N ALA D 216 14.39 -59.83 -71.37
CA ALA D 216 15.02 -60.59 -72.46
C ALA D 216 16.42 -61.02 -72.04
N LEU D 217 16.80 -62.20 -72.51
CA LEU D 217 18.11 -62.79 -72.15
C LEU D 217 19.25 -61.90 -72.67
N THR D 218 19.02 -61.35 -73.84
CA THR D 218 19.99 -60.41 -74.41
C THR D 218 19.29 -59.10 -74.27
N ASP D 219 19.87 -58.11 -74.88
CA ASP D 219 19.00 -57.00 -75.01
C ASP D 219 18.90 -56.02 -73.83
N LEU D 220 19.95 -56.08 -73.02
CA LEU D 220 19.90 -55.43 -71.74
C LEU D 220 20.97 -54.46 -71.59
N ASN D 221 22.23 -54.72 -71.29
CA ASN D 221 23.31 -53.72 -71.50
C ASN D 221 22.70 -52.44 -72.08
N ASN D 222 23.23 -51.30 -71.82
CA ASN D 222 22.58 -50.09 -72.34
C ASN D 222 22.31 -50.03 -73.86
N GLY D 223 22.99 -50.94 -74.55
CA GLY D 223 22.71 -51.24 -75.96
C GLY D 223 22.70 -52.75 -76.17
N ASN D 224 21.53 -53.27 -76.28
CA ASN D 224 21.41 -54.70 -76.52
C ASN D 224 21.52 -55.14 -77.97
N LEU D 225 21.02 -54.27 -78.84
CA LEU D 225 21.15 -54.42 -80.28
C LEU D 225 21.65 -53.10 -80.81
N ILE D 226 22.82 -53.15 -81.44
CA ILE D 226 23.47 -51.92 -81.94
C ILE D 226 22.65 -51.22 -83.03
N THR D 227 21.87 -52.00 -83.77
CA THR D 227 21.02 -51.45 -84.84
C THR D 227 19.78 -50.72 -84.30
N ASN D 228 19.79 -50.43 -82.99
CA ASN D 228 18.76 -49.58 -82.36
C ASN D 228 19.41 -48.27 -81.93
N GLU D 229 18.66 -47.20 -82.12
CA GLU D 229 19.13 -45.85 -81.78
C GLU D 229 19.50 -45.78 -80.30
N GLN D 230 20.47 -44.93 -79.99
CA GLN D 230 20.94 -44.71 -78.61
C GLN D 230 19.72 -44.41 -77.74
N ALA D 231 19.51 -45.27 -76.73
CA ALA D 231 18.40 -45.15 -75.74
C ALA D 231 17.42 -46.32 -75.87
N GLU D 232 17.28 -46.82 -77.10
CA GLU D 232 16.41 -47.96 -77.37
C GLU D 232 17.13 -49.20 -76.92
N SER D 233 16.34 -50.02 -76.20
CA SER D 233 16.75 -51.32 -75.69
C SER D 233 17.95 -51.15 -74.75
N ALA D 234 17.72 -50.22 -73.81
CA ALA D 234 18.61 -49.88 -72.70
C ALA D 234 19.13 -51.19 -72.04
N LEU D 235 19.40 -51.28 -70.75
CA LEU D 235 18.91 -50.49 -69.64
C LEU D 235 20.00 -49.75 -68.93
N ASN D 236 21.11 -50.46 -68.75
CA ASN D 236 22.24 -49.93 -67.98
C ASN D 236 22.65 -48.54 -68.50
N ASN D 237 22.42 -48.28 -69.77
CA ASN D 237 22.68 -46.92 -70.29
C ASN D 237 21.40 -46.27 -70.66
N GLY D 238 21.17 -45.44 -69.68
CA GLY D 238 20.01 -44.56 -69.73
C GLY D 238 19.03 -44.97 -68.65
N TYR D 239 18.38 -43.95 -68.12
CA TYR D 239 17.34 -44.13 -67.09
C TYR D 239 15.96 -43.97 -67.74
N MET D 240 15.18 -43.01 -67.25
CA MET D 240 13.87 -42.68 -67.82
C MET D 240 14.06 -41.44 -68.71
N LYS D 241 14.68 -41.69 -69.86
CA LYS D 241 15.09 -40.61 -70.78
C LYS D 241 14.27 -40.56 -72.08
N LYS D 242 13.17 -41.30 -72.11
CA LYS D 242 12.27 -41.30 -73.29
C LYS D 242 11.19 -40.23 -73.08
N GLY D 243 11.45 -39.07 -73.68
CA GLY D 243 10.57 -37.88 -73.55
C GLY D 243 9.29 -37.98 -74.40
N GLY D 244 8.97 -39.21 -74.82
CA GLY D 244 7.74 -39.49 -75.58
C GLY D 244 6.68 -39.92 -74.58
N GLU D 245 5.81 -38.96 -74.24
CA GLU D 245 4.75 -39.17 -73.22
C GLU D 245 3.85 -40.39 -73.51
N ILE D 246 3.92 -40.88 -74.75
CA ILE D 246 3.12 -42.02 -75.20
C ILE D 246 3.74 -43.38 -74.82
N ASP D 247 5.07 -43.43 -74.71
CA ASP D 247 5.77 -44.68 -74.41
C ASP D 247 5.35 -45.22 -73.05
N THR D 248 5.23 -46.54 -72.97
CA THR D 248 4.80 -47.22 -71.73
C THR D 248 5.88 -48.16 -71.17
N GLU D 249 7.00 -48.26 -71.88
CA GLU D 249 8.17 -49.00 -71.36
C GLU D 249 8.67 -48.27 -70.11
N SER D 250 9.42 -49.00 -69.26
CA SER D 250 10.02 -48.39 -68.06
C SER D 250 10.65 -47.05 -68.42
N SER D 251 10.77 -46.07 -67.53
CA SER D 251 10.61 -45.98 -66.06
C SER D 251 9.70 -46.86 -65.23
N THR D 252 8.53 -47.21 -65.73
CA THR D 252 7.56 -47.98 -64.92
C THR D 252 8.13 -49.33 -64.45
N VAL D 253 8.86 -49.98 -65.34
CA VAL D 253 9.46 -51.30 -65.08
C VAL D 253 10.53 -51.17 -63.99
N ILE D 254 11.41 -50.19 -64.14
CA ILE D 254 12.52 -49.96 -63.19
C ILE D 254 12.01 -49.92 -61.73
N LYS D 255 11.05 -49.04 -61.48
CA LYS D 255 10.51 -48.84 -60.13
C LYS D 255 9.84 -50.11 -59.62
N LYS D 256 9.33 -50.91 -60.56
CA LYS D 256 8.68 -52.18 -60.24
C LYS D 256 9.63 -53.29 -59.81
N VAL D 257 10.70 -53.42 -60.57
CA VAL D 257 11.74 -54.41 -60.26
C VAL D 257 12.46 -54.03 -58.96
N LYS D 258 12.85 -52.76 -58.88
CA LYS D 258 13.57 -52.23 -57.72
C LYS D 258 12.69 -52.26 -56.47
N GLU D 259 11.38 -52.11 -56.68
CA GLU D 259 10.42 -52.13 -55.56
C GLU D 259 10.44 -53.48 -54.87
N LYS D 260 10.49 -54.54 -55.68
CA LYS D 260 10.53 -55.92 -55.18
C LYS D 260 11.90 -56.27 -54.59
N PHE D 261 12.94 -55.73 -55.21
CA PHE D 261 14.31 -55.99 -54.76
C PHE D 261 14.56 -55.39 -53.37
N LEU D 262 14.07 -54.18 -53.18
CA LEU D 262 14.19 -53.48 -51.89
C LEU D 262 13.35 -54.12 -50.79
N LYS D 263 12.16 -54.58 -51.18
CA LYS D 263 11.24 -55.22 -50.23
C LYS D 263 11.83 -56.55 -49.77
N ASP D 264 12.49 -57.26 -50.67
CA ASP D 264 13.12 -58.54 -50.35
C ASP D 264 14.32 -58.32 -49.43
N ALA D 265 15.13 -57.31 -49.73
CA ALA D 265 16.35 -57.02 -48.97
C ALA D 265 16.05 -56.64 -47.53
N ILE D 266 15.11 -55.70 -47.36
CA ILE D 266 14.74 -55.19 -46.03
C ILE D 266 13.99 -56.25 -45.21
N LYS D 267 13.24 -57.09 -45.91
CA LYS D 267 12.48 -58.18 -45.27
C LYS D 267 13.44 -59.21 -44.66
N LEU D 268 14.51 -59.48 -45.40
CA LEU D 268 15.57 -60.41 -44.91
C LEU D 268 16.33 -59.80 -43.74
N ILE D 269 16.51 -58.49 -43.81
CA ILE D 269 17.19 -57.74 -42.74
C ILE D 269 16.46 -57.90 -41.42
N GLU D 270 15.16 -57.68 -41.49
CA GLU D 270 14.32 -57.71 -40.28
C GLU D 270 14.21 -59.12 -39.72
N LYS D 271 14.32 -60.12 -40.59
CA LYS D 271 14.29 -61.54 -40.19
C LYS D 271 15.61 -61.94 -39.51
N ARG D 272 16.72 -61.59 -40.14
CA ARG D 272 18.05 -62.03 -39.67
C ARG D 272 18.70 -61.03 -38.71
N GLY D 273 18.83 -59.80 -39.20
CA GLY D 273 19.49 -58.70 -38.49
C GLY D 273 18.74 -58.30 -37.23
N PHE D 274 17.41 -58.07 -37.37
CA PHE D 274 16.45 -57.67 -36.32
C PHE D 274 15.77 -56.32 -36.62
N LYS D 275 15.25 -55.70 -35.57
CA LYS D 275 14.59 -54.40 -35.65
C LYS D 275 15.55 -53.41 -36.30
N LEU D 276 15.13 -52.82 -37.39
CA LEU D 276 15.94 -51.83 -38.12
C LEU D 276 16.37 -50.64 -37.23
N ASP D 277 15.72 -50.51 -36.09
CA ASP D 277 16.03 -49.46 -35.11
C ASP D 277 17.27 -49.81 -34.26
N GLN D 278 17.57 -51.10 -34.14
CA GLN D 278 18.74 -51.54 -33.37
C GLN D 278 20.05 -51.39 -34.15
N LEU D 279 19.91 -51.04 -35.43
CA LEU D 279 21.06 -50.82 -36.33
C LEU D 279 21.42 -49.34 -36.32
N ASP D 280 22.70 -49.08 -36.12
CA ASP D 280 23.22 -47.70 -36.06
C ASP D 280 23.40 -47.11 -37.45
N SER D 281 23.77 -47.97 -38.39
CA SER D 281 23.98 -47.54 -39.78
C SER D 281 24.14 -48.77 -40.69
N LEU D 282 23.65 -48.58 -41.91
CA LEU D 282 23.77 -49.58 -42.97
C LEU D 282 24.43 -48.91 -44.17
N ILE D 283 25.69 -49.26 -44.39
CA ILE D 283 26.48 -48.68 -45.49
C ILE D 283 26.07 -49.41 -46.76
N PHE D 284 25.77 -48.60 -47.78
CA PHE D 284 25.27 -49.15 -49.06
C PHE D 284 26.40 -49.04 -50.04
N ILE D 285 26.92 -50.17 -50.47
CA ILE D 285 28.11 -50.20 -51.35
C ILE D 285 27.88 -51.22 -52.47
N GLY D 286 28.83 -51.21 -53.41
CA GLY D 286 28.73 -52.08 -54.60
C GLY D 286 28.33 -51.26 -55.81
N GLY D 287 28.45 -51.91 -56.97
CA GLY D 287 28.11 -51.28 -58.26
C GLY D 287 26.65 -50.77 -58.29
N THR D 288 25.79 -51.48 -57.56
CA THR D 288 24.36 -51.13 -57.54
C THR D 288 24.00 -50.03 -56.53
N THR D 289 24.94 -49.65 -55.68
CA THR D 289 24.60 -48.67 -54.66
C THR D 289 23.94 -47.39 -55.22
N GLN D 290 24.60 -46.82 -56.23
CA GLN D 290 24.11 -45.59 -56.84
C GLN D 290 22.68 -45.75 -57.36
N LYS D 291 22.35 -46.98 -57.75
CA LYS D 291 21.02 -47.29 -58.30
C LYS D 291 19.91 -47.35 -57.24
N LEU D 292 20.23 -47.86 -56.06
CA LEU D 292 19.22 -48.13 -55.03
C LEU D 292 19.26 -47.21 -53.81
N LYS D 293 20.35 -46.47 -53.63
CA LYS D 293 20.52 -45.64 -52.43
C LYS D 293 19.33 -44.68 -52.21
N GLU D 294 18.82 -44.12 -53.28
CA GLU D 294 17.70 -43.15 -53.17
C GLU D 294 16.44 -43.78 -52.59
N GLN D 295 16.04 -44.91 -53.16
CA GLN D 295 14.82 -45.57 -52.71
C GLN D 295 14.91 -46.13 -51.32
N ILE D 296 16.10 -46.61 -50.98
CA ILE D 296 16.30 -47.12 -49.63
C ILE D 296 16.15 -46.01 -48.57
N SER D 297 16.69 -44.85 -48.90
CA SER D 297 16.67 -43.70 -47.98
C SER D 297 15.23 -43.28 -47.67
N LYS D 298 14.34 -43.51 -48.63
CA LYS D 298 12.91 -43.24 -48.45
C LYS D 298 12.17 -44.40 -47.76
N THR D 299 12.75 -45.59 -47.89
CA THR D 299 12.20 -46.80 -47.24
C THR D 299 12.32 -46.67 -45.72
N TYR D 300 13.52 -46.28 -45.28
CA TYR D 300 13.83 -46.05 -43.87
C TYR D 300 14.69 -44.80 -43.69
N PRO D 301 14.24 -43.90 -42.81
CA PRO D 301 14.95 -42.65 -42.50
C PRO D 301 16.07 -42.86 -41.47
N ASN D 302 17.13 -42.07 -41.64
CA ASN D 302 18.27 -41.99 -40.69
C ASN D 302 19.03 -43.30 -40.43
N ASN D 303 19.12 -44.18 -41.43
CA ASN D 303 19.89 -45.42 -41.24
C ASN D 303 20.91 -45.72 -42.35
N SER D 304 20.47 -45.52 -43.59
CA SER D 304 21.32 -45.80 -44.75
C SER D 304 22.30 -44.66 -45.02
N ILE D 305 23.51 -45.05 -45.42
CA ILE D 305 24.58 -44.10 -45.74
C ILE D 305 25.36 -44.63 -46.95
N ILE D 306 25.80 -43.70 -47.77
CA ILE D 306 26.62 -44.01 -48.95
C ILE D 306 27.86 -43.11 -48.97
N THR D 307 28.94 -43.65 -49.52
CA THR D 307 30.16 -42.86 -49.72
C THR D 307 30.34 -42.62 -51.22
N ASN D 308 30.94 -41.49 -51.56
CA ASN D 308 31.26 -41.16 -52.96
C ASN D 308 32.32 -42.14 -53.49
N ASN D 309 32.21 -42.44 -54.78
CA ASN D 309 33.11 -43.41 -55.43
C ASN D 309 33.19 -44.70 -54.61
N SER D 310 32.03 -45.37 -54.53
CA SER D 310 31.91 -46.63 -53.76
C SER D 310 32.95 -47.67 -54.17
N GLN D 311 33.37 -47.59 -55.43
CA GLN D 311 34.40 -48.51 -55.94
C GLN D 311 35.74 -48.44 -55.20
N TRP D 312 36.07 -47.27 -54.65
CA TRP D 312 37.30 -47.08 -53.88
C TRP D 312 37.07 -47.11 -52.36
N THR D 313 35.89 -47.55 -51.95
CA THR D 313 35.59 -47.62 -50.52
C THR D 313 36.51 -48.49 -49.68
N THR D 314 36.76 -49.67 -50.22
CA THR D 314 37.59 -50.66 -49.52
C THR D 314 39.02 -50.13 -49.40
N CYS D 315 39.55 -49.66 -50.53
CA CYS D 315 40.92 -49.16 -50.58
C CYS D 315 41.14 -47.96 -49.64
N GLU D 316 40.16 -47.07 -49.57
CA GLU D 316 40.33 -45.91 -48.68
C GLU D 316 40.29 -46.35 -47.21
N GLY D 317 39.60 -47.47 -46.97
CA GLY D 317 39.52 -48.07 -45.63
C GLY D 317 40.84 -48.75 -45.27
N LEU D 318 41.37 -49.50 -46.22
CA LEU D 318 42.64 -50.21 -46.05
C LEU D 318 43.80 -49.21 -45.90
N TYR D 319 43.73 -48.11 -46.64
CA TYR D 319 44.78 -47.08 -46.57
C TYR D 319 44.96 -46.53 -45.17
N LYS D 320 43.85 -46.38 -44.46
CA LYS D 320 43.87 -45.85 -43.08
C LYS D 320 44.58 -46.82 -42.13
N VAL D 321 44.36 -48.11 -42.27
CA VAL D 321 45.08 -49.08 -41.44
C VAL D 321 46.56 -49.15 -41.82
N ALA D 322 46.82 -48.90 -43.09
CA ALA D 322 48.20 -48.93 -43.56
C ALA D 322 49.02 -47.74 -43.10
N VAL D 323 48.35 -46.61 -42.88
CA VAL D 323 49.01 -45.44 -42.29
C VAL D 323 49.44 -45.76 -40.85
N ALA D 324 48.59 -46.51 -40.16
CA ALA D 324 48.84 -46.95 -38.78
C ALA D 324 50.00 -47.95 -38.75
N LYS D 325 50.04 -48.79 -39.78
CA LYS D 325 51.12 -49.78 -39.93
C LYS D 325 52.44 -49.10 -40.27
N TYR D 326 52.32 -48.02 -41.03
CA TYR D 326 53.48 -47.22 -41.44
C TYR D 326 54.12 -46.55 -40.21
N CYS D 327 53.28 -46.09 -39.29
CA CYS D 327 53.78 -45.50 -38.03
C CYS D 327 54.46 -46.58 -37.17
N ILE D 328 53.91 -47.70 -37.12
N THR E 5 -43.73 -28.22 90.72
CA THR E 5 -43.63 -28.11 89.24
C THR E 5 -42.18 -27.81 88.78
N ASN E 6 -41.96 -28.05 87.50
CA ASN E 6 -40.67 -27.80 86.83
C ASN E 6 -40.84 -26.64 85.86
N GLU E 7 -40.77 -25.45 86.40
CA GLU E 7 -41.02 -24.27 85.57
C GLU E 7 -39.67 -23.45 85.52
N TYR E 8 -39.41 -22.82 84.40
CA TYR E 8 -38.22 -21.98 84.20
C TYR E 8 -38.66 -20.54 83.93
N VAL E 9 -37.69 -19.63 84.00
CA VAL E 9 -37.93 -18.22 83.73
C VAL E 9 -37.17 -17.82 82.47
N MET E 10 -37.95 -17.32 81.52
CA MET E 10 -37.37 -16.76 80.29
C MET E 10 -37.55 -15.24 80.30
N THR E 11 -36.44 -14.58 80.07
CA THR E 11 -36.44 -13.13 80.00
C THR E 11 -36.04 -12.70 78.59
N LEU E 12 -36.90 -11.87 78.02
CA LEU E 12 -36.70 -11.41 76.64
C LEU E 12 -36.77 -9.89 76.55
N ASP E 13 -35.99 -9.36 75.61
CA ASP E 13 -35.92 -7.92 75.35
C ASP E 13 -35.87 -7.70 73.84
N ALA E 14 -37.04 -7.48 73.25
CA ALA E 14 -37.16 -7.20 71.81
C ALA E 14 -36.97 -5.70 71.57
N GLY E 15 -35.69 -5.31 71.48
CA GLY E 15 -35.34 -3.88 71.42
C GLY E 15 -35.04 -3.43 69.99
N LYS E 16 -34.51 -2.20 69.93
CA LYS E 16 -34.12 -1.52 68.69
C LYS E 16 -33.84 -2.53 67.55
N TYR E 17 -32.57 -2.90 67.42
CA TYR E 17 -32.11 -3.74 66.30
C TYR E 17 -31.63 -5.08 66.79
N GLU E 18 -31.66 -5.30 68.10
CA GLU E 18 -31.23 -6.57 68.68
C GLU E 18 -32.26 -7.13 69.66
N THR E 19 -32.31 -8.45 69.71
CA THR E 19 -33.14 -9.18 70.67
C THR E 19 -32.21 -9.87 71.68
N LYS E 20 -32.46 -9.60 72.95
CA LYS E 20 -31.69 -10.21 74.04
C LYS E 20 -32.59 -11.22 74.76
N LEU E 21 -31.99 -12.37 75.08
CA LEU E 21 -32.71 -13.44 75.76
C LEU E 21 -31.83 -14.11 76.81
N ILE E 22 -32.45 -14.53 77.90
CA ILE E 22 -31.74 -15.20 79.00
C ILE E 22 -32.62 -16.25 79.68
N GLY E 23 -32.02 -17.41 79.89
CA GLY E 23 -32.65 -18.50 80.65
C GLY E 23 -31.57 -19.11 81.53
N LYS E 24 -31.97 -19.57 82.70
CA LYS E 24 -31.01 -20.21 83.63
C LYS E 24 -30.40 -21.49 83.09
N ASN E 25 -31.19 -22.14 82.24
CA ASN E 25 -30.75 -23.38 81.59
C ASN E 25 -29.67 -23.10 80.55
N LYS E 26 -29.90 -22.08 79.74
CA LYS E 26 -28.90 -21.73 78.73
C LYS E 26 -27.66 -21.10 79.34
N LYS E 27 -27.89 -20.19 80.29
CA LYS E 27 -26.79 -19.51 80.98
C LYS E 27 -25.86 -20.54 81.65
N GLY E 28 -26.48 -21.62 82.15
CA GLY E 28 -25.78 -22.71 82.84
C GLY E 28 -24.82 -23.49 81.92
N THR E 29 -25.14 -23.50 80.63
CA THR E 29 -24.40 -24.32 79.65
C THR E 29 -23.44 -23.48 78.80
N THR E 30 -23.90 -22.31 78.39
CA THR E 30 -23.09 -21.41 77.55
C THR E 30 -22.61 -20.23 78.39
N GLU E 31 -21.39 -19.81 78.11
CA GLU E 31 -20.76 -18.74 78.91
C GLU E 31 -21.03 -17.36 78.36
N ASP E 32 -21.36 -17.31 77.09
CA ASP E 32 -21.59 -16.01 76.51
C ASP E 32 -22.73 -15.33 77.29
N ILE E 33 -23.15 -14.19 76.77
CA ILE E 33 -24.14 -13.38 77.46
C ILE E 33 -25.53 -13.49 76.96
N LYS E 34 -26.06 -14.52 76.44
CA LYS E 34 -25.55 -15.87 76.42
C LYS E 34 -26.01 -16.92 77.44
N ARG E 35 -27.33 -16.95 77.69
CA ARG E 35 -28.35 -16.02 77.16
C ARG E 35 -28.15 -15.96 75.59
N VAL E 36 -28.44 -14.85 74.99
CA VAL E 36 -28.08 -14.46 73.61
C VAL E 36 -28.49 -13.03 73.19
N ILE E 37 -27.69 -12.48 72.28
CA ILE E 37 -28.00 -11.18 71.66
C ILE E 37 -27.78 -11.31 70.16
N PHE E 38 -28.89 -11.23 69.44
CA PHE E 38 -28.89 -11.37 67.98
C PHE E 38 -29.67 -10.22 67.34
N LYS E 39 -29.23 -9.83 66.15
CA LYS E 39 -29.91 -8.75 65.40
C LYS E 39 -31.37 -9.14 65.15
N THR E 40 -32.25 -8.17 65.24
CA THR E 40 -33.70 -8.36 65.01
C THR E 40 -33.98 -8.53 63.51
N LYS E 41 -33.46 -9.63 62.98
CA LYS E 41 -33.65 -10.01 61.59
C LYS E 41 -33.97 -11.49 61.55
N ILE E 42 -34.75 -11.88 60.56
CA ILE E 42 -35.17 -13.27 60.41
C ILE E 42 -35.12 -13.65 58.93
N TYR E 43 -34.80 -14.90 58.69
CA TYR E 43 -34.76 -15.43 57.32
C TYR E 43 -35.53 -16.74 57.24
N ASN E 44 -35.53 -17.32 56.05
CA ASN E 44 -36.19 -18.61 55.80
C ASN E 44 -35.36 -19.40 54.80
N LEU E 45 -35.39 -20.72 54.98
CA LEU E 45 -34.58 -21.60 54.13
C LEU E 45 -35.44 -22.18 53.02
N GLU E 46 -35.22 -21.64 51.83
CA GLU E 46 -35.97 -22.07 50.64
C GLU E 46 -35.04 -22.84 49.70
N ASP E 47 -35.65 -23.69 48.89
CA ASP E 47 -34.92 -24.54 47.93
C ASP E 47 -34.16 -23.72 46.87
N GLY E 48 -34.56 -22.45 46.72
CA GLY E 48 -33.88 -21.55 45.78
C GLY E 48 -32.51 -21.07 46.30
N TYR E 49 -32.02 -21.72 47.34
CA TYR E 49 -30.76 -21.35 48.01
C TYR E 49 -30.20 -22.57 48.77
N ILE E 50 -28.93 -22.43 49.15
CA ILE E 50 -28.19 -23.48 49.86
C ILE E 50 -28.00 -23.10 51.33
N ASP E 51 -28.63 -23.88 52.20
CA ASP E 51 -28.45 -23.69 53.64
C ASP E 51 -27.01 -23.91 54.12
N ILE E 52 -26.66 -23.22 55.19
CA ILE E 52 -25.32 -23.29 55.80
C ILE E 52 -25.44 -23.33 57.34
N GLU E 53 -24.47 -23.95 57.96
CA GLU E 53 -24.40 -23.97 59.44
C GLU E 53 -24.21 -22.57 60.03
N GLY E 54 -24.72 -22.45 61.26
CA GLY E 54 -24.67 -21.17 61.97
C GLY E 54 -23.40 -20.93 62.79
N ASN E 55 -23.32 -19.80 63.49
CA ASN E 55 -24.20 -19.43 64.62
C ASN E 55 -25.60 -19.00 64.18
N SER E 56 -26.41 -19.99 63.89
CA SER E 56 -27.76 -19.82 63.38
C SER E 56 -28.47 -21.16 63.42
N HIS E 57 -29.76 -21.08 63.69
CA HIS E 57 -30.58 -22.28 63.85
C HIS E 57 -31.79 -22.24 62.91
N LYS E 58 -32.35 -23.43 62.74
CA LYS E 58 -33.57 -23.58 61.95
C LYS E 58 -34.72 -23.90 62.91
N ILE E 59 -35.85 -23.25 62.67
CA ILE E 59 -37.04 -23.43 63.52
C ILE E 59 -38.25 -23.74 62.63
N GLU E 60 -39.14 -24.56 63.18
CA GLU E 60 -40.38 -24.93 62.50
C GLU E 60 -41.52 -24.12 63.08
N LEU E 61 -42.05 -23.28 62.21
CA LEU E 61 -43.22 -22.49 62.56
C LEU E 61 -44.10 -22.37 61.29
N ASP E 62 -45.40 -22.53 61.49
CA ASP E 62 -46.38 -22.55 60.40
C ASP E 62 -46.04 -23.77 59.50
N GLY E 63 -45.82 -23.49 58.23
CA GLY E 63 -45.02 -24.35 57.32
C GLY E 63 -43.89 -23.36 56.99
N LYS E 64 -42.67 -23.73 56.52
CA LYS E 64 -41.49 -22.82 56.54
C LYS E 64 -40.52 -23.17 57.65
N GLU E 65 -39.28 -23.17 57.21
CA GLU E 65 -38.16 -23.34 58.13
C GLU E 65 -37.52 -21.98 58.36
N TYR E 66 -37.90 -21.37 59.48
CA TYR E 66 -37.38 -20.04 59.80
C TYR E 66 -35.93 -20.13 60.21
N LEU E 67 -35.28 -19.03 59.99
CA LEU E 67 -33.87 -18.98 60.26
C LEU E 67 -33.58 -17.74 61.10
N ILE E 68 -32.77 -17.94 62.13
CA ILE E 68 -32.48 -16.91 63.15
C ILE E 68 -31.14 -17.21 63.83
N GLY E 69 -30.38 -16.12 64.03
CA GLY E 69 -29.10 -16.22 64.73
C GLY E 69 -27.95 -15.95 63.76
N GLU E 70 -28.10 -16.42 62.52
CA GLU E 70 -27.11 -16.12 61.47
C GLU E 70 -27.29 -14.65 61.10
N GLN E 71 -26.28 -14.16 60.39
CA GLN E 71 -26.33 -12.77 59.91
C GLN E 71 -26.65 -12.68 58.42
N GLY E 72 -26.70 -13.86 57.79
CA GLY E 72 -26.87 -13.97 56.33
C GLY E 72 -25.64 -14.62 55.70
N VAL E 73 -24.90 -15.34 56.53
CA VAL E 73 -23.81 -16.23 56.07
C VAL E 73 -24.40 -17.54 55.53
N GLU E 74 -25.66 -17.77 55.87
CA GLU E 74 -26.31 -19.02 55.50
C GLU E 74 -27.49 -18.78 54.59
N ASP E 75 -27.88 -17.57 54.28
CA ASP E 75 -29.04 -17.32 53.43
C ASP E 75 -29.04 -15.87 52.97
N SER E 76 -29.84 -15.63 51.94
CA SER E 76 -30.00 -14.27 51.39
C SER E 76 -31.40 -13.72 51.71
N SER E 77 -32.23 -14.56 52.33
CA SER E 77 -33.61 -14.19 52.73
C SER E 77 -33.68 -13.33 53.99
N GLU E 78 -32.54 -13.10 54.65
CA GLU E 78 -32.51 -12.29 55.88
C GLU E 78 -33.04 -10.87 55.64
N THR E 79 -32.70 -10.31 54.49
CA THR E 79 -33.14 -8.96 54.11
C THR E 79 -34.67 -8.89 53.96
N SER E 80 -35.26 -9.98 53.47
CA SER E 80 -36.70 -10.10 53.27
C SER E 80 -37.44 -10.09 54.61
N LYS E 81 -38.66 -9.56 54.58
CA LYS E 81 -39.50 -9.45 55.79
C LYS E 81 -40.95 -9.85 55.51
N THR E 82 -41.64 -10.20 56.60
CA THR E 82 -43.06 -10.59 56.55
C THR E 82 -43.89 -9.82 57.59
N ASN E 83 -45.21 -9.96 57.56
CA ASN E 83 -46.16 -9.15 58.36
C ASN E 83 -46.82 -9.96 59.51
N LEU E 84 -46.00 -10.32 60.47
CA LEU E 84 -45.61 -11.75 60.68
C LEU E 84 -44.14 -11.78 61.11
N ILE E 85 -43.41 -10.77 60.66
CA ILE E 85 -41.99 -10.60 60.94
C ILE E 85 -41.70 -10.71 62.44
N HIS E 86 -42.40 -9.87 63.20
CA HIS E 86 -42.19 -9.79 64.64
C HIS E 86 -42.73 -11.05 65.32
N LYS E 87 -43.88 -11.53 64.85
CA LYS E 87 -44.48 -12.74 65.44
C LYS E 87 -43.59 -13.98 65.28
N LEU E 88 -42.90 -14.04 64.15
CA LEU E 88 -41.93 -15.12 63.89
C LEU E 88 -40.68 -14.98 64.75
N ALA E 89 -40.26 -13.73 64.91
CA ALA E 89 -39.10 -13.40 65.74
C ALA E 89 -39.33 -13.82 67.20
N ALA E 90 -40.56 -13.62 67.67
CA ALA E 90 -40.95 -13.98 69.04
C ALA E 90 -40.86 -15.49 69.26
N TYR E 91 -41.29 -16.23 68.25
CA TYR E 91 -41.35 -17.68 68.33
C TYR E 91 -39.97 -18.24 68.29
N THR E 92 -39.10 -17.68 67.48
CA THR E 92 -37.71 -18.13 67.36
C THR E 92 -36.86 -17.77 68.59
N ALA E 93 -37.17 -16.63 69.18
CA ALA E 93 -36.51 -16.18 70.40
C ALA E 93 -36.91 -17.09 71.56
N ILE E 94 -38.17 -17.46 71.64
CA ILE E 94 -38.65 -18.39 72.67
C ILE E 94 -38.01 -19.77 72.48
N THR E 95 -37.87 -20.15 71.22
CA THR E 95 -37.32 -21.47 70.86
C THR E 95 -35.89 -21.61 71.29
N GLN E 96 -35.12 -20.55 71.02
CA GLN E 96 -33.69 -20.55 71.33
C GLN E 96 -33.55 -20.55 72.85
N VAL E 97 -32.60 -21.35 73.33
CA VAL E 97 -32.32 -21.41 74.78
C VAL E 97 -33.55 -22.01 75.52
N LEU E 98 -34.16 -23.00 74.90
CA LEU E 98 -35.34 -23.63 75.51
C LEU E 98 -35.22 -25.14 75.44
N ASP E 99 -34.52 -25.69 76.42
CA ASP E 99 -34.33 -27.14 76.54
C ASP E 99 -34.50 -27.62 77.98
N SER E 100 -35.54 -28.38 78.21
CA SER E 100 -35.74 -28.90 79.57
C SER E 100 -34.78 -30.11 79.76
N ASN E 101 -34.97 -31.25 79.09
CA ASN E 101 -36.24 -31.98 78.84
C ASN E 101 -37.07 -31.48 77.65
N LYS E 102 -37.90 -32.41 77.20
CA LYS E 102 -38.79 -32.21 76.04
C LYS E 102 -39.87 -31.17 76.34
N ASN E 103 -40.51 -31.32 77.50
CA ASN E 103 -41.58 -30.39 77.92
C ASN E 103 -40.97 -29.27 78.77
N ASN E 104 -41.05 -28.07 78.24
CA ASN E 104 -40.48 -26.88 78.89
C ASN E 104 -41.59 -25.92 79.32
N LYS E 105 -41.82 -25.92 80.63
CA LYS E 105 -42.80 -25.03 81.25
C LYS E 105 -42.08 -23.78 81.74
N VAL E 106 -42.60 -22.64 81.33
CA VAL E 106 -41.95 -21.37 81.69
C VAL E 106 -42.96 -20.29 82.12
N GLN E 107 -42.33 -19.20 82.49
CA GLN E 107 -42.96 -17.91 82.75
C GLN E 107 -42.11 -16.95 81.92
N LEU E 108 -42.78 -16.01 81.26
CA LEU E 108 -42.05 -15.06 80.39
C LEU E 108 -42.13 -13.66 80.97
N VAL E 109 -40.95 -13.09 81.13
CA VAL E 109 -40.85 -11.70 81.55
C VAL E 109 -40.21 -10.89 80.40
N LEU E 110 -40.90 -9.82 80.07
CA LEU E 110 -40.42 -8.92 79.02
C LEU E 110 -40.91 -7.49 79.28
N ALA E 111 -40.46 -6.58 78.43
CA ALA E 111 -40.81 -5.16 78.47
C ALA E 111 -41.29 -4.60 77.11
N CYS E 112 -41.83 -3.42 77.16
CA CYS E 112 -42.29 -2.73 75.96
C CYS E 112 -42.16 -1.23 76.20
N PRO E 113 -42.15 -0.43 75.13
CA PRO E 113 -42.03 1.03 75.22
C PRO E 113 -43.03 1.54 76.26
N LEU E 114 -42.59 2.51 77.05
CA LEU E 114 -43.42 3.06 78.14
C LEU E 114 -44.75 3.61 77.65
N SER E 115 -44.74 4.13 76.42
CA SER E 115 -45.91 4.78 75.83
C SER E 115 -47.04 3.82 75.44
N VAL E 116 -46.71 2.54 75.37
CA VAL E 116 -47.69 1.52 75.00
C VAL E 116 -48.08 0.59 76.16
N LEU E 117 -47.32 0.69 77.24
CA LEU E 117 -47.49 -0.19 78.41
C LEU E 117 -48.81 0.07 79.14
N ARG E 118 -49.93 -0.26 78.54
CA ARG E 118 -51.28 -0.11 79.14
C ARG E 118 -52.37 -0.10 78.06
N ASN E 119 -51.95 0.20 76.83
CA ASN E 119 -52.87 0.29 75.69
C ASN E 119 -53.31 -1.11 75.23
N ALA E 120 -53.93 -1.14 74.06
CA ALA E 120 -54.32 -2.38 73.36
C ALA E 120 -53.08 -3.13 72.86
N LYS E 121 -51.97 -2.44 72.73
CA LYS E 121 -50.72 -3.09 72.27
C LYS E 121 -49.69 -2.99 73.37
N ALA E 122 -48.77 -3.96 73.37
CA ALA E 122 -47.78 -4.13 74.44
C ALA E 122 -48.43 -4.24 75.82
N LYS E 123 -49.70 -4.61 75.76
CA LYS E 123 -50.50 -4.83 76.95
C LYS E 123 -51.61 -5.87 76.72
N GLU E 124 -52.19 -5.92 75.53
CA GLU E 124 -53.14 -7.01 75.25
C GLU E 124 -52.71 -7.91 74.09
N GLU E 125 -52.29 -7.30 72.98
CA GLU E 125 -51.89 -8.09 71.80
C GLU E 125 -50.53 -8.72 72.02
N TYR E 126 -49.60 -8.04 72.68
CA TYR E 126 -48.27 -8.60 72.95
C TYR E 126 -48.34 -9.77 73.95
N ARG E 127 -49.18 -9.58 74.97
CA ARG E 127 -49.42 -10.62 75.97
C ARG E 127 -50.09 -11.86 75.35
N ASP E 128 -50.90 -11.62 74.33
CA ASP E 128 -51.58 -12.71 73.62
C ASP E 128 -50.60 -13.53 72.78
N TYR E 129 -49.59 -12.86 72.27
CA TYR E 129 -48.56 -13.51 71.45
C TYR E 129 -47.69 -14.40 72.35
N ILE E 130 -47.41 -13.88 73.53
CA ILE E 130 -46.53 -14.56 74.49
C ILE E 130 -47.23 -15.70 75.23
N LYS E 131 -48.48 -15.40 75.63
CA LYS E 131 -49.39 -16.25 76.37
C LYS E 131 -50.01 -17.42 75.58
N GLY E 132 -49.22 -18.45 75.19
CA GLY E 132 -49.75 -19.69 74.60
C GLY E 132 -48.68 -20.80 74.55
N ASN E 133 -49.18 -22.02 74.48
CA ASN E 133 -48.33 -23.20 74.28
C ASN E 133 -47.98 -23.32 72.79
N GLY E 134 -46.84 -23.94 72.53
CA GLY E 134 -46.39 -24.15 71.14
C GLY E 134 -45.32 -25.23 71.07
N GLU E 135 -45.32 -25.90 69.93
CA GLU E 135 -44.32 -26.92 69.62
C GLU E 135 -43.31 -26.28 68.66
N ILE E 136 -42.07 -26.26 69.11
CA ILE E 136 -40.99 -25.70 68.31
C ILE E 136 -39.89 -26.75 68.17
N THR E 137 -39.40 -26.87 66.96
CA THR E 137 -38.25 -27.73 66.66
C THR E 137 -36.97 -26.88 66.75
N VAL E 138 -35.85 -27.58 66.92
CA VAL E 138 -34.55 -26.90 67.04
C VAL E 138 -33.69 -27.16 65.82
N LYS E 139 -33.60 -28.43 65.50
CA LYS E 139 -32.80 -28.84 64.33
C LYS E 139 -33.71 -29.48 63.29
N VAL E 140 -33.35 -29.35 62.03
CA VAL E 140 -34.11 -29.99 60.93
C VAL E 140 -34.22 -31.52 61.14
N ASP E 141 -33.19 -32.07 61.76
CA ASP E 141 -33.15 -33.49 62.08
C ASP E 141 -33.39 -33.73 63.58
N ASP E 142 -33.89 -32.70 64.26
CA ASP E 142 -34.15 -32.65 65.71
C ASP E 142 -34.93 -31.35 65.95
N LYS E 143 -34.74 -30.63 67.05
CA LYS E 143 -35.02 -31.17 68.38
C LYS E 143 -36.31 -30.52 68.84
N GLU E 144 -37.35 -31.34 68.92
CA GLU E 144 -38.68 -30.85 69.31
C GLU E 144 -38.73 -30.48 70.80
N TYR E 145 -39.27 -29.30 71.06
CA TYR E 145 -39.56 -28.85 72.42
C TYR E 145 -41.01 -28.42 72.51
N SER E 146 -41.67 -28.91 73.55
CA SER E 146 -43.08 -28.55 73.83
C SER E 146 -43.05 -27.48 74.92
N PHE E 147 -43.49 -26.29 74.53
CA PHE E 147 -43.38 -25.12 75.41
C PHE E 147 -44.75 -24.66 75.90
N GLU E 148 -44.82 -24.66 77.21
CA GLU E 148 -45.96 -24.16 77.89
C GLU E 148 -45.69 -22.93 78.71
N ILE E 149 -46.58 -21.96 78.58
CA ILE E 149 -46.37 -20.71 79.33
C ILE E 149 -47.39 -20.61 80.46
N THR E 150 -46.84 -20.53 81.65
CA THR E 150 -47.67 -20.54 82.87
C THR E 150 -48.04 -19.14 83.33
N ASP E 151 -47.37 -18.14 82.78
CA ASP E 151 -47.62 -16.72 83.11
C ASP E 151 -46.74 -15.80 82.24
N ILE E 152 -47.15 -14.55 82.21
CA ILE E 152 -46.40 -13.51 81.48
C ILE E 152 -46.42 -12.22 82.28
N THR E 153 -45.31 -11.48 82.18
CA THR E 153 -45.14 -10.24 82.97
C THR E 153 -44.41 -9.20 82.16
N ILE E 154 -45.14 -8.14 81.89
CA ILE E 154 -44.63 -7.06 81.03
C ILE E 154 -44.57 -5.76 81.83
N LYS E 155 -43.43 -5.10 81.70
CA LYS E 155 -43.21 -3.78 82.30
C LYS E 155 -42.59 -2.84 81.27
N ALA E 156 -42.43 -1.57 81.65
CA ALA E 156 -41.87 -0.53 80.79
C ALA E 156 -40.40 -0.88 80.69
N GLU E 157 -39.85 -0.72 79.50
CA GLU E 157 -38.46 -1.12 79.24
C GLU E 157 -37.44 -0.55 80.23
N GLY E 158 -37.59 0.76 80.51
CA GLY E 158 -36.70 1.46 81.46
C GLY E 158 -36.77 0.81 82.84
N SER E 159 -37.87 0.17 83.16
CA SER E 159 -38.02 -0.48 84.48
C SER E 159 -37.10 -1.70 84.64
N GLY E 160 -36.82 -2.39 83.53
CA GLY E 160 -35.93 -3.57 83.55
C GLY E 160 -34.52 -3.17 83.99
N VAL E 161 -34.10 -2.01 83.49
CA VAL E 161 -32.78 -1.43 83.81
C VAL E 161 -32.69 -1.02 85.29
N LEU E 162 -33.71 -0.31 85.76
CA LEU E 162 -33.78 0.11 87.17
C LEU E 162 -33.73 -1.09 88.13
N PHE E 163 -34.40 -2.16 87.72
CA PHE E 163 -34.54 -3.36 88.56
C PHE E 163 -33.23 -4.11 88.63
N LEU E 164 -32.51 -4.11 87.51
CA LEU E 164 -31.25 -4.82 87.42
C LEU E 164 -30.21 -4.20 88.37
N GLU E 165 -30.19 -2.87 88.41
CA GLU E 165 -29.29 -2.14 89.32
C GLU E 165 -29.72 -2.44 90.77
N GLN E 166 -28.75 -2.46 91.67
CA GLN E 166 -28.95 -2.68 93.11
C GLN E 166 -29.10 -1.35 93.86
N GLU E 167 -30.29 -0.81 93.81
CA GLU E 167 -30.61 0.48 94.46
C GLU E 167 -31.94 0.36 95.16
N ASN E 168 -32.05 1.09 96.25
CA ASN E 168 -33.31 1.18 96.99
C ASN E 168 -33.84 2.61 96.86
N PHE E 169 -35.15 2.78 96.82
CA PHE E 169 -35.84 2.89 95.52
C PHE E 169 -37.34 3.15 95.67
N LYS E 170 -37.92 2.63 96.75
CA LYS E 170 -39.37 2.77 96.99
C LYS E 170 -39.81 4.24 97.10
N ASN E 171 -38.92 5.08 97.64
CA ASN E 171 -39.21 6.50 97.86
C ASN E 171 -38.10 7.44 97.36
N LYS E 172 -37.47 7.02 96.26
CA LYS E 172 -36.36 7.79 95.69
C LYS E 172 -36.70 8.29 94.29
N ASN E 173 -35.84 9.17 93.79
CA ASN E 173 -35.93 9.70 92.43
C ASN E 173 -34.71 9.22 91.65
N VAL E 174 -35.01 8.50 90.58
CA VAL E 174 -33.98 7.91 89.73
C VAL E 174 -34.29 8.22 88.26
N ALA E 175 -33.24 8.31 87.47
CA ALA E 175 -33.41 8.46 86.02
C ALA E 175 -32.51 7.48 85.28
N VAL E 176 -33.02 7.09 84.12
CA VAL E 176 -32.31 6.16 83.24
C VAL E 176 -31.91 6.97 82.01
N ILE E 177 -30.61 7.10 81.84
CA ILE E 177 -30.04 7.84 80.70
C ILE E 177 -29.48 6.84 79.68
N ASP E 178 -30.27 6.66 78.64
CA ASP E 178 -30.02 5.62 77.65
C ASP E 178 -29.46 6.23 76.37
N PHE E 179 -28.16 6.04 76.18
CA PHE E 179 -27.50 6.46 74.95
C PHE E 179 -27.64 5.41 73.83
N GLY E 180 -28.71 5.60 73.06
CA GLY E 180 -29.04 4.74 71.92
C GLY E 180 -28.26 5.18 70.67
N GLY E 181 -28.41 4.35 69.63
CA GLY E 181 -27.81 4.60 68.31
C GLY E 181 -28.28 5.89 67.63
N LEU E 182 -29.58 6.11 67.72
CA LEU E 182 -30.21 7.26 67.04
C LEU E 182 -30.77 8.32 68.01
N ASN E 183 -31.00 7.91 69.25
CA ASN E 183 -31.55 8.82 70.26
C ASN E 183 -30.93 8.58 71.63
N MET E 184 -31.06 9.59 72.48
CA MET E 184 -30.65 9.51 73.90
C MET E 184 -31.87 9.80 74.78
N GLY E 185 -32.35 8.74 75.44
CA GLY E 185 -33.62 8.79 76.17
C GLY E 185 -33.48 8.76 77.69
N PHE E 186 -34.19 9.70 78.31
CA PHE E 186 -34.13 9.91 79.77
C PHE E 186 -35.52 9.65 80.32
N SER E 187 -35.57 8.67 81.20
CA SER E 187 -36.81 8.29 81.88
C SER E 187 -36.62 8.44 83.39
N LEU E 188 -37.45 9.26 84.01
CA LEU E 188 -37.32 9.56 85.44
C LEU E 188 -38.46 8.87 86.20
N TYR E 189 -38.07 8.31 87.33
CA TYR E 189 -38.97 7.61 88.25
C TYR E 189 -38.88 8.24 89.64
N ARG E 190 -40.04 8.36 90.26
CA ARG E 190 -40.16 8.89 91.62
C ARG E 190 -41.10 7.98 92.41
N ASN E 191 -40.58 7.37 93.45
CA ASN E 191 -41.37 6.44 94.30
C ASN E 191 -41.91 5.31 93.45
N CYS E 192 -41.03 4.77 92.60
CA CYS E 192 -41.29 3.61 91.71
C CYS E 192 -42.30 3.88 90.58
N VAL E 193 -42.59 5.15 90.30
CA VAL E 193 -43.51 5.51 89.22
C VAL E 193 -42.82 6.49 88.27
N VAL E 194 -42.92 6.16 87.00
CA VAL E 194 -42.39 7.02 85.95
C VAL E 194 -43.06 8.41 85.99
N ASN E 195 -42.24 9.43 85.82
CA ASN E 195 -42.69 10.82 85.80
C ASN E 195 -42.50 11.37 84.39
N PRO E 196 -43.57 11.36 83.61
CA PRO E 196 -43.56 11.81 82.21
C PRO E 196 -43.12 13.26 82.03
N SER E 197 -43.51 14.08 82.99
CA SER E 197 -43.13 15.51 83.02
C SER E 197 -41.61 15.71 83.16
N GLU E 198 -40.92 14.68 83.64
CA GLU E 198 -39.47 14.76 83.87
C GLU E 198 -38.68 13.75 83.02
N ARG E 199 -39.30 13.29 81.95
CA ARG E 199 -38.67 12.40 80.98
C ARG E 199 -38.67 13.08 79.63
N PHE E 200 -37.70 12.72 78.80
CA PHE E 200 -37.52 13.36 77.49
C PHE E 200 -36.54 12.58 76.61
N ILE E 201 -36.57 12.92 75.34
CA ILE E 201 -35.71 12.31 74.32
C ILE E 201 -34.95 13.39 73.57
N GLU E 202 -33.70 13.08 73.27
CA GLU E 202 -32.89 13.93 72.40
C GLU E 202 -32.61 13.11 71.14
N GLU E 203 -32.93 13.75 70.02
CA GLU E 203 -32.90 13.09 68.71
C GLU E 203 -31.47 12.90 68.18
N HIS E 204 -30.51 12.66 69.02
CA HIS E 204 -29.13 12.40 68.57
C HIS E 204 -28.63 11.19 69.33
N GLY E 205 -27.90 10.35 68.60
CA GLY E 205 -27.40 9.10 69.18
C GLY E 205 -25.90 8.95 68.96
N VAL E 206 -25.45 7.70 69.10
CA VAL E 206 -24.03 7.34 68.86
C VAL E 206 -23.66 7.54 67.39
N LYS E 207 -24.60 7.23 66.51
CA LYS E 207 -24.39 7.36 65.07
C LYS E 207 -24.10 8.83 64.75
N ASP E 208 -24.85 9.73 65.36
CA ASP E 208 -24.61 11.18 65.24
C ASP E 208 -23.27 11.60 65.85
N LEU E 209 -22.92 10.93 66.93
CA LEU E 209 -21.66 11.20 67.62
C LEU E 209 -20.46 10.90 66.74
N ILE E 210 -20.38 9.65 66.32
CA ILE E 210 -19.27 9.16 65.47
C ILE E 210 -19.23 9.91 64.13
N ILE E 211 -20.42 10.33 63.68
CA ILE E 211 -20.59 11.09 62.46
C ILE E 211 -19.98 12.48 62.49
N ARG E 212 -20.31 13.10 63.60
CA ARG E 212 -19.88 14.47 63.88
C ARG E 212 -18.37 14.50 64.06
N VAL E 213 -17.82 13.37 64.52
CA VAL E 213 -16.37 13.24 64.75
C VAL E 213 -15.65 12.96 63.43
N GLY E 214 -16.18 11.97 62.69
CA GLY E 214 -15.60 11.56 61.41
C GLY E 214 -15.52 12.74 60.45
N ASP E 215 -16.45 13.69 60.64
CA ASP E 215 -16.53 14.91 59.81
C ASP E 215 -16.76 14.52 58.34
N ALA E 216 -17.49 13.44 58.14
CA ALA E 216 -17.81 12.94 56.80
C ALA E 216 -19.02 12.02 56.87
N LEU E 217 -19.83 12.07 55.81
CA LEU E 217 -21.06 11.26 55.74
C LEU E 217 -20.74 9.76 55.77
N THR E 218 -19.65 9.43 55.12
CA THR E 218 -19.18 8.05 55.14
C THR E 218 -17.96 8.14 56.01
N ASP E 219 -17.25 7.04 56.04
CA ASP E 219 -15.95 7.30 56.56
C ASP E 219 -15.78 7.28 58.09
N LEU E 220 -16.74 6.59 58.70
CA LEU E 220 -16.89 6.70 60.13
C LEU E 220 -16.80 5.38 60.76
N ASN E 221 -17.76 4.47 60.83
CA ASN E 221 -17.47 3.06 61.20
C ASN E 221 -15.97 2.91 61.43
N ASN E 222 -15.55 2.02 62.26
CA ASN E 222 -14.11 1.95 62.53
C ASN E 222 -13.18 1.76 61.30
N GLY E 223 -13.83 1.37 60.19
CA GLY E 223 -13.21 1.38 58.87
C GLY E 223 -14.18 1.98 57.87
N ASN E 224 -13.91 3.20 57.52
CA ASN E 224 -14.76 3.84 56.52
C ASN E 224 -14.41 3.56 55.07
N LEU E 225 -13.12 3.41 54.84
CA LEU E 225 -12.57 2.99 53.55
C LEU E 225 -11.61 1.85 53.84
N ILE E 226 -11.91 0.70 53.25
CA ILE E 226 -11.12 -0.52 53.51
C ILE E 226 -9.66 -0.38 53.00
N THR E 227 -9.48 0.44 51.98
CA THR E 227 -8.14 0.67 51.43
C THR E 227 -7.27 1.58 52.31
N ASN E 228 -7.70 1.77 53.56
CA ASN E 228 -6.91 2.48 54.58
C ASN E 228 -6.51 1.47 55.65
N GLU E 229 -5.27 1.62 56.10
CA GLU E 229 -4.71 0.72 57.12
C GLU E 229 -5.56 0.75 58.39
N GLN E 230 -5.59 -0.38 59.09
CA GLN E 230 -6.35 -0.52 60.34
C GLN E 230 -5.97 0.63 61.27
N ALA E 231 -6.97 1.44 61.64
CA ALA E 231 -6.83 2.60 62.55
C ALA E 231 -7.12 3.91 61.82
N GLU E 232 -6.80 3.93 60.53
CA GLU E 232 -7.04 5.11 59.70
C GLU E 232 -8.51 5.12 59.36
N SER E 233 -9.06 6.35 59.52
CA SER E 233 -10.44 6.67 59.22
C SER E 233 -11.38 5.79 60.05
N ALA E 234 -11.07 5.83 61.35
CA ALA E 234 -11.82 5.21 62.44
C ALA E 234 -13.33 5.49 62.25
N LEU E 235 -14.17 5.62 63.27
CA LEU E 235 -13.91 5.98 64.64
C LEU E 235 -14.28 4.92 65.62
N ASN E 236 -15.42 4.29 65.34
CA ASN E 236 -15.98 3.29 66.25
C ASN E 236 -14.93 2.21 66.58
N ASN E 237 -14.01 1.96 65.67
CA ASN E 237 -12.91 1.03 65.99
C ASN E 237 -11.62 1.77 66.08
N GLY E 238 -11.40 1.86 67.35
CA GLY E 238 -10.17 2.49 67.84
C GLY E 238 -10.51 3.79 68.53
N TYR E 239 -9.72 4.05 69.55
CA TYR E 239 -9.84 5.30 70.34
C TYR E 239 -8.73 6.27 69.92
N MET E 240 -7.89 6.66 70.88
CA MET E 240 -6.73 7.51 70.63
C MET E 240 -5.50 6.59 70.57
N LYS E 241 -5.41 5.86 69.46
CA LYS E 241 -4.38 4.82 69.30
C LYS E 241 -3.30 5.18 68.27
N LYS E 242 -3.27 6.45 67.85
CA LYS E 242 -2.25 6.92 66.90
C LYS E 242 -1.05 7.46 67.69
N GLY E 243 -0.05 6.58 67.83
CA GLY E 243 1.17 6.87 68.62
C GLY E 243 2.15 7.81 67.90
N GLY E 244 1.64 8.50 66.87
CA GLY E 244 2.42 9.50 66.11
C GLY E 244 2.14 10.86 66.75
N GLU E 245 3.09 11.30 67.57
CA GLU E 245 2.96 12.56 68.34
C GLU E 245 2.68 13.78 67.44
N ILE E 246 2.92 13.62 66.14
CA ILE E 246 2.70 14.68 65.14
C ILE E 246 1.24 14.82 64.69
N ASP E 247 0.49 13.72 64.73
CA ASP E 247 -0.90 13.72 64.25
C ASP E 247 -1.75 14.67 65.10
N THR E 248 -2.67 15.35 64.42
CA THR E 248 -3.55 16.31 65.10
C THR E 248 -5.03 15.93 65.01
N GLU E 249 -5.32 14.81 64.34
CA GLU E 249 -6.67 14.23 64.33
C GLU E 249 -7.03 13.81 65.76
N SER E 250 -8.33 13.70 66.04
CA SER E 250 -8.79 13.23 67.37
C SER E 250 -7.97 12.01 67.80
N SER E 251 -7.76 11.71 69.07
CA SER E 251 -8.34 12.19 70.34
C SER E 251 -8.94 13.58 70.56
N THR E 252 -8.35 14.61 70.00
CA THR E 252 -8.83 15.98 70.27
C THR E 252 -10.31 16.18 69.89
N VAL E 253 -10.70 15.59 68.76
CA VAL E 253 -12.07 15.70 68.24
C VAL E 253 -13.04 15.00 69.19
N ILE E 254 -12.70 13.78 69.58
CA ILE E 254 -13.55 12.96 70.47
C ILE E 254 -13.99 13.75 71.72
N LYS E 255 -13.00 14.28 72.45
CA LYS E 255 -13.26 15.01 73.70
C LYS E 255 -14.09 16.26 73.42
N LYS E 256 -13.96 16.81 72.22
CA LYS E 256 -14.70 17.99 71.79
C LYS E 256 -16.18 17.75 71.51
N VAL E 257 -16.42 16.69 70.77
CA VAL E 257 -17.79 16.27 70.46
C VAL E 257 -18.52 15.82 71.73
N LYS E 258 -17.84 14.97 72.48
CA LYS E 258 -18.39 14.41 73.73
C LYS E 258 -18.59 15.51 74.77
N GLU E 259 -17.75 16.53 74.72
CA GLU E 259 -17.83 17.66 75.66
C GLU E 259 -19.15 18.40 75.49
N LYS E 260 -19.53 18.59 74.23
CA LYS E 260 -20.78 19.27 73.87
C LYS E 260 -22.00 18.38 74.12
N PHE E 261 -21.82 17.09 73.89
CA PHE E 261 -22.91 16.11 74.08
C PHE E 261 -23.30 16.02 75.56
N LEU E 262 -22.28 15.97 76.41
CA LEU E 262 -22.48 15.90 77.87
C LEU E 262 -23.05 17.18 78.45
N LYS E 263 -22.60 18.31 77.89
CA LYS E 263 -23.08 19.62 78.35
C LYS E 263 -24.55 19.79 77.99
N ASP E 264 -24.94 19.29 76.83
CA ASP E 264 -26.33 19.38 76.37
C ASP E 264 -27.21 18.46 77.22
N ALA E 265 -26.74 17.26 77.50
CA ALA E 265 -27.52 16.27 78.26
C ALA E 265 -27.81 16.73 79.69
N ILE E 266 -26.76 17.20 80.36
CA ILE E 266 -26.86 17.64 81.77
C ILE E 266 -27.66 18.95 81.88
N LYS E 267 -27.54 19.79 80.85
CA LYS E 267 -28.25 21.07 80.80
C LYS E 267 -29.76 20.83 80.70
N LEU E 268 -30.13 19.82 79.91
CA LEU E 268 -31.55 19.43 79.77
C LEU E 268 -32.07 18.81 81.07
N ILE E 269 -31.20 18.07 81.73
CA ILE E 269 -31.53 17.44 83.02
C ILE E 269 -31.92 18.48 84.05
N GLU E 270 -31.09 19.50 84.15
CA GLU E 270 -31.29 20.54 85.15
C GLU E 270 -32.53 21.39 84.85
N LYS E 271 -32.86 21.49 83.55
CA LYS E 271 -34.06 22.22 83.12
C LYS E 271 -35.34 21.43 83.41
N ARG E 272 -35.33 20.15 83.06
CA ARG E 272 -36.53 19.30 83.17
C ARG E 272 -36.62 18.56 84.50
N GLY E 273 -35.55 17.80 84.79
CA GLY E 273 -35.45 16.93 85.96
C GLY E 273 -35.41 17.75 87.25
N PHE E 274 -34.52 18.76 87.29
CA PHE E 274 -34.27 19.70 88.41
C PHE E 274 -32.83 19.64 88.93
N LYS E 275 -32.64 20.09 90.16
CA LYS E 275 -31.35 20.10 90.84
C LYS E 275 -30.80 18.67 90.82
N LEU E 276 -29.63 18.51 90.26
CA LEU E 276 -28.96 17.20 90.18
C LEU E 276 -28.76 16.55 91.56
N ASP E 277 -28.90 17.36 92.61
CA ASP E 277 -28.79 16.88 93.99
C ASP E 277 -30.09 16.18 94.47
N GLN E 278 -31.21 16.49 93.84
CA GLN E 278 -32.48 15.86 94.22
C GLN E 278 -32.64 14.46 93.60
N LEU E 279 -31.68 14.10 92.75
CA LEU E 279 -31.66 12.79 92.09
C LEU E 279 -30.78 11.85 92.91
N ASP E 280 -31.33 10.67 93.19
CA ASP E 280 -30.63 9.65 93.99
C ASP E 280 -29.61 8.88 93.16
N SER E 281 -29.94 8.69 91.88
CA SER E 281 -29.05 7.97 90.95
C SER E 281 -29.56 8.12 89.52
N LEU E 282 -28.58 8.16 88.63
CA LEU E 282 -28.83 8.20 87.18
C LEU E 282 -28.09 7.03 86.55
N ILE E 283 -28.86 6.04 86.13
CA ILE E 283 -28.28 4.82 85.51
C ILE E 283 -27.97 5.16 84.07
N PHE E 284 -26.75 4.83 83.67
CA PHE E 284 -26.25 5.17 82.33
C PHE E 284 -26.26 3.88 81.55
N ILE E 285 -27.11 3.79 80.55
CA ILE E 285 -27.30 2.56 79.76
C ILE E 285 -27.34 2.90 78.26
N GLY E 286 -27.34 1.83 77.47
CA GLY E 286 -27.34 1.99 76.01
C GLY E 286 -25.95 1.67 75.46
N GLY E 287 -25.90 1.55 74.13
CA GLY E 287 -24.64 1.24 73.42
C GLY E 287 -23.54 2.28 73.71
N THR E 288 -23.98 3.52 73.95
CA THR E 288 -23.03 4.62 74.20
C THR E 288 -22.57 4.72 75.65
N THR E 289 -23.18 3.96 76.55
CA THR E 289 -22.81 4.11 77.97
C THR E 289 -21.30 3.99 78.21
N GLN E 290 -20.73 2.92 77.67
CA GLN E 290 -19.30 2.67 77.87
C GLN E 290 -18.44 3.85 77.38
N LYS E 291 -18.97 4.55 76.39
CA LYS E 291 -18.26 5.70 75.79
C LYS E 291 -18.28 6.96 76.66
N LEU E 292 -19.39 7.19 77.35
CA LEU E 292 -19.59 8.45 78.09
C LEU E 292 -19.55 8.35 79.61
N LYS E 293 -19.65 7.13 80.15
CA LYS E 293 -19.73 6.94 81.60
C LYS E 293 -18.56 7.62 82.34
N GLU E 294 -17.38 7.55 81.77
CA GLU E 294 -16.20 8.13 82.43
C GLU E 294 -16.30 9.65 82.60
N GLN E 295 -16.64 10.32 81.51
CA GLN E 295 -16.73 11.79 81.55
C GLN E 295 -17.86 12.30 82.40
N ILE E 296 -18.96 11.56 82.38
CA ILE E 296 -20.09 11.94 83.22
C ILE E 296 -19.75 11.88 84.72
N SER E 297 -19.02 10.82 85.08
CA SER E 297 -18.63 10.59 86.47
C SER E 297 -17.79 11.75 87.01
N LYS E 298 -17.04 12.37 86.11
CA LYS E 298 -16.22 13.54 86.45
C LYS E 298 -17.02 14.85 86.39
N THR E 299 -18.10 14.83 85.62
CA THR E 299 -19.01 15.97 85.49
C THR E 299 -19.73 16.20 86.83
N TYR E 300 -20.26 15.11 87.37
CA TYR E 300 -20.95 15.11 88.66
C TYR E 300 -20.56 13.87 89.48
N PRO E 301 -20.13 14.10 90.73
CA PRO E 301 -19.75 13.04 91.67
C PRO E 301 -20.96 12.42 92.37
N ASN E 302 -20.84 11.12 92.65
CA ASN E 302 -21.80 10.34 93.44
C ASN E 302 -23.25 10.31 92.91
N ASN E 303 -23.43 10.34 91.59
CA ASN E 303 -24.79 10.25 91.04
C ASN E 303 -24.96 9.20 89.92
N SER E 304 -23.99 9.18 89.02
CA SER E 304 -24.03 8.26 87.88
C SER E 304 -23.58 6.86 88.25
N ILE E 305 -24.25 5.88 87.68
CA ILE E 305 -23.95 4.46 87.91
C ILE E 305 -24.11 3.71 86.58
N ILE E 306 -23.26 2.72 86.41
CA ILE E 306 -23.32 1.83 85.24
C ILE E 306 -23.27 0.37 85.69
N THR E 307 -23.91 -0.47 84.90
CA THR E 307 -23.87 -1.93 85.13
C THR E 307 -23.03 -2.57 84.02
N ASN E 308 -22.36 -3.66 84.35
CA ASN E 308 -21.59 -4.42 83.36
C ASN E 308 -22.54 -5.07 82.34
N ASN E 309 -22.08 -5.18 81.10
CA ASN E 309 -22.89 -5.72 80.00
C ASN E 309 -24.25 -5.02 79.98
N SER E 310 -24.20 -3.73 79.69
CA SER E 310 -25.42 -2.88 79.65
C SER E 310 -26.48 -3.45 78.69
N GLN E 311 -26.02 -4.16 77.68
CA GLN E 311 -26.91 -4.81 76.72
C GLN E 311 -27.90 -5.80 77.34
N TRP E 312 -27.50 -6.44 78.44
CA TRP E 312 -28.36 -7.40 79.15
C TRP E 312 -29.01 -6.81 80.39
N THR E 313 -28.95 -5.49 80.53
CA THR E 313 -29.55 -4.82 81.68
C THR E 313 -31.05 -5.04 81.88
N THR E 314 -31.75 -4.89 80.77
CA THR E 314 -33.21 -5.02 80.77
C THR E 314 -33.60 -6.46 81.13
N CYS E 315 -32.97 -7.40 80.44
CA CYS E 315 -33.25 -8.82 80.63
C CYS E 315 -32.97 -9.27 82.08
N GLU E 316 -31.89 -8.79 82.66
CA GLU E 316 -31.57 -9.20 84.04
C GLU E 316 -32.60 -8.61 85.02
N GLY E 317 -33.18 -7.46 84.61
CA GLY E 317 -34.24 -6.80 85.39
C GLY E 317 -35.55 -7.57 85.28
N LEU E 318 -35.88 -7.95 84.05
CA LEU E 318 -37.09 -8.71 83.78
C LEU E 318 -37.03 -10.09 84.43
N TYR E 319 -35.85 -10.69 84.43
CA TYR E 319 -35.67 -12.03 85.02
C TYR E 319 -36.05 -12.06 86.49
N LYS E 320 -35.76 -10.97 87.19
CA LYS E 320 -36.06 -10.86 88.63
C LYS E 320 -37.58 -10.83 88.87
N VAL E 321 -38.31 -10.13 88.04
CA VAL E 321 -39.78 -10.12 88.17
C VAL E 321 -40.37 -11.47 87.77
N ALA E 322 -39.69 -12.13 86.85
CA ALA E 322 -40.17 -13.43 86.40
C ALA E 322 -39.95 -14.54 87.42
N VAL E 323 -38.92 -14.38 88.26
CA VAL E 323 -38.70 -15.30 89.38
C VAL E 323 -39.85 -15.18 90.39
N ALA E 324 -40.32 -13.94 90.56
CA ALA E 324 -41.43 -13.62 91.46
C ALA E 324 -42.73 -14.19 90.89
N LYS E 325 -42.85 -14.14 89.58
CA LYS E 325 -44.01 -14.70 88.87
C LYS E 325 -44.00 -16.21 88.92
N TYR E 326 -42.81 -16.77 88.90
CA TYR E 326 -42.60 -18.21 88.98
C TYR E 326 -43.04 -18.73 90.36
N CYS E 327 -42.76 -17.97 91.40
CA CYS E 327 -43.21 -18.33 92.75
C CYS E 327 -44.74 -18.24 92.86
N ILE E 328 -45.30 -17.28 92.29
N THR F 5 -38.73 -35.87 47.01
CA THR F 5 -38.51 -35.67 45.56
C THR F 5 -37.01 -35.63 45.20
N ASN F 6 -36.76 -35.83 43.91
CA ASN F 6 -35.41 -35.79 43.34
C ASN F 6 -35.27 -34.54 42.46
N GLU F 7 -35.00 -33.44 43.12
CA GLU F 7 -34.94 -32.18 42.39
C GLU F 7 -33.46 -31.66 42.48
N TYR F 8 -33.01 -31.01 41.43
CA TYR F 8 -31.66 -30.41 41.36
C TYR F 8 -31.78 -28.89 41.19
N VAL F 9 -30.65 -28.23 41.39
CA VAL F 9 -30.59 -26.78 41.25
C VAL F 9 -29.68 -26.44 40.05
N MET F 10 -30.27 -25.71 39.12
CA MET F 10 -29.53 -25.20 37.98
C MET F 10 -29.40 -23.68 38.11
N THR F 11 -28.15 -23.24 38.00
CA THR F 11 -27.86 -21.83 38.06
C THR F 11 -27.29 -21.38 36.72
N LEU F 12 -27.91 -20.35 36.19
CA LEU F 12 -27.56 -19.83 34.87
C LEU F 12 -27.30 -18.32 34.91
N ASP F 13 -26.37 -17.90 34.07
CA ASP F 13 -26.00 -16.49 33.94
C ASP F 13 -25.80 -16.16 32.45
N ALA F 14 -26.87 -15.66 31.84
CA ALA F 14 -26.84 -15.25 30.43
C ALA F 14 -26.33 -13.80 30.33
N GLY F 15 -25.00 -13.68 30.34
CA GLY F 15 -24.36 -12.35 30.42
C GLY F 15 -23.88 -11.86 29.06
N LYS F 16 -23.11 -10.77 29.13
CA LYS F 16 -22.51 -10.09 27.97
C LYS F 16 -22.37 -11.05 26.76
N TYR F 17 -21.20 -11.65 26.66
CA TYR F 17 -20.85 -12.47 25.49
C TYR F 17 -20.67 -13.93 25.87
N GLU F 18 -20.84 -14.24 27.16
CA GLU F 18 -20.72 -15.62 27.64
C GLU F 18 -21.89 -16.02 28.52
N THR F 19 -22.21 -17.30 28.45
CA THR F 19 -23.24 -17.93 29.31
C THR F 19 -22.53 -18.87 30.28
N LYS F 20 -22.80 -18.65 31.56
CA LYS F 20 -22.24 -19.49 32.63
C LYS F 20 -23.37 -20.35 33.21
N LEU F 21 -23.04 -21.61 33.45
CA LEU F 21 -24.01 -22.56 34.00
C LEU F 21 -23.35 -23.48 35.02
N ILE F 22 -24.11 -23.86 36.03
CA ILE F 22 -23.62 -24.75 37.10
C ILE F 22 -24.74 -25.63 37.63
N GLY F 23 -24.40 -26.90 37.77
CA GLY F 23 -25.28 -27.90 38.40
C GLY F 23 -24.42 -28.79 39.27
N LYS F 24 -24.97 -29.26 40.38
CA LYS F 24 -24.21 -30.14 41.29
C LYS F 24 -23.85 -31.47 40.65
N ASN F 25 -24.70 -31.88 39.72
CA ASN F 25 -24.47 -33.13 38.97
C ASN F 25 -23.30 -33.01 38.02
N LYS F 26 -23.26 -31.89 37.29
CA LYS F 26 -22.15 -31.67 36.36
C LYS F 26 -20.86 -31.36 37.10
N LYS F 27 -20.96 -30.51 38.10
CA LYS F 27 -19.78 -30.13 38.90
C LYS F 27 -19.13 -31.37 39.53
N GLY F 28 -19.99 -32.35 39.89
CA GLY F 28 -19.57 -33.61 40.51
C GLY F 28 -18.73 -34.49 39.57
N THR F 29 -18.96 -34.33 38.27
CA THR F 29 -18.34 -35.21 37.26
C THR F 29 -17.18 -34.52 36.53
N THR F 30 -17.37 -33.25 36.21
CA THR F 30 -16.34 -32.48 35.49
C THR F 30 -15.69 -31.49 36.47
N GLU F 31 -14.38 -31.32 36.27
CA GLU F 31 -13.60 -30.48 37.20
C GLU F 31 -13.55 -29.03 36.77
N ASP F 32 -13.78 -28.80 35.50
CA ASP F 32 -13.71 -27.44 35.01
C ASP F 32 -14.74 -26.60 35.80
N ILE F 33 -14.88 -25.36 35.37
CA ILE F 33 -15.73 -24.43 36.09
C ILE F 33 -17.07 -24.19 35.52
N LYS F 34 -17.77 -25.05 34.88
CA LYS F 34 -17.54 -26.47 34.75
C LYS F 34 -18.27 -27.48 35.66
N ARG F 35 -19.59 -27.26 35.84
CA ARG F 35 -20.34 -26.09 35.36
C ARG F 35 -20.05 -25.96 33.80
N VAL F 36 -20.07 -24.76 33.30
CA VAL F 36 -19.54 -24.36 31.98
C VAL F 36 -19.62 -22.83 31.67
N ILE F 37 -18.69 -22.40 30.85
CA ILE F 37 -18.67 -21.02 30.34
C ILE F 37 -18.40 -21.07 28.84
N PHE F 38 -19.42 -20.70 28.08
CA PHE F 38 -19.35 -20.72 26.62
C PHE F 38 -19.84 -19.40 26.05
N LYS F 39 -19.26 -18.99 24.92
CA LYS F 39 -19.64 -17.75 24.25
C LYS F 39 -21.13 -17.82 23.89
N THR F 40 -21.81 -16.68 24.03
CA THR F 40 -23.24 -16.55 23.72
C THR F 40 -23.46 -16.54 22.21
N LYS F 41 -23.13 -17.67 21.60
CA LYS F 41 -23.31 -17.90 20.16
C LYS F 41 -23.94 -19.28 19.98
N ILE F 42 -24.71 -19.41 18.91
CA ILE F 42 -25.39 -20.68 18.63
C ILE F 42 -25.32 -20.93 17.12
N TYR F 43 -25.24 -22.20 16.78
CA TYR F 43 -25.23 -22.61 15.38
C TYR F 43 -26.24 -23.73 15.13
N ASN F 44 -26.29 -24.19 13.90
CA ASN F 44 -27.18 -25.29 13.50
C ASN F 44 -26.45 -26.16 12.48
N LEU F 45 -26.76 -27.45 12.52
CA LEU F 45 -26.10 -28.41 11.65
C LEU F 45 -26.98 -28.71 10.45
N GLU F 46 -26.58 -28.14 9.33
CA GLU F 46 -27.33 -28.32 8.07
C GLU F 46 -26.51 -29.17 7.10
N ASP F 47 -27.23 -29.82 6.19
CA ASP F 47 -26.63 -30.72 5.20
C ASP F 47 -25.65 -29.99 4.26
N GLY F 48 -25.78 -28.67 4.20
CA GLY F 48 -24.87 -27.84 3.38
C GLY F 48 -23.47 -27.70 4.00
N TYR F 49 -23.19 -28.53 5.01
CA TYR F 49 -21.93 -28.48 5.76
C TYR F 49 -21.67 -29.84 6.43
N ILE F 50 -20.43 -30.00 6.88
CA ILE F 50 -19.97 -31.24 7.53
C ILE F 50 -19.79 -31.03 9.04
N ASP F 51 -20.62 -31.72 9.79
CA ASP F 51 -20.50 -31.70 11.25
C ASP F 51 -19.17 -32.23 11.77
N ILE F 52 -18.76 -31.72 12.92
CA ILE F 52 -17.50 -32.12 13.58
C ILE F 52 -17.73 -32.27 15.10
N GLU F 53 -16.94 -33.10 15.72
CA GLU F 53 -16.97 -33.25 17.18
C GLU F 53 -16.54 -31.98 17.92
N GLY F 54 -17.10 -31.85 19.12
CA GLY F 54 -16.83 -30.67 19.95
C GLY F 54 -15.60 -30.77 20.84
N ASN F 55 -15.33 -29.74 21.64
CA ASN F 55 -16.19 -29.29 22.76
C ASN F 55 -17.44 -28.54 22.30
N SER F 56 -18.41 -29.33 21.88
CA SER F 56 -19.67 -28.82 21.33
C SER F 56 -20.64 -29.99 21.20
N HIS F 57 -21.89 -29.67 21.43
CA HIS F 57 -22.96 -30.68 21.44
C HIS F 57 -24.06 -30.33 20.45
N LYS F 58 -24.84 -31.34 20.15
CA LYS F 58 -26.02 -31.18 19.30
C LYS F 58 -27.27 -31.32 20.16
N ILE F 59 -28.21 -30.44 19.94
CA ILE F 59 -29.47 -30.43 20.71
C ILE F 59 -30.67 -30.41 19.74
N GLU F 60 -31.74 -31.07 20.17
CA GLU F 60 -32.98 -31.12 19.39
C GLU F 60 -33.97 -30.14 19.99
N LEU F 61 -34.26 -29.14 19.19
CA LEU F 61 -35.28 -28.15 19.55
C LEU F 61 -36.01 -27.76 18.26
N ASP F 62 -37.33 -27.66 18.39
CA ASP F 62 -38.22 -27.39 17.25
C ASP F 62 -38.08 -28.58 16.26
N GLY F 63 -37.72 -28.26 15.04
CA GLY F 63 -37.06 -29.18 14.08
C GLY F 63 -35.74 -28.42 13.89
N LYS F 64 -34.59 -29.00 13.46
CA LYS F 64 -33.25 -28.37 13.61
C LYS F 64 -32.45 -28.99 14.73
N GLU F 65 -31.21 -29.22 14.35
CA GLU F 65 -30.22 -29.69 15.30
C GLU F 65 -29.33 -28.51 15.69
N TYR F 66 -29.65 -27.93 16.83
CA TYR F 66 -28.89 -26.77 17.30
C TYR F 66 -27.52 -27.19 17.77
N LEU F 67 -26.63 -26.23 17.68
CA LEU F 67 -25.27 -26.51 18.01
C LEU F 67 -24.78 -25.40 18.98
N ILE F 68 -24.10 -25.87 20.02
CA ILE F 68 -23.68 -25.00 21.13
C ILE F 68 -22.47 -25.61 21.85
N GLY F 69 -21.53 -24.74 22.18
CA GLY F 69 -20.32 -25.15 22.94
C GLY F 69 -19.09 -25.04 22.05
N GLU F 70 -19.25 -25.38 20.77
CA GLU F 70 -18.16 -25.21 19.80
C GLU F 70 -18.01 -23.72 19.55
N GLN F 71 -16.88 -23.38 18.94
CA GLN F 71 -16.62 -21.98 18.59
C GLN F 71 -16.82 -21.71 17.09
N GLY F 72 -17.06 -22.79 16.35
CA GLY F 72 -17.16 -22.75 14.88
C GLY F 72 -16.04 -23.59 14.26
N VAL F 73 -15.52 -24.52 15.06
CA VAL F 73 -14.62 -25.57 14.57
C VAL F 73 -15.42 -26.68 13.88
N GLU F 74 -16.71 -26.67 14.14
CA GLU F 74 -17.58 -27.72 13.63
C GLU F 74 -18.63 -27.18 12.70
N ASP F 75 -18.74 -25.89 12.48
CA ASP F 75 -19.78 -25.34 11.59
C ASP F 75 -19.44 -23.89 11.26
N SER F 76 -20.11 -23.40 10.23
CA SER F 76 -19.98 -22.00 9.80
C SER F 76 -21.24 -21.19 10.10
N SER F 77 -22.26 -21.89 10.61
CA SER F 77 -23.56 -21.29 10.97
C SER F 77 -23.53 -20.53 12.30
N GLU F 78 -22.43 -20.58 13.03
CA GLU F 78 -22.30 -19.90 14.33
C GLU F 78 -22.52 -18.40 14.20
N THR F 79 -22.00 -17.83 13.11
CA THR F 79 -22.13 -16.39 12.84
C THR F 79 -23.59 -15.98 12.63
N SER F 80 -24.36 -16.90 12.01
CA SER F 80 -25.79 -16.70 11.74
C SER F 80 -26.59 -16.63 13.05
N LYS F 81 -27.67 -15.87 13.00
CA LYS F 81 -28.55 -15.67 14.17
C LYS F 81 -30.04 -15.75 13.80
N THR F 82 -30.84 -16.04 14.81
CA THR F 82 -32.30 -16.11 14.66
C THR F 82 -33.03 -15.27 15.72
N ASN F 83 -34.34 -15.13 15.62
CA ASN F 83 -35.16 -14.22 16.45
C ASN F 83 -36.04 -14.96 17.49
N LEU F 84 -35.38 -15.55 18.45
CA LEU F 84 -35.30 -17.03 18.54
C LEU F 84 -33.91 -17.41 19.04
N ILE F 85 -32.95 -16.54 18.71
CA ILE F 85 -31.54 -16.69 19.07
C ILE F 85 -31.38 -16.98 20.56
N HIS F 86 -31.94 -16.08 21.38
CA HIS F 86 -31.82 -16.14 22.83
C HIS F 86 -32.64 -17.32 23.36
N LYS F 87 -33.83 -17.52 22.80
CA LYS F 87 -34.71 -18.62 23.25
C LYS F 87 -34.06 -20.00 23.01
N LEU F 88 -33.34 -20.11 21.91
CA LEU F 88 -32.59 -21.34 21.61
C LEU F 88 -31.40 -21.54 22.53
N ALA F 89 -30.74 -20.42 22.82
CA ALA F 89 -29.59 -20.40 23.73
C ALA F 89 -30.00 -20.88 25.13
N ALA F 90 -31.19 -20.47 25.56
CA ALA F 90 -31.73 -20.85 26.88
C ALA F 90 -31.97 -22.35 26.96
N TYR F 91 -32.48 -22.90 25.87
CA TYR F 91 -32.84 -24.31 25.81
C TYR F 91 -31.59 -25.14 25.80
N THR F 92 -30.58 -24.71 25.08
CA THR F 92 -29.31 -25.43 24.97
C THR F 92 -28.49 -25.35 26.27
N ALA F 93 -28.59 -24.22 26.95
CA ALA F 93 -27.92 -24.02 28.24
C ALA F 93 -28.57 -24.91 29.29
N ILE F 94 -29.89 -25.02 29.26
CA ILE F 94 -30.61 -25.91 30.20
C ILE F 94 -30.25 -27.37 29.91
N THR F 95 -30.12 -27.67 28.63
CA THR F 95 -29.82 -29.05 28.17
C THR F 95 -28.48 -29.51 28.66
N GLN F 96 -27.50 -28.62 28.52
CA GLN F 96 -26.12 -28.95 28.89
C GLN F 96 -26.08 -29.09 30.41
N VAL F 97 -25.33 -30.10 30.85
CA VAL F 97 -25.18 -30.33 32.31
C VAL F 97 -26.54 -30.74 32.94
N LEU F 98 -27.30 -31.52 32.20
CA LEU F 98 -28.62 -31.93 32.70
C LEU F 98 -28.80 -33.43 32.49
N ASP F 99 -28.30 -34.19 33.45
CA ASP F 99 -28.42 -35.65 33.44
C ASP F 99 -28.77 -36.20 34.82
N SER F 100 -29.96 -36.74 34.95
CA SER F 100 -30.34 -37.32 36.23
C SER F 100 -29.66 -38.71 36.36
N ASN F 101 -30.04 -39.73 35.58
CA ASN F 101 -31.41 -40.14 35.21
C ASN F 101 -32.05 -39.40 34.04
N LYS F 102 -33.01 -40.11 33.46
CA LYS F 102 -33.76 -39.63 32.29
C LYS F 102 -34.64 -38.41 32.62
N ASN F 103 -35.37 -38.51 33.73
CA ASN F 103 -36.25 -37.42 34.18
C ASN F 103 -35.49 -36.53 35.16
N ASN F 104 -35.28 -35.29 34.73
CA ASN F 104 -34.53 -34.30 35.52
C ASN F 104 -35.44 -33.18 35.99
N LYS F 105 -35.74 -33.22 37.28
CA LYS F 105 -36.57 -32.21 37.93
C LYS F 105 -35.65 -31.18 38.56
N VAL F 106 -35.90 -29.92 38.24
CA VAL F 106 -35.02 -28.84 38.75
C VAL F 106 -35.82 -27.62 39.21
N GLN F 107 -35.01 -26.71 39.72
CA GLN F 107 -35.37 -25.35 40.07
C GLN F 107 -34.29 -24.52 39.36
N LEU F 108 -34.71 -23.42 38.76
CA LEU F 108 -33.76 -22.58 38.02
C LEU F 108 -33.58 -21.23 38.72
N VAL F 109 -32.33 -20.94 38.99
CA VAL F 109 -31.97 -19.63 39.53
C VAL F 109 -31.12 -18.89 38.49
N LEU F 110 -31.55 -17.67 38.23
CA LEU F 110 -30.84 -16.81 37.28
C LEU F 110 -31.03 -15.33 37.65
N ALA F 111 -30.35 -14.48 36.91
CA ALA F 111 -30.42 -13.02 37.07
C ALA F 111 -30.68 -12.28 35.75
N CYS F 112 -30.97 -11.02 35.88
CA CYS F 112 -31.19 -10.14 34.72
C CYS F 112 -30.79 -8.73 35.11
N PRO F 113 -30.55 -7.88 34.11
CA PRO F 113 -30.15 -6.48 34.33
C PRO F 113 -31.08 -5.86 35.37
N LEU F 114 -30.51 -5.07 36.27
CA LEU F 114 -31.27 -4.45 37.37
C LEU F 114 -32.44 -3.59 36.86
N SER F 115 -32.23 -2.98 35.69
CA SER F 115 -33.21 -2.06 35.10
C SER F 115 -34.48 -2.74 34.58
N VAL F 116 -34.42 -4.04 34.41
CA VAL F 116 -35.55 -4.81 33.90
C VAL F 116 -36.20 -5.74 34.95
N LEU F 117 -35.52 -5.87 36.06
CA LEU F 117 -35.92 -6.78 37.14
C LEU F 117 -37.21 -6.31 37.83
N ARG F 118 -38.34 -6.35 37.15
CA ARG F 118 -39.66 -5.98 37.70
C ARG F 118 -40.65 -5.66 36.59
N ASN F 119 -40.11 -5.36 35.41
CA ASN F 119 -40.91 -4.98 34.24
C ASN F 119 -41.60 -6.22 33.63
N ALA F 120 -42.14 -6.04 32.43
CA ALA F 120 -42.72 -7.11 31.61
C ALA F 120 -41.62 -8.06 31.09
N LYS F 121 -40.40 -7.60 31.08
CA LYS F 121 -39.28 -8.45 30.62
C LYS F 121 -38.31 -8.66 31.77
N ALA F 122 -37.62 -9.79 31.73
CA ALA F 122 -36.75 -10.25 32.82
C ALA F 122 -37.51 -10.34 34.16
N LYS F 123 -38.81 -10.43 34.00
CA LYS F 123 -39.72 -10.57 35.14
C LYS F 123 -40.99 -11.34 34.77
N GLU F 124 -41.50 -11.16 33.54
CA GLU F 124 -42.63 -12.01 33.12
C GLU F 124 -42.33 -12.88 31.90
N GLU F 125 -41.71 -12.29 30.87
CA GLU F 125 -41.41 -13.05 29.65
C GLU F 125 -40.21 -13.96 29.87
N TYR F 126 -39.22 -13.54 30.63
CA TYR F 126 -38.04 -14.38 30.91
C TYR F 126 -38.42 -15.59 31.80
N ARG F 127 -39.26 -15.32 32.79
CA ARG F 127 -39.78 -16.36 33.69
C ARG F 127 -40.64 -17.39 32.93
N ASP F 128 -41.31 -16.91 31.90
CA ASP F 128 -42.15 -17.76 31.06
C ASP F 128 -41.32 -18.70 30.19
N TYR F 129 -40.15 -18.22 29.79
CA TYR F 129 -39.22 -19.01 28.96
C TYR F 129 -38.62 -20.12 29.81
N ILE F 130 -38.31 -19.77 31.05
CA ILE F 130 -37.65 -20.69 31.98
C ILE F 130 -38.61 -21.71 32.58
N LYS F 131 -39.80 -21.19 32.96
CA LYS F 131 -40.90 -21.88 33.58
C LYS F 131 -41.70 -22.83 32.64
N GLY F 132 -41.12 -23.97 32.20
CA GLY F 132 -41.85 -25.04 31.48
C GLY F 132 -41.02 -26.32 31.38
N ASN F 133 -41.75 -27.41 31.18
CA ASN F 133 -41.16 -28.72 30.90
C ASN F 133 -40.75 -28.79 29.43
N GLY F 134 -39.73 -29.61 29.17
CA GLY F 134 -39.25 -29.80 27.79
C GLY F 134 -38.41 -31.07 27.67
N GLU F 135 -38.47 -31.63 26.47
CA GLU F 135 -37.68 -32.82 26.11
C GLU F 135 -36.52 -32.32 25.26
N ILE F 136 -35.33 -32.59 25.77
CA ILE F 136 -34.11 -32.21 25.08
C ILE F 136 -33.24 -33.45 24.90
N THR F 137 -32.70 -33.56 23.70
CA THR F 137 -31.74 -34.63 23.39
C THR F 137 -30.31 -34.07 23.61
N VAL F 138 -29.38 -34.99 23.76
CA VAL F 138 -27.97 -34.62 24.01
C VAL F 138 -27.11 -34.95 22.82
N LYS F 139 -27.26 -36.19 22.38
CA LYS F 139 -26.49 -36.66 21.22
C LYS F 139 -27.44 -37.01 20.08
N VAL F 140 -26.98 -36.86 18.85
CA VAL F 140 -27.79 -37.24 17.68
C VAL F 140 -28.21 -38.72 17.73
N ASP F 141 -27.35 -39.52 18.35
CA ASP F 141 -27.63 -40.94 18.54
C ASP F 141 -28.00 -41.23 20.00
N ASP F 142 -28.33 -40.18 20.74
CA ASP F 142 -28.67 -40.19 22.18
C ASP F 142 -29.18 -38.78 22.51
N LYS F 143 -28.92 -38.21 23.67
CA LYS F 143 -29.38 -38.79 24.93
C LYS F 143 -30.55 -37.92 25.40
N GLU F 144 -31.72 -38.51 25.35
CA GLU F 144 -32.96 -37.79 25.72
C GLU F 144 -33.02 -37.53 27.23
N TYR F 145 -33.33 -36.30 27.57
CA TYR F 145 -33.60 -35.91 28.95
C TYR F 145 -34.94 -35.18 29.01
N SER F 146 -35.76 -35.61 29.97
CA SER F 146 -37.07 -35.00 30.21
C SER F 146 -36.92 -34.04 31.39
N PHE F 147 -37.06 -32.76 31.11
CA PHE F 147 -36.78 -31.71 32.08
C PHE F 147 -38.05 -31.02 32.55
N GLU F 148 -38.21 -31.11 33.85
CA GLU F 148 -39.27 -30.43 34.53
C GLU F 148 -38.81 -29.35 35.47
N ILE F 149 -39.47 -28.21 35.38
CA ILE F 149 -39.06 -27.10 36.25
C ILE F 149 -40.11 -26.88 37.34
N THR F 150 -39.62 -27.01 38.55
CA THR F 150 -40.51 -26.96 39.72
C THR F 150 -40.62 -25.54 40.30
N ASP F 151 -39.72 -24.65 39.86
CA ASP F 151 -39.72 -23.25 40.31
C ASP F 151 -38.61 -22.48 39.58
N ILE F 152 -38.74 -21.16 39.65
CA ILE F 152 -37.76 -20.24 39.03
C ILE F 152 -37.56 -19.05 39.94
N THR F 153 -36.33 -18.55 39.96
CA THR F 153 -35.96 -17.44 40.88
C THR F 153 -34.98 -16.52 40.20
N ILE F 154 -35.47 -15.30 39.99
CA ILE F 154 -34.69 -14.29 39.25
C ILE F 154 -34.43 -13.11 40.17
N LYS F 155 -33.17 -12.68 40.16
CA LYS F 155 -32.73 -11.48 40.89
C LYS F 155 -31.86 -10.61 39.98
N ALA F 156 -31.47 -9.44 40.48
CA ALA F 156 -30.65 -8.48 39.74
C ALA F 156 -29.28 -9.10 39.68
N GLU F 157 -28.64 -8.97 38.54
CA GLU F 157 -27.34 -9.63 38.30
C GLU F 157 -26.30 -9.37 39.39
N GLY F 158 -26.18 -8.09 39.78
CA GLY F 158 -25.25 -7.66 40.84
C GLY F 158 -25.54 -8.39 42.15
N SER F 159 -26.76 -8.81 42.36
CA SER F 159 -27.12 -9.52 43.60
C SER F 159 -26.48 -10.91 43.69
N GLY F 160 -26.28 -11.56 42.54
CA GLY F 160 -25.65 -12.89 42.48
C GLY F 160 -24.22 -12.82 43.03
N VAL F 161 -23.53 -11.74 42.66
CA VAL F 161 -22.15 -11.49 43.10
C VAL F 161 -22.07 -11.22 44.60
N LEU F 162 -22.95 -10.35 45.08
CA LEU F 162 -23.04 -10.04 46.52
C LEU F 162 -23.29 -11.28 47.37
N PHE F 163 -24.14 -12.17 46.84
CA PHE F 163 -24.57 -13.37 47.55
C PHE F 163 -23.45 -14.39 47.63
N LEU F 164 -22.67 -14.44 46.54
CA LEU F 164 -21.57 -15.38 46.44
C LEU F 164 -20.50 -15.07 47.49
N GLU F 165 -20.21 -13.79 47.66
CA GLU F 165 -19.25 -13.34 48.66
C GLU F 165 -19.81 -13.65 50.07
N GLN F 166 -18.93 -13.94 51.00
CA GLN F 166 -19.26 -14.23 52.41
C GLN F 166 -19.18 -12.96 53.27
N GLU F 167 -20.24 -12.18 53.21
CA GLU F 167 -20.32 -10.92 53.96
C GLU F 167 -21.70 -10.81 54.57
N ASN F 168 -21.72 -10.16 55.72
CA ASN F 168 -22.99 -9.86 56.41
C ASN F 168 -23.20 -8.36 56.38
N PHE F 169 -24.45 -7.92 56.30
CA PHE F 169 -25.02 -7.57 54.98
C PHE F 169 -26.44 -7.02 55.08
N LYS F 170 -27.18 -7.49 56.08
CA LYS F 170 -28.57 -7.06 56.28
C LYS F 170 -28.71 -5.54 56.50
N ASN F 171 -27.71 -4.96 57.16
CA ASN F 171 -27.73 -3.53 57.49
C ASN F 171 -26.42 -2.80 57.12
N LYS F 172 -25.82 -3.25 56.03
CA LYS F 172 -24.55 -2.69 55.58
C LYS F 172 -24.68 -2.02 54.21
N ASN F 173 -23.62 -1.31 53.85
CA ASN F 173 -23.52 -0.66 52.53
C ASN F 173 -22.39 -1.32 51.77
N VAL F 174 -22.75 -1.87 50.62
CA VAL F 174 -21.80 -2.61 49.77
C VAL F 174 -21.96 -2.12 48.33
N ALA F 175 -20.86 -2.18 47.60
CA ALA F 175 -20.90 -1.88 46.16
C ALA F 175 -20.18 -2.97 45.37
N VAL F 176 -20.68 -3.16 44.16
CA VAL F 176 -20.12 -4.13 43.23
C VAL F 176 -19.48 -3.33 42.10
N ILE F 177 -18.17 -3.47 42.00
CA ILE F 177 -17.40 -2.77 40.97
C ILE F 177 -16.98 -3.78 39.89
N ASP F 178 -17.72 -3.71 38.80
CA ASP F 178 -17.63 -4.70 37.73
C ASP F 178 -16.87 -4.11 36.54
N PHE F 179 -15.63 -4.56 36.40
CA PHE F 179 -14.82 -4.18 35.23
C PHE F 179 -15.10 -5.09 34.03
N GLY F 180 -16.06 -4.62 33.23
CA GLY F 180 -16.47 -5.31 32.00
C GLY F 180 -15.56 -4.93 30.83
N GLY F 181 -15.81 -5.62 29.71
CA GLY F 181 -15.08 -5.41 28.44
C GLY F 181 -15.23 -3.99 27.87
N LEU F 182 -16.47 -3.52 27.91
CA LEU F 182 -16.80 -2.21 27.31
C LEU F 182 -17.19 -1.14 28.35
N ASN F 183 -17.58 -1.59 29.54
CA ASN F 183 -18.00 -0.67 30.60
C ASN F 183 -17.53 -1.14 31.97
N MET F 184 -17.51 -0.20 32.91
CA MET F 184 -17.22 -0.47 34.32
C MET F 184 -18.41 -0.01 35.17
N GLY F 185 -19.13 -0.99 35.70
CA GLY F 185 -20.41 -0.74 36.38
C GLY F 185 -20.38 -0.92 37.90
N PHE F 186 -20.92 0.10 38.56
CA PHE F 186 -20.91 0.17 40.03
C PHE F 186 -22.35 0.17 40.50
N SER F 187 -22.66 -0.85 41.29
CA SER F 187 -24.00 -1.02 41.87
C SER F 187 -23.87 -1.03 43.39
N LEU F 188 -24.55 -0.10 44.04
CA LEU F 188 -24.47 0.05 45.50
C LEU F 188 -25.76 -0.44 46.14
N TYR F 189 -25.57 -1.16 47.24
CA TYR F 189 -26.64 -1.73 48.05
C TYR F 189 -26.52 -1.25 49.49
N ARG F 190 -27.67 -0.93 50.05
CA ARG F 190 -27.77 -0.50 51.46
C ARG F 190 -28.93 -1.26 52.11
N ASN F 191 -28.61 -2.05 53.12
CA ASN F 191 -29.62 -2.86 53.85
C ASN F 191 -30.33 -3.78 52.86
N CYS F 192 -29.51 -4.42 52.00
CA CYS F 192 -29.95 -5.43 51.01
C CYS F 192 -30.81 -4.86 49.86
N VAL F 193 -30.81 -3.54 49.69
CA VAL F 193 -31.58 -2.91 48.61
C VAL F 193 -30.64 -2.03 47.78
N VAL F 194 -30.73 -2.22 46.48
CA VAL F 194 -29.96 -1.41 45.53
C VAL F 194 -30.34 0.07 45.68
N ASN F 195 -29.32 0.91 45.64
CA ASN F 195 -29.48 2.36 45.73
C ASN F 195 -29.09 2.97 44.38
N PRO F 196 -30.10 3.24 43.54
CA PRO F 196 -29.90 3.80 42.20
C PRO F 196 -29.16 5.12 42.18
N SER F 197 -29.44 5.94 43.20
CA SER F 197 -28.77 7.24 43.37
C SER F 197 -27.26 7.12 43.58
N GLU F 198 -26.82 5.93 44.01
CA GLU F 198 -25.40 5.69 44.30
C GLU F 198 -24.78 4.61 43.41
N ARG F 199 -25.43 4.38 42.28
CA ARG F 199 -24.92 3.45 41.26
C ARG F 199 -24.69 4.23 39.97
N PHE F 200 -23.76 3.73 39.15
CA PHE F 200 -23.37 4.43 37.92
C PHE F 200 -22.52 3.53 37.03
N ILE F 201 -22.39 3.98 35.79
CA ILE F 201 -21.62 3.28 34.77
C ILE F 201 -20.61 4.23 34.14
N GLU F 202 -19.43 3.69 33.88
CA GLU F 202 -18.42 4.43 33.13
C GLU F 202 -18.22 3.67 31.81
N GLU F 203 -18.33 4.44 30.74
CA GLU F 203 -18.36 3.90 29.38
C GLU F 203 -16.96 3.46 28.90
N HIS F 204 -16.13 2.95 29.76
CA HIS F 204 -14.80 2.46 29.36
C HIS F 204 -14.61 1.11 30.03
N GLY F 205 -14.03 0.20 29.26
CA GLY F 205 -13.82 -1.17 29.74
C GLY F 205 -12.38 -1.62 29.57
N VAL F 206 -12.19 -2.93 29.62
CA VAL F 206 -10.87 -3.55 29.42
C VAL F 206 -10.36 -3.32 27.99
N LYS F 207 -11.30 -3.37 27.04
CA LYS F 207 -10.97 -3.16 25.63
C LYS F 207 -10.36 -1.77 25.46
N ASP F 208 -10.96 -0.79 26.12
CA ASP F 208 -10.42 0.58 26.15
C ASP F 208 -9.06 0.68 26.84
N LEU F 209 -8.92 -0.15 27.87
CA LEU F 209 -7.69 -0.19 28.65
C LEU F 209 -6.51 -0.66 27.79
N ILE F 210 -6.66 -1.87 27.27
CA ILE F 210 -5.63 -2.50 26.42
C ILE F 210 -5.35 -1.67 25.17
N ILE F 211 -6.40 -0.99 24.71
CA ILE F 211 -6.33 -0.10 23.55
C ILE F 211 -5.45 1.12 23.73
N ARG F 212 -5.72 1.70 24.88
CA ARG F 212 -5.05 2.92 25.30
C ARG F 212 -3.57 2.62 25.56
N VAL F 213 -3.29 1.38 25.95
CA VAL F 213 -1.92 0.93 26.22
C VAL F 213 -1.19 0.62 24.91
N GLY F 214 -1.86 -0.18 24.07
CA GLY F 214 -1.29 -0.61 22.78
C GLY F 214 -0.92 0.60 21.93
N ASP F 215 -1.64 1.71 22.17
CA ASP F 215 -1.41 2.97 21.45
C ASP F 215 -1.63 2.77 19.95
N ALA F 216 -2.56 1.87 19.61
CA ALA F 216 -2.87 1.56 18.21
C ALA F 216 -4.25 0.90 18.15
N LEU F 217 -4.96 1.21 17.07
CA LEU F 217 -6.33 0.68 16.87
C LEU F 217 -6.31 -0.84 16.78
N THR F 218 -5.28 -1.35 16.14
CA THR F 218 -5.10 -2.80 16.06
C THR F 218 -3.95 -3.03 16.98
N ASP F 219 -3.48 -4.25 16.96
CA ASP F 219 -2.20 -4.30 17.55
C ASP F 219 -2.13 -4.48 19.08
N LEU F 220 -3.24 -5.00 19.58
CA LEU F 220 -3.46 -4.98 21.01
C LEU F 220 -3.68 -6.32 21.51
N ASN F 221 -4.81 -7.02 21.46
CA ASN F 221 -4.83 -8.48 21.71
C ASN F 221 -3.41 -8.97 22.01
N ASN F 222 -3.23 -9.99 22.77
CA ASN F 222 -1.86 -10.38 23.09
C ASN F 222 -0.91 -10.65 21.89
N GLY F 223 -1.55 -10.81 20.74
CA GLY F 223 -0.85 -10.83 19.45
C GLY F 223 -1.61 -9.96 18.46
N ASN F 224 -1.09 -8.80 18.22
CA ASN F 224 -1.73 -7.93 17.26
C ASN F 224 -1.34 -8.15 15.81
N LEU F 225 -0.09 -8.55 15.63
CA LEU F 225 0.43 -8.96 14.33
C LEU F 225 1.12 -10.30 14.56
N ILE F 226 0.62 -11.31 13.85
CA ILE F 226 1.14 -12.69 14.03
C ILE F 226 2.62 -12.81 13.61
N THR F 227 3.04 -11.97 12.67
CA THR F 227 4.43 -11.98 12.21
C THR F 227 5.41 -11.35 13.22
N ASN F 228 4.94 -11.16 14.45
CA ASN F 228 5.79 -10.73 15.57
C ASN F 228 5.92 -11.87 16.55
N GLU F 229 7.13 -12.02 17.08
CA GLU F 229 7.43 -13.10 18.04
C GLU F 229 6.52 -12.98 19.26
N GLN F 230 6.21 -14.14 19.85
CA GLN F 230 5.36 -14.21 21.05
C GLN F 230 5.91 -13.25 22.11
N ALA F 231 5.07 -12.29 22.49
CA ALA F 231 5.39 -11.25 23.51
C ALA F 231 5.42 -9.86 22.89
N GLU F 232 5.82 -9.80 21.62
CA GLU F 232 5.87 -8.53 20.90
C GLU F 232 4.45 -8.18 20.49
N SER F 233 4.16 -6.90 20.72
CA SER F 233 2.89 -6.27 20.41
C SER F 233 1.75 -7.00 21.11
N ALA F 234 1.98 -7.13 22.41
CA ALA F 234 1.05 -7.66 23.41
C ALA F 234 -0.36 -7.07 23.18
N LEU F 235 -1.22 -6.84 24.15
CA LEU F 235 -0.98 -6.65 25.57
C LEU F 235 -1.62 -7.69 26.43
N ASN F 236 -2.84 -8.04 26.04
CA ASN F 236 -3.64 -8.98 26.82
C ASN F 236 -2.87 -10.27 27.11
N ASN F 237 -1.96 -10.63 26.22
CA ASN F 237 -1.09 -11.79 26.50
C ASN F 237 0.31 -11.34 26.72
N GLY F 238 0.47 -11.40 28.01
CA GLY F 238 1.76 -11.09 28.61
C GLY F 238 1.65 -9.80 29.39
N TYR F 239 2.41 -9.79 30.48
CA TYR F 239 2.49 -8.61 31.36
C TYR F 239 3.80 -7.87 31.08
N MET F 240 4.63 -7.74 32.12
CA MET F 240 5.97 -7.12 32.00
C MET F 240 6.99 -8.28 31.91
N LYS F 241 6.99 -8.90 30.75
CA LYS F 241 7.79 -10.13 30.54
C LYS F 241 8.98 -9.92 29.60
N LYS F 242 9.29 -8.67 29.30
CA LYS F 242 10.46 -8.34 28.44
C LYS F 242 11.69 -8.13 29.34
N GLY F 243 12.48 -9.20 29.43
CA GLY F 243 13.68 -9.23 30.30
C GLY F 243 14.87 -8.46 29.72
N GLY F 244 14.59 -7.60 28.74
CA GLY F 244 15.59 -6.74 28.11
C GLY F 244 15.56 -5.40 28.85
N GLU F 245 16.52 -5.24 29.77
CA GLU F 245 16.60 -4.04 30.63
C GLU F 245 16.63 -2.72 29.84
N ILE F 246 16.91 -2.83 28.54
CA ILE F 246 16.99 -1.66 27.63
C ILE F 246 15.61 -1.19 27.12
N ASP F 247 14.67 -2.11 27.03
CA ASP F 247 13.32 -1.78 26.50
C ASP F 247 12.63 -0.75 27.38
N THR F 248 11.92 0.16 26.73
CA THR F 248 11.20 1.23 27.44
C THR F 248 9.68 1.17 27.26
N GLU F 249 9.22 0.20 26.47
CA GLU F 249 7.79 -0.08 26.35
C GLU F 249 7.27 -0.53 27.71
N SER F 250 5.96 -0.39 27.93
CA SER F 250 5.32 -0.87 29.17
C SER F 250 5.85 -2.26 29.53
N SER F 251 5.90 -2.70 30.78
CA SER F 251 5.36 -2.21 32.06
C SER F 251 5.04 -0.75 32.39
N THR F 252 5.86 0.18 31.94
CA THR F 252 5.66 1.60 32.31
C THR F 252 4.28 2.13 31.90
N VAL F 253 3.85 1.72 30.70
CA VAL F 253 2.57 2.16 30.12
C VAL F 253 1.41 1.60 30.96
N ILE F 254 1.47 0.30 31.25
CA ILE F 254 0.41 -0.38 32.02
C ILE F 254 0.07 0.38 33.31
N LYS F 255 1.09 0.64 34.13
CA LYS F 255 0.91 1.30 35.43
C LYS F 255 0.36 2.71 35.24
N LYS F 256 0.69 3.30 34.09
CA LYS F 256 0.23 4.65 33.74
C LYS F 256 -1.24 4.74 33.37
N VAL F 257 -1.65 3.82 32.53
CA VAL F 257 -3.05 3.73 32.11
C VAL F 257 -3.94 3.34 33.30
N LYS F 258 -3.50 2.31 34.01
CA LYS F 258 -4.23 1.77 35.16
C LYS F 258 -4.28 2.81 36.30
N GLU F 259 -3.24 3.63 36.37
CA GLU F 259 -3.14 4.67 37.42
C GLU F 259 -4.28 5.68 37.25
N LYS F 260 -4.53 6.05 35.99
CA LYS F 260 -5.59 6.99 35.64
C LYS F 260 -6.98 6.36 35.76
N PHE F 261 -7.06 5.08 35.41
CA PHE F 261 -8.32 4.34 35.46
C PHE F 261 -8.82 4.21 36.91
N LEU F 262 -7.88 3.89 37.80
CA LEU F 262 -8.18 3.75 39.23
C LEU F 262 -8.52 5.07 39.90
N LYS F 263 -7.82 6.12 39.47
CA LYS F 263 -8.05 7.46 40.02
C LYS F 263 -9.42 7.97 39.61
N ASP F 264 -9.84 7.65 38.39
CA ASP F 264 -11.15 8.06 37.87
C ASP F 264 -12.26 7.29 38.59
N ALA F 265 -12.06 5.99 38.79
CA ALA F 265 -13.07 5.13 39.42
C ALA F 265 -13.35 5.52 40.87
N ILE F 266 -12.27 5.70 41.63
CA ILE F 266 -12.37 6.05 43.07
C ILE F 266 -12.89 7.48 43.26
N LYS F 267 -12.54 8.35 42.31
CA LYS F 267 -12.97 9.75 42.35
C LYS F 267 -14.49 9.85 42.17
N LEU F 268 -15.01 9.01 41.27
CA LEU F 268 -16.46 8.92 41.02
C LEU F 268 -17.18 8.32 42.23
N ILE F 269 -16.51 7.37 42.87
CA ILE F 269 -17.05 6.71 44.07
C ILE F 269 -17.29 7.73 45.18
N GLU F 270 -16.28 8.54 45.40
CA GLU F 270 -16.33 9.52 46.49
C GLU F 270 -17.34 10.63 46.20
N LYS F 271 -17.57 10.90 44.92
CA LYS F 271 -18.56 11.90 44.49
C LYS F 271 -19.99 11.37 44.65
N ARG F 272 -20.22 10.14 44.18
CA ARG F 272 -21.57 9.56 44.16
C ARG F 272 -21.89 8.75 45.42
N GLY F 273 -21.02 7.77 45.67
CA GLY F 273 -21.17 6.81 46.78
C GLY F 273 -21.05 7.48 48.12
N PHE F 274 -19.98 8.29 48.30
CA PHE F 274 -19.62 9.07 49.52
C PHE F 274 -18.26 8.67 50.09
N LYS F 275 -18.06 8.97 51.37
CA LYS F 275 -16.83 8.66 52.10
C LYS F 275 -16.59 7.16 51.99
N LEU F 276 -15.43 6.80 51.46
CA LEU F 276 -15.05 5.38 51.30
C LEU F 276 -15.07 4.60 52.62
N ASP F 277 -15.12 5.34 53.72
CA ASP F 277 -15.20 4.73 55.07
C ASP F 277 -16.63 4.29 55.42
N GLN F 278 -17.62 4.88 54.78
CA GLN F 278 -19.02 4.49 55.03
C GLN F 278 -19.41 3.21 54.28
N LEU F 279 -18.50 2.73 53.44
CA LEU F 279 -18.71 1.50 52.67
C LEU F 279 -18.09 0.33 53.44
N ASP F 280 -18.88 -0.73 53.59
CA ASP F 280 -18.45 -1.93 54.32
C ASP F 280 -17.56 -2.83 53.48
N SER F 281 -17.84 -2.86 52.18
CA SER F 281 -17.06 -3.66 51.22
C SER F 281 -17.43 -3.30 49.79
N LEU F 282 -16.41 -3.39 48.95
CA LEU F 282 -16.55 -3.18 47.50
C LEU F 282 -16.02 -4.42 46.79
N ILE F 283 -16.95 -5.20 46.26
CA ILE F 283 -16.60 -6.46 45.56
C ILE F 283 -16.13 -6.08 44.16
N PHE F 284 -14.98 -6.62 43.80
CA PHE F 284 -14.35 -6.29 42.52
C PHE F 284 -14.56 -7.48 41.63
N ILE F 285 -15.34 -7.30 40.59
CA ILE F 285 -15.72 -8.42 39.68
C ILE F 285 -15.60 -7.95 38.23
N GLY F 286 -15.77 -8.92 37.32
CA GLY F 286 -15.64 -8.66 35.89
C GLY F 286 -14.31 -9.21 35.38
N GLY F 287 -14.20 -9.25 34.05
CA GLY F 287 -12.98 -9.74 33.37
C GLY F 287 -11.73 -8.97 33.80
N THR F 288 -11.92 -7.70 34.14
CA THR F 288 -10.78 -6.84 34.53
C THR F 288 -10.41 -6.95 36.01
N THR F 289 -11.21 -7.64 36.81
CA THR F 289 -10.91 -7.68 38.24
C THR F 289 -9.49 -8.14 38.55
N GLN F 290 -9.10 -9.26 37.94
CA GLN F 290 -7.77 -9.81 38.18
C GLN F 290 -6.67 -8.80 37.84
N LYS F 291 -6.96 -7.92 36.89
CA LYS F 291 -6.01 -6.91 36.43
C LYS F 291 -5.82 -5.75 37.41
N LEU F 292 -6.90 -5.34 38.07
CA LEU F 292 -6.89 -4.14 38.92
C LEU F 292 -6.97 -4.36 40.41
N LYS F 293 -7.35 -5.57 40.83
CA LYS F 293 -7.57 -5.86 42.26
C LYS F 293 -6.34 -5.49 43.11
N GLU F 294 -5.15 -5.76 42.59
CA GLU F 294 -3.92 -5.50 43.36
C GLU F 294 -3.72 -4.01 43.66
N GLN F 295 -3.85 -3.19 42.62
CA GLN F 295 -3.64 -1.75 42.79
C GLN F 295 -4.70 -1.08 43.63
N ILE F 296 -5.92 -1.57 43.49
CA ILE F 296 -7.00 -1.03 44.31
C ILE F 296 -6.77 -1.29 45.80
N SER F 297 -6.29 -2.49 46.10
CA SER F 297 -6.06 -2.91 47.49
C SER F 297 -5.03 -1.99 48.17
N LYS F 298 -4.11 -1.48 47.36
CA LYS F 298 -3.10 -0.53 47.85
C LYS F 298 -3.61 0.91 47.86
N THR F 299 -4.62 1.17 47.04
CA THR F 299 -5.27 2.49 46.98
C THR F 299 -6.02 2.76 48.29
N TYR F 300 -6.79 1.77 48.72
CA TYR F 300 -7.55 1.80 49.97
C TYR F 300 -7.47 0.45 50.69
N PRO F 301 -7.08 0.49 51.97
CA PRO F 301 -6.99 -0.71 52.82
C PRO F 301 -8.34 -1.11 53.41
N ASN F 302 -8.50 -2.42 53.57
CA ASN F 302 -9.66 -3.05 54.24
C ASN F 302 -11.04 -2.75 53.64
N ASN F 303 -11.13 -2.57 52.33
CA ASN F 303 -12.44 -2.33 51.71
C ASN F 303 -12.74 -3.23 50.51
N SER F 304 -11.74 -3.38 49.65
CA SER F 304 -11.90 -4.17 48.41
C SER F 304 -11.76 -5.66 48.69
N ILE F 305 -12.58 -6.42 47.99
CA ILE F 305 -12.59 -7.90 48.11
C ILE F 305 -12.82 -8.49 46.72
N ILE F 306 -12.17 -9.63 46.49
CA ILE F 306 -12.33 -10.38 45.25
C ILE F 306 -12.62 -11.85 45.56
N THR F 307 -13.36 -12.48 44.68
CA THR F 307 -13.62 -13.92 44.77
C THR F 307 -12.87 -14.63 43.64
N ASN F 308 -12.46 -15.86 43.91
CA ASN F 308 -11.79 -16.69 42.89
C ASN F 308 -12.80 -17.04 41.78
N ASN F 309 -12.28 -17.15 40.56
CA ASN F 309 -13.11 -17.41 39.36
C ASN F 309 -14.31 -16.45 39.34
N SER F 310 -13.98 -15.17 39.19
CA SER F 310 -14.98 -14.09 39.16
C SER F 310 -16.07 -14.36 38.11
N GLN F 311 -15.70 -15.07 37.06
CA GLN F 311 -16.66 -15.43 36.00
C GLN F 311 -17.87 -16.24 36.48
N TRP F 312 -17.66 -17.04 37.53
CA TRP F 312 -18.75 -17.85 38.12
C TRP F 312 -19.34 -17.23 39.38
N THR F 313 -19.03 -15.98 39.64
CA THR F 313 -19.55 -15.29 40.82
C THR F 313 -21.07 -15.20 40.91
N THR F 314 -21.65 -14.83 39.79
CA THR F 314 -23.10 -14.66 39.72
C THR F 314 -23.80 -16.00 39.92
N CYS F 315 -23.33 -16.99 39.18
CA CYS F 315 -23.92 -18.34 39.23
C CYS F 315 -23.82 -18.95 40.65
N GLU F 316 -22.71 -18.75 41.32
CA GLU F 316 -22.56 -19.32 42.67
C GLU F 316 -23.51 -18.61 43.64
N GLY F 317 -23.81 -17.35 43.32
CA GLY F 317 -24.77 -16.54 44.10
C GLY F 317 -26.20 -17.00 43.86
N LEU F 318 -26.52 -17.21 42.58
CA LEU F 318 -27.85 -17.68 42.19
C LEU F 318 -28.10 -19.10 42.71
N TYR F 319 -27.07 -19.92 42.71
CA TYR F 319 -27.20 -21.31 43.19
C TYR F 319 -27.68 -21.38 44.64
N LYS F 320 -27.21 -20.43 45.45
CA LYS F 320 -27.58 -20.38 46.87
C LYS F 320 -29.07 -20.05 47.04
N VAL F 321 -29.59 -19.14 46.25
CA VAL F 321 -31.04 -18.84 46.31
C VAL F 321 -31.86 -20.01 45.76
N ALA F 322 -31.27 -20.73 44.82
CA ALA F 322 -31.97 -21.86 44.23
C ALA F 322 -32.04 -23.06 45.16
N VAL F 323 -31.06 -23.19 46.04
CA VAL F 323 -31.11 -24.22 47.10
C VAL F 323 -32.28 -23.94 48.05
N ALA F 324 -32.48 -22.64 48.32
CA ALA F 324 -33.56 -22.18 49.19
C ALA F 324 -34.92 -22.41 48.52
N LYS F 325 -34.93 -22.23 47.20
CA LYS F 325 -36.15 -22.48 46.39
C LYS F 325 -36.45 -23.96 46.31
N TYR F 326 -35.38 -24.75 46.29
CA TYR F 326 -35.48 -26.22 46.25
C TYR F 326 -36.12 -26.74 47.55
N CYS F 327 -35.75 -26.13 48.67
CA CYS F 327 -36.34 -26.50 49.97
C CYS F 327 -37.83 -26.11 50.01
N ILE F 328 -38.14 -25.01 49.49
N THR G 5 -32.59 -40.89 3.08
CA THR G 5 -32.24 -40.64 1.67
C THR G 5 -30.74 -40.88 1.38
N ASN G 6 -30.45 -41.02 0.09
CA ASN G 6 -29.10 -41.23 -0.42
C ASN G 6 -28.65 -39.96 -1.18
N GLU G 7 -28.21 -39.00 -0.40
CA GLU G 7 -27.84 -37.72 -1.01
C GLU G 7 -26.30 -37.53 -0.81
N TYR G 8 -25.66 -36.90 -1.77
CA TYR G 8 -24.21 -36.59 -1.73
C TYR G 8 -24.01 -35.08 -1.76
N VAL G 9 -22.79 -34.69 -1.44
CA VAL G 9 -22.42 -33.27 -1.45
C VAL G 9 -21.39 -33.03 -2.57
N MET G 10 -21.76 -32.13 -3.45
CA MET G 10 -20.85 -31.70 -4.52
C MET G 10 -20.43 -30.25 -4.23
N THR G 11 -19.13 -30.07 -4.25
CA THR G 11 -18.54 -28.75 -4.04
C THR G 11 -17.82 -28.34 -5.31
N LEU G 12 -18.18 -27.15 -5.78
CA LEU G 12 -17.64 -26.62 -7.03
C LEU G 12 -17.09 -25.21 -6.83
N ASP G 13 -16.05 -24.92 -7.59
CA ASP G 13 -15.38 -23.62 -7.58
C ASP G 13 -15.03 -23.22 -9.01
N ALA G 14 -15.93 -22.46 -9.62
CA ALA G 14 -15.72 -21.95 -11.00
C ALA G 14 -14.92 -20.63 -10.94
N GLY G 15 -13.60 -20.80 -10.86
CA GLY G 15 -12.71 -19.64 -10.63
C GLY G 15 -12.05 -19.16 -11.91
N LYS G 16 -11.09 -18.26 -11.71
CA LYS G 16 -10.29 -17.63 -12.77
C LYS G 16 -10.27 -18.48 -14.04
N TYR G 17 -9.24 -19.32 -14.15
CA TYR G 17 -8.99 -20.10 -15.38
C TYR G 17 -9.14 -21.59 -15.11
N GLU G 18 -9.44 -21.95 -13.87
CA GLU G 18 -9.64 -23.36 -13.52
C GLU G 18 -10.93 -23.57 -12.73
N THR G 19 -11.49 -24.75 -12.94
CA THR G 19 -12.67 -25.22 -12.19
C THR G 19 -12.24 -26.35 -11.28
N LYS G 20 -12.54 -26.19 -10.00
CA LYS G 20 -12.24 -27.22 -8.98
C LYS G 20 -13.55 -27.87 -8.53
N LEU G 21 -13.51 -29.18 -8.40
CA LEU G 21 -14.68 -29.95 -7.98
C LEU G 21 -14.28 -31.06 -7.02
N ILE G 22 -15.16 -31.36 -6.08
CA ILE G 22 -14.93 -32.40 -5.07
C ILE G 22 -16.25 -33.08 -4.67
N GLY G 23 -16.19 -34.41 -4.64
CA GLY G 23 -17.29 -35.24 -4.14
C GLY G 23 -16.67 -36.35 -3.31
N LYS G 24 -17.38 -36.79 -2.28
CA LYS G 24 -16.88 -37.88 -1.42
C LYS G 24 -16.76 -39.19 -2.15
N ASN G 25 -17.61 -39.35 -3.16
CA ASN G 25 -17.60 -40.55 -4.01
C ASN G 25 -16.36 -40.59 -4.89
N LYS G 26 -16.05 -39.46 -5.51
CA LYS G 26 -14.86 -39.41 -6.36
C LYS G 26 -13.58 -39.43 -5.55
N LYS G 27 -13.57 -38.66 -4.47
CA LYS G 27 -12.40 -38.60 -3.58
C LYS G 27 -12.05 -40.00 -3.05
N GLY G 28 -13.12 -40.79 -2.81
CA GLY G 28 -12.99 -42.16 -2.29
C GLY G 28 -12.30 -43.12 -3.27
N THR G 29 -12.41 -42.81 -4.56
CA THR G 29 -11.91 -43.72 -5.62
C THR G 29 -10.59 -43.22 -6.22
N THR G 30 -10.50 -41.92 -6.43
CA THR G 30 -9.28 -41.33 -7.04
C THR G 30 -8.52 -40.58 -5.95
N GLU G 31 -7.19 -40.66 -6.06
CA GLU G 31 -6.32 -40.08 -5.03
C GLU G 31 -5.94 -38.64 -5.32
N ASP G 32 -6.05 -38.28 -6.58
CA ASP G 32 -5.66 -36.93 -6.93
C ASP G 32 -6.55 -35.95 -6.12
N ILE G 33 -6.41 -34.69 -6.44
CA ILE G 33 -7.09 -33.66 -5.69
C ILE G 33 -8.33 -33.10 -6.29
N LYS G 34 -9.13 -33.75 -7.04
CA LYS G 34 -9.19 -35.17 -7.28
C LYS G 34 -10.17 -36.07 -6.50
N ARG G 35 -11.43 -35.59 -6.37
CA ARG G 35 -11.90 -34.26 -6.78
C ARG G 35 -11.49 -34.07 -8.29
N VAL G 36 -11.22 -32.87 -8.70
CA VAL G 36 -10.54 -32.47 -9.95
C VAL G 36 -10.29 -30.95 -10.11
N ILE G 37 -9.24 -30.65 -10.84
CA ILE G 37 -8.91 -29.26 -11.23
C ILE G 37 -8.55 -29.25 -12.71
N PHE G 38 -9.43 -28.62 -13.48
CA PHE G 38 -9.28 -28.53 -14.93
C PHE G 38 -9.45 -27.10 -15.40
N LYS G 39 -8.73 -26.75 -16.46
CA LYS G 39 -8.81 -25.39 -17.04
C LYS G 39 -10.26 -25.12 -17.46
N THR G 40 -10.69 -23.89 -17.26
CA THR G 40 -12.05 -23.43 -17.62
C THR G 40 -12.16 -23.26 -19.14
N LYS G 41 -12.04 -24.38 -19.83
CA LYS G 41 -12.16 -24.46 -21.29
C LYS G 41 -13.04 -25.65 -21.62
N ILE G 42 -13.74 -25.53 -22.73
CA ILE G 42 -14.65 -26.61 -23.16
C ILE G 42 -14.53 -26.75 -24.68
N TYR G 43 -14.70 -27.98 -25.13
CA TYR G 43 -14.68 -28.26 -26.56
C TYR G 43 -15.88 -29.13 -26.95
N ASN G 44 -15.94 -29.48 -28.22
CA ASN G 44 -17.01 -30.33 -28.76
C ASN G 44 -16.42 -31.25 -29.83
N LEU G 45 -16.99 -32.44 -29.91
CA LEU G 45 -16.47 -33.45 -30.84
C LEU G 45 -17.32 -33.46 -32.09
N GLU G 46 -16.75 -32.89 -33.14
CA GLU G 46 -17.42 -32.81 -34.45
C GLU G 46 -16.73 -33.74 -35.45
N ASP G 47 -17.51 -34.15 -36.45
CA ASP G 47 -17.04 -35.07 -37.49
C ASP G 47 -15.87 -34.49 -38.31
N GLY G 48 -15.73 -33.17 -38.25
CA GLY G 48 -14.62 -32.49 -38.96
C GLY G 48 -13.26 -32.70 -38.25
N TYR G 49 -13.22 -33.64 -37.31
CA TYR G 49 -12.03 -33.92 -36.51
C TYR G 49 -12.09 -35.35 -35.95
N ILE G 50 -10.95 -35.80 -35.46
CA ILE G 50 -10.79 -37.15 -34.91
C ILE G 50 -10.67 -37.10 -33.38
N ASP G 51 -11.67 -37.67 -32.74
CA ASP G 51 -11.64 -37.78 -31.28
C ASP G 51 -10.49 -38.61 -30.74
N ILE G 52 -10.05 -38.30 -29.53
CA ILE G 52 -8.95 -39.01 -28.85
C ILE G 52 -9.29 -39.22 -27.37
N GLU G 53 -8.73 -40.25 -26.78
CA GLU G 53 -8.89 -40.51 -25.35
C GLU G 53 -8.26 -39.41 -24.48
N GLY G 54 -8.85 -39.27 -23.30
CA GLY G 54 -8.41 -38.24 -22.36
C GLY G 54 -7.28 -38.67 -21.43
N ASN G 55 -6.86 -37.77 -20.52
CA ASN G 55 -7.68 -37.24 -19.40
C ASN G 55 -8.71 -36.21 -19.85
N SER G 56 -9.80 -36.74 -20.39
CA SER G 56 -10.90 -35.95 -20.96
C SER G 56 -12.06 -36.88 -21.22
N HIS G 57 -13.24 -36.32 -21.04
CA HIS G 57 -14.49 -37.09 -21.15
C HIS G 57 -15.44 -36.43 -22.15
N LYS G 58 -16.38 -37.24 -22.59
CA LYS G 58 -17.44 -36.76 -23.49
C LYS G 58 -18.75 -36.72 -22.69
N ILE G 59 -19.48 -35.64 -22.87
CA ILE G 59 -20.76 -35.43 -22.17
C ILE G 59 -21.86 -35.10 -23.19
N GLU G 60 -23.06 -35.54 -22.85
CA GLU G 60 -24.24 -35.27 -23.70
C GLU G 60 -25.05 -34.15 -23.06
N LEU G 61 -25.08 -33.06 -23.78
CA LEU G 61 -25.88 -31.92 -23.38
C LEU G 61 -26.45 -31.28 -24.66
N ASP G 62 -27.72 -30.91 -24.58
CA ASP G 62 -28.46 -30.38 -25.74
C ASP G 62 -28.50 -31.48 -26.82
N GLY G 63 -28.01 -31.15 -28.00
CA GLY G 63 -27.49 -32.12 -29.00
C GLY G 63 -26.03 -31.64 -29.06
N LYS G 64 -25.00 -32.40 -29.49
CA LYS G 64 -23.57 -32.07 -29.21
C LYS G 64 -22.99 -32.94 -28.11
N GLU G 65 -21.80 -33.39 -28.46
CA GLU G 65 -20.98 -34.13 -27.52
C GLU G 65 -19.90 -33.19 -26.99
N TYR G 66 -20.17 -32.65 -25.81
CA TYR G 66 -19.22 -31.71 -25.19
C TYR G 66 -18.00 -32.45 -24.70
N LEU G 67 -16.94 -31.69 -24.67
CA LEU G 67 -15.67 -32.26 -24.29
C LEU G 67 -15.04 -31.38 -23.22
N ILE G 68 -14.55 -32.04 -22.18
CA ILE G 68 -14.02 -31.37 -20.97
C ILE G 68 -13.01 -32.28 -20.27
N GLY G 69 -11.93 -31.64 -19.81
CA GLY G 69 -10.90 -32.36 -19.04
C GLY G 69 -9.60 -32.45 -19.86
N GLU G 70 -9.76 -32.63 -21.17
CA GLU G 70 -8.58 -32.62 -22.07
C GLU G 70 -8.12 -31.18 -22.18
N GLN G 71 -6.91 -31.04 -22.70
CA GLN G 71 -6.35 -29.70 -22.91
C GLN G 71 -6.39 -29.27 -24.38
N GLY G 72 -6.81 -30.22 -25.23
CA GLY G 72 -6.79 -30.04 -26.69
C GLY G 72 -5.83 -31.04 -27.33
N VAL G 73 -5.57 -32.12 -26.60
CA VAL G 73 -4.86 -33.30 -27.14
C VAL G 73 -5.82 -34.15 -27.97
N GLU G 74 -7.11 -33.90 -27.76
CA GLU G 74 -8.14 -34.70 -28.41
C GLU G 74 -8.99 -33.87 -29.34
N ASP G 75 -8.82 -32.58 -29.44
CA ASP G 75 -9.66 -31.75 -30.33
C ASP G 75 -9.03 -30.39 -30.50
N SER G 76 -9.51 -29.69 -31.51
CA SER G 76 -9.06 -28.32 -31.82
C SER G 76 -10.16 -27.30 -31.49
N SER G 77 -11.33 -27.80 -31.11
CA SER G 77 -12.50 -26.98 -30.75
C SER G 77 -12.40 -26.34 -29.35
N GLU G 78 -11.38 -26.69 -28.58
CA GLU G 78 -11.20 -26.16 -27.22
C GLU G 78 -11.10 -24.63 -27.22
N THR G 79 -10.41 -24.11 -28.23
CA THR G 79 -10.23 -22.65 -28.38
C THR G 79 -11.57 -21.93 -28.61
N SER G 80 -12.45 -22.60 -29.35
CA SER G 80 -13.79 -22.10 -29.67
C SER G 80 -14.65 -21.97 -28.40
N LYS G 81 -15.55 -21.00 -28.43
CA LYS G 81 -16.44 -20.72 -27.29
C LYS G 81 -17.88 -20.45 -27.73
N THR G 82 -18.80 -20.65 -26.78
CA THR G 82 -20.22 -20.41 -27.01
C THR G 82 -20.83 -19.52 -25.91
N ASN G 83 -22.08 -19.10 -26.06
CA ASN G 83 -22.75 -18.11 -25.18
C ASN G 83 -23.84 -18.72 -24.27
N LEU G 84 -23.37 -19.53 -23.33
CA LEU G 84 -23.59 -20.99 -23.37
C LEU G 84 -22.33 -21.69 -22.85
N ILE G 85 -21.21 -21.00 -23.05
CA ILE G 85 -19.88 -21.48 -22.64
C ILE G 85 -19.88 -21.91 -21.17
N HIS G 86 -20.30 -20.98 -20.32
CA HIS G 86 -20.29 -21.19 -18.87
C HIS G 86 -21.35 -22.20 -18.49
N LYS G 87 -22.52 -22.11 -19.12
CA LYS G 87 -23.63 -23.04 -18.81
C LYS G 87 -23.28 -24.49 -19.13
N LEU G 88 -22.51 -24.67 -20.21
CA LEU G 88 -22.01 -26.00 -20.58
C LEU G 88 -20.95 -26.50 -19.64
N ALA G 89 -20.11 -25.57 -19.21
CA ALA G 89 -19.03 -25.88 -18.25
C ALA G 89 -19.61 -26.36 -16.92
N ALA G 90 -20.73 -25.75 -16.52
CA ALA G 90 -21.41 -26.11 -15.26
C ALA G 90 -21.96 -27.54 -15.33
N TYR G 91 -22.50 -27.87 -16.50
CA TYR G 91 -23.13 -29.18 -16.69
C TYR G 91 -22.09 -30.25 -16.73
N THR G 92 -20.95 -29.97 -17.35
CA THR G 92 -19.85 -30.93 -17.46
C THR G 92 -19.12 -31.12 -16.12
N ALA G 93 -19.04 -30.06 -15.35
CA ALA G 93 -18.43 -30.10 -14.01
C ALA G 93 -19.31 -30.92 -13.09
N ILE G 94 -20.62 -30.76 -13.18
CA ILE G 94 -21.56 -31.54 -12.36
C ILE G 94 -21.48 -33.02 -12.77
N THR G 95 -21.33 -33.24 -14.07
CA THR G 95 -21.30 -34.60 -14.63
C THR G 95 -20.11 -35.38 -14.13
N GLN G 96 -18.96 -34.70 -14.14
CA GLN G 96 -17.71 -35.33 -13.73
C GLN G 96 -17.79 -35.60 -12.24
N VAL G 97 -17.30 -36.78 -11.85
CA VAL G 97 -17.28 -37.16 -10.41
C VAL G 97 -18.74 -37.31 -9.90
N LEU G 98 -19.60 -37.86 -10.72
CA LEU G 98 -21.00 -38.02 -10.33
C LEU G 98 -21.47 -39.43 -10.69
N ASP G 99 -21.19 -40.35 -9.78
CA ASP G 99 -21.60 -41.75 -9.93
C ASP G 99 -22.15 -42.32 -8.62
N SER G 100 -23.42 -42.61 -8.61
CA SER G 100 -24.00 -43.20 -7.40
C SER G 100 -23.63 -44.70 -7.35
N ASN G 101 -24.14 -45.56 -8.24
CA ASN G 101 -25.55 -45.65 -8.71
C ASN G 101 -25.95 -44.70 -9.84
N LYS G 102 -27.00 -45.14 -10.52
CA LYS G 102 -27.56 -44.43 -11.67
C LYS G 102 -28.19 -43.08 -11.28
N ASN G 103 -29.00 -43.12 -10.22
CA ASN G 103 -29.66 -41.91 -9.71
C ASN G 103 -28.80 -41.27 -8.62
N ASN G 104 -28.32 -40.08 -8.92
CA ASN G 104 -27.43 -39.34 -8.02
C ASN G 104 -28.13 -38.08 -7.49
N LYS G 105 -28.51 -38.18 -6.23
CA LYS G 105 -29.16 -37.05 -5.52
C LYS G 105 -28.09 -36.30 -4.76
N VAL G 106 -28.06 -34.99 -4.97
CA VAL G 106 -27.01 -34.17 -4.34
C VAL G 106 -27.57 -32.84 -3.80
N GLN G 107 -26.63 -32.17 -3.17
CA GLN G 107 -26.72 -30.79 -2.73
C GLN G 107 -25.47 -30.15 -3.29
N LEU G 108 -25.61 -28.94 -3.81
CA LEU G 108 -24.47 -28.26 -4.43
C LEU G 108 -24.07 -27.03 -3.61
N VAL G 109 -22.79 -27.03 -3.24
CA VAL G 109 -22.22 -25.89 -2.58
C VAL G 109 -21.16 -25.25 -3.50
N LEU G 110 -21.32 -23.96 -3.67
CA LEU G 110 -20.39 -23.19 -4.51
C LEU G 110 -20.31 -21.74 -4.02
N ALA G 111 -19.41 -20.98 -4.64
CA ALA G 111 -19.20 -19.57 -4.36
C ALA G 111 -19.22 -18.68 -5.61
N CYS G 112 -19.25 -17.39 -5.38
CA CYS G 112 -19.22 -16.41 -6.45
C CYS G 112 -18.56 -15.14 -5.93
N PRO G 113 -18.09 -14.28 -6.84
CA PRO G 113 -17.43 -13.02 -6.47
C PRO G 113 -18.29 -12.30 -5.42
N LEU G 114 -17.61 -11.72 -4.43
CA LEU G 114 -18.31 -11.04 -3.31
C LEU G 114 -19.24 -9.93 -3.79
N SER G 115 -18.84 -9.30 -4.90
CA SER G 115 -19.58 -8.14 -5.44
C SER G 115 -20.92 -8.50 -6.09
N VAL G 116 -21.11 -9.77 -6.37
CA VAL G 116 -22.35 -10.24 -6.99
C VAL G 116 -23.24 -11.09 -6.06
N LEU G 117 -22.66 -11.46 -4.94
CA LEU G 117 -23.31 -12.34 -3.97
C LEU G 117 -24.53 -11.68 -3.30
N ARG G 118 -25.58 -11.42 -4.04
CA ARG G 118 -26.84 -10.83 -3.51
C ARG G 118 -27.66 -10.21 -4.64
N ASN G 119 -27.00 -9.94 -5.76
CA ASN G 119 -27.63 -9.32 -6.93
C ASN G 119 -28.53 -10.34 -7.67
N ALA G 120 -28.93 -9.95 -8.87
CA ALA G 120 -29.66 -10.81 -9.82
C ALA G 120 -28.76 -11.93 -10.36
N LYS G 121 -27.46 -11.73 -10.28
CA LYS G 121 -26.52 -12.75 -10.76
C LYS G 121 -25.69 -13.25 -9.59
N ALA G 122 -25.24 -14.49 -9.71
CA ALA G 122 -24.55 -15.21 -8.62
C ALA G 122 -25.39 -15.24 -7.34
N LYS G 123 -26.68 -15.04 -7.55
CA LYS G 123 -27.66 -15.09 -6.48
C LYS G 123 -29.05 -15.54 -6.98
N GLU G 124 -29.42 -15.17 -8.21
CA GLU G 124 -30.67 -15.72 -8.76
C GLU G 124 -30.46 -16.54 -10.03
N GLU G 125 -29.69 -16.02 -10.98
CA GLU G 125 -29.46 -16.71 -12.24
C GLU G 125 -28.50 -17.88 -12.05
N TYR G 126 -27.49 -17.73 -11.21
CA TYR G 126 -26.54 -18.82 -10.95
C TYR G 126 -27.20 -19.99 -10.21
N ARG G 127 -28.02 -19.62 -9.23
CA ARG G 127 -28.81 -20.61 -8.46
C ARG G 127 -29.80 -21.36 -9.34
N ASP G 128 -30.30 -20.67 -10.35
CA ASP G 128 -31.24 -21.27 -11.31
C ASP G 128 -30.55 -22.29 -12.22
N TYR G 129 -29.29 -22.03 -12.52
CA TYR G 129 -28.49 -22.92 -13.37
C TYR G 129 -28.18 -24.20 -12.60
N ILE G 130 -27.89 -24.02 -11.31
CA ILE G 130 -27.49 -25.14 -10.45
C ILE G 130 -28.68 -25.98 -9.99
N LYS G 131 -29.75 -25.26 -9.62
CA LYS G 131 -31.02 -25.75 -9.13
C LYS G 131 -31.93 -26.44 -10.17
N GLY G 132 -31.57 -27.64 -10.69
CA GLY G 132 -32.44 -28.45 -11.54
C GLY G 132 -31.89 -29.88 -11.71
N ASN G 133 -32.82 -30.77 -12.05
CA ASN G 133 -32.48 -32.15 -12.42
C ASN G 133 -32.00 -32.19 -13.86
N GLY G 134 -31.16 -33.17 -14.16
CA GLY G 134 -30.63 -33.35 -15.52
C GLY G 134 -30.07 -34.76 -15.71
N GLU G 135 -30.16 -35.19 -16.96
CA GLU G 135 -29.61 -36.48 -17.39
C GLU G 135 -28.31 -36.18 -18.14
N ILE G 136 -27.24 -36.73 -17.60
CA ILE G 136 -25.92 -36.55 -18.20
C ILE G 136 -25.31 -37.94 -18.44
N THR G 137 -24.74 -38.06 -19.63
CA THR G 137 -23.99 -39.26 -19.99
C THR G 137 -22.50 -39.04 -19.65
N VAL G 138 -21.78 -40.14 -19.54
CA VAL G 138 -20.36 -40.09 -19.19
C VAL G 138 -19.50 -40.51 -20.36
N LYS G 139 -19.87 -41.64 -20.92
CA LYS G 139 -19.14 -42.17 -22.08
C LYS G 139 -20.06 -42.22 -23.29
N VAL G 140 -19.51 -42.07 -24.48
CA VAL G 140 -20.29 -42.17 -25.72
C VAL G 140 -21.02 -43.54 -25.83
N ASP G 141 -20.38 -44.54 -25.24
CA ASP G 141 -20.95 -45.89 -25.19
C ASP G 141 -21.47 -46.21 -23.79
N ASP G 142 -21.62 -45.18 -22.96
CA ASP G 142 -22.05 -45.24 -21.54
C ASP G 142 -22.28 -43.78 -21.13
N LYS G 143 -21.98 -43.37 -19.90
CA LYS G 143 -22.64 -43.94 -18.72
C LYS G 143 -23.63 -42.88 -18.24
N GLU G 144 -24.90 -43.22 -18.39
CA GLU G 144 -25.97 -42.28 -18.02
C GLU G 144 -26.09 -42.13 -16.49
N TYR G 145 -26.16 -40.90 -16.06
CA TYR G 145 -26.43 -40.57 -14.65
C TYR G 145 -27.60 -39.59 -14.59
N SER G 146 -28.54 -39.92 -13.71
CA SER G 146 -29.72 -39.06 -13.47
C SER G 146 -29.45 -38.25 -12.21
N PHE G 147 -29.32 -36.95 -12.39
CA PHE G 147 -28.89 -36.06 -11.31
C PHE G 147 -30.01 -35.17 -10.84
N GLU G 148 -30.27 -35.32 -9.56
CA GLU G 148 -31.22 -34.49 -8.87
C GLU G 148 -30.61 -33.61 -7.82
N ILE G 149 -31.02 -32.36 -7.83
CA ILE G 149 -30.45 -31.43 -6.85
C ILE G 149 -31.49 -31.09 -5.79
N THR G 150 -31.13 -31.40 -4.58
CA THR G 150 -32.05 -31.26 -3.45
C THR G 150 -31.92 -29.91 -2.75
N ASP G 151 -30.83 -29.19 -3.06
CA ASP G 151 -30.57 -27.86 -2.49
C ASP G 151 -29.28 -27.27 -3.09
N ILE G 152 -29.15 -25.97 -2.92
CA ILE G 152 -27.97 -25.24 -3.39
C ILE G 152 -27.59 -24.18 -2.37
N THR G 153 -26.28 -23.96 -2.24
CA THR G 153 -25.75 -23.02 -1.22
C THR G 153 -24.57 -22.27 -1.77
N ILE G 154 -24.78 -20.97 -1.88
CA ILE G 154 -23.77 -20.09 -2.49
C ILE G 154 -23.32 -19.05 -1.45
N LYS G 155 -22.01 -18.90 -1.37
CA LYS G 155 -21.38 -17.88 -0.51
C LYS G 155 -20.31 -17.14 -1.30
N ALA G 156 -19.72 -16.12 -0.68
CA ALA G 156 -18.68 -15.29 -1.30
C ALA G 156 -17.46 -16.19 -1.35
N GLU G 157 -16.73 -16.10 -2.44
CA GLU G 157 -15.58 -17.00 -2.67
C GLU G 157 -14.57 -17.04 -1.51
N GLY G 158 -14.24 -15.85 -1.00
CA GLY G 158 -13.29 -15.71 0.12
C GLY G 158 -13.81 -16.47 1.34
N SER G 159 -15.11 -16.64 1.46
CA SER G 159 -15.69 -17.35 2.61
C SER G 159 -15.35 -18.85 2.60
N GLY G 160 -15.21 -19.43 1.42
CA GLY G 160 -14.86 -20.85 1.27
C GLY G 160 -13.48 -21.12 1.89
N VAL G 161 -12.58 -20.19 1.64
CA VAL G 161 -11.19 -20.26 2.16
C VAL G 161 -11.16 -20.14 3.69
N LEU G 162 -11.87 -19.15 4.22
CA LEU G 162 -11.99 -18.94 5.66
C LEU G 162 -12.55 -20.17 6.38
N PHE G 163 -13.51 -20.81 5.73
CA PHE G 163 -14.23 -21.95 6.32
C PHE G 163 -13.34 -23.18 6.35
N LEU G 164 -12.53 -23.30 5.30
CA LEU G 164 -11.64 -24.46 5.17
C LEU G 164 -10.59 -24.45 6.29
N GLU G 165 -10.06 -23.27 6.59
CA GLU G 165 -9.09 -23.12 7.67
C GLU G 165 -9.80 -23.41 9.01
N GLN G 166 -9.05 -23.95 9.95
CA GLN G 166 -9.52 -24.28 11.31
C GLN G 166 -9.24 -23.12 12.29
N GLU G 167 -10.12 -22.14 12.25
CA GLU G 167 -9.99 -20.95 13.11
C GLU G 167 -11.35 -20.61 13.67
N ASN G 168 -11.32 -20.06 14.87
CA ASN G 168 -12.54 -19.57 15.52
C ASN G 168 -12.44 -18.05 15.62
N PHE G 169 -13.56 -17.36 15.51
CA PHE G 169 -13.96 -16.79 14.21
C PHE G 169 -15.25 -15.96 14.30
N LYS G 170 -16.12 -16.35 15.22
CA LYS G 170 -17.42 -15.66 15.39
C LYS G 170 -17.26 -14.17 15.73
N ASN G 171 -16.21 -13.86 16.49
CA ASN G 171 -15.95 -12.48 16.95
C ASN G 171 -14.51 -12.03 16.71
N LYS G 172 -13.93 -12.49 15.62
CA LYS G 172 -12.55 -12.18 15.27
C LYS G 172 -12.45 -11.39 13.97
N ASN G 173 -11.26 -10.88 13.72
CA ASN G 173 -10.95 -10.17 12.48
C ASN G 173 -9.91 -11.00 11.70
N VAL G 174 -10.31 -11.36 10.50
CA VAL G 174 -9.48 -12.20 9.63
C VAL G 174 -9.44 -11.58 8.23
N ALA G 175 -8.33 -11.81 7.55
CA ALA G 175 -8.22 -11.40 6.15
C ALA G 175 -7.69 -12.55 5.30
N VAL G 176 -8.13 -12.52 4.05
CA VAL G 176 -7.73 -13.52 3.06
C VAL G 176 -6.87 -12.78 2.04
N ILE G 177 -5.61 -13.18 1.99
CA ILE G 177 -4.64 -12.57 1.07
C ILE G 177 -4.38 -13.57 -0.08
N ASP G 178 -5.02 -13.26 -1.20
CA ASP G 178 -5.05 -14.15 -2.34
C ASP G 178 -4.11 -13.66 -3.45
N PHE G 179 -2.98 -14.32 -3.57
CA PHE G 179 -2.05 -14.04 -4.65
C PHE G 179 -2.43 -14.77 -5.94
N GLY G 180 -3.22 -14.05 -6.74
CA GLY G 180 -3.68 -14.54 -8.05
C GLY G 180 -2.63 -14.26 -9.13
N GLY G 181 -2.95 -14.80 -10.32
CA GLY G 181 -2.11 -14.64 -11.53
C GLY G 181 -1.94 -13.18 -11.97
N LEU G 182 -3.05 -12.46 -11.95
CA LEU G 182 -3.07 -11.07 -12.44
C LEU G 182 -3.30 -10.04 -11.33
N ASN G 183 -3.84 -10.48 -10.21
CA ASN G 183 -4.14 -9.58 -9.09
C ASN G 183 -3.87 -10.25 -7.74
N MET G 184 -3.72 -9.41 -6.72
CA MET G 184 -3.58 -9.85 -5.33
C MET G 184 -4.70 -9.22 -4.50
N GLY G 185 -5.64 -10.07 -4.09
CA GLY G 185 -6.89 -9.61 -3.46
C GLY G 185 -6.98 -9.92 -1.96
N PHE G 186 -7.35 -8.87 -1.23
CA PHE G 186 -7.42 -8.91 0.24
C PHE G 186 -8.86 -8.65 0.64
N SER G 187 -9.42 -9.64 1.31
CA SER G 187 -10.80 -9.58 1.81
C SER G 187 -10.76 -9.73 3.33
N LEU G 188 -11.30 -8.74 4.03
CA LEU G 188 -11.27 -8.72 5.49
C LEU G 188 -12.68 -8.98 6.03
N TYR G 189 -12.70 -9.81 7.06
CA TYR G 189 -13.93 -10.21 7.77
C TYR G 189 -13.80 -9.88 9.26
N ARG G 190 -14.90 -9.37 9.79
CA ARG G 190 -14.99 -9.06 11.22
C ARG G 190 -16.31 -9.60 11.74
N ASN G 191 -16.23 -10.52 12.70
CA ASN G 191 -17.43 -11.15 13.29
C ASN G 191 -18.24 -11.83 12.20
N CYS G 192 -17.53 -12.56 11.33
CA CYS G 192 -18.09 -13.36 10.22
C CYS G 192 -18.75 -12.54 9.10
N VAL G 193 -18.47 -11.24 9.05
CA VAL G 193 -19.02 -10.38 7.99
C VAL G 193 -17.87 -9.65 7.29
N VAL G 194 -17.91 -9.72 5.98
CA VAL G 194 -16.94 -9.01 5.15
C VAL G 194 -17.02 -7.50 5.41
N ASN G 195 -15.85 -6.89 5.48
CA ASN G 195 -15.71 -5.45 5.71
C ASN G 195 -15.12 -4.82 4.44
N PRO G 196 -16.00 -4.29 3.58
CA PRO G 196 -15.61 -3.67 2.30
C PRO G 196 -14.61 -2.54 2.44
N SER G 197 -14.79 -1.77 3.51
CA SER G 197 -13.88 -0.65 3.83
C SER G 197 -12.45 -1.11 4.11
N GLU G 198 -12.28 -2.38 4.44
CA GLU G 198 -10.97 -2.94 4.78
C GLU G 198 -10.52 -4.05 3.82
N ARG G 199 -11.12 -4.05 2.64
CA ARG G 199 -10.75 -4.98 1.57
C ARG G 199 -10.28 -4.17 0.37
N PHE G 200 -9.43 -4.78 -0.45
CA PHE G 200 -8.83 -4.08 -1.59
C PHE G 200 -8.12 -5.06 -2.52
N ILE G 201 -7.83 -4.56 -3.70
CA ILE G 201 -7.15 -5.32 -4.75
C ILE G 201 -5.92 -4.55 -5.24
N GLU G 202 -4.87 -5.30 -5.50
CA GLU G 202 -3.67 -4.74 -6.13
C GLU G 202 -3.56 -5.41 -7.50
N GLU G 203 -3.43 -4.55 -8.50
CA GLU G 203 -3.48 -4.97 -9.91
C GLU G 203 -2.17 -5.63 -10.36
N HIS G 204 -1.53 -6.38 -9.50
CA HIS G 204 -0.30 -7.10 -9.90
C HIS G 204 -0.43 -8.51 -9.34
N GLY G 205 0.00 -9.46 -10.16
CA GLY G 205 -0.11 -10.87 -9.79
C GLY G 205 1.23 -11.60 -9.93
N VAL G 206 1.13 -12.92 -9.99
CA VAL G 206 2.32 -13.79 -10.19
C VAL G 206 2.95 -13.55 -11.57
N LYS G 207 2.09 -13.32 -12.56
CA LYS G 207 2.53 -13.08 -13.93
C LYS G 207 3.42 -11.84 -13.94
N ASP G 208 3.00 -10.80 -13.23
CA ASP G 208 3.80 -9.58 -13.04
C ASP G 208 5.10 -9.83 -12.28
N LEU G 209 5.01 -10.74 -11.33
CA LEU G 209 6.16 -11.10 -10.50
C LEU G 209 7.27 -11.74 -11.34
N ILE G 210 6.91 -12.84 -11.99
CA ILE G 210 7.83 -13.61 -12.83
C ILE G 210 8.36 -12.76 -13.99
N ILE G 211 7.50 -11.83 -14.43
CA ILE G 211 7.83 -10.89 -15.51
C ILE G 211 8.92 -9.91 -15.18
N ARG G 212 8.71 -9.37 -13.99
CA ARG G 212 9.58 -8.35 -13.43
C ARG G 212 10.95 -8.97 -13.13
N VAL G 213 10.94 -10.28 -12.85
CA VAL G 213 12.18 -11.02 -12.55
C VAL G 213 12.91 -11.37 -13.84
N GLY G 214 12.15 -11.95 -14.78
CA GLY G 214 12.69 -12.37 -16.08
C GLY G 214 13.36 -11.20 -16.80
N ASP G 215 12.87 -9.99 -16.50
CA ASP G 215 13.39 -8.75 -17.08
C ASP G 215 13.24 -8.80 -18.62
N ALA G 216 12.17 -9.43 -19.07
CA ALA G 216 11.88 -9.57 -20.50
C ALA G 216 10.42 -9.91 -20.69
N LEU G 217 9.85 -9.39 -21.78
CA LEU G 217 8.42 -9.59 -22.08
C LEU G 217 8.12 -11.08 -22.31
N THR G 218 9.08 -11.73 -22.94
CA THR G 218 8.96 -13.18 -23.14
C THR G 218 9.97 -13.72 -22.19
N ASP G 219 10.20 -15.00 -22.31
CA ASP G 219 11.40 -15.37 -21.66
C ASP G 219 11.33 -15.68 -20.15
N LEU G 220 10.10 -16.00 -19.76
CA LEU G 220 9.81 -16.04 -18.34
C LEU G 220 9.29 -17.35 -17.97
N ASN G 221 8.05 -17.79 -18.14
CA ASN G 221 7.71 -19.23 -18.03
C ASN G 221 8.97 -20.03 -17.71
N ASN G 222 8.90 -21.11 -17.04
CA ASN G 222 10.14 -21.80 -16.69
C ASN G 222 11.09 -22.18 -17.86
N GLY G 223 10.51 -22.10 -19.06
CA GLY G 223 11.27 -22.16 -20.32
C GLY G 223 10.76 -21.08 -21.25
N ASN G 224 11.52 -20.05 -21.36
CA ASN G 224 11.15 -18.98 -22.26
C ASN G 224 11.57 -19.16 -23.72
N LEU G 225 12.71 -19.80 -23.87
CA LEU G 225 13.23 -20.22 -25.17
C LEU G 225 13.61 -21.67 -25.04
N ILE G 226 12.97 -22.51 -25.85
CA ILE G 226 13.19 -23.97 -25.77
C ILE G 226 14.63 -24.36 -26.13
N THR G 227 15.27 -23.54 -26.97
CA THR G 227 16.67 -23.81 -27.37
C THR G 227 17.68 -23.48 -26.26
N ASN G 228 17.18 -23.30 -25.04
CA ASN G 228 18.03 -23.14 -23.85
C ASN G 228 17.86 -24.37 -22.97
N GLU G 229 18.97 -24.80 -22.40
CA GLU G 229 18.99 -25.99 -21.52
C GLU G 229 18.04 -25.78 -20.34
N GLN G 230 17.47 -26.90 -19.88
CA GLN G 230 16.55 -26.89 -18.73
C GLN G 230 17.21 -26.15 -17.58
N ALA G 231 16.56 -25.06 -17.13
CA ALA G 231 17.02 -24.19 -16.01
C ALA G 231 17.37 -22.79 -16.51
N GLU G 232 17.86 -22.72 -17.74
CA GLU G 232 18.20 -21.44 -18.35
C GLU G 232 16.93 -20.77 -18.79
N SER G 233 16.88 -19.47 -18.46
CA SER G 233 15.79 -18.57 -18.78
C SER G 233 14.47 -19.11 -18.19
N ALA G 234 14.59 -19.38 -16.89
CA ALA G 234 13.51 -19.79 -15.99
C ALA G 234 12.27 -18.90 -16.24
N LEU G 235 11.41 -18.58 -15.28
CA LEU G 235 11.60 -18.55 -13.84
C LEU G 235 10.70 -19.51 -13.11
N ASN G 236 9.47 -19.56 -13.58
CA ASN G 236 8.44 -20.37 -12.93
C ASN G 236 8.92 -21.81 -12.73
N ASN G 237 9.80 -22.28 -13.61
CA ASN G 237 10.38 -23.62 -13.38
C ASN G 237 11.83 -23.49 -13.07
N GLY G 238 11.89 -23.68 -11.78
CA GLY G 238 13.18 -23.70 -11.11
C GLY G 238 13.28 -22.47 -10.20
N TYR G 239 13.95 -22.70 -9.09
CA TYR G 239 14.22 -21.65 -8.10
C TYR G 239 15.67 -21.17 -8.24
N MET G 240 16.44 -21.30 -7.16
CA MET G 240 17.87 -20.97 -7.17
C MET G 240 18.64 -22.29 -7.31
N LYS G 241 18.59 -22.82 -8.54
CA LYS G 241 19.14 -24.16 -8.82
C LYS G 241 20.41 -24.13 -9.68
N LYS G 242 21.00 -22.95 -9.85
CA LYS G 242 22.24 -22.80 -10.60
C LYS G 242 23.44 -22.92 -9.64
N GLY G 243 23.98 -24.14 -9.60
CA GLY G 243 25.09 -24.48 -8.69
C GLY G 243 26.46 -23.94 -9.15
N GLY G 244 26.41 -22.96 -10.05
CA GLY G 244 27.61 -22.28 -10.55
C GLY G 244 27.81 -21.04 -9.70
N GLU G 245 28.71 -21.14 -8.73
CA GLU G 245 28.98 -20.06 -7.76
C GLU G 245 29.33 -18.72 -8.43
N ILE G 246 29.67 -18.77 -9.71
CA ILE G 246 30.04 -17.58 -10.51
C ILE G 246 28.82 -16.79 -11.03
N ASP G 247 27.71 -17.49 -11.26
CA ASP G 247 26.50 -16.85 -11.82
C ASP G 247 25.98 -15.77 -10.87
N THR G 248 25.51 -14.69 -11.48
CA THR G 248 24.99 -13.54 -10.69
C THR G 248 23.50 -13.28 -10.96
N GLU G 249 22.90 -14.07 -11.85
CA GLU G 249 21.44 -14.04 -12.07
C GLU G 249 20.75 -14.47 -10.77
N SER G 250 19.49 -14.08 -10.62
CA SER G 250 18.69 -14.51 -9.44
C SER G 250 18.91 -16.01 -9.19
N SER G 251 18.80 -16.54 -7.98
CA SER G 251 18.27 -16.06 -6.69
C SER G 251 18.24 -14.58 -6.25
N THR G 252 19.25 -13.82 -6.57
CA THR G 252 19.31 -12.42 -6.08
C THR G 252 18.10 -11.59 -6.52
N VAL G 253 17.69 -11.79 -7.76
CA VAL G 253 16.56 -11.06 -8.35
C VAL G 253 15.26 -11.44 -7.63
N ILE G 254 15.04 -12.73 -7.45
CA ILE G 254 13.81 -13.24 -6.80
C ILE G 254 13.56 -12.53 -5.46
N LYS G 255 14.55 -12.55 -4.57
CA LYS G 255 14.42 -11.98 -3.23
C LYS G 255 14.19 -10.47 -3.32
N LYS G 256 14.71 -9.87 -4.39
CA LYS G 256 14.55 -8.43 -4.64
C LYS G 256 13.15 -8.00 -5.06
N VAL G 257 12.62 -8.76 -6.01
CA VAL G 257 11.26 -8.51 -6.49
C VAL G 257 10.23 -8.80 -5.38
N LYS G 258 10.41 -9.96 -4.75
CA LYS G 258 9.51 -10.42 -3.69
C LYS G 258 9.61 -9.49 -2.46
N GLU G 259 10.78 -8.92 -2.26
CA GLU G 259 11.02 -8.00 -1.14
C GLU G 259 10.13 -6.76 -1.27
N LYS G 260 10.04 -6.26 -2.49
CA LYS G 260 9.22 -5.09 -2.80
C LYS G 260 7.72 -5.42 -2.81
N PHE G 261 7.41 -6.63 -3.27
CA PHE G 261 6.02 -7.09 -3.35
C PHE G 261 5.41 -7.23 -1.94
N LEU G 262 6.20 -7.81 -1.05
CA LEU G 262 5.79 -8.01 0.35
C LEU G 262 5.68 -6.69 1.13
N LYS G 263 6.61 -5.78 0.83
CA LYS G 263 6.63 -4.48 1.49
C LYS G 263 5.41 -3.66 1.05
N ASP G 264 5.02 -3.80 -0.21
CA ASP G 264 3.85 -3.08 -0.74
C ASP G 264 2.57 -3.66 -0.15
N ALA G 265 2.49 -4.98 -0.06
CA ALA G 265 1.29 -5.66 0.44
C ALA G 265 1.01 -5.33 1.91
N ILE G 266 2.04 -5.44 2.73
CA ILE G 266 1.92 -5.20 4.19
C ILE G 266 1.69 -3.70 4.48
N LYS G 267 2.27 -2.85 3.63
CA LYS G 267 2.13 -1.39 3.78
C LYS G 267 0.68 -0.99 3.53
N LEU G 268 0.07 -1.62 2.54
CA LEU G 268 -1.36 -1.39 2.23
C LEU G 268 -2.26 -1.91 3.33
N ILE G 269 -1.84 -3.02 3.92
CA ILE G 269 -2.58 -3.65 5.03
C ILE G 269 -2.68 -2.70 6.21
N GLU G 270 -1.54 -2.13 6.55
CA GLU G 270 -1.46 -1.26 7.73
C GLU G 270 -2.21 0.06 7.49
N LYS G 271 -2.29 0.47 6.23
CA LYS G 271 -3.03 1.68 5.84
C LYS G 271 -4.54 1.45 5.90
N ARG G 272 -4.98 0.34 5.30
CA ARG G 272 -6.42 0.05 5.16
C ARG G 272 -6.99 -0.77 6.33
N GLY G 273 -6.35 -1.93 6.53
CA GLY G 273 -6.75 -2.92 7.53
C GLY G 273 -6.59 -2.39 8.94
N PHE G 274 -5.39 -1.84 9.25
CA PHE G 274 -4.96 -1.26 10.54
C PHE G 274 -3.75 -1.98 11.13
N LYS G 275 -3.58 -1.82 12.45
CA LYS G 275 -2.49 -2.44 13.21
C LYS G 275 -2.55 -3.95 12.97
N LEU G 276 -1.46 -4.49 12.46
CA LEU G 276 -1.36 -5.94 12.19
C LEU G 276 -1.62 -6.81 13.43
N ASP G 277 -1.59 -6.16 14.59
CA ASP G 277 -1.88 -6.83 15.87
C ASP G 277 -3.38 -7.01 16.12
N GLN G 278 -4.19 -6.18 15.48
CA GLN G 278 -5.66 -6.29 15.63
C GLN G 278 -6.26 -7.40 14.76
N LEU G 279 -5.41 -7.98 13.92
CA LEU G 279 -5.81 -9.09 13.04
C LEU G 279 -5.49 -10.41 13.72
N ASP G 280 -6.49 -11.29 13.73
CA ASP G 280 -6.36 -12.60 14.37
C ASP G 280 -5.61 -13.59 13.49
N SER G 281 -5.81 -13.46 12.19
CA SER G 281 -5.16 -14.32 11.20
C SER G 281 -5.35 -13.78 9.79
N LEU G 282 -4.32 -14.02 8.99
CA LEU G 282 -4.32 -13.67 7.57
C LEU G 282 -4.02 -14.94 6.77
N ILE G 283 -5.04 -15.47 6.13
CA ILE G 283 -4.90 -16.70 5.34
C ILE G 283 -4.29 -16.32 4.00
N PHE G 284 -3.25 -17.06 3.65
CA PHE G 284 -2.48 -16.77 2.43
C PHE G 284 -2.87 -17.82 1.42
N ILE G 285 -3.53 -17.40 0.37
CA ILE G 285 -4.07 -18.33 -0.65
C ILE G 285 -3.78 -17.78 -2.06
N GLY G 286 -4.07 -18.63 -3.05
CA GLY G 286 -3.79 -18.29 -4.45
C GLY G 286 -2.58 -19.06 -4.94
N GLY G 287 -2.39 -19.01 -6.26
CA GLY G 287 -1.27 -19.69 -6.92
C GLY G 287 0.09 -19.24 -6.36
N THR G 288 0.15 -17.99 -5.93
CA THR G 288 1.41 -17.42 -5.40
C THR G 288 1.66 -17.72 -3.92
N THR G 289 0.67 -18.28 -3.23
CA THR G 289 0.87 -18.50 -1.79
C THR G 289 2.15 -19.26 -1.47
N GLN G 290 2.34 -20.38 -2.16
CA GLN G 290 3.52 -21.23 -1.91
C GLN G 290 4.82 -20.44 -2.10
N LYS G 291 4.76 -19.45 -2.98
CA LYS G 291 5.94 -18.62 -3.31
C LYS G 291 6.29 -17.60 -2.20
N LEU G 292 5.27 -17.03 -1.56
CA LEU G 292 5.48 -15.93 -0.62
C LEU G 292 5.25 -16.26 0.86
N LYS G 293 4.62 -17.39 1.13
CA LYS G 293 4.26 -17.74 2.52
C LYS G 293 5.48 -17.71 3.46
N GLU G 294 6.61 -18.17 2.97
CA GLU G 294 7.81 -18.23 3.82
C GLU G 294 8.29 -16.84 4.27
N GLN G 295 8.41 -15.93 3.30
CA GLN G 295 8.89 -14.59 3.60
C GLN G 295 7.93 -13.78 4.45
N ILE G 296 6.65 -14.00 4.21
CA ILE G 296 5.65 -13.31 5.02
C ILE G 296 5.72 -13.73 6.51
N SER G 297 5.93 -15.02 6.71
CA SER G 297 5.99 -15.58 8.06
C SER G 297 7.13 -14.96 8.87
N LYS G 298 8.18 -14.58 8.16
CA LYS G 298 9.35 -13.92 8.77
C LYS G 298 9.13 -12.40 8.90
N THR G 299 8.25 -11.87 8.05
CA THR G 299 7.88 -10.44 8.09
C THR G 299 7.13 -10.13 9.38
N TYR G 300 6.14 -10.98 9.68
CA TYR G 300 5.33 -10.88 10.90
C TYR G 300 5.08 -12.28 11.49
N PRO G 301 5.39 -12.42 12.78
CA PRO G 301 5.19 -13.67 13.53
C PRO G 301 3.74 -13.83 14.02
N ASN G 302 3.31 -15.09 14.05
CA ASN G 302 2.01 -15.52 14.60
C ASN G 302 0.75 -14.88 13.97
N ASN G 303 0.80 -14.59 12.67
CA ASN G 303 -0.40 -14.03 12.02
C ASN G 303 -0.79 -14.74 10.72
N SER G 304 0.20 -15.04 9.91
CA SER G 304 -0.04 -15.68 8.60
C SER G 304 -0.21 -17.18 8.75
N ILE G 305 -1.14 -17.71 7.95
CA ILE G 305 -1.44 -19.15 7.92
C ILE G 305 -1.70 -19.56 6.47
N ILE G 306 -1.29 -20.78 6.17
CA ILE G 306 -1.51 -21.39 4.87
C ILE G 306 -2.11 -22.79 5.03
N THR G 307 -2.91 -23.19 4.05
CA THR G 307 -3.46 -24.54 4.02
C THR G 307 -2.80 -25.29 2.85
N ASN G 308 -2.67 -26.61 3.03
CA ASN G 308 -2.12 -27.47 1.97
C ASN G 308 -3.10 -27.52 0.79
N ASN G 309 -2.54 -27.62 -0.42
CA ASN G 309 -3.33 -27.62 -1.66
C ASN G 309 -4.29 -26.43 -1.66
N SER G 310 -3.70 -25.24 -1.68
CA SER G 310 -4.46 -23.98 -1.65
C SER G 310 -5.52 -23.92 -2.77
N GLN G 311 -5.23 -24.61 -3.86
CA GLN G 311 -6.17 -24.68 -4.99
C GLN G 311 -7.54 -25.27 -4.65
N TRP G 312 -7.57 -26.16 -3.66
CA TRP G 312 -8.84 -26.77 -3.21
C TRP G 312 -9.38 -26.15 -1.92
N THR G 313 -8.83 -25.01 -1.54
CA THR G 313 -9.28 -24.33 -0.33
C THR G 313 -10.76 -23.94 -0.30
N THR G 314 -11.17 -23.36 -1.40
CA THR G 314 -12.55 -22.89 -1.52
C THR G 314 -13.52 -24.07 -1.48
N CYS G 315 -13.21 -25.08 -2.28
CA CYS G 315 -14.06 -26.26 -2.38
C CYS G 315 -14.19 -27.00 -1.04
N GLU G 316 -13.09 -27.09 -0.29
CA GLU G 316 -13.16 -27.78 1.00
C GLU G 316 -14.00 -26.97 2.00
N GLY G 317 -14.02 -25.65 1.78
CA GLY G 317 -14.84 -24.72 2.58
C GLY G 317 -16.32 -24.86 2.24
N LEU G 318 -16.60 -24.89 0.94
CA LEU G 318 -17.96 -25.05 0.43
C LEU G 318 -18.53 -26.42 0.82
N TYR G 319 -17.69 -27.44 0.79
CA TYR G 319 -18.12 -28.80 1.14
C TYR G 319 -18.70 -28.89 2.55
N LYS G 320 -18.11 -28.12 3.46
CA LYS G 320 -18.55 -28.10 4.86
C LYS G 320 -19.95 -27.49 5.00
N VAL G 321 -20.22 -26.44 4.26
CA VAL G 321 -21.58 -25.84 4.28
C VAL G 321 -22.58 -26.76 3.59
N ALA G 322 -22.09 -27.51 2.62
CA ALA G 322 -22.97 -28.42 1.90
C ALA G 322 -23.34 -29.66 2.71
N VAL G 323 -22.47 -30.05 3.63
CA VAL G 323 -22.79 -31.13 4.57
C VAL G 323 -23.93 -30.70 5.49
N ALA G 324 -23.89 -29.41 5.87
CA ALA G 324 -24.91 -28.80 6.73
C ALA G 324 -26.24 -28.69 5.97
N LYS G 325 -26.13 -28.41 4.68
CA LYS G 325 -27.30 -28.33 3.80
C LYS G 325 -27.90 -29.71 3.58
N TYR G 326 -27.02 -30.70 3.52
CA TYR G 326 -27.41 -32.10 3.35
C TYR G 326 -28.22 -32.59 4.56
N CYS G 327 -27.81 -32.16 5.75
CA CYS G 327 -28.55 -32.50 6.98
C CYS G 327 -29.92 -31.81 6.98
N ILE G 328 -29.97 -30.63 6.56
N THR H 5 -24.80 -43.60 -40.80
CA THR H 5 -24.31 -43.30 -42.16
C THR H 5 -22.88 -43.83 -42.41
N ASN H 6 -22.54 -43.92 -43.68
CA ASN H 6 -21.23 -44.36 -44.15
C ASN H 6 -20.49 -43.16 -44.76
N GLU H 7 -19.91 -42.37 -43.89
CA GLU H 7 -19.26 -41.16 -44.35
C GLU H 7 -17.72 -41.31 -44.07
N TYR H 8 -16.90 -40.75 -44.94
CA TYR H 8 -15.43 -40.75 -44.80
C TYR H 8 -14.92 -39.32 -44.68
N VAL H 9 -13.67 -39.21 -44.28
CA VAL H 9 -13.02 -37.90 -44.14
C VAL H 9 -11.90 -37.80 -45.18
N MET H 10 -12.02 -36.77 -46.01
CA MET H 10 -10.96 -36.45 -46.97
C MET H 10 -10.28 -35.16 -46.54
N THR H 11 -8.97 -35.25 -46.47
CA THR H 11 -8.15 -34.10 -46.13
C THR H 11 -7.27 -33.74 -47.32
N LEU H 12 -7.36 -32.47 -47.69
CA LEU H 12 -6.65 -31.97 -48.86
C LEU H 12 -5.83 -30.73 -48.52
N ASP H 13 -4.70 -30.61 -49.20
CA ASP H 13 -3.80 -29.47 -49.03
C ASP H 13 -3.27 -29.04 -50.41
N ALA H 14 -3.95 -28.06 -50.98
CA ALA H 14 -3.57 -27.51 -52.29
C ALA H 14 -2.53 -26.40 -52.09
N GLY H 15 -1.27 -26.83 -51.95
CA GLY H 15 -0.18 -25.91 -51.58
C GLY H 15 0.64 -25.46 -52.79
N LYS H 16 1.76 -24.81 -52.46
CA LYS H 16 2.74 -24.28 -53.42
C LYS H 16 2.66 -25.01 -54.76
N TYR H 17 3.51 -26.03 -54.89
CA TYR H 17 3.67 -26.75 -56.18
C TYR H 17 3.20 -28.19 -56.05
N GLU H 18 2.76 -28.58 -54.86
CA GLU H 18 2.25 -29.94 -54.65
C GLU H 18 0.89 -29.94 -53.95
N THR H 19 0.12 -30.96 -54.29
CA THR H 19 -1.18 -31.23 -53.64
C THR H 19 -1.04 -32.50 -52.81
N LYS H 20 -1.39 -32.38 -51.54
CA LYS H 20 -1.36 -33.52 -50.60
C LYS H 20 -2.80 -33.92 -50.28
N LEU H 21 -3.03 -35.22 -50.26
CA LEU H 21 -4.36 -35.76 -49.97
C LEU H 21 -4.26 -37.00 -49.10
N ILE H 22 -5.24 -37.18 -48.23
CA ILE H 22 -5.29 -38.33 -47.32
C ILE H 22 -6.74 -38.75 -47.04
N GLY H 23 -6.95 -40.05 -47.12
CA GLY H 23 -8.24 -40.68 -46.76
C GLY H 23 -7.91 -41.96 -46.01
N LYS H 24 -8.76 -42.31 -45.05
CA LYS H 24 -8.54 -43.55 -44.28
C LYS H 24 -8.64 -44.81 -45.12
N ASN H 25 -9.44 -44.69 -46.18
CA ASN H 25 -9.62 -45.81 -47.12
C ASN H 25 -8.36 -46.04 -47.95
N LYS H 26 -7.79 -44.94 -48.44
CA LYS H 26 -6.56 -45.07 -49.24
C LYS H 26 -5.37 -45.43 -48.37
N LYS H 27 -5.26 -44.76 -47.22
CA LYS H 27 -4.17 -45.02 -46.28
C LYS H 27 -4.15 -46.50 -45.86
N GLY H 28 -5.36 -47.07 -45.75
CA GLY H 28 -5.56 -48.47 -45.35
C GLY H 28 -5.01 -49.47 -46.38
N THR H 29 -4.97 -49.04 -47.64
CA THR H 29 -4.61 -49.94 -48.75
C THR H 29 -3.17 -49.70 -49.24
N THR H 30 -2.80 -48.43 -49.33
CA THR H 30 -1.46 -48.05 -49.81
C THR H 30 -0.63 -47.57 -48.63
N GLU H 31 0.65 -47.91 -48.69
CA GLU H 31 1.57 -47.60 -47.57
C GLU H 31 2.24 -46.26 -47.71
N ASP H 32 2.29 -45.79 -48.94
CA ASP H 32 2.96 -44.52 -49.15
C ASP H 32 2.24 -43.45 -48.29
N ILE H 33 2.66 -42.22 -48.49
CA ILE H 33 2.15 -41.13 -47.67
C ILE H 33 1.10 -40.28 -48.28
N LYS H 34 0.22 -40.69 -49.12
CA LYS H 34 -0.12 -42.04 -49.50
C LYS H 34 -1.30 -42.78 -48.85
N ARG H 35 -2.43 -42.06 -48.73
CA ARG H 35 -2.60 -40.63 -49.05
C ARG H 35 -2.06 -40.41 -50.52
N VAL H 36 -1.53 -39.27 -50.78
CA VAL H 36 -0.71 -38.91 -51.96
C VAL H 36 -0.14 -37.46 -51.99
N ILE H 37 0.99 -37.34 -52.64
CA ILE H 37 1.61 -36.03 -52.87
C ILE H 37 2.06 -35.97 -54.32
N PHE H 38 1.39 -35.12 -55.07
CA PHE H 38 1.65 -34.95 -56.51
C PHE H 38 1.80 -33.48 -56.85
N LYS H 39 2.65 -33.20 -57.84
CA LYS H 39 2.88 -31.82 -58.29
C LYS H 39 1.54 -31.21 -58.76
N THR H 40 1.36 -29.95 -58.47
CA THR H 40 0.14 -29.19 -58.84
C THR H 40 0.17 -28.87 -60.35
N LYS H 41 0.11 -29.94 -61.13
CA LYS H 41 0.06 -29.87 -62.59
C LYS H 41 -1.01 -30.83 -63.07
N ILE H 42 -1.61 -30.47 -64.20
CA ILE H 42 -2.69 -31.30 -64.77
C ILE H 42 -2.50 -31.34 -66.29
N TYR H 43 -2.89 -32.47 -66.86
CA TYR H 43 -2.84 -32.63 -68.31
C TYR H 43 -4.16 -33.20 -68.83
N ASN H 44 -4.20 -33.43 -70.13
CA ASN H 44 -5.38 -33.99 -70.79
C ASN H 44 -4.93 -34.93 -71.90
N LEU H 45 -5.71 -35.97 -72.12
CA LEU H 45 -5.35 -36.98 -73.12
C LEU H 45 -6.11 -36.72 -74.41
N GLU H 46 -5.37 -36.21 -75.37
CA GLU H 46 -5.93 -35.88 -76.69
C GLU H 46 -5.38 -36.85 -77.73
N ASP H 47 -6.16 -37.00 -78.80
CA ASP H 47 -5.82 -37.93 -79.90
C ASP H 47 -4.51 -37.53 -80.62
N GLY H 48 -4.10 -36.27 -80.43
CA GLY H 48 -2.84 -35.78 -81.02
C GLY H 48 -1.60 -36.33 -80.28
N TYR H 49 -1.81 -37.33 -79.43
CA TYR H 49 -0.75 -37.91 -78.59
C TYR H 49 -1.14 -39.33 -78.17
N ILE H 50 -0.15 -40.05 -77.67
CA ILE H 50 -0.29 -41.44 -77.23
C ILE H 50 -0.27 -41.54 -75.71
N ASP H 51 -1.40 -41.94 -75.16
CA ASP H 51 -1.49 -42.18 -73.71
C ASP H 51 -0.57 -43.27 -73.21
N ILE H 52 -0.15 -43.15 -71.96
CA ILE H 52 0.73 -44.12 -71.30
C ILE H 52 0.26 -44.37 -69.85
N GLU H 53 0.56 -45.54 -69.34
CA GLU H 53 0.27 -45.88 -67.94
C GLU H 53 1.04 -45.00 -66.96
N GLY H 54 0.42 -44.84 -65.79
CA GLY H 54 1.01 -44.01 -64.74
C GLY H 54 1.97 -44.73 -63.79
N ASN H 55 2.49 -44.00 -62.79
CA ASN H 55 1.73 -43.42 -61.67
C ASN H 55 0.95 -42.16 -62.08
N SER H 56 -0.18 -42.41 -62.71
CA SER H 56 -1.05 -41.37 -63.25
C SER H 56 -2.36 -42.01 -63.66
N HIS H 57 -3.41 -41.23 -63.47
CA HIS H 57 -4.78 -41.71 -63.72
C HIS H 57 -5.51 -40.79 -64.70
N LYS H 58 -6.57 -41.35 -65.25
CA LYS H 58 -7.45 -40.60 -66.14
C LYS H 58 -8.77 -40.34 -65.42
N ILE H 59 -9.25 -39.13 -65.53
CA ILE H 59 -10.51 -38.71 -64.87
C ILE H 59 -11.45 -38.08 -65.90
N GLU H 60 -12.73 -38.29 -65.67
CA GLU H 60 -13.78 -37.72 -66.54
C GLU H 60 -14.37 -36.51 -65.84
N LEU H 61 -14.14 -35.38 -66.46
CA LEU H 61 -14.73 -34.13 -65.99
C LEU H 61 -15.06 -33.29 -67.23
N ASP H 62 -16.24 -32.67 -67.18
CA ASP H 62 -16.78 -31.90 -68.32
C ASP H 62 -16.97 -32.89 -69.50
N GLY H 63 -16.35 -32.57 -70.62
CA GLY H 63 -15.97 -33.54 -71.67
C GLY H 63 -14.45 -33.37 -71.62
N LYS H 64 -13.57 -34.30 -72.07
CA LYS H 64 -12.12 -34.29 -71.70
C LYS H 64 -11.79 -35.35 -70.66
N GLU H 65 -10.70 -36.01 -70.99
CA GLU H 65 -10.11 -36.97 -70.08
C GLU H 65 -8.90 -36.32 -69.41
N TYR H 66 -9.13 -35.83 -68.20
CA TYR H 66 -8.06 -35.16 -67.47
C TYR H 66 -7.04 -36.18 -66.99
N LEU H 67 -5.85 -35.67 -66.84
CA LEU H 67 -4.76 -36.51 -66.45
C LEU H 67 -4.03 -35.86 -65.28
N ILE H 68 -3.74 -36.70 -64.28
CA ILE H 68 -3.17 -36.25 -62.99
C ILE H 68 -2.42 -37.40 -62.33
N GLY H 69 -1.27 -37.05 -61.77
CA GLY H 69 -0.45 -38.02 -61.02
C GLY H 69 0.85 -38.31 -61.78
N GLU H 70 0.76 -38.35 -63.11
CA GLU H 70 1.96 -38.51 -63.95
C GLU H 70 2.71 -37.19 -63.90
N GLN H 71 3.95 -37.27 -64.36
CA GLN H 71 4.79 -36.06 -64.41
C GLN H 71 4.93 -35.52 -65.84
N GLY H 72 4.38 -36.29 -66.79
CA GLY H 72 4.52 -36.00 -68.23
C GLY H 72 5.30 -37.12 -68.92
N VAL H 73 5.29 -38.29 -68.28
CA VAL H 73 5.78 -39.54 -68.88
C VAL H 73 4.72 -40.12 -69.83
N GLU H 74 3.50 -39.61 -69.66
CA GLU H 74 2.38 -40.13 -70.43
C GLU H 74 1.77 -39.07 -71.32
N ASP H 75 2.20 -37.83 -71.29
CA ASP H 75 1.60 -36.79 -72.13
C ASP H 75 2.52 -35.58 -72.15
N SER H 76 2.25 -34.72 -73.12
CA SER H 76 2.98 -33.44 -73.27
C SER H 76 2.10 -32.25 -72.92
N SER H 77 0.83 -32.53 -72.63
CA SER H 77 -0.17 -31.51 -72.25
C SER H 77 -0.04 -31.02 -70.80
N GLU H 78 0.84 -31.63 -70.02
CA GLU H 78 1.04 -31.26 -68.60
C GLU H 78 1.44 -29.79 -68.46
N THR H 79 2.30 -29.33 -69.38
CA THR H 79 2.78 -27.94 -69.40
C THR H 79 1.63 -26.95 -69.62
N SER H 80 0.67 -27.36 -70.46
CA SER H 80 -0.52 -26.56 -70.80
C SER H 80 -1.40 -26.37 -69.56
N LYS H 81 -2.08 -25.23 -69.54
CA LYS H 81 -2.98 -24.86 -68.42
C LYS H 81 -4.30 -24.27 -68.90
N THR H 82 -5.28 -24.34 -68.03
CA THR H 82 -6.63 -23.79 -68.30
C THR H 82 -7.10 -22.89 -67.15
N ASN H 83 -8.23 -22.22 -67.32
CA ASN H 83 -8.74 -21.16 -66.39
C ASN H 83 -9.99 -21.61 -65.58
N LEU H 84 -9.75 -22.57 -64.71
CA LEU H 84 -10.27 -23.95 -64.88
C LEU H 84 -9.21 -24.93 -64.38
N ILE H 85 -7.97 -24.49 -64.46
CA ILE H 85 -6.79 -25.25 -64.03
C ILE H 85 -6.97 -25.79 -62.61
N HIS H 86 -7.24 -24.87 -61.70
CA HIS H 86 -7.37 -25.19 -60.27
C HIS H 86 -8.64 -25.99 -60.03
N LYS H 87 -9.73 -25.60 -60.71
CA LYS H 87 -11.02 -26.30 -60.54
C LYS H 87 -10.95 -27.75 -60.97
N LEU H 88 -10.16 -28.01 -62.02
CA LEU H 88 -9.93 -29.38 -62.50
C LEU H 88 -9.06 -30.17 -61.54
N ALA H 89 -8.05 -29.47 -61.00
CA ALA H 89 -7.13 -30.07 -60.02
C ALA H 89 -7.89 -30.52 -58.77
N ALA H 90 -8.87 -29.74 -58.36
CA ALA H 90 -9.70 -30.04 -57.18
C ALA H 90 -10.52 -31.31 -57.40
N TYR H 91 -11.04 -31.43 -58.61
CA TYR H 91 -11.91 -32.56 -58.96
C TYR H 91 -11.09 -33.82 -59.04
N THR H 92 -9.90 -33.74 -59.59
CA THR H 92 -9.01 -34.89 -59.74
C THR H 92 -8.41 -35.34 -58.39
N ALA H 93 -8.17 -34.38 -57.52
CA ALA H 93 -7.67 -34.64 -56.17
C ALA H 93 -8.76 -35.34 -55.35
N ILE H 94 -9.99 -34.89 -55.49
CA ILE H 94 -11.13 -35.54 -54.79
C ILE H 94 -11.33 -36.96 -55.34
N THR H 95 -11.14 -37.10 -56.63
CA THR H 95 -11.34 -38.39 -57.32
C THR H 95 -10.37 -39.44 -56.83
N GLN H 96 -9.12 -39.01 -56.73
CA GLN H 96 -8.04 -39.91 -56.32
C GLN H 96 -8.28 -40.28 -54.87
N VAL H 97 -8.06 -41.57 -54.57
CA VAL H 97 -8.22 -42.05 -53.17
C VAL H 97 -9.70 -41.93 -52.74
N LEU H 98 -10.60 -42.23 -53.66
CA LEU H 98 -12.03 -42.13 -53.34
C LEU H 98 -12.75 -43.38 -53.84
N ASP H 99 -12.72 -44.41 -53.01
CA ASP H 99 -13.39 -45.67 -53.30
C ASP H 99 -14.13 -46.22 -52.08
N SER H 100 -15.44 -46.24 -52.14
CA SER H 100 -16.20 -46.79 -51.03
C SER H 100 -16.15 -48.34 -51.10
N ASN H 101 -16.77 -48.99 -52.09
CA ASN H 101 -18.12 -48.75 -52.63
C ASN H 101 -18.25 -47.66 -53.70
N LYS H 102 -19.31 -47.81 -54.46
CA LYS H 102 -19.66 -46.91 -55.56
C LYS H 102 -20.01 -45.50 -55.07
N ASN H 103 -20.88 -45.44 -54.06
CA ASN H 103 -21.31 -44.17 -53.48
C ASN H 103 -20.42 -43.82 -52.29
N ASN H 104 -19.68 -42.73 -52.46
CA ASN H 104 -18.72 -42.26 -51.46
C ASN H 104 -19.19 -40.94 -50.85
N LYS H 105 -19.66 -41.04 -49.62
CA LYS H 105 -20.11 -39.88 -48.85
C LYS H 105 -18.96 -39.42 -47.97
N VAL H 106 -18.65 -38.14 -48.06
CA VAL H 106 -17.51 -37.60 -47.31
C VAL H 106 -17.81 -36.24 -46.67
N GLN H 107 -16.80 -35.82 -45.95
CA GLN H 107 -16.64 -34.49 -45.38
C GLN H 107 -15.24 -34.08 -45.83
N LEU H 108 -15.10 -32.84 -46.25
CA LEU H 108 -13.80 -32.36 -46.74
C LEU H 108 -13.23 -31.31 -45.79
N VAL H 109 -12.01 -31.60 -45.38
CA VAL H 109 -11.25 -30.65 -44.58
C VAL H 109 -10.04 -30.19 -45.39
N LEU H 110 -9.91 -28.87 -45.46
CA LEU H 110 -8.80 -28.26 -46.16
C LEU H 110 -8.45 -26.90 -45.54
N ALA H 111 -7.39 -26.30 -46.05
CA ALA H 111 -6.90 -24.99 -45.64
C ALA H 111 -6.67 -24.02 -46.80
N CYS H 112 -6.45 -22.77 -46.46
CA CYS H 112 -6.16 -21.74 -47.44
C CYS H 112 -5.29 -20.68 -46.76
N PRO H 113 -4.58 -19.86 -47.57
CA PRO H 113 -3.71 -18.81 -47.05
C PRO H 113 -4.47 -18.01 -45.99
N LEU H 114 -3.76 -17.67 -44.92
CA LEU H 114 -4.37 -16.95 -43.78
C LEU H 114 -5.03 -15.63 -44.20
N SER H 115 -4.44 -15.00 -45.22
CA SER H 115 -4.89 -13.68 -45.69
C SER H 115 -6.23 -13.70 -46.43
N VAL H 116 -6.66 -14.87 -46.84
CA VAL H 116 -7.92 -15.02 -47.56
C VAL H 116 -9.02 -15.74 -46.75
N LEU H 117 -8.60 -16.32 -45.64
CA LEU H 117 -9.49 -17.12 -44.78
C LEU H 117 -10.57 -16.27 -44.11
N ARG H 118 -11.51 -15.74 -44.87
CA ARG H 118 -12.65 -14.94 -44.36
C ARG H 118 -13.27 -14.09 -45.46
N ASN H 119 -12.48 -13.87 -46.52
CA ASN H 119 -12.91 -13.04 -47.65
C ASN H 119 -13.94 -13.79 -48.53
N ALA H 120 -14.18 -13.23 -49.70
CA ALA H 120 -15.00 -13.84 -50.75
C ALA H 120 -14.31 -15.07 -51.36
N LYS H 121 -13.01 -15.16 -51.21
CA LYS H 121 -12.26 -16.31 -51.73
C LYS H 121 -11.63 -17.06 -50.57
N ALA H 122 -11.44 -18.36 -50.78
CA ALA H 122 -10.98 -19.29 -49.73
C ALA H 122 -11.89 -19.25 -48.49
N LYS H 123 -13.09 -18.77 -48.75
CA LYS H 123 -14.14 -18.70 -47.74
C LYS H 123 -15.54 -18.81 -48.34
N GLU H 124 -15.75 -18.26 -49.54
CA GLU H 124 -17.05 -18.50 -50.20
C GLU H 124 -16.94 -19.25 -51.53
N GLU H 125 -16.01 -18.82 -52.38
CA GLU H 125 -15.85 -19.45 -53.70
C GLU H 125 -15.16 -20.80 -53.57
N TYR H 126 -14.19 -20.93 -52.68
CA TYR H 126 -13.49 -22.21 -52.47
C TYR H 126 -14.44 -23.27 -51.87
N ARG H 127 -15.23 -22.83 -50.90
CA ARG H 127 -16.24 -23.68 -50.25
C ARG H 127 -17.31 -24.14 -51.25
N ASP H 128 -17.59 -23.28 -52.22
CA ASP H 128 -18.57 -23.59 -53.26
C ASP H 128 -18.06 -24.65 -54.23
N TYR H 129 -16.75 -24.65 -54.44
CA TYR H 129 -16.09 -25.61 -55.33
C TYR H 129 -16.10 -26.99 -54.68
N ILE H 130 -15.86 -26.97 -53.36
CA ILE H 130 -15.75 -28.21 -52.58
C ILE H 130 -17.12 -28.82 -52.26
N LYS H 131 -18.04 -27.92 -51.89
CA LYS H 131 -19.40 -28.18 -51.49
C LYS H 131 -20.37 -28.58 -52.62
N GLY H 132 -20.22 -29.77 -53.24
CA GLY H 132 -21.19 -30.33 -54.20
C GLY H 132 -20.93 -31.82 -54.48
N ASN H 133 -21.99 -32.46 -54.93
CA ASN H 133 -21.92 -33.85 -55.41
C ASN H 133 -21.37 -33.88 -56.84
N GLY H 134 -20.72 -34.99 -57.17
CA GLY H 134 -20.16 -35.16 -58.52
C GLY H 134 -19.88 -36.63 -58.82
N GLU H 135 -19.99 -36.94 -60.10
CA GLU H 135 -19.68 -38.28 -60.61
C GLU H 135 -18.29 -38.19 -61.28
N ILE H 136 -17.40 -39.00 -60.74
CA ILE H 136 -16.03 -39.04 -61.26
C ILE H 136 -15.71 -40.50 -61.60
N THR H 137 -15.09 -40.65 -62.77
CA THR H 137 -14.57 -41.95 -63.20
C THR H 137 -13.11 -42.07 -62.77
N VAL H 138 -12.63 -43.30 -62.73
CA VAL H 138 -11.24 -43.58 -62.31
C VAL H 138 -10.42 -44.06 -63.47
N LYS H 139 -10.97 -45.05 -64.16
CA LYS H 139 -10.30 -45.62 -65.32
C LYS H 139 -11.13 -45.39 -66.57
N VAL H 140 -10.48 -45.27 -67.70
CA VAL H 140 -11.19 -45.10 -68.99
C VAL H 140 -12.17 -46.27 -69.25
N ASP H 141 -11.79 -47.43 -68.73
CA ASP H 141 -12.62 -48.63 -68.84
C ASP H 141 -13.28 -48.96 -67.49
N ASP H 142 -13.27 -47.97 -66.59
CA ASP H 142 -13.80 -48.05 -65.21
C ASP H 142 -13.76 -46.62 -64.66
N LYS H 143 -13.45 -46.38 -63.39
CA LYS H 143 -14.30 -46.89 -62.30
C LYS H 143 -15.07 -45.70 -61.77
N GLU H 144 -16.37 -45.74 -62.01
CA GLU H 144 -17.26 -44.64 -61.60
C GLU H 144 -17.44 -44.60 -60.07
N TYR H 145 -17.29 -43.40 -59.53
CA TYR H 145 -17.58 -43.14 -58.12
C TYR H 145 -18.52 -41.95 -58.03
N SER H 146 -19.56 -42.14 -57.22
CA SER H 146 -20.55 -41.08 -56.97
C SER H 146 -20.20 -40.46 -55.62
N PHE H 147 -19.80 -39.19 -55.68
CA PHE H 147 -19.28 -38.51 -54.50
C PHE H 147 -20.22 -37.43 -54.01
N GLU H 148 -20.59 -37.63 -52.76
CA GLU H 148 -21.39 -36.68 -52.05
C GLU H 148 -20.68 -36.03 -50.89
N ILE H 149 -20.82 -34.73 -50.80
CA ILE H 149 -20.15 -34.02 -49.71
C ILE H 149 -21.16 -33.55 -48.68
N THR H 150 -20.95 -34.03 -47.48
CA THR H 150 -21.90 -33.79 -46.39
C THR H 150 -21.53 -32.55 -45.58
N ASP H 151 -20.30 -32.06 -45.77
CA ASP H 151 -19.81 -30.87 -45.06
C ASP H 151 -18.40 -30.51 -45.55
N ILE H 152 -18.02 -29.28 -45.25
CA ILE H 152 -16.69 -28.77 -45.60
C ILE H 152 -16.16 -27.90 -44.47
N THR H 153 -14.85 -27.96 -44.27
CA THR H 153 -14.21 -27.24 -43.13
C THR H 153 -12.86 -26.71 -43.55
N ILE H 154 -12.80 -25.40 -43.57
CA ILE H 154 -11.60 -24.69 -44.04
C ILE H 154 -11.02 -23.86 -42.90
N LYS H 155 -9.71 -23.99 -42.74
CA LYS H 155 -8.95 -23.20 -41.76
C LYS H 155 -7.69 -22.63 -42.43
N ALA H 156 -6.96 -21.81 -41.69
CA ALA H 156 -5.73 -21.18 -42.18
C ALA H 156 -4.71 -22.30 -42.25
N GLU H 157 -3.91 -22.27 -43.30
CA GLU H 157 -2.95 -23.37 -43.56
C GLU H 157 -2.06 -23.70 -42.36
N GLY H 158 -1.52 -22.65 -41.73
CA GLY H 158 -0.65 -22.80 -40.56
C GLY H 158 -1.38 -23.53 -39.43
N SER H 159 -2.69 -23.44 -39.39
CA SER H 159 -3.47 -24.10 -38.34
C SER H 159 -3.44 -25.63 -38.46
N GLY H 160 -3.35 -26.14 -39.70
CA GLY H 160 -3.29 -27.59 -39.95
C GLY H 160 -2.03 -28.19 -39.29
N VAL H 161 -0.95 -27.45 -39.42
CA VAL H 161 0.35 -27.84 -38.85
C VAL H 161 0.32 -27.85 -37.31
N LEU H 162 -0.22 -26.78 -36.73
CA LEU H 162 -0.37 -26.67 -35.27
C LEU H 162 -1.22 -27.81 -34.70
N PHE H 163 -2.24 -28.18 -35.45
CA PHE H 163 -3.21 -29.19 -35.00
C PHE H 163 -2.60 -30.58 -35.04
N LEU H 164 -1.76 -30.78 -36.06
CA LEU H 164 -1.12 -32.07 -36.25
C LEU H 164 -0.16 -32.38 -35.08
N GLU H 165 0.57 -31.36 -34.66
CA GLU H 165 1.48 -31.50 -33.52
C GLU H 165 0.64 -31.75 -32.25
N GLN H 166 1.20 -32.51 -31.32
CA GLN H 166 0.58 -32.83 -30.03
C GLN H 166 1.04 -31.84 -28.93
N GLU H 167 0.38 -30.70 -28.93
CA GLU H 167 0.70 -29.63 -27.96
C GLU H 167 -0.60 -29.05 -27.44
N ASN H 168 -0.54 -28.63 -26.19
CA ASN H 168 -1.67 -27.94 -25.55
C ASN H 168 -1.28 -26.50 -25.31
N PHE H 169 -2.23 -25.58 -25.41
CA PHE H 169 -2.42 -24.84 -26.66
C PHE H 169 -3.51 -23.77 -26.56
N LYS H 170 -4.51 -24.04 -25.73
CA LYS H 170 -5.64 -23.11 -25.56
C LYS H 170 -5.21 -21.72 -25.08
N ASN H 171 -4.16 -21.70 -24.24
CA ASN H 171 -3.66 -20.44 -23.64
C ASN H 171 -2.14 -20.28 -23.77
N LYS H 172 -1.61 -20.77 -24.88
CA LYS H 172 -0.17 -20.72 -25.12
C LYS H 172 0.17 -19.87 -26.35
N ASN H 173 1.45 -19.60 -26.50
CA ASN H 173 1.99 -18.87 -27.66
C ASN H 173 2.87 -19.83 -28.45
N VAL H 174 2.49 -20.02 -29.70
CA VAL H 174 3.18 -20.93 -30.61
C VAL H 174 3.45 -20.23 -31.94
N ALA H 175 4.52 -20.62 -32.58
CA ALA H 175 4.81 -20.14 -33.94
C ALA H 175 5.15 -21.29 -34.86
N VAL H 176 4.79 -21.09 -36.11
CA VAL H 176 5.05 -22.06 -37.18
C VAL H 176 6.11 -21.44 -38.09
N ILE H 177 7.26 -22.09 -38.11
CA ILE H 177 8.39 -21.63 -38.93
C ILE H 177 8.52 -22.56 -40.15
N ASP H 178 8.03 -22.03 -41.25
CA ASP H 178 7.88 -22.81 -42.49
C ASP H 178 8.98 -22.42 -43.49
N PHE H 179 9.95 -23.30 -43.61
CA PHE H 179 10.99 -23.13 -44.63
C PHE H 179 10.55 -23.66 -46.00
N GLY H 180 9.99 -22.73 -46.76
CA GLY H 180 9.51 -23.01 -48.13
C GLY H 180 10.66 -22.88 -49.14
N GLY H 181 10.33 -23.24 -50.38
CA GLY H 181 11.25 -23.16 -51.53
C GLY H 181 11.75 -21.74 -51.83
N LEU H 182 10.81 -20.81 -51.80
CA LEU H 182 11.10 -19.41 -52.15
C LEU H 182 11.00 -18.44 -50.97
N ASN H 183 10.31 -18.85 -49.92
CA ASN H 183 10.13 -18.00 -48.74
C ASN H 183 10.17 -18.81 -47.44
N MET H 184 10.44 -18.11 -46.36
CA MET H 184 10.40 -18.68 -45.00
C MET H 184 9.37 -17.89 -44.17
N GLY H 185 8.25 -18.56 -43.88
CA GLY H 185 7.09 -17.90 -43.26
C GLY H 185 6.84 -18.30 -41.81
N PHE H 186 6.65 -17.26 -41.00
CA PHE H 186 6.47 -17.40 -39.54
C PHE H 186 5.09 -16.89 -39.19
N SER H 187 4.30 -17.79 -38.64
CA SER H 187 2.94 -17.48 -38.20
C SER H 187 2.83 -17.76 -36.71
N LEU H 188 2.47 -16.74 -35.94
CA LEU H 188 2.41 -16.83 -34.48
C LEU H 188 0.95 -16.85 -34.04
N TYR H 189 0.69 -17.74 -33.10
CA TYR H 189 -0.63 -17.92 -32.48
C TYR H 189 -0.54 -17.73 -30.97
N ARG H 190 -1.54 -17.06 -30.44
CA ARG H 190 -1.66 -16.85 -28.98
C ARG H 190 -3.10 -17.14 -28.58
N ASN H 191 -3.26 -18.13 -27.71
CA ASN H 191 -4.59 -18.54 -27.23
C ASN H 191 -5.47 -18.95 -28.42
N CYS H 192 -4.86 -19.74 -29.31
CA CYS H 192 -5.50 -20.32 -30.52
C CYS H 192 -5.90 -19.29 -31.59
N VAL H 193 -5.36 -18.09 -31.51
CA VAL H 193 -5.66 -17.04 -32.50
C VAL H 193 -4.35 -16.52 -33.08
N VAL H 194 -4.31 -16.48 -34.41
CA VAL H 194 -3.16 -15.91 -35.12
C VAL H 194 -2.95 -14.45 -34.72
N ASN H 195 -1.69 -14.10 -34.54
CA ASN H 195 -1.28 -12.74 -34.18
C ASN H 195 -0.49 -12.16 -35.36
N PRO H 196 -1.18 -11.38 -36.19
CA PRO H 196 -0.60 -10.78 -37.41
C PRO H 196 0.60 -9.87 -37.11
N SER H 197 0.52 -9.18 -35.99
CA SER H 197 1.60 -8.29 -35.52
C SER H 197 2.89 -9.06 -35.22
N GLU H 198 2.78 -10.37 -35.00
CA GLU H 198 3.93 -11.21 -34.65
C GLU H 198 4.20 -12.31 -35.69
N ARG H 199 3.69 -12.09 -36.89
CA ARG H 199 3.92 -12.99 -38.02
C ARG H 199 4.63 -12.20 -39.12
N PHE H 200 5.39 -12.90 -39.95
CA PHE H 200 6.20 -12.26 -41.00
C PHE H 200 6.74 -13.30 -41.98
N ILE H 201 7.21 -12.77 -43.10
CA ILE H 201 7.79 -13.56 -44.18
C ILE H 201 9.17 -13.03 -44.53
N GLU H 202 10.07 -13.96 -44.81
CA GLU H 202 11.39 -13.61 -45.34
C GLU H 202 11.46 -14.17 -46.75
N GLU H 203 11.81 -13.28 -47.65
CA GLU H 203 11.77 -13.57 -49.10
C GLU H 203 12.94 -14.47 -49.55
N HIS H 204 13.37 -15.39 -48.74
CA HIS H 204 14.44 -16.32 -49.13
C HIS H 204 14.00 -17.71 -48.72
N GLY H 205 14.28 -18.66 -49.60
CA GLY H 205 13.86 -20.05 -49.37
C GLY H 205 15.03 -21.01 -49.51
N VAL H 206 14.67 -22.28 -49.70
CA VAL H 206 15.67 -23.36 -49.91
C VAL H 206 16.42 -23.15 -51.24
N LYS H 207 15.69 -22.68 -52.24
CA LYS H 207 16.26 -22.42 -53.56
C LYS H 207 17.38 -21.39 -53.42
N ASP H 208 17.14 -20.34 -52.63
CA ASP H 208 18.15 -19.33 -52.30
C ASP H 208 19.32 -19.92 -51.51
N LEU H 209 18.99 -20.85 -50.65
CA LEU H 209 19.98 -21.52 -49.80
C LEU H 209 20.99 -22.29 -50.65
N ILE H 210 20.46 -23.25 -51.40
CA ILE H 210 21.27 -24.12 -52.27
C ILE H 210 22.02 -23.30 -53.33
N ILE H 211 21.40 -22.20 -53.72
CA ILE H 211 21.98 -21.26 -54.69
C ILE H 211 23.22 -20.55 -54.21
N ARG H 212 23.05 -20.08 -53.00
CA ARG H 212 24.07 -19.31 -52.31
C ARG H 212 25.27 -20.22 -52.00
N VAL H 213 24.97 -21.51 -51.84
CA VAL H 213 26.01 -22.51 -51.55
C VAL H 213 26.74 -22.91 -52.83
N GLY H 214 25.94 -23.24 -53.86
CA GLY H 214 26.47 -23.67 -55.17
C GLY H 214 27.40 -22.60 -55.74
N ASP H 215 27.15 -21.35 -55.36
CA ASP H 215 27.94 -20.19 -55.80
C ASP H 215 27.89 -20.09 -57.34
N ALA H 216 26.74 -20.46 -57.89
CA ALA H 216 26.53 -20.42 -59.35
C ALA H 216 25.03 -20.43 -59.63
N LEU H 217 24.66 -19.71 -60.69
CA LEU H 217 23.24 -19.59 -61.08
C LEU H 217 22.66 -20.96 -61.45
N THR H 218 23.50 -21.75 -62.10
CA THR H 218 23.11 -23.12 -62.43
C THR H 218 23.94 -23.93 -61.50
N ASP H 219 23.90 -25.22 -61.72
CA ASP H 219 24.96 -25.88 -61.05
C ASP H 219 24.73 -26.29 -59.58
N LEU H 220 23.43 -26.37 -59.27
CA LEU H 220 23.05 -26.46 -57.88
C LEU H 220 22.25 -27.66 -57.66
N ASN H 221 20.96 -27.82 -57.92
CA ASN H 221 20.33 -29.17 -57.96
C ASN H 221 21.38 -30.22 -57.66
N ASN H 222 21.05 -31.32 -57.09
CA ASN H 222 22.10 -32.28 -56.74
C ASN H 222 23.02 -32.75 -57.90
N GLY H 223 22.55 -32.46 -59.11
CA GLY H 223 23.36 -32.58 -60.33
C GLY H 223 23.14 -31.34 -61.18
N ASN H 224 24.11 -30.48 -61.16
CA ASN H 224 24.01 -29.29 -61.99
C ASN H 224 24.47 -29.45 -63.42
N LEU H 225 25.48 -30.29 -63.59
CA LEU H 225 25.98 -30.70 -64.89
C LEU H 225 26.06 -32.21 -64.87
N ILE H 226 25.32 -32.82 -65.79
CA ILE H 226 25.22 -34.29 -65.84
C ILE H 226 26.57 -34.95 -66.16
N THR H 227 27.42 -34.23 -66.89
CA THR H 227 28.75 -34.75 -67.24
C THR H 227 29.74 -34.72 -66.06
N ASN H 228 29.21 -34.53 -64.86
CA ASN H 228 29.99 -34.66 -63.63
C ASN H 228 29.52 -35.88 -62.86
N GLU H 229 30.49 -36.59 -62.29
CA GLU H 229 30.21 -37.82 -61.53
C GLU H 229 29.24 -37.51 -60.38
N GLN H 230 28.43 -38.51 -60.04
CA GLN H 230 27.46 -38.40 -58.94
C GLN H 230 28.18 -37.91 -57.70
N ALA H 231 27.74 -36.76 -57.19
CA ALA H 231 28.29 -36.09 -55.97
C ALA H 231 28.94 -34.76 -56.32
N GLU H 232 29.52 -34.70 -57.52
CA GLU H 232 30.16 -33.47 -57.99
C GLU H 232 29.07 -32.52 -58.42
N SER H 233 29.27 -31.28 -57.97
CA SER H 233 28.41 -30.14 -58.26
C SER H 233 26.98 -30.44 -57.79
N ALA H 234 26.96 -30.83 -56.51
CA ALA H 234 25.76 -31.08 -55.71
C ALA H 234 24.74 -29.93 -55.93
N LEU H 235 23.91 -29.51 -55.00
CA LEU H 235 24.00 -29.63 -53.54
C LEU H 235 22.88 -30.44 -52.96
N ASN H 236 21.70 -30.20 -53.49
CA ASN H 236 20.49 -30.82 -52.95
C ASN H 236 20.65 -32.35 -52.86
N ASN H 237 21.46 -32.92 -53.73
CA ASN H 237 21.76 -34.36 -53.61
C ASN H 237 23.17 -34.56 -53.22
N GLY H 238 23.11 -34.86 -51.95
CA GLY H 238 24.33 -35.20 -51.22
C GLY H 238 24.61 -34.10 -50.21
N TYR H 239 25.15 -34.56 -49.09
CA TYR H 239 25.57 -33.66 -47.99
C TYR H 239 27.09 -33.49 -48.03
N MET H 240 27.75 -33.86 -46.94
CA MET H 240 29.21 -33.82 -46.84
C MET H 240 29.71 -35.27 -47.07
N LYS H 241 29.63 -35.67 -48.33
CA LYS H 241 29.91 -37.08 -48.70
C LYS H 241 31.21 -37.24 -49.51
N LYS H 242 32.03 -36.19 -49.54
CA LYS H 242 33.33 -36.25 -50.22
C LYS H 242 34.41 -36.69 -49.22
N GLY H 243 34.69 -37.99 -49.27
CA GLY H 243 35.65 -38.63 -48.33
C GLY H 243 37.12 -38.35 -48.68
N GLY H 244 37.34 -37.32 -49.49
CA GLY H 244 38.68 -36.86 -49.87
C GLY H 244 39.07 -35.75 -48.91
N GLU H 245 39.87 -36.13 -47.91
CA GLU H 245 40.28 -35.20 -46.83
C GLU H 245 40.95 -33.91 -47.35
N ILE H 246 41.35 -33.93 -48.62
CA ILE H 246 42.00 -32.79 -49.29
C ILE H 246 41.00 -31.73 -49.79
N ASP H 247 39.79 -32.16 -50.13
CA ASP H 247 38.78 -31.24 -50.69
C ASP H 247 38.42 -30.15 -49.68
N THR H 248 38.23 -28.94 -50.20
CA THR H 248 37.89 -27.78 -49.34
C THR H 248 36.51 -27.19 -49.65
N GLU H 249 35.83 -27.77 -50.64
CA GLU H 249 34.42 -27.42 -50.91
C GLU H 249 33.58 -27.80 -49.70
N SER H 250 32.41 -27.17 -49.57
CA SER H 250 31.46 -27.52 -48.47
C SER H 250 31.36 -29.04 -48.35
N SER H 251 31.07 -29.64 -47.21
CA SER H 251 30.57 -29.16 -45.89
C SER H 251 30.80 -27.75 -45.33
N THR H 252 31.97 -27.19 -45.53
CA THR H 252 32.29 -25.89 -44.91
C THR H 252 31.30 -24.78 -45.33
N VAL H 253 30.94 -24.80 -46.60
CA VAL H 253 30.02 -23.80 -47.17
C VAL H 253 28.62 -23.96 -46.55
N ILE H 254 28.13 -25.19 -46.49
CA ILE H 254 26.79 -25.48 -45.96
C ILE H 254 26.60 -24.83 -44.57
N LYS H 255 27.50 -25.14 -43.64
CA LYS H 255 27.41 -24.66 -42.26
C LYS H 255 27.50 -23.14 -42.22
N LYS H 256 28.18 -22.56 -43.21
CA LYS H 256 28.35 -21.11 -43.33
C LYS H 256 27.10 -20.38 -43.78
N VAL H 257 26.48 -20.93 -44.82
CA VAL H 257 25.23 -20.37 -45.35
C VAL H 257 24.11 -20.53 -44.31
N LYS H 258 24.00 -21.74 -43.78
CA LYS H 258 22.96 -22.09 -42.80
C LYS H 258 23.16 -21.30 -41.50
N GLU H 259 24.42 -20.99 -41.19
CA GLU H 259 24.76 -20.24 -39.98
C GLU H 259 24.15 -18.84 -40.03
N LYS H 260 24.25 -18.23 -41.21
CA LYS H 260 23.69 -16.89 -41.45
C LYS H 260 22.17 -16.91 -41.56
N PHE H 261 21.64 -17.99 -42.14
CA PHE H 261 20.20 -18.14 -42.33
C PHE H 261 19.49 -18.26 -40.97
N LEU H 262 20.08 -19.07 -40.10
CA LEU H 262 19.55 -19.28 -38.74
C LEU H 262 19.67 -18.04 -37.86
N LYS H 263 20.77 -17.32 -38.03
CA LYS H 263 21.02 -16.10 -37.26
C LYS H 263 20.02 -15.02 -37.66
N ASP H 264 19.70 -14.97 -38.95
CA ASP H 264 18.74 -13.99 -39.46
C ASP H 264 17.32 -14.34 -38.99
N ALA H 265 16.98 -15.60 -39.02
CA ALA H 265 15.62 -16.06 -38.65
C ALA H 265 15.32 -15.79 -37.17
N ILE H 266 16.26 -16.19 -36.32
CA ILE H 266 16.09 -16.04 -34.85
C ILE H 266 16.16 -14.56 -34.43
N LYS H 267 16.96 -13.79 -35.17
CA LYS H 267 17.10 -12.35 -34.90
C LYS H 267 15.78 -11.62 -35.17
N LEU H 268 15.12 -12.04 -36.25
CA LEU H 268 13.80 -11.49 -36.61
C LEU H 268 12.73 -11.90 -35.59
N ILE H 269 12.87 -13.12 -35.09
CA ILE H 269 11.96 -13.67 -34.07
C ILE H 269 11.98 -12.81 -32.82
N GLU H 270 13.18 -12.51 -32.37
CA GLU H 270 13.37 -11.78 -31.13
C GLU H 270 12.91 -10.32 -31.28
N LYS H 271 13.00 -9.80 -32.50
CA LYS H 271 12.55 -8.44 -32.81
C LYS H 271 11.02 -8.35 -32.85
N ARG H 272 10.40 -9.29 -33.56
CA ARG H 272 8.95 -9.27 -33.79
C ARG H 272 8.16 -10.05 -32.74
N GLY H 273 8.53 -11.32 -32.60
CA GLY H 273 7.87 -12.28 -31.71
C GLY H 273 8.05 -11.91 -30.26
N PHE H 274 9.30 -11.64 -29.85
CA PHE H 274 9.76 -11.27 -28.49
C PHE H 274 10.77 -12.28 -27.91
N LYS H 275 10.88 -12.27 -26.58
CA LYS H 275 11.77 -13.15 -25.83
C LYS H 275 11.42 -14.59 -26.21
N LEU H 276 12.40 -15.30 -26.72
CA LEU H 276 12.23 -16.72 -27.11
C LEU H 276 11.72 -17.61 -25.97
N ASP H 277 11.80 -17.08 -24.75
CA ASP H 277 11.31 -17.78 -23.55
C ASP H 277 9.78 -17.66 -23.40
N GLN H 278 9.20 -16.62 -23.98
CA GLN H 278 7.74 -16.43 -23.92
C GLN H 278 6.99 -17.32 -24.92
N LEU H 279 7.75 -18.01 -25.76
CA LEU H 279 7.19 -18.93 -26.77
C LEU H 279 7.19 -20.34 -26.18
N ASP H 280 6.03 -20.98 -26.30
CA ASP H 280 5.84 -22.34 -25.78
C ASP H 280 6.43 -23.41 -26.71
N SER H 281 6.35 -23.12 -28.01
CA SER H 281 6.88 -24.03 -29.03
C SER H 281 6.89 -23.35 -30.40
N LEU H 282 7.90 -23.73 -31.16
CA LEU H 282 8.06 -23.28 -32.55
C LEU H 282 8.16 -24.51 -33.43
N ILE H 283 7.09 -24.76 -34.18
CA ILE H 283 7.02 -25.93 -35.07
C ILE H 283 7.79 -25.58 -36.33
N PHE H 284 8.68 -26.49 -36.71
CA PHE H 284 9.57 -26.27 -37.85
C PHE H 284 9.04 -27.13 -38.97
N ILE H 285 8.54 -26.50 -40.02
CA ILE H 285 7.89 -27.21 -41.14
C ILE H 285 8.38 -26.63 -42.47
N GLY H 286 7.99 -27.32 -43.54
CA GLY H 286 8.41 -26.92 -44.89
C GLY H 286 9.48 -27.90 -45.40
N GLY H 287 9.74 -27.78 -46.70
CA GLY H 287 10.76 -28.63 -47.37
C GLY H 287 12.14 -28.51 -46.70
N THR H 288 12.42 -27.34 -46.15
CA THR H 288 13.74 -27.09 -45.53
C THR H 288 13.82 -27.54 -44.07
N THR H 289 12.70 -27.95 -43.48
CA THR H 289 12.75 -28.33 -42.06
C THR H 289 13.83 -29.36 -41.74
N GLN H 290 13.83 -30.43 -42.52
CA GLN H 290 14.80 -31.52 -42.29
C GLN H 290 16.25 -31.01 -42.35
N LYS H 291 16.45 -29.95 -43.15
CA LYS H 291 17.78 -29.37 -43.33
C LYS H 291 18.26 -28.53 -42.14
N LEU H 292 17.34 -27.81 -41.49
CA LEU H 292 17.70 -26.86 -40.43
C LEU H 292 17.33 -27.25 -39.01
N LYS H 293 16.45 -28.24 -38.86
CA LYS H 293 15.94 -28.62 -37.54
C LYS H 293 17.08 -28.91 -36.54
N GLU H 294 18.13 -29.57 -37.01
CA GLU H 294 19.24 -29.94 -36.13
C GLU H 294 19.94 -28.72 -35.53
N GLN H 295 20.32 -27.79 -36.41
CA GLN H 295 21.04 -26.60 -35.96
C GLN H 295 20.22 -25.68 -35.08
N ILE H 296 18.94 -25.61 -35.41
CA ILE H 296 18.05 -24.80 -34.58
C ILE H 296 17.93 -25.33 -33.14
N SER H 297 17.86 -26.65 -33.05
CA SER H 297 17.72 -27.32 -31.75
C SER H 297 18.90 -27.02 -30.84
N LYS H 298 20.06 -26.81 -31.46
CA LYS H 298 21.29 -26.45 -30.73
C LYS H 298 21.38 -24.94 -30.48
N THR H 299 20.68 -24.17 -31.32
CA THR H 299 20.62 -22.70 -31.17
C THR H 299 19.85 -22.34 -29.89
N TYR H 300 18.69 -22.99 -29.72
CA TYR H 300 17.85 -22.82 -28.54
C TYR H 300 17.28 -24.18 -28.08
N PRO H 301 17.48 -24.48 -26.80
CA PRO H 301 16.97 -25.72 -26.18
C PRO H 301 15.49 -25.62 -25.78
N ASN H 302 14.82 -26.76 -25.88
CA ASN H 302 13.43 -26.94 -25.42
C ASN H 302 12.37 -26.01 -26.05
N ASN H 303 12.55 -25.63 -27.32
CA ASN H 303 11.53 -24.79 -27.96
C ASN H 303 11.08 -25.30 -29.34
N SER H 304 12.06 -25.73 -30.14
CA SER H 304 11.78 -26.20 -31.51
C SER H 304 11.28 -27.64 -31.50
N ILE H 305 10.33 -27.90 -32.39
CA ILE H 305 9.74 -29.24 -32.56
C ILE H 305 9.49 -29.48 -34.05
N ILE H 306 9.67 -30.73 -34.43
CA ILE H 306 9.41 -31.17 -35.81
C ILE H 306 8.53 -32.42 -35.80
N THR H 307 7.74 -32.56 -36.84
CA THR H 307 6.91 -33.76 -37.03
C THR H 307 7.49 -34.54 -38.22
N ASN H 308 7.35 -35.87 -38.17
CA ASN H 308 7.77 -36.73 -39.27
C ASN H 308 6.89 -36.49 -40.49
N ASN H 309 7.49 -36.62 -41.68
CA ASN H 309 6.80 -36.35 -42.95
C ASN H 309 6.09 -34.99 -42.88
N SER H 310 6.92 -33.94 -42.77
CA SER H 310 6.42 -32.56 -42.67
C SER H 310 5.47 -32.20 -43.82
N GLN H 311 5.68 -32.84 -44.95
CA GLN H 311 4.83 -32.62 -46.13
C GLN H 311 3.34 -32.94 -45.90
N TRP H 312 3.07 -33.89 -45.01
CA TRP H 312 1.67 -34.25 -44.67
C TRP H 312 1.20 -33.64 -43.36
N THR H 313 1.95 -32.67 -42.85
CA THR H 313 1.56 -32.01 -41.60
C THR H 313 0.20 -31.32 -41.60
N THR H 314 -0.02 -30.59 -42.67
CA THR H 314 -1.27 -29.83 -42.81
C THR H 314 -2.45 -30.78 -42.92
N CYS H 315 -2.31 -31.77 -43.79
CA CYS H 315 -3.37 -32.74 -44.04
C CYS H 315 -3.73 -33.53 -42.77
N GLU H 316 -2.72 -33.90 -41.99
CA GLU H 316 -3.02 -34.67 -40.77
C GLU H 316 -3.74 -33.78 -39.74
N GLY H 317 -3.47 -32.48 -39.84
CA GLY H 317 -4.13 -31.47 -39.00
C GLY H 317 -5.60 -31.27 -39.42
N LEU H 318 -5.78 -31.14 -40.73
CA LEU H 318 -7.12 -30.97 -41.30
C LEU H 318 -7.97 -32.22 -41.08
N TYR H 319 -7.36 -33.37 -41.16
CA TYR H 319 -8.09 -34.64 -40.96
C TYR H 319 -8.76 -34.72 -39.59
N LYS H 320 -8.08 -34.18 -38.59
CA LYS H 320 -8.60 -34.18 -37.21
C LYS H 320 -9.85 -33.30 -37.08
N VAL H 321 -9.85 -32.15 -37.74
CA VAL H 321 -11.06 -31.30 -37.73
C VAL H 321 -12.18 -31.94 -38.54
N ALA H 322 -11.79 -32.68 -39.55
CA ALA H 322 -12.79 -33.33 -40.39
C ALA H 322 -13.46 -34.52 -39.71
N VAL H 323 -12.74 -35.16 -38.80
CA VAL H 323 -13.33 -36.22 -37.97
C VAL H 323 -14.43 -35.63 -37.06
N ALA H 324 -14.14 -34.42 -36.57
CA ALA H 324 -15.07 -33.67 -35.71
C ALA H 324 -16.30 -33.24 -36.51
N LYS H 325 -16.05 -32.89 -37.77
CA LYS H 325 -17.14 -32.50 -38.69
C LYS H 325 -17.98 -33.70 -39.08
N TYR H 326 -17.32 -34.84 -39.18
CA TYR H 326 -17.97 -36.11 -39.49
C TYR H 326 -18.94 -36.52 -38.37
N CYS H 327 -18.52 -36.27 -37.13
CA CYS H 327 -19.40 -36.55 -35.97
C CYS H 327 -20.60 -35.59 -35.96
N ILE H 328 -20.37 -34.40 -36.28
N THR I 5 -60.18 19.72 12.57
CA THR I 5 -60.47 19.48 14.00
C THR I 5 -59.87 20.57 14.91
N ASN I 6 -60.40 20.61 16.13
CA ASN I 6 -59.96 21.54 17.17
C ASN I 6 -59.23 20.76 18.26
N GLU I 7 -57.98 20.48 18.01
CA GLU I 7 -57.22 19.66 18.94
C GLU I 7 -56.08 20.56 19.55
N TYR I 8 -55.75 20.33 20.79
CA TYR I 8 -54.67 21.04 21.49
C TYR I 8 -53.57 20.06 21.90
N VAL I 9 -52.43 20.62 22.29
CA VAL I 9 -51.31 19.81 22.74
C VAL I 9 -51.07 20.09 24.23
N MET I 10 -51.12 19.01 25.00
CA MET I 10 -50.78 19.07 26.41
C MET I 10 -49.47 18.34 26.64
N THR I 11 -48.58 19.05 27.31
CA THR I 11 -47.28 18.49 27.67
C THR I 11 -47.18 18.41 29.18
N LEU I 12 -46.86 17.21 29.63
CA LEU I 12 -46.77 16.93 31.06
C LEU I 12 -45.44 16.28 31.43
N ASP I 13 -44.99 16.60 32.63
CA ASP I 13 -43.74 16.08 33.18
C ASP I 13 -43.95 15.73 34.66
N ALA I 14 -44.27 14.47 34.91
CA ALA I 14 -44.48 13.96 36.28
C ALA I 14 -43.12 13.52 36.86
N GLY I 15 -42.39 14.51 37.39
CA GLY I 15 -41.01 14.28 37.83
C GLY I 15 -40.91 14.10 39.33
N LYS I 16 -39.66 14.11 39.79
CA LYS I 16 -39.27 13.95 41.20
C LYS I 16 -40.42 14.35 42.15
N TYR I 17 -40.40 15.61 42.56
CA TYR I 17 -41.32 16.11 43.59
C TYR I 17 -42.26 17.16 43.01
N GLU I 18 -42.09 17.47 41.73
CA GLU I 18 -42.95 18.46 41.06
C GLU I 18 -43.50 17.92 39.73
N THR I 19 -44.70 18.40 39.42
CA THR I 19 -45.34 18.11 38.13
C THR I 19 -45.39 19.41 37.32
N LYS I 20 -44.87 19.34 36.12
CA LYS I 20 -44.87 20.49 35.19
C LYS I 20 -45.85 20.21 34.06
N LEU I 21 -46.62 21.23 33.72
CA LEU I 21 -47.62 21.12 32.66
C LEU I 21 -47.65 22.38 31.80
N ILE I 22 -47.92 22.21 30.52
CA ILE I 22 -47.99 23.32 29.57
C ILE I 22 -49.02 23.05 28.47
N GLY I 23 -49.83 24.07 28.22
CA GLY I 23 -50.79 24.06 27.11
C GLY I 23 -50.76 25.44 26.48
N LYS I 24 -50.98 25.50 25.18
CA LYS I 24 -50.98 26.80 24.46
C LYS I 24 -52.11 27.71 24.90
N ASN I 25 -53.19 27.08 25.34
CA ASN I 25 -54.36 27.81 25.84
C ASN I 25 -54.07 28.46 27.18
N LYS I 26 -53.45 27.71 28.07
CA LYS I 26 -53.10 28.27 29.37
C LYS I 26 -51.97 29.29 29.27
N LYS I 27 -50.96 28.93 28.51
CA LYS I 27 -49.80 29.82 28.31
C LYS I 27 -50.24 31.18 27.75
N GLY I 28 -51.28 31.11 26.90
CA GLY I 28 -51.85 32.31 26.24
C GLY I 28 -52.52 33.27 27.22
N THR I 29 -53.00 32.72 28.34
CA THR I 29 -53.79 33.51 29.32
C THR I 29 -52.97 33.89 30.55
N THR I 30 -52.17 32.95 31.03
CA THR I 30 -51.35 33.18 32.23
C THR I 30 -49.89 33.33 31.81
N GLU I 31 -49.20 34.23 32.51
CA GLU I 31 -47.81 34.57 32.16
C GLU I 31 -46.79 33.69 32.85
N ASP I 32 -47.22 33.12 33.96
CA ASP I 32 -46.29 32.30 34.70
C ASP I 32 -45.79 31.16 33.76
N ILE I 33 -45.04 30.26 34.35
CA ILE I 33 -44.42 29.21 33.57
C ILE I 33 -45.08 27.89 33.61
N LYS I 34 -46.34 27.69 33.74
CA LYS I 34 -47.42 28.65 33.66
C LYS I 34 -48.20 28.83 32.36
N ARG I 35 -48.58 27.69 31.74
CA ARG I 35 -48.20 26.32 32.12
C ARG I 35 -48.54 26.15 33.66
N VAL I 36 -47.79 25.37 34.35
CA VAL I 36 -47.72 25.27 35.82
C VAL I 36 -46.66 24.27 36.38
N ILE I 37 -46.19 24.59 37.57
CA ILE I 37 -45.27 23.72 38.31
C ILE I 37 -45.76 23.65 39.75
N PHE I 38 -46.23 22.47 40.12
CA PHE I 38 -46.77 22.22 41.46
C PHE I 38 -46.17 20.96 42.05
N LYS I 39 -45.99 20.97 43.37
CA LYS I 39 -45.45 19.80 44.09
C LYS I 39 -46.33 18.58 43.83
N THR I 40 -45.69 17.43 43.68
CA THR I 40 -46.38 16.15 43.43
C THR I 40 -47.05 15.65 44.71
N LYS I 41 -48.03 16.42 45.15
CA LYS I 41 -48.84 16.12 46.33
C LYS I 41 -50.30 16.36 45.98
N ILE I 42 -51.17 15.61 46.61
CA ILE I 42 -52.62 15.73 46.35
C ILE I 42 -53.36 15.61 47.69
N TYR I 43 -54.46 16.32 47.76
CA TYR I 43 -55.32 16.26 48.95
C TYR I 43 -56.78 16.05 48.55
N ASN I 44 -57.64 16.01 49.55
CA ASN I 44 -59.08 15.85 49.35
C ASN I 44 -59.82 16.70 50.36
N LEU I 45 -60.97 17.20 49.93
CA LEU I 45 -61.77 18.09 50.79
C LEU I 45 -62.88 17.30 51.46
N GLU I 46 -62.66 17.06 52.74
CA GLU I 46 -63.62 16.31 53.56
C GLU I 46 -64.29 17.24 54.57
N ASP I 47 -65.49 16.85 54.97
CA ASP I 47 -66.31 17.63 55.92
C ASP I 47 -65.61 17.80 57.29
N GLY I 48 -64.64 16.93 57.57
CA GLY I 48 -63.87 17.01 58.82
C GLY I 48 -62.87 18.17 58.83
N TYR I 49 -63.02 19.07 57.86
CA TYR I 49 -62.11 20.22 57.68
C TYR I 49 -62.81 21.33 56.89
N ILE I 50 -62.18 22.50 56.93
CA ILE I 50 -62.70 23.71 56.27
C ILE I 50 -61.88 24.05 55.02
N ASP I 51 -62.54 23.94 53.89
CA ASP I 51 -61.90 24.33 52.62
C ASP I 51 -61.51 25.80 52.55
N ILE I 52 -60.47 26.08 51.78
CA ILE I 52 -59.95 27.44 51.59
C ILE I 52 -59.58 27.67 50.11
N GLU I 53 -59.65 28.90 49.68
CA GLU I 53 -59.23 29.27 48.31
C GLU I 53 -57.74 29.03 48.09
N GLY I 54 -57.44 28.78 46.81
CA GLY I 54 -56.06 28.49 46.41
C GLY I 54 -55.22 29.72 46.06
N ASN I 55 -53.96 29.50 45.65
CA ASN I 55 -53.58 28.81 44.40
C ASN I 55 -53.74 27.29 44.50
N SER I 56 -54.99 26.87 44.34
CA SER I 56 -55.40 25.47 44.46
C SER I 56 -56.83 25.34 43.95
N HIS I 57 -57.07 24.20 43.35
CA HIS I 57 -58.37 23.93 42.71
C HIS I 57 -58.97 22.64 43.24
N LYS I 58 -60.27 22.54 43.02
CA LYS I 58 -61.02 21.34 43.37
C LYS I 58 -61.40 20.61 42.08
N ILE I 59 -61.22 19.30 42.09
CA ILE I 59 -61.51 18.46 40.92
C ILE I 59 -62.42 17.30 41.34
N GLU I 60 -63.28 16.91 40.40
CA GLU I 60 -64.21 15.79 40.61
C GLU I 60 -63.66 14.57 39.90
N LEU I 61 -63.31 13.60 40.72
CA LEU I 61 -62.85 12.31 40.21
C LEU I 61 -63.39 11.23 41.16
N ASP I 62 -63.87 10.15 40.56
CA ASP I 62 -64.51 9.05 41.30
C ASP I 62 -65.76 9.63 42.00
N GLY I 63 -65.81 9.47 43.31
CA GLY I 63 -66.59 10.33 44.24
C GLY I 63 -65.45 10.91 45.06
N LYS I 64 -65.53 12.06 45.78
CA LYS I 64 -64.33 12.79 46.29
C LYS I 64 -64.02 14.02 45.46
N GLU I 65 -63.78 15.06 46.23
CA GLU I 65 -63.32 16.32 45.65
C GLU I 65 -61.81 16.43 45.89
N TYR I 66 -61.07 16.08 44.86
CA TYR I 66 -59.61 16.12 44.97
C TYR I 66 -59.12 17.56 44.98
N LEU I 67 -57.98 17.69 45.60
CA LEU I 67 -57.43 19.00 45.76
C LEU I 67 -55.96 18.97 45.30
N ILE I 68 -55.60 19.99 44.53
CA ILE I 68 -54.29 20.06 43.87
C ILE I 68 -53.94 21.53 43.57
N GLY I 69 -52.68 21.85 43.81
CA GLY I 69 -52.16 23.19 43.50
C GLY I 69 -51.83 23.93 44.79
N GLU I 70 -52.66 23.72 45.82
CA GLU I 70 -52.38 24.30 47.14
C GLU I 70 -51.22 23.51 47.74
N GLN I 71 -50.66 24.09 48.78
CA GLN I 71 -49.55 23.43 49.48
C GLN I 71 -50.00 22.80 50.82
N GLY I 72 -51.26 23.07 51.16
CA GLY I 72 -51.82 22.66 52.46
C GLY I 72 -52.21 23.89 53.28
N VAL I 73 -52.40 25.00 52.58
CA VAL I 73 -53.00 26.22 53.14
C VAL I 73 -54.53 26.07 53.24
N GLU I 74 -55.03 25.09 52.50
CA GLU I 74 -56.46 24.89 52.41
C GLU I 74 -56.87 23.54 52.97
N ASP I 75 -55.98 22.68 53.38
CA ASP I 75 -56.36 21.37 53.89
C ASP I 75 -55.18 20.73 54.61
N SER I 76 -55.50 19.71 55.38
CA SER I 76 -54.48 18.93 56.12
C SER I 76 -54.32 17.53 55.51
N SER I 77 -55.16 17.22 54.54
CA SER I 77 -55.15 15.91 53.82
C SER I 77 -54.03 15.78 52.79
N GLU I 78 -53.28 16.85 52.54
CA GLU I 78 -52.18 16.84 51.56
C GLU I 78 -51.13 15.78 51.91
N THR I 79 -50.84 15.64 53.20
CA THR I 79 -49.87 14.66 53.70
C THR I 79 -50.31 13.22 53.39
N SER I 80 -51.63 13.01 53.48
CA SER I 80 -52.25 11.70 53.22
C SER I 80 -52.08 11.29 51.75
N LYS I 81 -51.99 9.99 51.52
CA LYS I 81 -51.81 9.42 50.17
C LYS I 81 -52.70 8.21 49.92
N THR I 82 -52.93 7.95 48.64
CA THR I 82 -53.73 6.80 48.21
C THR I 82 -52.99 5.97 47.13
N ASN I 83 -53.54 4.82 46.76
CA ASN I 83 -52.88 3.82 45.88
C ASN I 83 -53.49 3.75 44.46
N LEU I 84 -53.29 4.83 43.72
CA LEU I 84 -54.39 5.75 43.37
C LEU I 84 -53.85 7.18 43.38
N ILE I 85 -52.84 7.37 44.22
CA ILE I 85 -52.15 8.66 44.41
C ILE I 85 -51.74 9.27 43.05
N HIS I 86 -50.98 8.48 42.30
CA HIS I 86 -50.42 8.91 41.03
C HIS I 86 -51.55 9.05 39.99
N LYS I 87 -52.47 8.09 40.00
CA LYS I 87 -53.59 8.12 39.04
C LYS I 87 -54.47 9.35 39.21
N LEU I 88 -54.64 9.77 40.46
CA LEU I 88 -55.39 11.00 40.76
C LEU I 88 -54.63 12.25 40.35
N ALA I 89 -53.32 12.19 40.57
CA ALA I 89 -52.42 13.30 40.20
C ALA I 89 -52.46 13.53 38.68
N ALA I 90 -52.53 12.44 37.92
CA ALA I 90 -52.59 12.51 36.46
C ALA I 90 -53.86 13.20 35.97
N TYR I 91 -54.96 12.87 36.66
CA TYR I 91 -56.27 13.39 36.28
C TYR I 91 -56.35 14.84 36.60
N THR I 92 -55.81 15.24 37.74
CA THR I 92 -55.82 16.64 38.17
C THR I 92 -54.88 17.53 37.33
N ALA I 93 -53.77 16.94 36.90
CA ALA I 93 -52.81 17.62 36.03
C ALA I 93 -53.43 17.85 34.66
N ILE I 94 -54.14 16.85 34.15
CA ILE I 94 -54.83 16.97 32.86
C ILE I 94 -55.94 18.03 32.96
N THR I 95 -56.59 18.04 34.10
CA THR I 95 -57.73 18.96 34.35
C THR I 95 -57.28 20.40 34.34
N GLN I 96 -56.17 20.64 35.02
CA GLN I 96 -55.63 22.00 35.14
C GLN I 96 -55.16 22.43 33.76
N VAL I 97 -55.45 23.69 33.44
CA VAL I 97 -55.00 24.26 32.14
C VAL I 97 -55.72 23.53 30.97
N LEU I 98 -56.99 23.22 31.18
CA LEU I 98 -57.75 22.51 30.14
C LEU I 98 -59.11 23.17 29.96
N ASP I 99 -59.10 24.20 29.13
CA ASP I 99 -60.32 24.94 28.79
C ASP I 99 -60.40 25.26 27.30
N SER I 100 -61.34 24.65 26.63
CA SER I 100 -61.50 24.95 25.21
C SER I 100 -62.24 26.30 25.05
N ASN I 101 -63.52 26.42 25.42
CA ASN I 101 -64.64 25.49 25.14
C ASN I 101 -64.80 24.31 26.10
N LYS I 102 -66.03 23.83 26.10
CA LYS I 102 -66.44 22.71 26.97
C LYS I 102 -65.75 21.40 26.58
N ASN I 103 -65.76 21.10 25.29
CA ASN I 103 -65.13 19.88 24.76
C ASN I 103 -63.68 20.18 24.35
N ASN I 104 -62.77 19.56 25.06
CA ASN I 104 -61.34 19.76 24.85
C ASN I 104 -60.68 18.49 24.31
N LYS I 105 -60.38 18.55 23.02
CA LYS I 105 -59.71 17.44 22.32
C LYS I 105 -58.21 17.73 22.32
N VAL I 106 -57.45 16.75 22.77
CA VAL I 106 -55.99 16.93 22.87
C VAL I 106 -55.21 15.71 22.40
N GLN I 107 -53.91 15.94 22.43
CA GLN I 107 -52.86 14.95 22.27
C GLN I 107 -51.96 15.18 23.48
N LEU I 108 -51.51 14.10 24.08
CA LEU I 108 -50.67 14.22 25.29
C LEU I 108 -49.26 13.74 25.00
N VAL I 109 -48.33 14.63 25.29
CA VAL I 109 -46.92 14.28 25.22
C VAL I 109 -46.32 14.32 26.62
N LEU I 110 -45.66 13.23 26.95
CA LEU I 110 -44.99 13.12 28.25
C LEU I 110 -43.77 12.19 28.14
N ALA I 111 -43.05 12.09 29.25
CA ALA I 111 -41.86 11.25 29.38
C ALA I 111 -41.89 10.33 30.62
N CYS I 112 -40.97 9.41 30.64
CA CYS I 112 -40.83 8.49 31.78
C CYS I 112 -39.35 8.09 31.87
N PRO I 113 -38.94 7.59 33.05
CA PRO I 113 -37.56 7.16 33.28
C PRO I 113 -37.11 6.28 32.10
N LEU I 114 -35.86 6.48 31.69
CA LEU I 114 -35.30 5.75 30.52
C LEU I 114 -35.37 4.24 30.71
N SER I 115 -35.24 3.81 31.96
CA SER I 115 -35.18 2.38 32.30
C SER I 115 -36.52 1.64 32.15
N VAL I 116 -37.60 2.40 32.07
CA VAL I 116 -38.94 1.82 31.92
C VAL I 116 -39.57 2.05 30.55
N LEU I 117 -38.94 2.92 29.78
CA LEU I 117 -39.45 3.33 28.47
C LEU I 117 -39.41 2.18 27.44
N ARG I 118 -40.23 1.17 27.62
CA ARG I 118 -40.34 0.02 26.69
C ARG I 118 -40.97 -1.19 27.38
N ASN I 119 -40.92 -1.17 28.71
CA ASN I 119 -41.46 -2.27 29.54
C ASN I 119 -43.00 -2.24 29.57
N ALA I 120 -43.55 -3.02 30.47
CA ALA I 120 -44.99 -3.06 30.77
C ALA I 120 -45.44 -1.75 31.46
N LYS I 121 -44.51 -1.03 32.05
CA LYS I 121 -44.83 0.24 32.71
C LYS I 121 -44.11 1.37 32.00
N ALA I 122 -44.70 2.56 32.07
CA ALA I 122 -44.24 3.74 31.33
C ALA I 122 -44.15 3.47 29.82
N LYS I 123 -44.89 2.44 29.44
CA LYS I 123 -45.01 2.04 28.04
C LYS I 123 -46.36 1.39 27.73
N GLU I 124 -46.91 0.63 28.68
CA GLU I 124 -48.28 0.12 28.45
C GLU I 124 -49.30 0.61 29.48
N GLU I 125 -48.93 0.55 30.76
CA GLU I 125 -49.86 0.96 31.83
C GLU I 125 -49.95 2.47 31.90
N TYR I 126 -48.85 3.19 31.69
CA TYR I 126 -48.87 4.66 31.71
C TYR I 126 -49.67 5.23 30.53
N ARG I 127 -49.47 4.63 29.36
CA ARG I 127 -50.20 4.99 28.15
C ARG I 127 -51.70 4.73 28.29
N ASP I 128 -52.03 3.69 29.06
CA ASP I 128 -53.43 3.34 29.32
C ASP I 128 -54.12 4.36 30.22
N TYR I 129 -53.33 4.94 31.14
CA TYR I 129 -53.84 5.94 32.08
C TYR I 129 -54.12 7.23 31.32
N ILE I 130 -53.23 7.54 30.39
CA ILE I 130 -53.30 8.79 29.62
C ILE I 130 -54.33 8.73 28.49
N LYS I 131 -54.34 7.57 27.81
CA LYS I 131 -55.18 7.21 26.69
C LYS I 131 -56.66 6.92 27.02
N GLY I 132 -57.46 7.94 27.41
CA GLY I 132 -58.92 7.81 27.57
C GLY I 132 -59.59 9.19 27.71
N ASN I 133 -60.88 9.18 27.39
CA ASN I 133 -61.76 10.35 27.61
C ASN I 133 -62.18 10.40 29.07
N GLY I 134 -62.46 11.62 29.53
CA GLY I 134 -62.91 11.82 30.92
C GLY I 134 -63.57 13.18 31.09
N GLU I 135 -64.50 13.20 32.03
CA GLU I 135 -65.20 14.42 32.41
C GLU I 135 -64.59 14.89 33.73
N ILE I 136 -64.05 16.10 33.68
CA ILE I 136 -63.44 16.70 34.85
C ILE I 136 -64.09 18.07 35.08
N THR I 137 -64.38 18.30 36.35
CA THR I 137 -64.88 19.61 36.79
C THR I 137 -63.70 20.47 37.24
N VAL I 138 -63.94 21.78 37.28
CA VAL I 138 -62.88 22.72 37.67
C VAL I 138 -63.20 23.36 39.00
N LYS I 139 -64.42 23.85 39.10
CA LYS I 139 -64.87 24.47 40.33
C LYS I 139 -66.03 23.69 40.93
N VAL I 140 -66.16 23.71 42.24
CA VAL I 140 -67.29 23.03 42.91
C VAL I 140 -68.65 23.55 42.40
N ASP I 141 -68.65 24.81 42.00
CA ASP I 141 -69.84 25.45 41.44
C ASP I 141 -69.70 25.62 39.93
N ASP I 142 -68.72 24.92 39.34
CA ASP I 142 -68.35 24.96 37.91
C ASP I 142 -67.34 23.82 37.71
N LYS I 143 -66.32 23.95 36.88
CA LYS I 143 -66.52 24.18 35.45
C LYS I 143 -66.20 22.85 34.76
N GLU I 144 -67.24 22.24 34.23
CA GLU I 144 -67.10 20.93 33.57
C GLU I 144 -66.35 21.05 32.24
N TYR I 145 -65.39 20.17 32.06
CA TYR I 145 -64.67 20.02 30.79
C TYR I 145 -64.71 18.56 30.37
N SER I 146 -65.06 18.36 29.11
CA SER I 146 -65.10 17.01 28.51
C SER I 146 -63.81 16.85 27.70
N PHE I 147 -62.97 15.93 28.17
CA PHE I 147 -61.63 15.77 27.61
C PHE I 147 -61.50 14.46 26.85
N GLU I 148 -61.15 14.66 25.59
CA GLU I 148 -60.85 13.57 24.71
C GLU I 148 -59.41 13.53 24.27
N ILE I 149 -58.85 12.33 24.32
CA ILE I 149 -57.45 12.20 23.92
C ILE I 149 -57.34 11.48 22.58
N THR I 150 -56.76 12.19 21.65
CA THR I 150 -56.69 11.70 20.27
C THR I 150 -55.39 10.93 20.00
N ASP I 151 -54.43 11.05 20.92
CA ASP I 151 -53.14 10.35 20.80
C ASP I 151 -52.27 10.63 22.05
N ILE I 152 -51.27 9.79 22.20
CA ILE I 152 -50.31 9.92 23.31
C ILE I 152 -48.91 9.59 22.81
N THR I 153 -47.93 10.30 23.36
CA THR I 153 -46.52 10.15 22.91
C THR I 153 -45.59 10.26 24.09
N ILE I 154 -44.93 9.14 24.34
CA ILE I 154 -44.05 9.03 25.50
C ILE I 154 -42.62 8.76 25.03
N LYS I 155 -41.70 9.51 25.61
CA LYS I 155 -40.26 9.33 25.36
C LYS I 155 -39.50 9.33 26.70
N ALA I 156 -38.20 9.09 26.63
CA ALA I 156 -37.34 9.03 27.80
C ALA I 156 -37.21 10.47 28.26
N GLU I 157 -37.24 10.66 29.56
CA GLU I 157 -37.25 12.02 30.13
C GLU I 157 -36.12 12.93 29.61
N GLY I 158 -34.90 12.36 29.56
CA GLY I 158 -33.72 13.09 29.06
C GLY I 158 -33.95 13.56 27.62
N SER I 159 -34.77 12.87 26.87
CA SER I 159 -35.03 13.24 25.48
C SER I 159 -35.80 14.56 25.35
N GLY I 160 -36.67 14.85 26.33
CA GLY I 160 -37.45 16.10 26.35
C GLY I 160 -36.52 17.31 26.42
N VAL I 161 -35.49 17.16 27.25
CA VAL I 161 -34.46 18.20 27.43
C VAL I 161 -33.64 18.43 26.16
N LEU I 162 -33.17 17.35 25.56
CA LEU I 162 -32.42 17.40 24.30
C LEU I 162 -33.22 18.09 23.19
N PHE I 163 -34.51 17.80 23.17
CA PHE I 163 -35.40 18.29 22.10
C PHE I 163 -35.66 19.78 22.27
N LEU I 164 -35.75 20.19 23.53
CA LEU I 164 -36.03 21.59 23.84
C LEU I 164 -34.87 22.49 23.37
N GLU I 165 -33.65 22.02 23.60
CA GLU I 165 -32.45 22.74 23.15
C GLU I 165 -32.44 22.76 21.61
N GLN I 166 -31.89 23.84 21.05
CA GLN I 166 -31.74 24.02 19.59
C GLN I 166 -30.36 23.56 19.11
N GLU I 167 -30.26 22.25 18.92
CA GLU I 167 -29.02 21.62 18.47
C GLU I 167 -29.34 20.59 17.41
N ASN I 168 -28.40 20.45 16.49
CA ASN I 168 -28.49 19.42 15.44
C ASN I 168 -27.40 18.38 15.69
N PHE I 169 -27.67 17.13 15.39
CA PHE I 169 -28.16 16.19 16.42
C PHE I 169 -28.34 14.77 15.90
N LYS I 170 -28.69 14.66 14.61
CA LYS I 170 -28.93 13.35 13.99
C LYS I 170 -27.71 12.42 14.06
N ASN I 171 -26.52 13.03 13.96
CA ASN I 171 -25.26 12.27 13.95
C ASN I 171 -24.21 12.82 14.92
N LYS I 172 -24.70 13.32 16.06
CA LYS I 172 -23.83 13.93 17.06
C LYS I 172 -23.88 13.15 18.37
N ASN I 173 -22.95 13.49 19.26
CA ASN I 173 -22.88 12.94 20.61
C ASN I 173 -23.17 14.07 21.60
N VAL I 174 -24.22 13.85 22.38
CA VAL I 174 -24.68 14.83 23.37
C VAL I 174 -24.91 14.14 24.71
N ALA I 175 -24.72 14.89 25.77
CA ALA I 175 -25.06 14.39 27.11
C ALA I 175 -25.88 15.40 27.87
N VAL I 176 -26.72 14.87 28.73
CA VAL I 176 -27.59 15.67 29.59
C VAL I 176 -27.09 15.48 31.02
N ILE I 177 -26.61 16.58 31.58
CA ILE I 177 -26.09 16.59 32.95
C ILE I 177 -27.11 17.26 33.88
N ASP I 178 -27.82 16.40 34.58
CA ASP I 178 -28.97 16.81 35.39
C ASP I 178 -28.60 16.84 36.87
N PHE I 179 -28.42 18.04 37.38
CA PHE I 179 -28.19 18.23 38.81
C PHE I 179 -29.51 18.27 39.61
N GLY I 180 -29.88 17.07 40.06
CA GLY I 180 -31.10 16.87 40.86
C GLY I 180 -30.81 17.14 42.35
N GLY I 181 -31.90 17.11 43.12
CA GLY I 181 -31.87 17.30 44.58
C GLY I 181 -31.03 16.25 45.33
N LEU I 182 -31.21 15.01 44.92
CA LEU I 182 -30.56 13.87 45.59
C LEU I 182 -29.50 13.17 44.72
N ASN I 183 -29.58 13.37 43.41
CA ASN I 183 -28.64 12.73 42.48
C ASN I 183 -28.27 13.65 41.33
N MET I 184 -27.16 13.34 40.69
CA MET I 184 -26.71 14.03 39.47
C MET I 184 -26.57 12.98 38.35
N GLY I 185 -27.49 13.09 37.39
CA GLY I 185 -27.64 12.06 36.34
C GLY I 185 -27.19 12.52 34.95
N PHE I 186 -26.37 11.65 34.34
CA PHE I 186 -25.75 11.92 33.04
C PHE I 186 -26.26 10.87 32.07
N SER I 187 -26.91 11.37 31.03
CA SER I 187 -27.45 10.53 29.96
C SER I 187 -26.83 10.95 28.64
N LEU I 188 -26.16 10.02 27.98
CA LEU I 188 -25.44 10.31 26.74
C LEU I 188 -26.20 9.70 25.56
N TYR I 189 -26.26 10.49 24.50
CA TYR I 189 -26.91 10.13 23.24
C TYR I 189 -25.92 10.25 22.08
N ARG I 190 -25.99 9.27 21.20
CA ARG I 190 -25.16 9.26 19.98
C ARG I 190 -26.07 8.90 18.80
N ASN I 191 -26.16 9.80 17.84
CA ASN I 191 -27.00 9.62 16.65
C ASN I 191 -28.44 9.38 17.07
N CYS I 192 -28.91 10.21 18.02
CA CYS I 192 -30.28 10.22 18.55
C CYS I 192 -30.67 8.98 19.37
N VAL I 193 -29.69 8.18 19.78
CA VAL I 193 -29.95 7.00 20.60
C VAL I 193 -29.13 7.06 21.88
N VAL I 194 -29.82 6.83 22.98
CA VAL I 194 -29.17 6.78 24.29
C VAL I 194 -28.11 5.67 24.32
N ASN I 195 -26.98 5.99 24.92
CA ASN I 195 -25.86 5.06 25.07
C ASN I 195 -25.71 4.74 26.56
N PRO I 196 -26.28 3.61 26.98
CA PRO I 196 -26.26 3.16 28.38
C PRO I 196 -24.86 2.99 28.95
N SER I 197 -23.96 2.52 28.10
CA SER I 197 -22.54 2.34 28.46
C SER I 197 -21.85 3.67 28.82
N GLU I 198 -22.42 4.78 28.37
CA GLU I 198 -21.84 6.10 28.60
C GLU I 198 -22.74 7.03 29.42
N ARG I 199 -23.67 6.40 30.14
CA ARG I 199 -24.56 7.13 31.07
C ARG I 199 -24.32 6.60 32.48
N PHE I 200 -24.59 7.44 33.46
CA PHE I 200 -24.33 7.10 34.87
C PHE I 200 -24.98 8.10 35.82
N ILE I 201 -25.04 7.68 37.07
CA ILE I 201 -25.62 8.48 38.15
C ILE I 201 -24.62 8.62 39.30
N GLU I 202 -24.59 9.80 39.87
CA GLU I 202 -23.82 10.03 41.09
C GLU I 202 -24.83 10.34 42.19
N GLU I 203 -24.67 9.59 43.28
CA GLU I 203 -25.63 9.59 44.38
C GLU I 203 -25.51 10.85 45.26
N HIS I 204 -25.20 11.98 44.69
CA HIS I 204 -25.13 13.23 45.47
C HIS I 204 -25.85 14.30 44.67
N GLY I 205 -26.61 15.11 45.40
CA GLY I 205 -27.41 16.17 44.75
C GLY I 205 -27.15 17.53 45.37
N VAL I 206 -28.09 18.43 45.13
CA VAL I 206 -28.04 19.80 45.69
C VAL I 206 -28.17 19.77 47.22
N LYS I 207 -29.00 18.85 47.70
CA LYS I 207 -29.22 18.70 49.14
C LYS I 207 -27.90 18.35 49.81
N ASP I 208 -27.14 17.45 49.20
CA ASP I 208 -25.78 17.10 49.66
C ASP I 208 -24.81 18.29 49.57
N LEU I 209 -25.00 19.07 48.54
CA LEU I 209 -24.16 20.25 48.29
C LEU I 209 -24.31 21.27 49.42
N ILE I 210 -25.54 21.73 49.60
CA ILE I 210 -25.89 22.73 50.61
C ILE I 210 -25.57 22.22 52.03
N ILE I 211 -25.68 20.90 52.17
CA ILE I 211 -25.40 20.21 53.43
C ILE I 211 -23.95 20.25 53.86
N ARG I 212 -23.17 19.95 52.83
CA ARG I 212 -21.71 19.87 52.96
C ARG I 212 -21.17 21.28 53.23
N VAL I 213 -21.89 22.28 52.74
CA VAL I 213 -21.49 23.69 52.93
C VAL I 213 -21.89 24.18 54.32
N GLY I 214 -23.16 23.92 54.65
CA GLY I 214 -23.73 24.34 55.96
C GLY I 214 -22.91 23.76 57.10
N ASP I 215 -22.28 22.62 56.84
CA ASP I 215 -21.43 21.92 57.83
C ASP I 215 -22.28 21.56 59.07
N ALA I 216 -23.54 21.26 58.82
CA ALA I 216 -24.48 20.88 59.90
C ALA I 216 -25.67 20.15 59.30
N LEU I 217 -26.17 19.19 60.06
CA LEU I 217 -27.31 18.35 59.62
C LEU I 217 -28.56 19.22 59.38
N THR I 218 -28.71 20.19 60.25
CA THR I 218 -29.82 21.15 60.09
C THR I 218 -29.11 22.38 59.66
N ASP I 219 -29.87 23.44 59.62
CA ASP I 219 -29.08 24.62 59.56
C ASP I 219 -28.61 25.09 58.17
N LEU I 220 -29.36 24.62 57.18
CA LEU I 220 -28.91 24.73 55.82
C LEU I 220 -29.88 25.43 55.01
N ASN I 221 -30.98 24.92 54.49
CA ASN I 221 -32.07 25.77 53.95
C ASN I 221 -31.68 27.25 54.13
N ASN I 222 -32.11 28.12 53.31
CA ASN I 222 -31.66 29.51 53.47
C ASN I 222 -31.89 30.17 54.84
N GLY I 223 -32.75 29.50 55.62
CA GLY I 223 -32.93 29.80 57.04
C GLY I 223 -32.98 28.50 57.82
N ASN I 224 -31.89 28.20 58.46
CA ASN I 224 -31.86 27.00 59.26
C ASN I 224 -32.41 27.12 60.68
N LEU I 225 -32.22 28.30 61.24
CA LEU I 225 -32.79 28.69 62.52
C LEU I 225 -33.44 30.05 62.31
N ILE I 226 -34.75 30.08 62.54
CA ILE I 226 -35.54 31.31 62.30
C ILE I 226 -35.10 32.46 63.22
N THR I 227 -34.59 32.12 64.40
CA THR I 227 -34.12 33.14 65.36
C THR I 227 -32.78 33.77 64.94
N ASN I 228 -32.38 33.55 63.69
CA ASN I 228 -31.21 34.21 63.10
C ASN I 228 -31.69 35.17 62.03
N GLU I 229 -31.03 36.33 61.98
CA GLU I 229 -31.39 37.38 61.02
C GLU I 229 -31.26 36.84 59.59
N GLN I 230 -32.10 37.39 58.70
CA GLN I 230 -32.10 37.01 57.28
C GLN I 230 -30.68 37.11 56.75
N ALA I 231 -30.16 35.99 56.27
CA ALA I 231 -28.80 35.85 55.69
C ALA I 231 -27.91 34.95 56.55
N GLU I 232 -28.16 34.99 57.85
CA GLU I 232 -27.40 34.15 58.78
C GLU I 232 -27.94 32.74 58.68
N SER I 233 -26.96 31.82 58.62
CA SER I 233 -27.18 30.38 58.55
C SER I 233 -28.03 30.04 57.32
N ALA I 234 -27.52 30.58 56.21
CA ALA I 234 -28.01 30.34 54.84
C ALA I 234 -28.29 28.84 54.64
N LEU I 235 -28.14 28.23 53.47
CA LEU I 235 -27.33 28.61 52.32
C LEU I 235 -28.14 28.88 51.09
N ASN I 236 -29.14 28.02 50.91
CA ASN I 236 -29.96 28.08 49.70
C ASN I 236 -30.52 29.49 49.48
N ASN I 237 -30.71 30.24 50.55
CA ASN I 237 -31.13 31.65 50.39
C ASN I 237 -30.03 32.54 50.84
N GLY I 238 -29.51 32.98 49.71
CA GLY I 238 -28.43 33.95 49.74
C GLY I 238 -27.16 33.30 49.25
N TYR I 239 -26.37 34.12 48.57
CA TYR I 239 -25.07 33.70 48.04
C TYR I 239 -23.96 34.26 48.94
N MET I 240 -23.07 35.07 48.37
CA MET I 240 -22.00 35.76 49.11
C MET I 240 -22.47 37.20 49.34
N LYS I 241 -23.42 37.32 50.27
CA LYS I 241 -24.11 38.61 50.51
C LYS I 241 -23.73 39.24 51.86
N LYS I 242 -22.70 38.71 52.51
CA LYS I 242 -22.21 39.27 53.78
C LYS I 242 -21.13 40.31 53.50
N GLY I 243 -21.58 41.58 53.49
CA GLY I 243 -20.71 42.73 53.16
C GLY I 243 -19.76 43.12 54.31
N GLY I 244 -19.58 42.19 55.25
CA GLY I 244 -18.65 42.37 56.38
C GLY I 244 -17.33 41.75 55.98
N GLU I 245 -16.39 42.60 55.56
CA GLU I 245 -15.08 42.16 55.06
C GLU I 245 -14.31 41.27 56.04
N ILE I 246 -14.75 41.28 57.30
CA ILE I 246 -14.14 40.49 58.39
C ILE I 246 -14.60 39.03 58.40
N ASP I 247 -15.83 38.77 57.95
CA ASP I 247 -16.38 37.41 57.98
C ASP I 247 -15.55 36.46 57.12
N THR I 248 -15.41 35.23 57.62
CA THR I 248 -14.63 34.21 56.92
C THR I 248 -15.45 33.00 56.50
N GLU I 249 -16.75 33.02 56.83
CA GLU I 249 -17.69 32.01 56.33
C GLU I 249 -17.77 32.13 54.80
N SER I 250 -18.20 31.06 54.15
CA SER I 250 -18.40 31.09 52.68
C SER I 250 -19.12 32.38 52.28
N SER I 251 -18.97 32.93 51.08
CA SER I 251 -18.35 32.49 49.81
C SER I 251 -17.22 31.47 49.71
N THR I 252 -16.26 31.49 50.61
CA THR I 252 -15.09 30.61 50.48
C THR I 252 -15.47 29.12 50.45
N VAL I 253 -16.45 28.76 51.27
CA VAL I 253 -16.91 27.36 51.38
C VAL I 253 -17.59 26.95 50.08
N ILE I 254 -18.48 27.80 49.57
CA ILE I 254 -19.23 27.51 48.34
C ILE I 254 -18.29 27.07 47.19
N LYS I 255 -17.30 27.90 46.90
CA LYS I 255 -16.37 27.66 45.80
C LYS I 255 -15.56 26.39 46.05
N LYS I 256 -15.37 26.06 47.32
CA LYS I 256 -14.65 24.85 47.74
C LYS I 256 -15.40 23.56 47.52
N VAL I 257 -16.67 23.59 47.94
CA VAL I 257 -17.55 22.43 47.76
C VAL I 257 -17.82 22.19 46.27
N LYS I 258 -18.18 23.28 45.58
CA LYS I 258 -18.50 23.24 44.15
C LYS I 258 -17.26 22.86 43.33
N GLU I 259 -16.09 23.24 43.83
CA GLU I 259 -14.83 22.94 43.14
C GLU I 259 -14.61 21.43 43.06
N LYS I 260 -14.92 20.76 44.17
CA LYS I 260 -14.79 19.29 44.27
C LYS I 260 -15.91 18.57 43.50
N PHE I 261 -17.09 19.18 43.52
CA PHE I 261 -18.26 18.60 42.84
C PHE I 261 -18.04 18.58 41.32
N LEU I 262 -17.53 19.69 40.82
CA LEU I 262 -17.24 19.83 39.38
C LEU I 262 -16.09 18.95 38.91
N LYS I 263 -15.09 18.83 39.78
CA LYS I 263 -13.91 18.00 39.47
C LYS I 263 -14.31 16.52 39.43
N ASP I 264 -15.23 16.13 40.30
CA ASP I 264 -15.71 14.75 40.34
C ASP I 264 -16.57 14.45 39.11
N ALA I 265 -17.43 15.39 38.74
CA ALA I 265 -18.36 15.21 37.62
C ALA I 265 -17.62 15.06 36.29
N ILE I 266 -16.68 15.99 36.05
CA ILE I 266 -15.91 16.00 34.79
C ILE I 266 -14.94 14.82 34.71
N LYS I 267 -14.44 14.41 35.87
CA LYS I 267 -13.51 13.26 35.96
C LYS I 267 -14.23 11.97 35.56
N LEU I 268 -15.48 11.85 36.00
CA LEU I 268 -16.31 10.70 35.64
C LEU I 268 -16.67 10.71 34.16
N ILE I 269 -16.87 11.92 33.64
CA ILE I 269 -17.18 12.12 32.22
C ILE I 269 -16.07 11.58 31.34
N GLU I 270 -14.86 11.97 31.70
CA GLU I 270 -13.69 11.61 30.89
C GLU I 270 -13.40 10.10 30.99
N LYS I 271 -13.78 9.50 32.11
CA LYS I 271 -13.62 8.06 32.33
C LYS I 271 -14.64 7.25 31.52
N ARG I 272 -15.90 7.67 31.61
CA ARG I 272 -17.01 6.92 30.99
C ARG I 272 -17.33 7.40 29.56
N GLY I 273 -17.61 8.70 29.47
CA GLY I 273 -18.02 9.35 28.23
C GLY I 273 -16.91 9.35 27.20
N PHE I 274 -15.70 9.78 27.61
CA PHE I 274 -14.45 9.88 26.81
C PHE I 274 -13.91 11.31 26.74
N LYS I 275 -13.09 11.56 25.72
CA LYS I 275 -12.48 12.87 25.47
C LYS I 275 -13.62 13.89 25.36
N LEU I 276 -13.56 14.91 26.21
CA LEU I 276 -14.57 15.98 26.21
C LEU I 276 -14.70 16.68 24.86
N ASP I 277 -13.71 16.46 23.99
CA ASP I 277 -13.72 17.03 22.63
C ASP I 277 -14.61 16.22 21.67
N GLN I 278 -14.85 14.96 21.99
CA GLN I 278 -15.72 14.12 21.14
C GLN I 278 -17.22 14.38 21.41
N LEU I 279 -17.49 15.20 22.41
CA LEU I 279 -18.86 15.58 22.77
C LEU I 279 -19.20 16.90 22.09
N ASP I 280 -20.36 16.89 21.44
CA ASP I 280 -20.84 18.07 20.70
C ASP I 280 -21.46 19.12 21.61
N SER I 281 -22.09 18.63 22.67
CA SER I 281 -22.74 19.51 23.66
C SER I 281 -23.17 18.70 24.89
N LEU I 282 -23.09 19.39 26.01
CA LEU I 282 -23.53 18.86 27.31
C LEU I 282 -24.55 19.84 27.89
N ILE I 283 -25.81 19.44 27.85
CA ILE I 283 -26.90 20.28 28.36
C ILE I 283 -26.92 20.15 29.88
N PHE I 284 -26.95 21.29 30.54
CA PHE I 284 -26.87 21.35 32.01
C PHE I 284 -28.26 21.66 32.49
N ILE I 285 -28.88 20.72 33.16
CA ILE I 285 -30.29 20.85 33.60
C ILE I 285 -30.43 20.38 35.06
N GLY I 286 -31.62 20.62 35.60
CA GLY I 286 -31.89 20.26 37.00
C GLY I 286 -31.90 21.53 37.85
N GLY I 287 -32.38 21.36 39.09
CA GLY I 287 -32.47 22.45 40.06
C GLY I 287 -31.10 23.12 40.31
N THR I 288 -30.04 22.31 40.20
CA THR I 288 -28.68 22.81 40.46
C THR I 288 -28.03 23.48 39.24
N THR I 289 -28.66 23.40 38.08
CA THR I 289 -28.00 23.96 36.89
C THR I 289 -27.58 25.42 37.07
N GLN I 290 -28.52 26.24 37.54
CA GLN I 290 -28.25 27.66 37.72
C GLN I 290 -27.05 27.89 38.66
N LYS I 291 -26.85 26.95 39.58
CA LYS I 291 -25.76 27.04 40.57
C LYS I 291 -24.38 26.73 39.98
N LEU I 292 -24.32 25.78 39.06
CA LEU I 292 -23.03 25.28 38.55
C LEU I 292 -22.67 25.67 37.12
N LYS I 293 -23.66 26.13 36.36
CA LYS I 293 -23.45 26.43 34.93
C LYS I 293 -22.26 27.38 34.70
N GLU I 294 -22.11 28.36 35.58
CA GLU I 294 -21.03 29.35 35.41
C GLU I 294 -19.63 28.72 35.52
N GLN I 295 -19.43 27.95 36.57
CA GLN I 295 -18.13 27.33 36.80
C GLN I 295 -17.78 26.28 35.78
N ILE I 296 -18.79 25.55 35.33
CA ILE I 296 -18.55 24.57 34.28
C ILE I 296 -18.09 25.20 32.97
N SER I 297 -18.71 26.33 32.65
CA SER I 297 -18.40 27.05 31.40
C SER I 297 -16.93 27.48 31.37
N LYS I 298 -16.39 27.76 32.55
CA LYS I 298 -14.97 28.13 32.70
C LYS I 298 -14.06 26.90 32.78
N THR I 299 -14.64 25.77 33.19
CA THR I 299 -13.92 24.50 33.26
C THR I 299 -13.55 24.02 31.85
N TYR I 300 -14.55 24.07 30.96
CA TYR I 300 -14.40 23.71 29.55
C TYR I 300 -15.17 24.69 28.66
N PRO I 301 -14.47 25.24 27.67
CA PRO I 301 -15.05 26.17 26.69
C PRO I 301 -15.79 25.46 25.56
N ASN I 302 -16.84 26.11 25.09
CA ASN I 302 -17.63 25.69 23.90
C ASN I 302 -18.26 24.28 23.98
N ASN I 303 -18.66 23.85 25.16
CA ASN I 303 -19.32 22.53 25.26
C ASN I 303 -20.63 22.55 26.05
N SER I 304 -20.62 23.24 27.18
CA SER I 304 -21.80 23.32 28.06
C SER I 304 -22.81 24.33 27.56
N ILE I 305 -24.07 23.97 27.72
CA ILE I 305 -25.20 24.82 27.32
C ILE I 305 -26.31 24.69 28.36
N ILE I 306 -27.00 25.79 28.59
CA ILE I 306 -28.15 25.84 29.48
C ILE I 306 -29.33 26.51 28.80
N THR I 307 -30.53 26.10 29.18
CA THR I 307 -31.76 26.72 28.70
C THR I 307 -32.40 27.49 29.86
N ASN I 308 -33.09 28.58 29.53
CA ASN I 308 -33.82 29.36 30.54
C ASN I 308 -34.99 28.54 31.08
N ASN I 309 -35.30 28.75 32.36
CA ASN I 309 -36.36 27.98 33.05
C ASN I 309 -36.16 26.48 32.82
N SER I 310 -35.04 25.98 33.34
CA SER I 310 -34.67 24.56 33.20
C SER I 310 -35.78 23.62 33.68
N GLN I 311 -36.58 24.10 34.61
CA GLN I 311 -37.72 23.32 35.13
C GLN I 311 -38.75 22.94 34.07
N TRP I 312 -38.90 23.77 33.04
CA TRP I 312 -39.83 23.49 31.93
C TRP I 312 -39.13 22.93 30.68
N THR I 313 -37.88 22.52 30.84
CA THR I 313 -37.14 21.96 29.71
C THR I 313 -37.75 20.73 29.05
N THR I 314 -38.14 19.81 29.92
CA THR I 314 -38.71 18.54 29.47
C THR I 314 -40.04 18.79 28.74
N CYS I 315 -40.89 19.58 29.37
CA CYS I 315 -42.21 19.89 28.83
C CYS I 315 -42.13 20.61 27.47
N GLU I 316 -41.18 21.52 27.34
CA GLU I 316 -41.05 22.25 26.06
C GLU I 316 -40.57 21.30 24.97
N GLY I 317 -39.82 20.27 25.40
CA GLY I 317 -39.33 19.22 24.49
C GLY I 317 -40.46 18.29 24.06
N LEU I 318 -41.26 17.88 25.04
CA LEU I 318 -42.41 17.01 24.80
C LEU I 318 -43.46 17.73 23.94
N TYR I 319 -43.64 19.01 24.16
CA TYR I 319 -44.62 19.80 23.41
C TYR I 319 -44.35 19.76 21.90
N LYS I 320 -43.07 19.76 21.54
CA LYS I 320 -42.66 19.75 20.13
C LYS I 320 -43.03 18.41 19.47
N VAL I 321 -42.86 17.31 20.18
CA VAL I 321 -43.27 16.01 19.62
C VAL I 321 -44.80 15.90 19.58
N ALA I 322 -45.44 16.57 20.50
CA ALA I 322 -46.90 16.54 20.52
C ALA I 322 -47.54 17.36 19.41
N VAL I 323 -46.84 18.40 18.96
CA VAL I 323 -47.29 19.17 17.80
C VAL I 323 -47.25 18.28 16.54
N ALA I 324 -46.21 17.44 16.49
CA ALA I 324 -46.01 16.49 15.38
C ALA I 324 -47.10 15.41 15.42
N LYS I 325 -47.47 15.02 16.64
CA LYS I 325 -48.53 14.04 16.85
C LYS I 325 -49.89 14.61 16.50
N TYR I 326 -50.03 15.90 16.77
CA TYR I 326 -51.25 16.65 16.47
C TYR I 326 -51.47 16.72 14.95
N CYS I 327 -50.39 16.90 14.21
CA CYS I 327 -50.47 16.91 12.73
C CYS I 327 -50.84 15.51 12.21
N ILE I 328 -50.30 14.53 12.77
N THR J 5 -39.81 20.58 -27.15
CA THR J 5 -40.23 20.29 -25.76
C THR J 5 -39.48 21.16 -24.73
N ASN J 6 -40.07 21.21 -23.54
CA ASN J 6 -39.52 21.95 -22.40
C ASN J 6 -39.03 20.95 -21.34
N GLU J 7 -37.85 20.44 -21.57
CA GLU J 7 -37.34 19.41 -20.67
C GLU J 7 -36.07 20.01 -19.94
N TYR J 8 -35.88 19.61 -18.70
CA TYR J 8 -34.72 20.03 -17.89
C TYR J 8 -33.88 18.81 -17.52
N VAL J 9 -32.68 19.09 -17.03
CA VAL J 9 -31.77 18.03 -16.60
C VAL J 9 -31.58 18.14 -15.08
N MET J 10 -31.90 17.04 -14.42
CA MET J 10 -31.66 16.92 -12.98
C MET J 10 -30.53 15.92 -12.75
N THR J 11 -29.57 16.37 -11.98
CA THR J 11 -28.43 15.53 -11.61
C THR J 11 -28.45 15.31 -10.11
N LEU J 12 -28.40 14.05 -9.76
CA LEU J 12 -28.47 13.64 -8.36
C LEU J 12 -27.32 12.70 -7.98
N ASP J 13 -26.90 12.83 -6.74
CA ASP J 13 -25.82 12.01 -6.18
C ASP J 13 -26.19 11.61 -4.75
N ALA J 14 -26.78 10.43 -4.64
CA ALA J 14 -27.17 9.87 -3.32
C ALA J 14 -25.97 9.12 -2.72
N GLY J 15 -25.09 9.89 -2.07
CA GLY J 15 -23.82 9.34 -1.58
C GLY J 15 -23.86 9.03 -0.10
N LYS J 16 -22.66 8.75 0.42
CA LYS J 16 -22.41 8.40 1.82
C LYS J 16 -23.51 8.96 2.74
N TYR J 17 -23.25 10.14 3.28
CA TYR J 17 -24.13 10.75 4.29
C TYR J 17 -24.79 12.01 3.76
N GLU J 18 -24.48 12.38 2.52
CA GLU J 18 -25.08 13.57 1.90
C GLU J 18 -25.63 13.27 0.51
N THR J 19 -26.68 14.00 0.18
CA THR J 19 -27.29 13.96 -1.16
C THR J 19 -27.02 15.29 -1.85
N LYS J 20 -26.44 15.20 -3.02
CA LYS J 20 -26.15 16.40 -3.84
C LYS J 20 -27.10 16.42 -5.04
N LEU J 21 -27.61 17.60 -5.33
CA LEU J 21 -28.54 17.78 -6.45
C LEU J 21 -28.26 19.09 -7.17
N ILE J 22 -28.48 19.07 -8.49
CA ILE J 22 -28.26 20.24 -9.34
C ILE J 22 -29.25 20.27 -10.50
N GLY J 23 -29.81 21.46 -10.70
CA GLY J 23 -30.69 21.74 -11.85
C GLY J 23 -30.33 23.13 -12.35
N LYS J 24 -30.45 23.33 -13.66
CA LYS J 24 -30.14 24.64 -14.25
C LYS J 24 -31.09 25.74 -13.80
N ASN J 25 -32.30 25.31 -13.46
CA ASN J 25 -33.33 26.23 -12.96
C ASN J 25 -33.00 26.72 -11.55
N LYS J 26 -32.59 25.78 -10.71
CA LYS J 26 -32.24 26.15 -9.34
C LYS J 26 -30.92 26.91 -9.29
N LYS J 27 -29.94 26.41 -10.04
CA LYS J 27 -28.61 27.05 -10.11
C LYS J 27 -28.74 28.51 -10.57
N GLY J 28 -29.71 28.73 -11.46
CA GLY J 28 -29.98 30.06 -12.05
C GLY J 28 -30.51 31.07 -11.01
N THR J 29 -31.16 30.56 -9.97
CA THR J 29 -31.83 31.40 -8.97
C THR J 29 -31.04 31.51 -7.67
N THR J 30 -30.47 30.38 -7.23
CA THR J 30 -29.69 30.35 -5.98
C THR J 30 -28.22 30.23 -6.32
N GLU J 31 -27.41 30.91 -5.51
CA GLU J 31 -25.96 30.97 -5.77
C GLU J 31 -25.20 29.85 -5.10
N ASP J 32 -25.79 29.30 -4.07
CA ASP J 32 -25.09 28.24 -3.37
C ASP J 32 -24.79 27.11 -4.37
N ILE J 33 -24.27 26.03 -3.83
CA ILE J 33 -23.82 24.94 -4.67
C ILE J 33 -24.75 23.77 -4.77
N LYS J 34 -26.03 23.84 -4.72
CA LYS J 34 -26.87 25.00 -4.77
C LYS J 34 -27.53 25.45 -6.09
N ARG J 35 -28.09 24.47 -6.83
CA ARG J 35 -28.01 23.01 -6.55
C ARG J 35 -28.48 22.81 -5.06
N VAL J 36 -27.96 21.83 -4.39
CA VAL J 36 -28.00 21.61 -2.94
C VAL J 36 -27.21 20.37 -2.41
N ILE J 37 -26.75 20.50 -1.18
CA ILE J 37 -26.10 19.39 -0.48
C ILE J 37 -26.67 19.32 0.93
N PHE J 38 -27.40 18.24 1.17
CA PHE J 38 -28.06 18.01 2.46
C PHE J 38 -27.76 16.61 2.96
N LYS J 39 -27.68 16.47 4.29
CA LYS J 39 -27.43 15.18 4.92
C LYS J 39 -28.53 14.18 4.51
N THR J 40 -28.13 12.94 4.28
CA THR J 40 -29.05 11.85 3.90
C THR J 40 -29.89 11.41 5.10
N LYS J 41 -30.71 12.34 5.56
CA LYS J 41 -31.64 12.11 6.67
C LYS J 41 -32.99 12.68 6.26
N ILE J 42 -34.04 12.08 6.79
CA ILE J 42 -35.41 12.52 6.48
C ILE J 42 -36.24 12.46 7.75
N TYR J 43 -37.19 13.37 7.84
CA TYR J 43 -38.11 13.41 8.97
C TYR J 43 -39.55 13.54 8.49
N ASN J 44 -40.46 13.61 9.44
CA ASN J 44 -41.89 13.76 9.15
C ASN J 44 -42.52 14.67 10.20
N LEU J 45 -43.51 15.43 9.77
CA LEU J 45 -44.15 16.39 10.66
C LEU J 45 -45.44 15.81 11.21
N GLU J 46 -45.36 15.42 12.48
CA GLU J 46 -46.51 14.84 13.17
C GLU J 46 -47.04 15.81 14.23
N ASP J 47 -48.31 15.64 14.54
CA ASP J 47 -49.01 16.51 15.52
C ASP J 47 -48.40 16.41 16.92
N GLY J 48 -47.64 15.35 17.16
CA GLY J 48 -46.95 15.16 18.46
C GLY J 48 -45.74 16.09 18.62
N TYR J 49 -45.63 17.08 17.73
CA TYR J 49 -44.50 18.01 17.69
C TYR J 49 -44.90 19.31 16.98
N ILE J 50 -44.06 20.31 17.14
CA ILE J 50 -44.28 21.65 16.58
C ILE J 50 -43.33 21.90 15.39
N ASP J 51 -43.91 22.03 14.22
CA ASP J 51 -43.14 22.36 13.03
C ASP J 51 -42.44 23.72 13.10
N ILE J 52 -41.33 23.83 12.42
CA ILE J 52 -40.52 25.07 12.37
C ILE J 52 -40.03 25.33 10.92
N GLU J 53 -39.81 26.58 10.61
CA GLU J 53 -39.24 26.95 9.31
C GLU J 53 -37.81 26.44 9.13
N GLY J 54 -37.49 26.22 7.86
CA GLY J 54 -36.18 25.68 7.49
C GLY J 54 -35.07 26.73 7.29
N ASN J 55 -33.87 26.29 6.92
CA ASN J 55 -33.56 25.62 5.64
C ASN J 55 -34.04 24.17 5.59
N SER J 56 -35.32 24.03 5.34
CA SER J 56 -36.01 22.75 5.31
C SER J 56 -37.40 22.96 4.74
N HIS J 57 -37.84 21.94 4.01
CA HIS J 57 -39.12 22.00 3.30
C HIS J 57 -40.01 20.83 3.69
N LYS J 58 -41.29 21.01 3.39
CA LYS J 58 -42.29 19.97 3.61
C LYS J 58 -42.72 19.44 2.24
N ILE J 59 -42.81 18.13 2.14
CA ILE J 59 -43.19 17.45 0.90
C ILE J 59 -44.35 16.49 1.16
N GLU J 60 -45.21 16.35 0.15
CA GLU J 60 -46.35 15.44 0.22
C GLU J 60 -46.01 14.19 -0.58
N LEU J 61 -45.93 13.11 0.17
CA LEU J 61 -45.72 11.80 -0.44
C LEU J 61 -46.51 10.77 0.40
N ASP J 62 -47.16 9.87 -0.32
CA ASP J 62 -48.07 8.88 0.29
C ASP J 62 -49.22 9.65 0.99
N GLY J 63 -49.37 9.41 2.27
CA GLY J 63 -50.03 10.33 3.22
C GLY J 63 -48.84 10.60 4.16
N LYS J 64 -48.74 11.68 4.97
CA LYS J 64 -47.45 12.11 5.60
C LYS J 64 -46.85 13.31 4.89
N GLU J 65 -46.44 14.21 5.76
CA GLU J 65 -45.71 15.38 5.32
C GLU J 65 -44.23 15.17 5.64
N TYR J 66 -43.50 14.75 4.62
CA TYR J 66 -42.07 14.46 4.80
C TYR J 66 -41.31 15.77 4.96
N LEU J 67 -40.21 15.61 5.64
CA LEU J 67 -39.40 16.77 5.95
C LEU J 67 -37.95 16.46 5.56
N ILE J 68 -37.35 17.43 4.89
CA ILE J 68 -36.00 17.29 4.30
C ILE J 68 -35.35 18.67 4.15
N GLY J 69 -34.06 18.69 4.47
CA GLY J 69 -33.26 19.92 4.32
C GLY J 69 -32.87 20.48 5.68
N GLU J 70 -33.79 20.37 6.64
CA GLU J 70 -33.49 20.77 8.03
C GLU J 70 -32.55 19.72 8.61
N GLN J 71 -31.95 20.08 9.72
CA GLN J 71 -31.05 19.15 10.42
C GLN J 71 -31.70 18.53 11.66
N GLY J 72 -32.90 19.02 11.97
CA GLY J 72 -33.61 18.65 13.20
C GLY J 72 -33.79 19.87 14.10
N VAL J 73 -33.71 21.04 13.49
CA VAL J 73 -34.08 22.32 14.14
C VAL J 73 -35.61 22.47 14.14
N GLU J 74 -36.25 21.68 13.30
CA GLU J 74 -37.69 21.79 13.14
C GLU J 74 -38.41 20.53 13.54
N ASP J 75 -37.73 19.46 13.92
CA ASP J 75 -38.41 18.22 14.30
C ASP J 75 -37.43 17.31 15.01
N SER J 76 -38.00 16.31 15.67
CA SER J 76 -37.21 15.29 16.38
C SER J 76 -37.30 13.93 15.67
N SER J 77 -38.13 13.88 14.63
CA SER J 77 -38.34 12.66 13.81
C SER J 77 -37.19 12.38 12.82
N GLU J 78 -36.23 13.29 12.70
CA GLU J 78 -35.09 13.12 11.78
C GLU J 78 -34.31 11.83 12.07
N THR J 79 -34.14 11.55 13.36
CA THR J 79 -33.42 10.35 13.81
C THR J 79 -34.13 9.06 13.37
N SER J 80 -35.46 9.11 13.37
CA SER J 80 -36.32 7.99 12.97
C SER J 80 -36.14 7.67 11.48
N LYS J 81 -36.31 6.40 11.14
CA LYS J 81 -36.15 5.92 9.76
C LYS J 81 -37.26 4.93 9.36
N THR J 82 -37.45 4.82 8.05
CA THR J 82 -38.43 3.90 7.48
C THR J 82 -37.83 3.03 6.38
N ASN J 83 -38.56 2.05 5.87
CA ASN J 83 -38.07 1.00 4.94
C ASN J 83 -38.59 1.17 3.49
N LEU J 84 -38.12 2.23 2.86
CA LEU J 84 -38.99 3.39 2.54
C LEU J 84 -38.17 4.67 2.71
N ILE J 85 -37.19 4.58 3.60
CA ILE J 85 -36.27 5.68 3.93
C ILE J 85 -35.66 6.30 2.67
N HIS J 86 -35.03 5.42 1.89
CA HIS J 86 -34.31 5.83 0.68
C HIS J 86 -35.31 6.26 -0.39
N LYS J 87 -36.42 5.53 -0.51
CA LYS J 87 -37.44 5.86 -1.52
C LYS J 87 -38.07 7.23 -1.28
N LEU J 88 -38.22 7.59 -0.01
CA LEU J 88 -38.73 8.92 0.37
C LEU J 88 -37.70 10.01 0.11
N ALA J 89 -36.45 9.67 0.38
CA ALA J 89 -35.33 10.58 0.14
C ALA J 89 -35.21 10.94 -1.34
N ALA J 90 -35.46 9.94 -2.20
CA ALA J 90 -35.39 10.13 -3.66
C ALA J 90 -36.48 11.10 -4.13
N TYR J 91 -37.65 10.96 -3.53
CA TYR J 91 -38.81 11.77 -3.93
C TYR J 91 -38.61 13.18 -3.48
N THR J 92 -38.07 13.37 -2.29
CA THR J 92 -37.82 14.71 -1.75
C THR J 92 -36.67 15.44 -2.46
N ALA J 93 -35.69 14.66 -2.88
CA ALA J 93 -34.54 15.20 -3.63
C ALA J 93 -35.01 15.64 -5.01
N ILE J 94 -35.89 14.87 -5.64
CA ILE J 94 -36.44 15.23 -6.94
C ILE J 94 -37.32 16.48 -6.80
N THR J 95 -38.03 16.54 -5.69
CA THR J 95 -38.97 17.65 -5.43
C THR J 95 -38.24 18.96 -5.30
N GLN J 96 -37.14 18.92 -4.54
CA GLN J 96 -36.36 20.12 -4.27
C GLN J 96 -35.71 20.56 -5.59
N VAL J 97 -35.71 21.86 -5.81
CA VAL J 97 -35.08 22.42 -7.03
C VAL J 97 -35.86 21.95 -8.29
N LEU J 98 -37.17 21.90 -8.17
CA LEU J 98 -37.98 21.44 -9.30
C LEU J 98 -39.17 22.39 -9.50
N ASP J 99 -38.90 23.46 -10.22
CA ASP J 99 -39.93 24.46 -10.55
C ASP J 99 -39.85 24.89 -12.01
N SER J 100 -40.85 24.55 -12.78
CA SER J 100 -40.84 24.98 -14.18
C SER J 100 -41.28 26.46 -14.24
N ASN J 101 -42.52 26.82 -13.93
CA ASN J 101 -43.79 26.18 -14.35
C ASN J 101 -44.25 24.98 -13.50
N LYS J 102 -45.56 24.77 -13.60
CA LYS J 102 -46.24 23.70 -12.86
C LYS J 102 -45.81 22.30 -13.32
N ASN J 103 -45.80 22.11 -14.64
CA ASN J 103 -45.39 20.83 -15.23
C ASN J 103 -43.89 20.86 -15.55
N ASN J 104 -43.17 19.99 -14.85
CA ASN J 104 -41.72 19.91 -14.98
C ASN J 104 -41.31 18.57 -15.61
N LYS J 105 -40.91 18.67 -16.87
CA LYS J 105 -40.43 17.51 -17.62
C LYS J 105 -38.92 17.47 -17.53
N VAL J 106 -38.40 16.33 -17.14
CA VAL J 106 -36.94 16.19 -16.95
C VAL J 106 -36.40 14.87 -17.49
N GLN J 107 -35.09 14.82 -17.37
CA GLN J 107 -34.25 13.65 -17.57
C GLN J 107 -33.41 13.60 -16.31
N LEU J 108 -33.22 12.41 -15.77
CA LEU J 108 -32.46 12.26 -14.53
C LEU J 108 -31.16 11.51 -14.79
N VAL J 109 -30.09 12.16 -14.37
CA VAL J 109 -28.77 11.54 -14.41
C VAL J 109 -28.27 11.34 -12.98
N LEU J 110 -27.86 10.12 -12.72
CA LEU J 110 -27.33 9.76 -11.41
C LEU J 110 -26.31 8.61 -11.54
N ALA J 111 -25.70 8.28 -10.41
CA ALA J 111 -24.72 7.20 -10.30
C ALA J 111 -25.01 6.22 -9.16
N CYS J 112 -24.31 5.13 -9.16
CA CYS J 112 -24.42 4.12 -8.10
C CYS J 112 -23.08 3.41 -7.98
N PRO J 113 -22.86 2.75 -6.83
CA PRO J 113 -21.60 2.03 -6.57
C PRO J 113 -21.26 1.17 -7.79
N LEU J 114 -19.98 1.13 -8.14
CA LEU J 114 -19.52 0.39 -9.34
C LEU J 114 -19.90 -1.09 -9.28
N SER J 115 -19.94 -1.63 -8.06
CA SER J 115 -20.20 -3.06 -7.85
C SER J 115 -21.64 -3.50 -8.13
N VAL J 116 -22.53 -2.52 -8.20
CA VAL J 116 -23.95 -2.79 -8.45
C VAL J 116 -24.43 -2.33 -9.84
N LEU J 117 -23.59 -1.56 -10.50
CA LEU J 117 -23.92 -0.95 -11.79
C LEU J 117 -24.05 -1.99 -12.90
N ARG J 118 -25.07 -2.82 -12.86
CA ARG J 118 -25.36 -3.85 -13.89
C ARG J 118 -26.26 -4.94 -13.34
N ASN J 119 -26.30 -5.04 -12.01
CA ASN J 119 -27.09 -6.07 -11.31
C ASN J 119 -28.59 -5.72 -11.36
N ALA J 120 -29.36 -6.43 -10.55
CA ALA J 120 -30.79 -6.19 -10.31
C ALA J 120 -31.00 -4.88 -9.54
N LYS J 121 -29.98 -4.42 -8.86
CA LYS J 121 -30.08 -3.17 -8.10
C LYS J 121 -29.10 -2.16 -8.67
N ALA J 122 -29.45 -0.88 -8.52
CA ALA J 122 -28.71 0.24 -9.13
C ALA J 122 -28.58 0.07 -10.65
N LYS J 123 -29.48 -0.75 -11.16
CA LYS J 123 -29.59 -1.00 -12.60
C LYS J 123 -31.02 -1.34 -13.02
N GLU J 124 -31.78 -2.04 -12.17
CA GLU J 124 -33.20 -2.23 -12.51
C GLU J 124 -34.16 -1.61 -11.48
N GLU J 125 -33.90 -1.85 -10.20
CA GLU J 125 -34.79 -1.34 -9.15
C GLU J 125 -34.57 0.15 -8.95
N TYR J 126 -33.35 0.63 -9.05
CA TYR J 126 -33.06 2.07 -8.89
C TYR J 126 -33.66 2.88 -10.06
N ARG J 127 -33.50 2.33 -11.26
CA ARG J 127 -34.07 2.93 -12.47
C ARG J 127 -35.59 2.99 -12.42
N ASP J 128 -36.18 1.99 -11.76
CA ASP J 128 -37.64 1.92 -11.60
C ASP J 128 -38.16 2.99 -10.64
N TYR J 129 -37.33 3.31 -9.65
CA TYR J 129 -37.68 4.32 -8.65
C TYR J 129 -37.65 5.71 -9.30
N ILE J 130 -36.65 5.89 -10.16
CA ILE J 130 -36.41 7.18 -10.82
C ILE J 130 -37.36 7.42 -11.99
N LYS J 131 -37.56 6.34 -12.77
CA LYS J 131 -38.37 6.25 -13.96
C LYS J 131 -39.90 6.26 -13.73
N GLY J 132 -40.51 7.39 -13.29
CA GLY J 132 -41.97 7.55 -13.21
C GLY J 132 -42.36 9.02 -12.98
N ASN J 133 -43.60 9.31 -13.36
CA ASN J 133 -44.22 10.61 -13.09
C ASN J 133 -44.73 10.64 -11.64
N GLY J 134 -44.77 11.85 -11.09
CA GLY J 134 -45.26 12.03 -9.71
C GLY J 134 -45.64 13.49 -9.45
N GLU J 135 -46.61 13.63 -8.56
CA GLU J 135 -47.07 14.94 -8.11
C GLU J 135 -46.46 15.16 -6.73
N ILE J 136 -45.69 16.24 -6.65
CA ILE J 136 -45.03 16.61 -5.40
C ILE J 136 -45.41 18.06 -5.08
N THR J 137 -45.73 18.25 -3.81
CA THR J 137 -45.99 19.60 -3.28
C THR J 137 -44.68 20.16 -2.70
N VAL J 138 -44.65 21.46 -2.56
CA VAL J 138 -43.45 22.15 -2.03
C VAL J 138 -43.72 22.73 -0.66
N LYS J 139 -44.81 23.45 -0.59
CA LYS J 139 -45.21 24.07 0.67
C LYS J 139 -46.54 23.50 1.15
N VAL J 140 -46.75 23.45 2.44
CA VAL J 140 -48.03 22.97 3.00
C VAL J 140 -49.23 23.80 2.47
N ASP J 141 -48.94 25.06 2.19
CA ASP J 141 -49.94 25.96 1.62
C ASP J 141 -49.67 26.23 0.14
N ASP J 142 -48.82 25.38 -0.46
CA ASP J 142 -48.35 25.45 -1.86
C ASP J 142 -47.59 24.15 -2.10
N LYS J 143 -46.51 24.12 -2.88
CA LYS J 143 -46.56 24.49 -4.29
C LYS J 143 -46.48 23.19 -5.07
N GLU J 144 -47.59 22.85 -5.71
CA GLU J 144 -47.67 21.59 -6.47
C GLU J 144 -46.83 21.65 -7.76
N TYR J 145 -46.05 20.61 -7.95
CA TYR J 145 -45.31 20.41 -9.20
C TYR J 145 -45.62 19.02 -9.76
N SER J 146 -45.91 19.00 -11.04
CA SER J 146 -46.19 17.74 -11.76
C SER J 146 -44.91 17.37 -12.51
N PHE J 147 -44.31 16.27 -12.09
CA PHE J 147 -43.00 15.87 -12.59
C PHE J 147 -43.08 14.63 -13.46
N GLU J 148 -42.62 14.84 -14.67
CA GLU J 148 -42.50 13.79 -15.63
C GLU J 148 -41.08 13.48 -16.01
N ILE J 149 -40.77 12.19 -16.04
CA ILE J 149 -39.40 11.81 -16.38
C ILE J 149 -39.36 11.19 -17.77
N THR J 150 -38.59 11.82 -18.60
CA THR J 150 -38.52 11.43 -20.02
C THR J 150 -37.40 10.44 -20.30
N ASP J 151 -36.49 10.28 -19.33
CA ASP J 151 -35.37 9.34 -19.45
C ASP J 151 -34.55 9.34 -18.14
N ILE J 152 -33.75 8.30 -18.01
CA ILE J 152 -32.86 8.14 -16.86
C ILE J 152 -31.52 7.57 -17.32
N THR J 153 -30.46 8.00 -16.66
CA THR J 153 -29.09 7.60 -17.05
C THR J 153 -28.23 7.42 -15.83
N ILE J 154 -27.82 6.18 -15.65
CA ILE J 154 -27.06 5.79 -14.45
C ILE J 154 -25.69 5.27 -14.89
N LYS J 155 -24.67 5.76 -14.20
CA LYS J 155 -23.29 5.32 -14.39
C LYS J 155 -22.64 5.06 -13.02
N ALA J 156 -21.41 4.54 -13.06
CA ALA J 156 -20.65 4.21 -11.84
C ALA J 156 -20.27 5.56 -11.27
N GLU J 157 -20.33 5.66 -9.96
CA GLU J 157 -20.11 6.94 -9.26
C GLU J 157 -18.79 7.64 -9.65
N GLY J 158 -17.71 6.83 -9.69
CA GLY J 158 -16.37 7.33 -10.07
C GLY J 158 -16.40 7.95 -11.47
N SER J 159 -17.31 7.50 -12.31
CA SER J 159 -17.40 8.02 -13.69
C SER J 159 -17.87 9.48 -13.73
N GLY J 160 -18.72 9.86 -12.77
CA GLY J 160 -19.23 11.25 -12.68
C GLY J 160 -18.07 12.23 -12.46
N VAL J 161 -17.15 11.80 -11.60
CA VAL J 161 -15.95 12.59 -11.27
C VAL J 161 -15.02 12.74 -12.48
N LEU J 162 -14.75 11.62 -13.15
CA LEU J 162 -13.91 11.63 -14.36
C LEU J 162 -14.48 12.54 -15.45
N PHE J 163 -15.80 12.54 -15.55
CA PHE J 163 -16.50 13.28 -16.61
C PHE J 163 -16.46 14.77 -16.33
N LEU J 164 -16.55 15.09 -15.04
CA LEU J 164 -16.55 16.49 -14.62
C LEU J 164 -15.21 17.16 -14.96
N GLU J 165 -14.13 16.43 -14.72
CA GLU J 165 -12.79 16.93 -15.03
C GLU J 165 -12.66 17.06 -16.57
N GLN J 166 -11.88 18.04 -17.01
CA GLN J 166 -11.61 18.30 -18.44
C GLN J 166 -10.32 17.59 -18.88
N GLU J 167 -10.48 16.31 -19.19
CA GLU J 167 -9.35 15.48 -19.64
C GLU J 167 -9.81 14.62 -20.79
N ASN J 168 -8.86 14.35 -21.67
CA ASN J 168 -9.10 13.45 -22.81
C ASN J 168 -8.26 12.19 -22.60
N PHE J 169 -8.76 11.05 -23.03
CA PHE J 169 -9.49 10.16 -22.10
C PHE J 169 -9.93 8.85 -22.76
N LYS J 170 -10.21 8.91 -24.06
CA LYS J 170 -10.67 7.73 -24.81
C LYS J 170 -9.67 6.57 -24.77
N ASN J 171 -8.38 6.92 -24.76
CA ASN J 171 -7.30 5.92 -24.77
C ASN J 171 -6.22 6.16 -23.70
N LYS J 172 -6.67 6.67 -22.56
CA LYS J 172 -5.76 7.00 -21.47
C LYS J 172 -6.05 6.15 -20.22
N ASN J 173 -5.13 6.23 -19.27
CA ASN J 173 -5.27 5.56 -17.98
C ASN J 173 -5.39 6.65 -16.90
N VAL J 174 -6.51 6.59 -16.19
CA VAL J 174 -6.82 7.58 -15.14
C VAL J 174 -7.28 6.84 -13.89
N ALA J 175 -7.00 7.46 -12.75
CA ALA J 175 -7.52 6.94 -11.48
C ALA J 175 -8.17 8.05 -10.67
N VAL J 176 -9.15 7.62 -9.91
CA VAL J 176 -9.90 8.52 -9.03
C VAL J 176 -9.54 8.12 -7.59
N ILE J 177 -8.89 9.06 -6.91
CA ILE J 177 -8.45 8.85 -5.53
C ILE J 177 -9.38 9.65 -4.60
N ASP J 178 -10.29 8.91 -4.00
CA ASP J 178 -11.39 9.48 -3.22
C ASP J 178 -11.12 9.32 -1.72
N PHE J 179 -10.73 10.42 -1.10
CA PHE J 179 -10.55 10.43 0.36
C PHE J 179 -11.87 10.69 1.08
N GLY J 180 -12.52 9.57 1.41
CA GLY J 180 -13.80 9.56 2.13
C GLY J 180 -13.56 9.66 3.65
N GLY J 181 -14.69 9.79 4.36
CA GLY J 181 -14.70 9.85 5.83
C GLY J 181 -14.15 8.60 6.52
N LEU J 182 -14.56 7.45 5.99
CA LEU J 182 -14.19 6.17 6.60
C LEU J 182 -13.25 5.33 5.73
N ASN J 183 -13.20 5.63 4.43
CA ASN J 183 -12.36 4.89 3.49
C ASN J 183 -11.73 5.81 2.44
N MET J 184 -10.67 5.32 1.84
CA MET J 184 -10.00 5.98 0.71
C MET J 184 -10.01 5.03 -0.49
N GLY J 185 -10.83 5.39 -1.49
CA GLY J 185 -11.11 4.50 -2.63
C GLY J 185 -10.48 4.95 -3.95
N PHE J 186 -9.83 3.99 -4.58
CA PHE J 186 -9.08 4.22 -5.84
C PHE J 186 -9.73 3.38 -6.92
N SER J 187 -10.20 4.08 -7.93
CA SER J 187 -10.83 3.45 -9.10
C SER J 187 -10.04 3.84 -10.35
N LEU J 188 -9.54 2.84 -11.06
CA LEU J 188 -8.71 3.06 -12.23
C LEU J 188 -9.49 2.72 -13.49
N TYR J 189 -9.32 3.58 -14.48
CA TYR J 189 -9.95 3.47 -15.80
C TYR J 189 -8.88 3.46 -16.89
N ARG J 190 -9.10 2.60 -17.86
CA ARG J 190 -8.22 2.49 -19.03
C ARG J 190 -9.08 2.43 -20.28
N ASN J 191 -8.93 3.41 -21.16
CA ASN J 191 -9.71 3.48 -22.40
C ASN J 191 -11.20 3.53 -22.08
N CYS J 192 -11.54 4.36 -21.08
CA CYS J 192 -12.92 4.62 -20.61
C CYS J 192 -13.60 3.42 -19.93
N VAL J 193 -12.84 2.42 -19.54
CA VAL J 193 -13.39 1.24 -18.85
C VAL J 193 -12.66 1.04 -17.53
N VAL J 194 -13.45 0.88 -16.48
CA VAL J 194 -12.91 0.59 -15.15
C VAL J 194 -12.10 -0.72 -15.17
N ASN J 195 -10.97 -0.69 -14.49
CA ASN J 195 -10.08 -1.84 -14.37
C ASN J 195 -10.09 -2.29 -12.91
N PRO J 196 -10.91 -3.31 -12.62
CA PRO J 196 -11.07 -3.85 -11.26
C PRO J 196 -9.77 -4.35 -10.64
N SER J 197 -8.93 -4.94 -11.48
CA SER J 197 -7.60 -5.43 -11.08
C SER J 197 -6.69 -4.31 -10.57
N GLU J 198 -7.00 -3.08 -10.95
CA GLU J 198 -6.17 -1.92 -10.59
C GLU J 198 -6.92 -0.90 -9.72
N ARG J 199 -7.98 -1.36 -9.10
CA ARG J 199 -8.78 -0.55 -8.16
C ARG J 199 -8.74 -1.23 -6.79
N PHE J 200 -8.89 -0.42 -5.75
CA PHE J 200 -8.79 -0.92 -4.36
C PHE J 200 -9.29 0.12 -3.37
N ILE J 201 -9.51 -0.37 -2.17
CA ILE J 201 -9.98 0.45 -1.05
C ILE J 201 -9.06 0.28 0.15
N GLU J 202 -8.83 1.40 0.83
CA GLU J 202 -8.11 1.36 2.10
C GLU J 202 -9.10 1.78 3.17
N GLU J 203 -9.17 0.94 4.20
CA GLU J 203 -10.18 1.06 5.25
C GLU J 203 -9.86 2.20 6.24
N HIS J 204 -9.29 3.27 5.80
CA HIS J 204 -9.01 4.42 6.69
C HIS J 204 -9.46 5.67 5.94
N GLY J 205 -10.06 6.57 6.70
CA GLY J 205 -10.60 7.80 6.12
C GLY J 205 -10.11 9.04 6.87
N VAL J 206 -10.82 10.13 6.66
CA VAL J 206 -10.53 11.41 7.35
C VAL J 206 -10.77 11.30 8.86
N LYS J 207 -11.80 10.53 9.22
CA LYS J 207 -12.14 10.32 10.62
C LYS J 207 -10.95 9.66 11.33
N ASP J 208 -10.35 8.66 10.67
CA ASP J 208 -9.14 8.02 11.16
C ASP J 208 -7.93 8.97 11.22
N LEU J 209 -7.89 9.86 10.25
CA LEU J 209 -6.82 10.85 10.15
C LEU J 209 -6.82 11.79 11.36
N ILE J 210 -7.95 12.48 11.52
CA ILE J 210 -8.15 13.45 12.60
C ILE J 210 -8.04 12.77 13.97
N ILE J 211 -8.43 11.50 13.99
CA ILE J 211 -8.36 10.67 15.20
C ILE J 211 -6.97 10.38 15.69
N ARG J 212 -6.20 10.00 14.69
CA ARG J 212 -4.81 9.62 14.88
C ARG J 212 -4.01 10.85 15.30
N VAL J 213 -4.47 12.02 14.86
CA VAL J 213 -3.80 13.28 15.19
C VAL J 213 -4.19 13.74 16.60
N GLY J 214 -5.50 13.73 16.85
CA GLY J 214 -6.06 14.16 18.15
C GLY J 214 -5.44 13.34 19.29
N ASP J 215 -5.05 12.11 18.95
CA ASP J 215 -4.43 11.18 19.91
C ASP J 215 -5.40 10.90 21.08
N ALA J 216 -6.69 10.89 20.75
CA ALA J 216 -7.75 10.64 21.75
C ALA J 216 -9.02 10.23 21.02
N LEU J 217 -9.77 9.33 21.67
CA LEU J 217 -11.01 8.79 21.10
C LEU J 217 -12.04 9.91 20.88
N THR J 218 -12.05 10.83 21.83
CA THR J 218 -12.92 12.00 21.70
C THR J 218 -11.95 13.09 21.41
N ASP J 219 -12.47 14.29 21.44
CA ASP J 219 -11.46 15.27 21.51
C ASP J 219 -10.82 15.75 20.20
N LEU J 220 -11.58 15.50 19.14
CA LEU J 220 -11.02 15.63 17.82
C LEU J 220 -11.78 16.57 17.02
N ASN J 221 -12.93 16.35 16.40
CA ASN J 221 -13.78 17.46 15.90
C ASN J 221 -13.11 18.79 16.22
N ASN J 222 -13.31 19.80 15.46
CA ASN J 222 -12.59 21.04 15.76
C ASN J 222 -12.77 21.63 17.18
N GLY J 223 -13.80 21.10 17.84
CA GLY J 223 -14.01 21.32 19.28
C GLY J 223 -14.37 19.99 19.93
N ASN J 224 -13.41 19.44 20.60
CA ASN J 224 -13.67 18.20 21.30
C ASN J 224 -14.27 18.32 22.69
N LEU J 225 -13.88 19.39 23.37
CA LEU J 225 -14.45 19.79 24.64
C LEU J 225 -14.79 21.27 24.52
N ILE J 226 -16.08 21.56 24.69
CA ILE J 226 -16.58 22.93 24.53
C ILE J 226 -15.98 23.90 25.57
N THR J 227 -15.62 23.37 26.72
CA THR J 227 -15.02 24.19 27.79
C THR J 227 -13.55 24.55 27.50
N ASN J 228 -13.13 24.34 26.26
CA ASN J 228 -11.81 24.80 25.79
C ASN J 228 -12.02 25.92 24.77
N GLU J 229 -11.13 26.91 24.87
CA GLU J 229 -11.20 28.09 23.98
C GLU J 229 -11.10 27.65 22.52
N GLN J 230 -11.75 28.41 21.65
CA GLN J 230 -11.75 28.15 20.19
C GLN J 230 -10.29 28.01 19.75
N ALA J 231 -9.98 26.83 19.19
CA ALA J 231 -8.64 26.46 18.66
C ALA J 231 -8.02 25.33 19.48
N GLU J 232 -8.33 25.32 20.77
CA GLU J 232 -7.82 24.26 21.66
C GLU J 232 -8.63 23.02 21.41
N SER J 233 -7.86 21.93 21.30
CA SER J 233 -8.36 20.58 21.10
C SER J 233 -9.19 20.51 19.81
N ALA J 234 -8.51 21.01 18.78
CA ALA J 234 -8.94 20.99 17.38
C ALA J 234 -9.50 19.59 17.03
N LEU J 235 -9.41 19.07 15.81
CA LEU J 235 -8.47 19.35 14.75
C LEU J 235 -9.13 19.87 13.52
N ASN J 236 -10.26 19.26 13.20
CA ASN J 236 -10.98 19.58 11.97
C ASN J 236 -11.23 21.09 11.84
N ASN J 237 -11.33 21.77 12.97
CA ASN J 237 -11.44 23.25 12.91
C ASN J 237 -10.20 23.86 13.48
N GLY J 238 -9.54 24.27 12.44
CA GLY J 238 -8.29 24.98 12.59
C GLY J 238 -7.14 24.12 12.11
N TYR J 239 -6.18 24.81 11.54
CA TYR J 239 -4.94 24.17 11.05
C TYR J 239 -3.80 24.42 12.05
N MET J 240 -2.74 25.06 11.58
CA MET J 240 -1.61 25.45 12.43
C MET J 240 -1.79 26.94 12.77
N LYS J 241 -2.74 27.19 13.65
CA LYS J 241 -3.16 28.56 13.98
C LYS J 241 -2.76 29.00 15.40
N LYS J 242 -1.89 28.22 16.04
CA LYS J 242 -1.39 28.57 17.39
C LYS J 242 -0.10 29.38 17.25
N GLY J 243 -0.28 30.71 17.33
CA GLY J 243 0.83 31.67 17.14
C GLY J 243 1.76 31.77 18.36
N GLY J 244 1.68 30.75 19.23
CA GLY J 244 2.55 30.65 20.41
C GLY J 244 3.75 29.79 20.02
N GLU J 245 4.86 30.46 19.72
CA GLU J 245 6.09 29.80 19.24
C GLU J 245 6.59 28.69 20.19
N ILE J 246 6.07 28.70 21.41
CA ILE J 246 6.45 27.72 22.45
C ILE J 246 5.70 26.38 22.32
N ASP J 247 4.49 26.43 21.78
CA ASP J 247 3.65 25.21 21.67
C ASP J 247 4.33 24.18 20.77
N THR J 248 4.18 22.92 21.17
CA THR J 248 4.80 21.81 20.42
C THR J 248 3.75 20.83 19.85
N GLU J 249 2.48 21.10 20.12
CA GLU J 249 1.38 20.35 19.49
C GLU J 249 1.42 20.60 17.98
N SER J 250 0.83 19.69 17.21
CA SER J 250 0.74 19.87 15.74
C SER J 250 0.32 21.31 15.42
N SER J 251 0.66 21.92 14.29
CA SER J 251 1.25 21.45 13.02
C SER J 251 2.17 20.23 12.88
N THR J 252 3.05 19.98 13.82
CA THR J 252 4.02 18.88 13.67
C THR J 252 3.34 17.51 13.48
N VAL J 253 2.26 17.31 14.23
CA VAL J 253 1.52 16.04 14.20
C VAL J 253 0.84 15.87 12.82
N ILE J 254 0.18 16.92 12.36
CA ILE J 254 -0.52 16.89 11.06
C ILE J 254 0.38 16.35 9.94
N LYS J 255 1.54 16.98 9.76
CA LYS J 255 2.47 16.64 8.69
C LYS J 255 2.97 15.20 8.87
N LYS J 256 3.02 14.75 10.12
CA LYS J 256 3.45 13.40 10.46
C LYS J 256 2.46 12.31 10.09
N VAL J 257 1.21 12.56 10.45
CA VAL J 257 0.12 11.63 10.12
C VAL J 257 -0.11 11.57 8.61
N LYS J 258 -0.17 12.76 8.01
CA LYS J 258 -0.41 12.90 6.56
C LYS J 258 0.77 12.33 5.78
N GLU J 259 1.96 12.41 6.35
CA GLU J 259 3.18 11.91 5.71
C GLU J 259 3.09 10.39 5.50
N LYS J 260 2.59 9.72 6.53
CA LYS J 260 2.39 8.26 6.51
C LYS J 260 1.22 7.86 5.63
N PHE J 261 0.17 8.68 5.65
CA PHE J 261 -1.04 8.42 4.86
C PHE J 261 -0.74 8.47 3.36
N LEU J 262 0.03 9.50 2.98
CA LEU J 262 0.44 9.68 1.58
C LEU J 262 1.41 8.61 1.09
N LYS J 263 2.30 8.21 1.99
CA LYS J 263 3.31 7.19 1.67
C LYS J 263 2.62 5.84 1.46
N ASP J 264 1.58 5.58 2.26
CA ASP J 264 0.82 4.32 2.16
C ASP J 264 0.01 4.32 0.86
N ALA J 265 -0.61 5.43 0.54
CA ALA J 265 -1.49 5.53 -0.64
C ALA J 265 -0.70 5.34 -1.94
N ILE J 266 0.41 6.06 -2.05
CA ILE J 266 1.25 6.01 -3.26
C ILE J 266 1.96 4.66 -3.40
N LYS J 267 2.29 4.07 -2.26
CA LYS J 267 2.96 2.76 -2.23
C LYS J 267 2.02 1.67 -2.78
N LEU J 268 0.76 1.78 -2.41
CA LEU J 268 -0.29 0.86 -2.91
C LEU J 268 -0.53 1.07 -4.39
N ILE J 269 -0.45 2.32 -4.81
CA ILE J 269 -0.63 2.69 -6.23
C ILE J 269 0.41 2.00 -7.09
N GLU J 270 1.65 2.10 -6.65
CA GLU J 270 2.77 1.56 -7.43
C GLU J 270 2.74 0.02 -7.45
N LYS J 271 2.18 -0.57 -6.40
CA LYS J 271 2.03 -2.03 -6.31
C LYS J 271 0.91 -2.53 -7.23
N ARG J 272 -0.24 -1.87 -7.17
CA ARG J 272 -1.44 -2.32 -7.90
C ARG J 272 -1.56 -1.68 -9.29
N GLY J 273 -1.56 -0.35 -9.28
CA GLY J 273 -1.74 0.47 -10.49
C GLY J 273 -0.60 0.32 -11.46
N PHE J 274 0.65 0.44 -10.96
CA PHE J 274 1.94 0.35 -11.67
C PHE J 274 2.76 1.64 -11.60
N LYS J 275 3.68 1.79 -12.55
CA LYS J 275 4.56 2.96 -12.65
C LYS J 275 3.67 4.20 -12.73
N LEU J 276 3.88 5.11 -11.79
CA LEU J 276 3.12 6.37 -11.74
C LEU J 276 3.21 7.19 -13.04
N ASP J 277 4.18 6.83 -13.87
CA ASP J 277 4.38 7.48 -15.17
C ASP J 277 3.41 6.95 -16.24
N GLN J 278 2.90 5.75 -16.04
CA GLN J 278 1.93 5.18 -17.00
C GLN J 278 0.51 5.73 -16.80
N LEU J 279 0.35 6.51 -15.73
CA LEU J 279 -0.94 7.13 -15.40
C LEU J 279 -0.97 8.53 -15.99
N ASP J 280 -2.06 8.83 -16.68
CA ASP J 280 -2.23 10.13 -17.34
C ASP J 280 -2.68 11.21 -16.36
N SER J 281 -3.48 10.79 -15.38
CA SER J 281 -3.99 11.71 -14.35
C SER J 281 -4.65 10.92 -13.23
N LEU J 282 -4.51 11.48 -12.03
CA LEU J 282 -5.14 10.97 -10.82
C LEU J 282 -5.96 12.08 -10.21
N ILE J 283 -7.27 11.96 -10.33
CA ILE J 283 -8.20 12.97 -9.80
C ILE J 283 -8.35 12.72 -8.31
N PHE J 284 -8.18 13.81 -7.56
CA PHE J 284 -8.19 13.72 -6.08
C PHE J 284 -9.52 14.28 -5.64
N ILE J 285 -10.36 13.44 -5.09
CA ILE J 285 -11.73 13.84 -4.70
C ILE J 285 -12.06 13.29 -3.30
N GLY J 286 -13.21 13.73 -2.80
CA GLY J 286 -13.64 13.33 -1.45
C GLY J 286 -13.44 14.51 -0.49
N GLY J 287 -14.03 14.34 0.70
CA GLY J 287 -13.94 15.36 1.77
C GLY J 287 -12.50 15.69 2.13
N THR J 288 -11.62 14.70 2.00
CA THR J 288 -10.20 14.89 2.37
C THR J 288 -9.35 15.49 1.25
N THR J 289 -9.90 15.63 0.06
CA THR J 289 -9.08 16.14 -1.04
C THR J 289 -8.38 17.46 -0.72
N GLN J 290 -9.16 18.41 -0.23
CA GLN J 290 -8.62 19.74 0.10
C GLN J 290 -7.46 19.64 1.11
N LYS J 291 -7.51 18.60 1.94
CA LYS J 291 -6.50 18.39 2.99
C LYS J 291 -5.17 17.84 2.44
N LEU J 292 -5.25 16.98 1.45
CA LEU J 292 -4.05 16.26 0.96
C LEU J 292 -3.53 16.67 -0.42
N LYS J 293 -4.36 17.39 -1.18
CA LYS J 293 -4.00 17.74 -2.56
C LYS J 293 -2.62 18.44 -2.65
N GLU J 294 -2.33 19.30 -1.68
CA GLU J 294 -1.06 20.05 -1.71
C GLU J 294 0.16 19.14 -1.60
N GLN J 295 0.12 18.26 -0.60
CA GLN J 295 1.26 17.36 -0.37
C GLN J 295 1.46 16.34 -1.47
N ILE J 296 0.35 15.89 -2.02
CA ILE J 296 0.44 14.95 -3.14
C ILE J 296 1.12 15.57 -4.36
N SER J 297 0.77 16.83 -4.62
CA SER J 297 1.29 17.56 -5.78
C SER J 297 2.81 17.68 -5.71
N LYS J 298 3.32 17.74 -4.48
CA LYS J 298 4.77 17.80 -4.23
C LYS J 298 5.40 16.41 -4.22
N THR J 299 4.59 15.40 -3.94
CA THR J 299 5.03 13.99 -3.95
C THR J 299 5.37 13.57 -5.37
N TYR J 300 4.47 13.88 -6.29
CA TYR J 300 4.64 13.61 -7.73
C TYR J 300 4.14 14.80 -8.57
N PRO J 301 5.00 15.27 -9.47
CA PRO J 301 4.69 16.38 -10.39
C PRO J 301 3.90 15.91 -11.61
N ASN J 302 3.02 16.81 -12.08
CA ASN J 302 2.24 16.64 -13.32
C ASN J 302 1.33 15.40 -13.41
N ASN J 303 0.78 14.97 -12.28
CA ASN J 303 -0.14 13.82 -12.33
C ASN J 303 -1.47 14.05 -11.60
N SER J 304 -1.38 14.64 -10.42
CA SER J 304 -2.57 14.88 -9.58
C SER J 304 -3.33 16.13 -10.05
N ILE J 305 -4.64 16.02 -9.99
CA ILE J 305 -5.55 17.13 -10.36
C ILE J 305 -6.73 17.14 -9.39
N ILE J 306 -7.19 18.35 -9.11
CA ILE J 306 -8.36 18.56 -8.25
C ILE J 306 -9.33 19.52 -8.94
N THR J 307 -10.61 19.34 -8.66
CA THR J 307 -11.65 20.24 -9.14
C THR J 307 -12.20 21.04 -7.94
N ASN J 308 -12.62 22.26 -8.21
CA ASN J 308 -13.25 23.10 -7.17
C ASN J 308 -14.60 22.50 -6.77
N ASN J 309 -14.93 22.67 -5.49
CA ASN J 309 -16.17 22.09 -4.91
C ASN J 309 -16.26 20.60 -5.27
N SER J 310 -15.31 19.84 -4.73
CA SER J 310 -15.23 18.40 -4.98
C SER J 310 -16.54 17.68 -4.65
N GLN J 311 -17.28 18.24 -3.71
CA GLN J 311 -18.58 17.68 -3.32
C GLN J 311 -19.60 17.60 -4.47
N TRP J 312 -19.50 18.52 -5.42
CA TRP J 312 -20.40 18.52 -6.59
C TRP J 312 -19.75 17.93 -7.84
N THR J 313 -18.63 17.26 -7.67
CA THR J 313 -17.94 16.65 -8.81
C THR J 313 -18.75 15.62 -9.59
N THR J 314 -19.37 14.74 -8.83
CA THR J 314 -20.17 13.66 -9.43
C THR J 314 -21.36 14.24 -10.19
N CYS J 315 -22.07 15.14 -9.52
CA CYS J 315 -23.27 15.75 -10.10
C CYS J 315 -22.95 16.53 -11.38
N GLU J 316 -21.83 17.25 -11.39
CA GLU J 316 -21.49 18.01 -12.59
C GLU J 316 -21.12 17.07 -13.74
N GLY J 317 -20.64 15.87 -13.38
CA GLY J 317 -20.31 14.82 -14.34
C GLY J 317 -21.58 14.18 -14.91
N LEU J 318 -22.50 13.89 -14.00
CA LEU J 318 -23.79 13.29 -14.38
C LEU J 318 -24.61 14.27 -15.22
N TYR J 319 -24.54 15.55 -14.89
CA TYR J 319 -25.28 16.58 -15.62
C TYR J 319 -24.93 16.61 -17.11
N LYS J 320 -23.67 16.37 -17.40
CA LYS J 320 -23.16 16.36 -18.79
C LYS J 320 -23.77 15.19 -19.58
N VAL J 321 -23.87 14.03 -18.97
CA VAL J 321 -24.50 12.88 -19.64
C VAL J 321 -26.01 13.10 -19.79
N ALA J 322 -26.56 13.82 -18.83
CA ALA J 322 -27.99 14.09 -18.88
C ALA J 322 -28.38 15.11 -19.95
N VAL J 323 -27.46 16.00 -20.27
CA VAL J 323 -27.66 16.95 -21.38
C VAL J 323 -27.72 16.17 -22.71
N ALA J 324 -26.88 15.13 -22.79
CA ALA J 324 -26.81 14.25 -23.96
C ALA J 324 -28.09 13.42 -24.07
N LYS J 325 -28.60 13.03 -22.91
CA LYS J 325 -29.86 12.27 -22.83
C LYS J 325 -31.05 13.14 -23.20
N TYR J 326 -30.94 14.41 -22.83
CA TYR J 326 -31.96 15.42 -23.11
C TYR J 326 -32.07 15.65 -24.63
N CYS J 327 -30.92 15.66 -25.30
CA CYS J 327 -30.90 15.79 -26.77
C CYS J 327 -31.52 14.54 -27.43
N ILE J 328 -31.22 13.44 -26.93
N THR K 5 -17.16 20.18 -65.63
CA THR K 5 -17.72 19.88 -64.29
C THR K 5 -16.88 20.51 -63.15
N ASN K 6 -17.51 20.60 -61.99
CA ASN K 6 -16.90 21.10 -60.77
C ASN K 6 -16.71 19.95 -59.78
N GLU K 7 -15.63 19.22 -59.99
CA GLU K 7 -15.41 18.04 -59.17
C GLU K 7 -14.10 18.30 -58.32
N TYR K 8 -14.07 17.78 -57.13
CA TYR K 8 -12.90 17.89 -56.22
C TYR K 8 -12.36 16.49 -55.92
N VAL K 9 -11.17 16.48 -55.35
CA VAL K 9 -10.51 15.22 -54.96
C VAL K 9 -10.40 15.17 -53.44
N MET K 10 -10.98 14.11 -52.89
CA MET K 10 -10.85 13.84 -51.46
C MET K 10 -9.98 12.61 -51.27
N THR K 11 -8.99 12.79 -50.42
CA THR K 11 -8.08 11.71 -50.08
C THR K 11 -8.24 11.39 -48.60
N LEU K 12 -8.47 10.11 -48.36
CA LEU K 12 -8.72 9.63 -47.00
C LEU K 12 -7.81 8.45 -46.65
N ASP K 13 -7.45 8.38 -45.39
CA ASP K 13 -6.59 7.32 -44.86
C ASP K 13 -7.14 6.89 -43.48
N ALA K 14 -7.97 5.85 -43.49
CA ALA K 14 -8.54 5.30 -42.26
C ALA K 14 -7.56 4.26 -41.66
N GLY K 15 -6.59 4.79 -40.91
CA GLY K 15 -5.48 3.95 -40.42
C GLY K 15 -5.68 3.54 -38.97
N LYS K 16 -4.61 2.96 -38.43
CA LYS K 16 -4.52 2.48 -37.05
C LYS K 16 -5.54 3.17 -36.13
N TYR K 17 -5.09 4.24 -35.49
CA TYR K 17 -5.88 4.94 -34.46
C TYR K 17 -6.23 6.34 -34.91
N GLU K 18 -5.77 6.73 -36.09
CA GLU K 18 -6.08 8.06 -36.64
C GLU K 18 -6.59 7.99 -38.07
N THR K 19 -7.45 8.95 -38.38
CA THR K 19 -7.97 9.13 -39.75
C THR K 19 -7.38 10.44 -40.30
N LYS K 20 -6.75 10.33 -41.46
CA LYS K 20 -6.18 11.48 -42.16
C LYS K 20 -7.03 11.79 -43.39
N LEU K 21 -7.26 13.08 -43.60
CA LEU K 21 -8.07 13.53 -44.74
C LEU K 21 -7.48 14.79 -45.34
N ILE K 22 -7.61 14.93 -46.65
CA ILE K 22 -7.10 16.09 -47.38
C ILE K 22 -7.99 16.42 -48.59
N GLY K 23 -8.29 17.71 -48.71
CA GLY K 23 -9.00 18.25 -49.87
C GLY K 23 -8.35 19.57 -50.23
N LYS K 24 -8.33 19.89 -51.51
CA LYS K 24 -7.72 21.16 -51.97
C LYS K 24 -8.45 22.38 -51.47
N ASN K 25 -9.75 22.19 -51.23
CA ASN K 25 -10.59 23.26 -50.70
C ASN K 25 -10.27 23.56 -49.24
N LYS K 26 -10.12 22.49 -48.47
CA LYS K 26 -9.78 22.68 -47.05
C LYS K 26 -8.34 23.14 -46.88
N LYS K 27 -7.44 22.51 -47.62
CA LYS K 27 -6.01 22.87 -47.56
C LYS K 27 -5.81 24.34 -47.90
N GLY K 28 -6.65 24.83 -48.83
CA GLY K 28 -6.61 26.22 -49.29
C GLY K 28 -6.97 27.24 -48.20
N THR K 29 -7.78 26.79 -47.24
CA THR K 29 -8.34 27.69 -46.20
C THR K 29 -7.62 27.53 -44.86
N THR K 30 -7.33 26.28 -44.50
CA THR K 30 -6.66 25.99 -43.22
C THR K 30 -5.22 25.59 -43.50
N GLU K 31 -4.34 26.02 -42.60
CA GLU K 31 -2.90 25.81 -42.77
C GLU K 31 -2.42 24.50 -42.17
N ASP K 32 -3.19 24.00 -41.23
CA ASP K 32 -2.76 22.78 -40.59
C ASP K 32 -2.63 21.68 -41.67
N ILE K 33 -2.38 20.48 -41.21
CA ILE K 33 -2.12 19.39 -42.11
C ILE K 33 -3.25 18.45 -42.36
N LYS K 34 -4.48 18.77 -42.37
CA LYS K 34 -5.07 20.10 -42.36
C LYS K 34 -5.53 20.76 -43.66
N ARG K 35 -6.23 19.98 -44.51
CA ARG K 35 -6.47 18.54 -44.35
C ARG K 35 -7.07 18.32 -42.90
N VAL K 36 -6.80 17.19 -42.31
CA VAL K 36 -6.98 16.88 -40.88
C VAL K 36 -6.50 15.47 -40.43
N ILE K 37 -6.10 15.40 -39.18
CA ILE K 37 -5.73 14.13 -38.54
C ILE K 37 -6.39 14.08 -37.18
N PHE K 38 -7.34 13.15 -37.06
CA PHE K 38 -8.12 12.97 -35.83
C PHE K 38 -8.14 11.50 -35.44
N LYS K 39 -8.18 11.25 -34.13
CA LYS K 39 -8.24 9.89 -33.61
C LYS K 39 -9.50 9.19 -34.15
N THR K 40 -9.34 7.91 -34.47
CA THR K 40 -10.44 7.07 -35.00
C THR K 40 -11.42 6.72 -33.88
N LYS K 41 -12.07 7.76 -33.37
CA LYS K 41 -13.10 7.65 -32.34
C LYS K 41 -14.28 8.52 -32.75
N ILE K 42 -15.46 8.11 -32.33
CA ILE K 42 -16.68 8.84 -32.67
C ILE K 42 -17.59 8.87 -31.44
N TYR K 43 -18.33 9.95 -31.32
CA TYR K 43 -19.29 10.08 -30.23
C TYR K 43 -20.65 10.55 -30.78
N ASN K 44 -21.59 10.74 -29.86
CA ASN K 44 -22.93 11.21 -30.20
C ASN K 44 -23.42 12.14 -29.11
N LEU K 45 -24.22 13.12 -29.52
CA LEU K 45 -24.70 14.13 -28.57
C LEU K 45 -26.11 13.79 -28.14
N GLU K 46 -26.19 13.30 -26.92
CA GLU K 46 -27.49 12.91 -26.33
C GLU K 46 -27.87 13.89 -25.22
N ASP K 47 -29.17 13.97 -24.98
CA ASP K 47 -29.74 14.88 -23.97
C ASP K 47 -29.25 14.56 -22.54
N GLY K 48 -28.74 13.34 -22.36
CA GLY K 48 -28.19 12.92 -21.06
C GLY K 48 -26.83 13.56 -20.77
N TYR K 49 -26.46 14.57 -21.56
CA TYR K 49 -25.16 15.24 -21.47
C TYR K 49 -25.24 16.64 -22.08
N ILE K 50 -24.23 17.43 -21.78
CA ILE K 50 -24.13 18.83 -22.24
C ILE K 50 -23.08 18.96 -23.34
N ASP K 51 -23.55 19.30 -24.53
CA ASP K 51 -22.64 19.56 -25.64
C ASP K 51 -21.70 20.73 -25.42
N ILE K 52 -20.54 20.66 -26.03
CA ILE K 52 -19.49 21.71 -25.94
C ILE K 52 -18.87 21.95 -27.33
N GLU K 53 -18.39 23.16 -27.53
CA GLU K 53 -17.67 23.51 -28.76
C GLU K 53 -16.36 22.71 -28.92
N GLY K 54 -16.00 22.53 -30.19
CA GLY K 54 -14.81 21.76 -30.54
C GLY K 54 -13.51 22.57 -30.59
N ASN K 55 -12.40 21.91 -30.94
CA ASN K 55 -12.15 21.30 -32.25
C ASN K 55 -12.90 19.99 -32.46
N SER K 56 -14.17 20.14 -32.79
CA SER K 56 -15.11 19.03 -32.95
C SER K 56 -16.39 19.57 -33.57
N HIS K 57 -16.97 18.73 -34.40
CA HIS K 57 -18.17 19.11 -35.17
C HIS K 57 -19.31 18.13 -34.93
N LYS K 58 -20.49 18.59 -35.26
CA LYS K 58 -21.69 17.76 -35.20
C LYS K 58 -22.14 17.44 -36.62
N ILE K 59 -22.49 16.19 -36.83
CA ILE K 59 -22.91 15.71 -38.16
C ILE K 59 -24.26 14.98 -38.04
N GLU K 60 -25.06 15.12 -39.08
CA GLU K 60 -26.37 14.45 -39.15
C GLU K 60 -26.24 13.23 -40.04
N LEU K 61 -26.42 12.10 -39.38
CA LEU K 61 -26.45 10.82 -40.10
C LEU K 61 -27.49 9.93 -39.40
N ASP K 62 -28.27 9.24 -40.22
CA ASP K 62 -29.39 8.40 -39.74
C ASP K 62 -30.40 9.36 -39.04
N GLY K 63 -30.68 9.04 -37.79
CA GLY K 63 -31.19 10.01 -36.79
C GLY K 63 -30.04 9.95 -35.77
N LYS K 64 -29.78 10.92 -34.87
CA LYS K 64 -28.48 11.03 -34.16
C LYS K 64 -27.59 12.13 -34.72
N GLU K 65 -27.07 12.85 -33.75
CA GLU K 65 -26.08 13.87 -34.04
C GLU K 65 -24.70 13.33 -33.68
N TYR K 66 -24.01 12.85 -34.71
CA TYR K 66 -22.68 12.27 -34.49
C TYR K 66 -21.68 13.36 -34.17
N LEU K 67 -20.68 12.93 -33.45
CA LEU K 67 -19.68 13.86 -33.01
C LEU K 67 -18.30 13.29 -33.35
N ILE K 68 -17.47 14.17 -33.91
CA ILE K 68 -16.15 13.79 -34.44
C ILE K 68 -15.22 15.00 -34.44
N GLY K 69 -13.97 14.74 -34.06
CA GLY K 69 -12.93 15.78 -34.06
C GLY K 69 -12.53 16.14 -32.64
N GLU K 70 -13.51 16.15 -31.74
CA GLU K 70 -13.22 16.36 -30.30
C GLU K 70 -12.55 15.11 -29.78
N GLN K 71 -11.96 15.25 -28.61
CA GLN K 71 -11.32 14.10 -27.95
C GLN K 71 -12.16 13.54 -26.80
N GLY K 72 -13.26 14.24 -26.51
CA GLY K 72 -14.11 13.93 -25.36
C GLY K 72 -14.10 15.09 -24.36
N VAL K 73 -13.74 16.27 -24.86
CA VAL K 73 -13.88 17.53 -24.12
C VAL K 73 -15.34 18.02 -24.18
N GLU K 74 -16.08 17.43 -25.11
CA GLU K 74 -17.45 17.86 -25.34
C GLU K 74 -18.43 16.74 -25.08
N ASP K 75 -18.02 15.54 -24.76
CA ASP K 75 -18.96 14.43 -24.53
C ASP K 75 -18.23 13.28 -23.86
N SER K 76 -19.03 12.38 -23.31
CA SER K 76 -18.51 11.16 -22.65
C SER K 76 -18.84 9.91 -23.49
N SER K 77 -19.59 10.12 -24.57
CA SER K 77 -19.98 9.03 -25.50
C SER K 77 -18.87 8.60 -26.45
N GLU K 78 -17.73 9.29 -26.44
CA GLU K 78 -16.59 8.96 -27.33
C GLU K 78 -16.11 7.52 -27.11
N THR K 79 -16.09 7.11 -25.84
CA THR K 79 -15.65 5.76 -25.47
C THR K 79 -16.58 4.68 -26.05
N SER K 80 -17.87 5.01 -26.11
CA SER K 80 -18.91 4.12 -26.65
C SER K 80 -18.71 3.89 -28.15
N LYS K 81 -19.11 2.71 -28.60
CA LYS K 81 -18.96 2.31 -30.02
C LYS K 81 -20.22 1.62 -30.56
N THR K 82 -20.35 1.65 -31.88
CA THR K 82 -21.46 1.00 -32.58
C THR K 82 -20.97 0.10 -33.72
N ASN K 83 -21.86 -0.66 -34.35
CA ASN K 83 -21.53 -1.72 -35.34
C ASN K 83 -21.91 -1.32 -36.79
N LEU K 84 -21.20 -0.34 -37.30
CA LEU K 84 -21.79 1.00 -37.56
C LEU K 84 -20.73 2.05 -37.24
N ILE K 85 -19.85 1.70 -36.31
CA ILE K 85 -18.75 2.55 -35.84
C ILE K 85 -17.95 3.12 -37.02
N HIS K 86 -17.46 2.19 -37.84
CA HIS K 86 -16.60 2.54 -38.97
C HIS K 86 -17.42 3.26 -40.04
N LYS K 87 -18.64 2.78 -40.29
CA LYS K 87 -19.51 3.40 -41.31
C LYS K 87 -19.85 4.84 -40.98
N LEU K 88 -20.01 5.12 -39.69
CA LEU K 88 -20.25 6.49 -39.22
C LEU K 88 -19.02 7.36 -39.35
N ALA K 89 -17.88 6.76 -39.03
CA ALA K 89 -16.58 7.43 -39.13
C ALA K 89 -16.31 7.86 -40.58
N ALA K 90 -16.69 7.01 -41.52
CA ALA K 90 -16.49 7.29 -42.96
C ALA K 90 -17.33 8.50 -43.40
N TYR K 91 -18.55 8.56 -42.88
CA TYR K 91 -19.49 9.62 -43.24
C TYR K 91 -19.04 10.93 -42.68
N THR K 92 -18.54 10.91 -41.45
CA THR K 92 -18.06 12.12 -40.77
C THR K 92 -16.75 12.63 -41.36
N ALA K 93 -15.91 11.71 -41.80
CA ALA K 93 -14.64 12.05 -42.44
C ALA K 93 -14.91 12.69 -43.81
N ILE K 94 -15.88 12.16 -44.54
CA ILE K 94 -16.28 12.74 -45.83
C ILE K 94 -16.88 14.12 -45.62
N THR K 95 -17.64 14.25 -44.55
CA THR K 95 -18.35 15.51 -44.23
C THR K 95 -17.37 16.63 -43.95
N GLN K 96 -16.36 16.29 -43.15
CA GLN K 96 -15.36 17.28 -42.74
C GLN K 96 -14.56 17.66 -43.98
N VAL K 97 -14.28 18.96 -44.09
CA VAL K 97 -13.46 19.46 -45.22
C VAL K 97 -14.24 19.26 -46.55
N LEU K 98 -15.54 19.47 -46.50
CA LEU K 98 -16.37 19.29 -47.70
C LEU K 98 -17.31 20.47 -47.87
N ASP K 99 -16.78 21.51 -48.49
CA ASP K 99 -17.56 22.73 -48.77
C ASP K 99 -17.29 23.25 -50.18
N SER K 100 -18.29 23.18 -51.02
CA SER K 100 -18.11 23.71 -52.38
C SER K 100 -18.23 25.25 -52.33
N ASN K 101 -19.40 25.84 -52.05
CA ASN K 101 -20.74 25.50 -52.58
C ASN K 101 -21.49 24.36 -51.86
N LYS K 102 -22.79 24.44 -52.05
CA LYS K 102 -23.74 23.48 -51.44
C LYS K 102 -23.57 22.06 -52.00
N ASN K 103 -23.50 21.98 -53.33
CA ASN K 103 -23.34 20.68 -54.02
C ASN K 103 -21.85 20.43 -54.25
N ASN K 104 -21.36 19.39 -53.60
CA ASN K 104 -19.95 19.01 -53.66
C ASN K 104 -19.78 17.67 -54.38
N LYS K 105 -19.29 17.78 -55.61
CA LYS K 105 -19.02 16.60 -56.44
C LYS K 105 -17.54 16.25 -56.28
N VAL K 106 -17.30 14.98 -55.96
CA VAL K 106 -15.91 14.54 -55.72
C VAL K 106 -15.62 13.17 -56.36
N GLN K 107 -14.36 12.85 -56.18
CA GLN K 107 -13.77 11.55 -56.44
C GLN K 107 -13.03 11.22 -55.15
N LEU K 108 -13.13 9.98 -54.71
CA LEU K 108 -12.49 9.58 -53.44
C LEU K 108 -11.35 8.60 -53.71
N VAL K 109 -10.20 8.98 -53.20
CA VAL K 109 -9.05 8.10 -53.23
C VAL K 109 -8.69 7.70 -51.79
N LEU K 110 -8.56 6.40 -51.62
CA LEU K 110 -8.19 5.84 -50.32
C LEU K 110 -7.43 4.52 -50.50
N ALA K 111 -6.96 3.98 -49.38
CA ALA K 111 -6.24 2.71 -49.32
C ALA K 111 -6.80 1.74 -48.28
N CYS K 112 -6.33 0.52 -48.36
CA CYS K 112 -6.72 -0.52 -47.40
C CYS K 112 -5.56 -1.49 -47.27
N PRO K 113 -5.55 -2.28 -46.18
CA PRO K 113 -4.48 -3.27 -45.93
C PRO K 113 -4.26 -4.09 -47.20
N LEU K 114 -2.99 -4.36 -47.48
CA LEU K 114 -2.61 -5.09 -48.71
C LEU K 114 -3.29 -6.46 -48.81
N SER K 115 -3.51 -7.07 -47.65
CA SER K 115 -4.07 -8.42 -47.57
C SER K 115 -5.56 -8.52 -47.96
N VAL K 116 -6.22 -7.38 -47.99
CA VAL K 116 -7.65 -7.33 -48.33
C VAL K 116 -7.93 -6.68 -49.69
N LEU K 117 -6.91 -6.05 -50.24
CA LEU K 117 -7.02 -5.29 -51.48
C LEU K 117 -7.29 -6.19 -52.70
N ARG K 118 -8.47 -6.79 -52.77
CA ARG K 118 -8.88 -7.66 -53.89
C ARG K 118 -10.03 -8.59 -53.49
N ASN K 119 -10.17 -8.77 -52.18
CA ASN K 119 -11.20 -9.66 -51.61
C ASN K 119 -12.59 -9.00 -51.69
N ALA K 120 -13.54 -9.60 -50.99
CA ALA K 120 -14.90 -9.08 -50.81
C ALA K 120 -14.89 -7.82 -49.93
N LYS K 121 -13.84 -7.63 -49.16
CA LYS K 121 -13.74 -6.44 -48.30
C LYS K 121 -12.53 -5.63 -48.73
N ALA K 122 -12.62 -4.32 -48.48
CA ALA K 122 -11.63 -3.34 -48.96
C ALA K 122 -11.44 -3.41 -50.47
N LYS K 123 -12.46 -3.98 -51.10
CA LYS K 123 -12.52 -4.11 -52.56
C LYS K 123 -13.97 -4.09 -53.08
N GLU K 124 -14.90 -4.67 -52.34
CA GLU K 124 -16.30 -4.54 -52.75
C GLU K 124 -17.18 -3.83 -51.73
N GLU K 125 -17.07 -4.21 -50.45
CA GLU K 125 -17.89 -3.60 -49.40
C GLU K 125 -17.39 -2.21 -49.06
N TYR K 126 -16.09 -1.99 -49.05
CA TYR K 126 -15.53 -0.66 -48.77
C TYR K 126 -15.86 0.35 -49.88
N ARG K 127 -15.75 -0.13 -51.12
CA ARG K 127 -16.10 0.67 -52.30
C ARG K 127 -17.59 1.03 -52.32
N ASP K 128 -18.40 0.14 -51.78
CA ASP K 128 -19.85 0.35 -51.70
C ASP K 128 -20.20 1.43 -50.67
N TYR K 129 -19.39 1.50 -49.62
CA TYR K 129 -19.59 2.49 -48.55
C TYR K 129 -19.24 3.87 -49.08
N ILE K 130 -18.17 3.91 -49.86
CA ILE K 130 -17.63 5.17 -50.40
C ILE K 130 -18.44 5.69 -51.59
N LYS K 131 -18.79 4.74 -52.46
CA LYS K 131 -19.54 4.91 -53.70
C LYS K 131 -21.04 5.22 -53.53
N GLY K 132 -21.43 6.42 -53.02
CA GLY K 132 -22.84 6.88 -53.00
C GLY K 132 -22.93 8.37 -52.66
N ASN K 133 -24.06 8.93 -53.07
CA ASN K 133 -24.42 10.31 -52.72
C ASN K 133 -24.99 10.34 -51.30
N GLY K 134 -24.83 11.48 -50.65
CA GLY K 134 -25.36 11.66 -49.29
C GLY K 134 -25.45 13.14 -48.92
N GLU K 135 -26.43 13.41 -48.07
CA GLU K 135 -26.64 14.75 -47.52
C GLU K 135 -26.08 14.74 -46.10
N ILE K 136 -25.12 15.62 -45.89
CA ILE K 136 -24.48 15.75 -44.58
C ILE K 136 -24.58 17.21 -44.15
N THR K 137 -24.93 17.38 -42.89
CA THR K 137 -24.94 18.70 -42.26
C THR K 137 -23.59 18.93 -41.57
N VAL K 138 -23.30 20.19 -41.31
CA VAL K 138 -22.02 20.56 -40.67
C VAL K 138 -22.26 21.08 -39.27
N LYS K 139 -23.18 22.01 -39.18
CA LYS K 139 -23.52 22.60 -37.89
C LYS K 139 -24.98 22.28 -37.54
N VAL K 140 -25.27 22.17 -36.27
CA VAL K 140 -26.66 21.93 -35.80
C VAL K 140 -27.62 23.03 -36.31
N ASP K 141 -27.06 24.23 -36.47
CA ASP K 141 -27.82 25.36 -37.00
C ASP K 141 -27.40 25.67 -38.44
N ASP K 142 -26.71 24.72 -39.08
CA ASP K 142 -26.15 24.79 -40.44
C ASP K 142 -25.65 23.38 -40.76
N LYS K 143 -24.55 23.19 -41.48
CA LYS K 143 -24.44 23.67 -42.85
C LYS K 143 -24.57 22.44 -43.75
N GLU K 144 -25.68 22.39 -44.46
CA GLU K 144 -25.97 21.24 -45.33
C GLU K 144 -25.06 21.22 -46.57
N TYR K 145 -24.50 20.06 -46.82
CA TYR K 145 -23.73 19.80 -48.05
C TYR K 145 -24.27 18.55 -48.73
N SER K 146 -24.49 18.69 -50.03
CA SER K 146 -24.96 17.58 -50.86
C SER K 146 -23.75 17.01 -51.59
N PHE K 147 -23.42 15.78 -51.23
CA PHE K 147 -22.18 15.15 -51.71
C PHE K 147 -22.46 14.03 -52.70
N GLU K 148 -21.88 14.23 -53.85
CA GLU K 148 -21.92 13.25 -54.89
C GLU K 148 -20.57 12.68 -55.24
N ILE K 149 -20.53 11.37 -55.36
CA ILE K 149 -19.25 10.74 -55.66
C ILE K 149 -19.24 10.23 -57.10
N THR K 150 -18.31 10.75 -57.84
CA THR K 150 -18.23 10.46 -59.28
C THR K 150 -17.33 9.28 -59.59
N ASP K 151 -16.53 8.86 -58.60
CA ASP K 151 -15.62 7.71 -58.74
C ASP K 151 -14.91 7.44 -57.40
N ILE K 152 -14.34 6.25 -57.33
CA ILE K 152 -13.57 5.83 -56.15
C ILE K 152 -12.36 5.03 -56.59
N THR K 153 -11.27 5.17 -55.85
CA THR K 153 -9.99 4.52 -56.21
C THR K 153 -9.27 4.08 -54.97
N ILE K 154 -9.14 2.77 -54.88
CA ILE K 154 -8.54 2.14 -53.69
C ILE K 154 -7.28 1.38 -54.10
N LYS K 155 -6.23 1.60 -53.33
CA LYS K 155 -4.97 0.89 -53.49
C LYS K 155 -4.47 0.39 -52.12
N ALA K 156 -3.37 -0.36 -52.14
CA ALA K 156 -2.77 -0.92 -50.93
C ALA K 156 -2.15 0.26 -50.22
N GLU K 157 -2.30 0.26 -48.90
CA GLU K 157 -1.85 1.41 -48.09
C GLU K 157 -0.40 1.85 -48.36
N GLY K 158 0.49 0.84 -48.41
CA GLY K 158 1.93 1.08 -48.68
C GLY K 158 2.11 1.78 -50.03
N SER K 159 1.19 1.61 -50.95
CA SER K 159 1.31 2.25 -52.26
C SER K 159 1.13 3.77 -52.20
N GLY K 160 0.32 4.24 -51.26
CA GLY K 160 0.10 5.69 -51.08
C GLY K 160 1.42 6.40 -50.71
N VAL K 161 2.18 5.72 -49.85
CA VAL K 161 3.49 6.21 -49.39
C VAL K 161 4.51 6.26 -50.54
N LEU K 162 4.59 5.17 -51.29
CA LEU K 162 5.47 5.09 -52.46
C LEU K 162 5.19 6.18 -53.48
N PHE K 163 3.90 6.46 -53.66
CA PHE K 163 3.43 7.41 -54.67
C PHE K 163 3.76 8.83 -54.26
N LEU K 164 3.66 9.07 -52.96
CA LEU K 164 3.91 10.40 -52.42
C LEU K 164 5.38 10.79 -52.62
N GLU K 165 6.27 9.84 -52.40
CA GLU K 165 7.71 10.06 -52.61
C GLU K 165 7.95 10.29 -54.12
N GLN K 166 8.94 11.11 -54.43
CA GLN K 166 9.36 11.42 -55.81
C GLN K 166 10.50 10.49 -56.27
N GLU K 167 10.11 9.31 -56.69
CA GLU K 167 11.06 8.28 -57.15
C GLU K 167 10.51 7.63 -58.40
N ASN K 168 11.45 7.25 -59.25
CA ASN K 168 11.10 6.50 -60.48
C ASN K 168 11.65 5.08 -60.34
N PHE K 169 10.95 4.11 -60.89
CA PHE K 169 10.00 3.32 -60.08
C PHE K 169 9.34 2.19 -60.87
N LYS K 170 9.17 2.41 -62.17
CA LYS K 170 8.53 1.41 -63.05
C LYS K 170 9.27 0.06 -63.06
N ASN K 171 10.60 0.13 -62.95
CA ASN K 171 11.45 -1.07 -63.00
C ASN K 171 12.48 -1.14 -61.87
N LYS K 172 12.07 -0.64 -60.71
CA LYS K 172 12.96 -0.59 -59.55
C LYS K 172 12.43 -1.45 -58.40
N ASN K 173 13.27 -1.64 -57.41
CA ASN K 173 12.92 -2.36 -56.18
C ASN K 173 12.95 -1.36 -55.02
N VAL K 174 11.80 -1.23 -54.37
CA VAL K 174 11.63 -0.28 -53.27
C VAL K 174 10.96 -1.00 -52.10
N ALA K 175 11.27 -0.55 -50.89
CA ALA K 175 10.59 -1.05 -49.71
C ALA K 175 10.12 0.11 -48.84
N VAL K 176 9.02 -0.15 -48.16
CA VAL K 176 8.42 0.81 -47.23
C VAL K 176 8.60 0.24 -45.83
N ILE K 177 9.39 0.96 -45.03
CA ILE K 177 9.67 0.55 -43.65
C ILE K 177 8.87 1.46 -42.71
N ASP K 178 7.80 0.88 -42.22
CA ASP K 178 6.79 1.62 -41.44
C ASP K 178 6.93 1.28 -39.95
N PHE K 179 7.49 2.23 -39.22
CA PHE K 179 7.57 2.10 -37.77
C PHE K 179 6.28 2.56 -37.08
N GLY K 180 5.41 1.58 -36.88
CA GLY K 180 4.11 1.79 -36.23
C GLY K 180 4.27 1.72 -34.70
N GLY K 181 3.14 2.02 -34.03
CA GLY K 181 3.04 1.97 -32.56
C GLY K 181 3.28 0.59 -31.97
N LEU K 182 2.68 -0.40 -32.61
CA LEU K 182 2.74 -1.78 -32.10
C LEU K 182 3.54 -2.73 -33.00
N ASN K 183 3.74 -2.35 -34.25
CA ASN K 183 4.48 -3.18 -35.22
C ASN K 183 5.34 -2.33 -36.15
N MET K 184 6.32 -2.99 -36.74
CA MET K 184 7.18 -2.39 -37.78
C MET K 184 7.05 -3.23 -39.06
N GLY K 185 6.39 -2.62 -40.05
CA GLY K 185 6.01 -3.34 -41.28
C GLY K 185 6.80 -2.93 -42.53
N PHE K 186 7.28 -3.96 -43.22
CA PHE K 186 8.14 -3.79 -44.40
C PHE K 186 7.41 -4.40 -45.58
N SER K 187 7.15 -3.54 -46.55
CA SER K 187 6.49 -3.93 -47.80
C SER K 187 7.42 -3.62 -48.97
N LEU K 188 7.74 -4.65 -49.74
CA LEU K 188 8.69 -4.52 -50.85
C LEU K 188 7.92 -4.60 -52.17
N TYR K 189 8.33 -3.70 -53.07
CA TYR K 189 7.77 -3.59 -54.42
C TYR K 189 8.90 -3.74 -55.46
N ARG K 190 8.57 -4.46 -56.51
CA ARG K 190 9.49 -4.65 -57.64
C ARG K 190 8.71 -4.45 -58.93
N ASN K 191 9.11 -3.45 -59.70
CA ASN K 191 8.44 -3.12 -60.98
C ASN K 191 6.98 -2.80 -60.72
N CYS K 192 6.75 -1.99 -59.68
CA CYS K 192 5.42 -1.48 -59.26
C CYS K 192 4.46 -2.56 -58.71
N VAL K 193 4.99 -3.73 -58.37
CA VAL K 193 4.16 -4.80 -57.81
C VAL K 193 4.76 -5.26 -56.48
N VAL K 194 3.88 -5.33 -55.49
CA VAL K 194 4.26 -5.83 -54.17
C VAL K 194 4.78 -7.27 -54.27
N ASN K 195 5.86 -7.53 -53.53
CA ASN K 195 6.48 -8.84 -53.48
C ASN K 195 6.29 -9.40 -52.06
N PRO K 196 5.26 -10.24 -51.90
CA PRO K 196 4.90 -10.85 -50.60
C PRO K 196 6.03 -11.65 -49.97
N SER K 197 6.79 -12.33 -50.83
CA SER K 197 7.95 -13.12 -50.40
C SER K 197 9.05 -12.26 -49.75
N GLU K 198 9.02 -10.96 -50.04
CA GLU K 198 10.05 -10.03 -49.53
C GLU K 198 9.46 -8.94 -48.62
N ARG K 199 8.28 -9.22 -48.09
CA ARG K 199 7.62 -8.34 -47.12
C ARG K 199 7.43 -9.11 -45.81
N PHE K 200 7.37 -8.37 -44.72
CA PHE K 200 7.27 -8.98 -43.38
C PHE K 200 6.94 -7.94 -42.32
N ILE K 201 6.54 -8.46 -41.17
CA ILE K 201 6.18 -7.65 -40.01
C ILE K 201 6.98 -8.10 -38.79
N GLU K 202 7.38 -7.11 -38.01
CA GLU K 202 8.00 -7.39 -36.71
C GLU K 202 7.05 -6.85 -35.65
N GLU K 203 6.74 -7.74 -34.71
CA GLU K 203 5.70 -7.49 -33.70
C GLU K 203 6.18 -6.53 -32.60
N HIS K 204 6.99 -5.57 -32.92
CA HIS K 204 7.44 -4.57 -31.92
C HIS K 204 7.31 -3.21 -32.57
N GLY K 205 6.85 -2.26 -31.76
CA GLY K 205 6.61 -0.89 -32.26
C GLY K 205 7.30 0.14 -31.39
N VAL K 206 6.84 1.38 -31.53
CA VAL K 206 7.33 2.51 -30.73
C VAL K 206 6.99 2.33 -29.24
N LYS K 207 5.80 1.78 -29.00
CA LYS K 207 5.34 1.53 -27.63
C LYS K 207 6.31 0.58 -26.93
N ASP K 208 6.74 -0.45 -27.65
CA ASP K 208 7.77 -1.38 -27.16
C ASP K 208 9.13 -0.71 -26.96
N LEU K 209 9.41 0.22 -27.84
CA LEU K 209 10.66 0.97 -27.80
C LEU K 209 10.77 1.79 -26.52
N ILE K 210 9.81 2.70 -26.35
CA ILE K 210 9.74 3.60 -25.20
C ILE K 210 9.63 2.81 -23.89
N ILE K 211 8.98 1.65 -23.99
CA ILE K 211 8.79 0.74 -22.87
C ILE K 211 10.07 0.13 -22.34
N ARG K 212 10.80 -0.33 -23.34
CA ARG K 212 12.07 -1.02 -23.12
C ARG K 212 13.09 -0.01 -22.55
N VAL K 213 12.90 1.26 -22.90
CA VAL K 213 13.79 2.33 -22.43
C VAL K 213 13.41 2.75 -21.01
N GLY K 214 12.11 3.00 -20.82
CA GLY K 214 11.58 3.42 -19.51
C GLY K 214 11.93 2.42 -18.43
N ASP K 215 12.09 1.16 -18.85
CA ASP K 215 12.44 0.05 -17.94
C ASP K 215 11.35 -0.10 -16.86
N ALA K 216 10.12 0.18 -17.24
CA ALA K 216 8.97 0.08 -16.34
C ALA K 216 7.69 0.00 -17.15
N LEU K 217 6.74 -0.77 -16.62
CA LEU K 217 5.45 -1.00 -17.29
C LEU K 217 4.68 0.32 -17.45
N THR K 218 4.80 1.15 -16.44
CA THR K 218 4.20 2.49 -16.50
C THR K 218 5.38 3.36 -16.65
N ASP K 219 5.12 4.65 -16.54
CA ASP K 219 6.30 5.38 -16.33
C ASP K 219 7.12 5.81 -17.57
N LEU K 220 6.39 5.82 -18.69
CA LEU K 220 7.05 5.92 -19.96
C LEU K 220 6.55 7.07 -20.71
N ASN K 221 5.41 7.13 -21.39
CA ASN K 221 4.84 8.43 -21.83
C ASN K 221 5.74 9.57 -21.37
N ASN K 222 5.82 10.65 -22.04
CA ASN K 222 6.75 11.69 -21.60
C ASN K 222 6.60 12.19 -20.15
N GLY K 223 5.45 11.83 -19.57
CA GLY K 223 5.19 11.99 -18.14
C GLY K 223 4.53 10.72 -17.62
N ASN K 224 5.31 9.93 -16.96
CA ASN K 224 4.75 8.72 -16.39
C ASN K 224 4.10 8.86 -15.02
N LEU K 225 4.66 9.77 -14.24
CA LEU K 225 4.10 10.17 -12.96
C LEU K 225 4.07 11.69 -12.96
N ILE K 226 2.87 12.23 -12.83
CA ILE K 226 2.67 13.70 -12.90
C ILE K 226 3.38 14.43 -11.76
N THR K 227 3.54 13.75 -10.63
CA THR K 227 4.24 14.34 -9.47
C THR K 227 5.76 14.42 -9.65
N ASN K 228 6.22 14.23 -10.89
CA ASN K 228 7.62 14.42 -11.25
C ASN K 228 7.72 15.63 -12.17
N GLU K 229 8.77 16.42 -11.95
CA GLU K 229 9.00 17.64 -12.73
C GLU K 229 9.11 17.30 -14.22
N GLN K 230 8.69 18.26 -15.05
CA GLN K 230 8.74 18.11 -16.52
C GLN K 230 10.15 17.69 -16.92
N ALA K 231 10.26 16.52 -17.55
CA ALA K 231 11.52 15.92 -18.05
C ALA K 231 11.86 14.64 -17.30
N GLU K 232 11.46 14.58 -16.04
CA GLU K 232 11.68 13.39 -15.21
C GLU K 232 10.65 12.36 -15.62
N SER K 233 11.19 11.13 -15.78
CA SER K 233 10.43 9.94 -16.13
C SER K 233 9.70 10.15 -17.45
N ALA K 234 10.53 10.57 -18.41
CA ALA K 234 10.20 10.75 -19.82
C ALA K 234 9.38 9.54 -20.32
N LEU K 235 9.45 9.09 -21.56
CA LEU K 235 10.50 9.25 -22.56
C LEU K 235 10.04 10.00 -23.77
N ASN K 236 8.83 9.66 -24.19
CA ASN K 236 8.27 10.22 -25.42
C ASN K 236 8.34 11.75 -25.43
N ASN K 237 8.30 12.36 -24.25
CA ASN K 237 8.51 13.81 -24.18
C ASN K 237 9.80 14.12 -23.50
N GLY K 238 10.60 14.45 -24.48
CA GLY K 238 11.95 14.88 -24.19
C GLY K 238 12.93 13.83 -24.70
N TYR K 239 14.07 14.34 -25.16
CA TYR K 239 15.17 13.50 -25.65
C TYR K 239 16.26 13.44 -24.58
N MET K 240 17.46 13.87 -24.94
CA MET K 240 18.59 13.95 -24.01
C MET K 240 18.70 15.41 -23.54
N LYS K 241 17.75 15.78 -22.69
CA LYS K 241 17.61 17.18 -22.26
C LYS K 241 18.00 17.42 -20.80
N LYS K 242 18.64 16.43 -20.18
CA LYS K 242 19.12 16.56 -18.79
C LYS K 242 20.55 17.09 -18.80
N GLY K 243 20.64 18.42 -18.60
CA GLY K 243 21.93 19.14 -18.65
C GLY K 243 22.78 18.95 -17.39
N GLY K 244 22.45 17.91 -16.62
CA GLY K 244 23.20 17.54 -15.41
C GLY K 244 24.22 16.49 -15.83
N GLU K 245 25.46 16.93 -16.00
CA GLU K 245 26.56 16.06 -16.48
C GLU K 245 26.76 14.81 -15.61
N ILE K 246 26.18 14.83 -14.42
CA ILE K 246 26.27 13.71 -13.45
C ILE K 246 25.27 12.58 -13.73
N ASP K 247 24.14 12.92 -14.32
CA ASP K 247 23.08 11.92 -14.59
C ASP K 247 23.59 10.83 -15.54
N THR K 248 23.17 9.61 -15.25
CA THR K 248 23.58 8.45 -16.07
C THR K 248 22.41 7.77 -16.77
N GLU K 249 21.20 8.26 -16.54
CA GLU K 249 20.02 7.81 -17.28
C GLU K 249 20.21 8.16 -18.76
N SER K 250 19.49 7.46 -19.64
CA SER K 250 19.53 7.77 -21.08
C SER K 250 19.43 9.29 -21.30
N SER K 251 19.96 9.89 -22.36
CA SER K 251 20.54 9.40 -23.64
C SER K 251 21.19 8.03 -23.84
N THR K 252 21.93 7.54 -22.88
CA THR K 252 22.67 6.28 -23.08
C THR K 252 21.74 5.10 -23.42
N VAL K 253 20.59 5.07 -22.74
CA VAL K 253 19.60 3.99 -22.93
C VAL K 253 19.01 4.06 -24.34
N ILE K 254 18.61 5.26 -24.74
CA ILE K 254 17.99 5.48 -26.07
C ILE K 254 18.84 4.85 -27.19
N LYS K 255 20.10 5.25 -27.26
CA LYS K 255 21.02 4.78 -28.31
C LYS K 255 21.21 3.28 -28.23
N LYS K 256 21.07 2.73 -27.03
CA LYS K 256 21.20 1.28 -26.79
C LYS K 256 20.03 0.46 -27.30
N VAL K 257 18.84 0.95 -26.98
CA VAL K 257 17.60 0.29 -27.43
C VAL K 257 17.48 0.39 -28.96
N LYS K 258 17.69 1.61 -29.45
CA LYS K 258 17.58 1.91 -30.88
C LYS K 258 18.67 1.17 -31.67
N GLU K 259 19.81 0.96 -31.03
CA GLU K 259 20.94 0.26 -31.66
C GLU K 259 20.55 -1.17 -32.00
N LYS K 260 19.86 -1.81 -31.05
CA LYS K 260 19.38 -3.19 -31.21
C LYS K 260 18.19 -3.28 -32.19
N PHE K 261 17.35 -2.25 -32.14
CA PHE K 261 16.16 -2.20 -33.01
C PHE K 261 16.57 -2.10 -34.48
N LEU K 262 17.55 -1.24 -34.74
CA LEU K 262 18.07 -1.03 -36.09
C LEU K 262 18.84 -2.23 -36.63
N LYS K 263 19.58 -2.87 -35.72
CA LYS K 263 20.36 -4.06 -36.09
C LYS K 263 19.42 -5.22 -36.43
N ASP K 264 18.31 -5.32 -35.72
CA ASP K 264 17.32 -6.38 -35.97
C ASP K 264 16.60 -6.12 -37.30
N ALA K 265 16.24 -4.86 -37.55
CA ALA K 265 15.49 -4.50 -38.75
C ALA K 265 16.30 -4.74 -40.03
N ILE K 266 17.55 -4.27 -40.02
CA ILE K 266 18.43 -4.40 -41.20
C ILE K 266 18.86 -5.85 -41.42
N LYS K 267 18.98 -6.60 -40.32
CA LYS K 267 19.37 -8.01 -40.38
C LYS K 267 18.28 -8.83 -41.05
N LEU K 268 17.03 -8.49 -40.74
CA LEU K 268 15.86 -9.14 -41.36
C LEU K 268 15.75 -8.77 -42.84
N ILE K 269 16.12 -7.53 -43.14
CA ILE K 269 16.11 -7.03 -44.52
C ILE K 269 17.04 -7.85 -45.40
N GLU K 270 18.24 -8.04 -44.89
CA GLU K 270 19.28 -8.74 -45.66
C GLU K 270 18.93 -10.24 -45.82
N LYS K 271 18.20 -10.77 -44.84
CA LYS K 271 17.75 -12.17 -44.90
C LYS K 271 16.61 -12.36 -45.91
N ARG K 272 15.62 -11.47 -45.84
CA ARG K 272 14.41 -11.62 -46.67
C ARG K 272 14.51 -10.86 -48.00
N GLY K 273 14.78 -9.55 -47.87
CA GLY K 273 14.84 -8.62 -49.01
C GLY K 273 15.99 -8.95 -49.93
N PHE K 274 17.21 -9.12 -49.36
CA PHE K 274 18.50 -9.43 -50.03
C PHE K 274 19.56 -8.35 -49.80
N LYS K 275 20.55 -8.32 -50.69
CA LYS K 275 21.64 -7.35 -50.65
C LYS K 275 21.05 -5.95 -50.66
N LEU K 276 21.37 -5.18 -49.63
CA LEU K 276 20.87 -3.79 -49.51
C LEU K 276 21.21 -2.92 -50.72
N ASP K 277 22.15 -3.42 -51.53
CA ASP K 277 22.56 -2.72 -52.77
C ASP K 277 21.58 -2.95 -53.92
N GLN K 278 20.81 -4.02 -53.86
CA GLN K 278 19.82 -4.31 -54.90
C GLN K 278 18.52 -3.49 -54.71
N LEU K 279 18.45 -2.78 -53.59
CA LEU K 279 17.30 -1.93 -53.27
C LEU K 279 17.60 -0.51 -53.73
N ASP K 280 16.65 0.06 -54.46
CA ASP K 280 16.78 1.41 -55.01
C ASP K 280 16.50 2.49 -53.96
N SER K 281 15.57 2.17 -53.06
CA SER K 281 15.19 3.09 -51.98
C SER K 281 14.32 2.37 -50.95
N LEU K 282 14.50 2.81 -49.72
CA LEU K 282 13.69 2.33 -48.59
C LEU K 282 13.07 3.55 -47.91
N ILE K 283 11.78 3.71 -48.10
CA ILE K 283 11.04 4.85 -47.54
C ILE K 283 10.75 4.53 -46.07
N PHE K 284 11.09 5.48 -45.23
CA PHE K 284 10.96 5.30 -43.78
C PHE K 284 9.75 6.08 -43.34
N ILE K 285 8.73 5.40 -42.91
CA ILE K 285 7.43 6.04 -42.55
C ILE K 285 6.92 5.47 -41.22
N GLY K 286 5.85 6.10 -40.74
CA GLY K 286 5.25 5.71 -39.45
C GLY K 286 5.63 6.73 -38.38
N GLY K 287 4.95 6.60 -37.25
CA GLY K 287 5.17 7.50 -36.09
C GLY K 287 6.63 7.50 -35.63
N THR K 288 7.29 6.35 -35.80
CA THR K 288 8.69 6.20 -35.35
C THR K 288 9.71 6.71 -36.37
N THR K 289 9.29 7.05 -37.58
CA THR K 289 10.26 7.46 -38.58
C THR K 289 11.20 8.57 -38.11
N GLN K 290 10.59 9.63 -37.58
CA GLN K 290 11.38 10.78 -37.11
C GLN K 290 12.42 10.37 -36.06
N LYS K 291 12.10 9.30 -35.32
CA LYS K 291 12.98 8.81 -34.25
C LYS K 291 14.20 8.04 -34.77
N LEU K 292 14.02 7.28 -35.85
CA LEU K 292 15.07 6.38 -36.35
C LEU K 292 15.74 6.77 -37.65
N LYS K 293 15.14 7.70 -38.39
CA LYS K 293 15.66 8.07 -39.71
C LYS K 293 17.14 8.48 -39.67
N GLU K 294 17.54 9.18 -38.63
CA GLU K 294 18.93 9.65 -38.52
C GLU K 294 19.94 8.49 -38.44
N GLN K 295 19.66 7.58 -37.52
CA GLN K 295 20.58 6.44 -37.32
C GLN K 295 20.62 5.49 -38.49
N ILE K 296 19.48 5.32 -39.13
CA ILE K 296 19.46 4.48 -40.32
C ILE K 296 20.32 5.04 -41.46
N SER K 297 20.25 6.35 -41.62
CA SER K 297 20.99 7.04 -42.69
C SER K 297 22.50 6.84 -42.53
N LYS K 298 22.93 6.69 -41.27
CA LYS K 298 24.33 6.43 -40.96
C LYS K 298 24.68 4.94 -41.04
N THR K 299 23.65 4.10 -40.88
CA THR K 299 23.79 2.64 -40.99
C THR K 299 24.14 2.26 -42.43
N TYR K 300 23.38 2.84 -43.36
CA TYR K 300 23.58 2.63 -44.81
C TYR K 300 23.39 3.96 -45.55
N PRO K 301 24.38 4.31 -46.38
CA PRO K 301 24.37 5.53 -47.21
C PRO K 301 23.58 5.33 -48.51
N ASN K 302 22.93 6.43 -48.93
CA ASN K 302 22.22 6.52 -50.22
C ASN K 302 21.09 5.51 -50.45
N ASN K 303 20.38 5.12 -49.40
CA ASN K 303 19.25 4.19 -49.60
C ASN K 303 17.95 4.63 -48.91
N SER K 304 18.09 5.11 -47.67
CA SER K 304 16.91 5.53 -46.89
C SER K 304 16.46 6.94 -47.27
N ILE K 305 15.15 7.10 -47.28
CA ILE K 305 14.52 8.40 -47.60
C ILE K 305 13.31 8.58 -46.69
N ILE K 306 13.08 9.83 -46.32
CA ILE K 306 11.93 10.22 -45.51
C ILE K 306 11.22 11.41 -46.16
N THR K 307 9.91 11.47 -45.94
CA THR K 307 9.10 12.61 -46.40
C THR K 307 8.66 13.40 -45.16
N ASN K 308 8.51 14.71 -45.34
CA ASN K 308 8.00 15.58 -44.26
C ASN K 308 6.54 15.24 -43.98
N ASN K 309 6.16 15.38 -42.71
CA ASN K 309 4.80 15.04 -42.25
C ASN K 309 4.43 13.64 -42.74
N SER K 310 5.17 12.65 -42.22
CA SER K 310 4.97 11.24 -42.59
C SER K 310 3.52 10.79 -42.39
N GLN K 311 2.86 11.42 -41.43
CA GLN K 311 1.44 11.12 -41.16
C GLN K 311 0.50 11.33 -42.36
N TRP K 312 0.85 12.28 -43.23
CA TRP K 312 0.05 12.57 -44.42
C TRP K 312 0.64 11.95 -45.70
N THR K 313 1.59 11.04 -45.52
CA THR K 313 2.21 10.39 -46.68
C THR K 313 1.26 9.61 -47.59
N THR K 314 0.42 8.83 -46.95
CA THR K 314 -0.53 7.99 -47.66
C THR K 314 -1.53 8.86 -48.43
N CYS K 315 -2.09 9.83 -47.72
CA CYS K 315 -3.09 10.73 -48.30
C CYS K 315 -2.54 11.52 -49.50
N GLU K 316 -1.30 11.98 -49.38
CA GLU K 316 -0.72 12.75 -50.50
C GLU K 316 -0.49 11.84 -51.71
N GLY K 317 -0.28 10.55 -51.41
CA GLY K 317 -0.12 9.53 -52.45
C GLY K 317 -1.45 9.21 -53.14
N LEU K 318 -2.47 9.05 -52.31
CA LEU K 318 -3.82 8.77 -52.80
C LEU K 318 -4.37 9.96 -53.59
N TYR K 319 -4.07 11.16 -53.14
CA TYR K 319 -4.54 12.38 -53.81
C TYR K 319 -4.09 12.44 -55.28
N LYS K 320 -2.88 11.96 -55.53
CA LYS K 320 -2.31 11.96 -56.89
C LYS K 320 -3.08 11.00 -57.81
N VAL K 321 -3.45 9.85 -57.31
CA VAL K 321 -4.27 8.93 -58.11
C VAL K 321 -5.68 9.46 -58.31
N ALA K 322 -6.14 10.21 -57.32
CA ALA K 322 -7.48 10.76 -57.41
C ALA K 322 -7.58 11.92 -58.40
N VAL K 323 -6.47 12.63 -58.59
CA VAL K 323 -6.41 13.68 -59.63
C VAL K 323 -6.53 13.03 -61.02
N ALA K 324 -5.92 11.85 -61.15
CA ALA K 324 -5.96 11.07 -62.40
C ALA K 324 -7.37 10.53 -62.63
N LYS K 325 -8.02 10.16 -61.54
CA LYS K 325 -9.42 9.68 -61.59
C LYS K 325 -10.38 10.81 -61.93
N TYR K 326 -10.03 11.99 -61.44
CA TYR K 326 -10.81 13.21 -61.69
C TYR K 326 -10.77 13.57 -63.19
N CYS K 327 -9.60 13.40 -63.80
CA CYS K 327 -9.47 13.64 -65.25
C CYS K 327 -10.27 12.60 -66.04
N ILE K 328 -10.25 11.41 -65.63
N THR L 5 7.37 18.01 -102.87
CA THR L 5 6.68 17.74 -101.59
C THR L 5 7.54 18.08 -100.37
N ASN L 6 6.87 18.21 -99.23
CA ASN L 6 7.49 18.49 -97.94
C ASN L 6 7.39 17.24 -97.05
N GLU L 7 8.30 16.33 -97.28
CA GLU L 7 8.23 15.07 -96.55
C GLU L 7 9.50 14.98 -95.63
N TYR L 8 9.35 14.38 -94.48
CA TYR L 8 10.45 14.17 -93.51
C TYR L 8 10.68 12.67 -93.31
N VAL L 9 11.81 12.37 -92.68
CA VAL L 9 12.15 10.98 -92.39
C VAL L 9 12.16 10.79 -90.87
N MET L 10 11.34 9.84 -90.44
CA MET L 10 11.31 9.44 -89.03
C MET L 10 11.90 8.04 -88.91
N THR L 11 12.85 7.95 -88.01
CA THR L 11 13.50 6.67 -87.72
C THR L 11 13.19 6.28 -86.28
N LEU L 12 12.68 5.06 -86.15
CA LEU L 12 12.27 4.54 -84.86
C LEU L 12 12.88 3.17 -84.59
N ASP L 13 13.14 2.94 -83.31
CA ASP L 13 13.72 1.68 -82.83
C ASP L 13 13.02 1.28 -81.53
N ALA L 14 12.00 0.43 -81.67
CA ALA L 14 11.24 -0.09 -80.52
C ALA L 14 11.94 -1.33 -79.98
N GLY L 15 12.96 -1.09 -79.14
CA GLY L 15 13.83 -2.17 -78.66
C GLY L 15 13.46 -2.64 -77.27
N LYS L 16 14.36 -3.47 -76.73
CA LYS L 16 14.25 -4.06 -75.39
C LYS L 16 13.34 -3.25 -74.47
N TYR L 17 13.96 -2.35 -73.72
CA TYR L 17 13.26 -1.58 -72.67
C TYR L 17 13.23 -0.11 -73.01
N GLU L 18 13.84 0.28 -74.13
CA GLU L 18 13.84 1.67 -74.56
C GLU L 18 13.43 1.82 -76.03
N THR L 19 12.81 2.96 -76.30
CA THR L 19 12.43 3.35 -77.66
C THR L 19 13.29 4.54 -78.07
N LYS L 20 13.96 4.39 -79.20
CA LYS L 20 14.80 5.46 -79.77
C LYS L 20 14.12 6.02 -81.00
N LEU L 21 14.16 7.34 -81.10
CA LEU L 21 13.54 8.04 -82.24
C LEU L 21 14.42 9.20 -82.70
N ILE L 22 14.40 9.46 -84.00
CA ILE L 22 15.18 10.54 -84.60
C ILE L 22 14.46 11.14 -85.81
N GLY L 23 14.44 12.46 -85.83
CA GLY L 23 13.92 13.23 -86.97
C GLY L 23 14.86 14.40 -87.19
N LYS L 24 15.02 14.81 -88.43
CA LYS L 24 15.90 15.95 -88.76
C LYS L 24 15.41 17.26 -88.18
N ASN L 25 14.09 17.33 -88.03
CA ASN L 25 13.45 18.51 -87.43
C ASN L 25 13.73 18.62 -85.94
N LYS L 26 13.61 17.49 -85.25
CA LYS L 26 13.89 17.49 -83.82
C LYS L 26 15.38 17.63 -83.54
N LYS L 27 16.17 16.89 -84.29
CA LYS L 27 17.64 16.92 -84.13
C LYS L 27 18.16 18.36 -84.33
N GLY L 28 17.50 19.07 -85.25
CA GLY L 28 17.85 20.46 -85.59
C GLY L 28 17.62 21.45 -84.43
N THR L 29 16.69 21.11 -83.54
CA THR L 29 16.26 22.02 -82.46
C THR L 29 16.84 21.60 -81.11
N THR L 30 16.85 20.30 -80.84
CA THR L 30 17.36 19.78 -79.57
C THR L 30 18.71 19.11 -79.81
N GLU L 31 19.59 19.27 -78.83
CA GLU L 31 20.96 18.78 -78.96
C GLU L 31 21.13 17.36 -78.45
N ASP L 32 20.22 16.96 -77.60
CA ASP L 32 20.34 15.63 -77.04
C ASP L 32 20.32 14.62 -78.21
N ILE L 33 20.29 13.36 -77.84
CA ILE L 33 20.38 12.31 -78.84
C ILE L 33 19.11 11.65 -79.21
N LYS L 34 17.96 12.22 -79.25
CA LYS L 34 17.66 13.64 -79.15
C LYS L 34 17.42 14.48 -80.41
N ARG L 35 16.63 13.92 -81.35
CA ARG L 35 16.10 12.56 -81.34
C ARG L 35 15.37 12.36 -79.95
N VAL L 36 15.37 11.17 -79.44
CA VAL L 36 15.03 10.78 -78.05
C VAL L 36 15.20 9.27 -77.71
N ILE L 37 15.48 9.03 -76.44
CA ILE L 37 15.55 7.66 -75.91
C ILE L 37 14.80 7.65 -74.59
N PHE L 38 13.68 6.94 -74.60
CA PHE L 38 12.80 6.83 -73.44
C PHE L 38 12.45 5.37 -73.17
N LYS L 39 12.28 5.04 -71.89
CA LYS L 39 11.91 3.67 -71.49
C LYS L 39 10.58 3.30 -72.16
N THR L 40 10.49 2.04 -72.57
CA THR L 40 9.29 1.49 -73.23
C THR L 40 8.17 1.27 -72.19
N LYS L 41 7.72 2.38 -71.64
CA LYS L 41 6.62 2.41 -70.66
C LYS L 41 5.68 3.54 -71.04
N ILE L 42 4.42 3.35 -70.72
CA ILE L 42 3.40 4.35 -71.06
C ILE L 42 2.43 4.46 -69.87
N TYR L 43 1.92 5.66 -69.70
CA TYR L 43 0.93 5.92 -68.65
C TYR L 43 -0.26 6.69 -69.21
N ASN L 44 -1.19 7.00 -68.33
CA ASN L 44 -2.39 7.77 -68.68
C ASN L 44 -2.74 8.69 -67.54
N LEU L 45 -3.30 9.85 -67.90
CA LEU L 45 -3.63 10.86 -66.90
C LEU L 45 -5.10 10.79 -66.57
N GLU L 46 -5.37 10.24 -65.39
CA GLU L 46 -6.74 10.08 -64.90
C GLU L 46 -6.99 11.03 -63.72
N ASP L 47 -8.26 11.36 -63.55
CA ASP L 47 -8.70 12.30 -62.49
C ASP L 47 -8.37 11.76 -61.07
N GLY L 48 -8.15 10.45 -60.98
CA GLY L 48 -7.78 9.84 -59.68
C GLY L 48 -6.32 10.15 -59.28
N TYR L 49 -5.71 11.12 -59.95
CA TYR L 49 -4.31 11.49 -59.74
C TYR L 49 -4.08 12.93 -60.23
N ILE L 50 -2.93 13.47 -59.82
CA ILE L 50 -2.52 14.84 -60.15
C ILE L 50 -1.39 14.83 -61.19
N ASP L 51 -1.71 15.35 -62.36
CA ASP L 51 -0.70 15.51 -63.40
C ASP L 51 0.45 16.42 -63.03
N ILE L 52 1.61 16.16 -63.60
CA ILE L 52 2.83 16.96 -63.36
C ILE L 52 3.58 17.18 -64.69
N GLU L 53 4.32 18.27 -64.76
CA GLU L 53 5.17 18.54 -65.92
C GLU L 53 6.29 17.51 -66.09
N GLY L 54 6.68 17.36 -67.35
CA GLY L 54 7.71 16.38 -67.71
C GLY L 54 9.16 16.91 -67.63
N ASN L 55 10.13 16.06 -67.97
CA ASN L 55 10.34 15.52 -69.33
C ASN L 55 9.34 14.40 -69.68
N SER L 56 8.15 14.85 -70.06
CA SER L 56 7.02 13.97 -70.37
C SER L 56 5.93 14.82 -70.99
N HIS L 57 5.24 14.18 -71.93
CA HIS L 57 4.20 14.85 -72.71
C HIS L 57 2.87 14.11 -72.61
N LYS L 58 1.83 14.84 -72.96
CA LYS L 58 0.48 14.28 -73.02
C LYS L 58 0.07 14.17 -74.49
N ILE L 59 -0.50 13.03 -74.83
CA ILE L 59 -0.95 12.76 -76.20
C ILE L 59 -2.41 12.33 -76.21
N GLU L 60 -3.10 12.69 -77.28
CA GLU L 60 -4.50 12.33 -77.47
C GLU L 60 -4.58 11.18 -78.45
N LEU L 61 -5.02 10.06 -77.91
CA LEU L 61 -5.27 8.88 -78.73
C LEU L 61 -6.51 8.18 -78.16
N ASP L 62 -7.36 7.72 -79.08
CA ASP L 62 -8.65 7.11 -78.73
C ASP L 62 -9.49 8.19 -77.99
N GLY L 63 -9.92 7.85 -76.79
CA GLY L 63 -10.28 8.83 -75.74
C GLY L 63 -9.23 8.45 -74.68
N LYS L 64 -8.83 9.28 -73.68
CA LYS L 64 -7.58 9.05 -72.90
C LYS L 64 -6.47 9.97 -73.32
N GLU L 65 -5.88 10.50 -72.28
CA GLU L 65 -4.67 11.32 -72.43
C GLU L 65 -3.46 10.46 -72.04
N TYR L 66 -2.81 9.93 -73.07
CA TYR L 66 -1.65 9.07 -72.84
C TYR L 66 -0.47 9.90 -72.39
N LEU L 67 0.37 9.22 -71.66
CA LEU L 67 1.50 9.89 -71.09
C LEU L 67 2.76 9.07 -71.42
N ILE L 68 3.79 9.79 -71.85
CA ILE L 68 5.04 9.19 -72.36
C ILE L 68 6.20 10.18 -72.21
N GLY L 69 7.33 9.64 -71.79
CA GLY L 69 8.56 10.44 -71.65
C GLY L 69 8.93 10.59 -70.18
N GLU L 70 7.91 10.73 -69.33
CA GLU L 70 8.15 10.78 -67.87
C GLU L 70 8.51 9.37 -67.43
N GLN L 71 9.04 9.30 -66.23
CA GLN L 71 9.40 7.99 -65.65
C GLN L 71 8.38 7.53 -64.59
N GLY L 72 7.45 8.42 -64.28
CA GLY L 72 6.46 8.22 -63.21
C GLY L 72 6.65 9.26 -62.10
N VAL L 73 7.28 10.37 -62.49
CA VAL L 73 7.35 11.59 -61.65
C VAL L 73 6.02 12.36 -61.73
N GLU L 74 5.25 12.02 -62.75
CA GLU L 74 4.01 12.74 -63.00
C GLU L 74 2.80 11.82 -62.89
N ASP L 75 2.94 10.54 -62.66
CA ASP L 75 1.78 9.65 -62.57
C ASP L 75 2.22 8.32 -61.97
N SER L 76 1.22 7.57 -61.54
CA SER L 76 1.42 6.23 -60.97
C SER L 76 0.91 5.14 -61.93
N SER L 77 0.29 5.57 -63.02
CA SER L 77 -0.25 4.67 -64.06
C SER L 77 0.81 4.09 -64.99
N GLU L 78 2.06 4.52 -64.87
CA GLU L 78 3.16 4.03 -65.72
C GLU L 78 3.33 2.51 -65.61
N THR L 79 3.17 2.01 -64.38
CA THR L 79 3.30 0.56 -64.11
C THR L 79 2.21 -0.24 -64.83
N SER L 80 1.03 0.35 -64.92
CA SER L 80 -0.15 -0.25 -65.58
C SER L 80 0.12 -0.41 -67.10
N LYS L 81 -0.49 -1.43 -67.66
CA LYS L 81 -0.35 -1.75 -69.10
C LYS L 81 -1.68 -2.13 -69.75
N THR L 82 -1.70 -1.97 -71.07
CA THR L 82 -2.88 -2.31 -71.88
C THR L 82 -2.51 -3.20 -73.07
N ASN L 83 -3.50 -3.71 -73.80
CA ASN L 83 -3.31 -4.73 -74.87
C ASN L 83 -3.52 -4.16 -76.30
N LEU L 84 -2.59 -3.32 -76.69
CA LEU L 84 -2.88 -1.87 -76.85
C LEU L 84 -1.65 -1.08 -76.39
N ILE L 85 -0.93 -1.68 -75.46
CA ILE L 85 0.29 -1.11 -74.87
C ILE L 85 1.26 -0.64 -75.95
N HIS L 86 1.61 -1.57 -76.82
CA HIS L 86 2.59 -1.34 -77.88
C HIS L 86 2.01 -0.38 -78.92
N LYS L 87 0.74 -0.58 -79.25
CA LYS L 87 0.08 0.28 -80.27
C LYS L 87 0.02 1.74 -79.83
N LEU L 88 -0.17 1.95 -78.53
CA LEU L 88 -0.16 3.29 -77.95
C LEU L 88 1.23 3.90 -77.93
N ALA L 89 2.21 3.04 -77.63
CA ALA L 89 3.62 3.43 -77.60
C ALA L 89 4.08 3.91 -78.99
N ALA L 90 3.58 3.23 -80.03
CA ALA L 90 3.92 3.58 -81.42
C ALA L 90 3.38 4.97 -81.79
N TYR L 91 2.18 5.24 -81.32
CA TYR L 91 1.50 6.49 -81.65
C TYR L 91 2.16 7.63 -80.93
N THR L 92 2.57 7.42 -79.69
CA THR L 92 3.23 8.45 -78.89
C THR L 92 4.67 8.71 -79.37
N ALA L 93 5.32 7.67 -79.85
CA ALA L 93 6.68 7.79 -80.41
C ALA L 93 6.62 8.58 -81.71
N ILE L 94 5.62 8.31 -82.53
CA ILE L 94 5.43 9.06 -83.79
C ILE L 94 5.11 10.52 -83.49
N THR L 95 4.33 10.72 -82.44
CA THR L 95 3.87 12.08 -82.05
C THR L 95 5.04 12.93 -81.62
N GLN L 96 5.90 12.35 -80.81
CA GLN L 96 7.06 13.06 -80.27
C GLN L 96 7.99 13.36 -81.43
N VAL L 97 8.55 14.58 -81.41
CA VAL L 97 9.51 14.99 -82.45
C VAL L 97 8.79 15.06 -83.83
N LEU L 98 7.57 15.53 -83.83
CA LEU L 98 6.81 15.61 -85.08
C LEU L 98 6.13 16.97 -85.19
N ASP L 99 6.90 17.93 -85.69
CA ASP L 99 6.40 19.29 -85.90
C ASP L 99 6.86 19.86 -87.24
N SER L 100 5.92 20.06 -88.13
CA SER L 100 6.30 20.64 -89.43
C SER L 100 6.50 22.17 -89.24
N ASN L 101 5.46 22.96 -88.98
CA ASN L 101 4.11 22.94 -89.59
C ASN L 101 3.11 21.94 -89.01
N LYS L 102 1.85 22.30 -89.24
CA LYS L 102 0.70 21.52 -88.78
C LYS L 102 0.60 20.15 -89.45
N ASN L 103 0.74 20.15 -90.78
CA ASN L 103 0.69 18.91 -91.56
C ASN L 103 2.10 18.37 -91.75
N ASN L 104 2.32 17.20 -91.17
CA ASN L 104 3.63 16.54 -91.20
C ASN L 104 3.56 15.26 -92.03
N LYS L 105 4.15 15.35 -93.22
CA LYS L 105 4.23 14.21 -94.14
C LYS L 105 5.58 13.54 -93.93
N VAL L 106 5.55 12.24 -93.72
CA VAL L 106 6.79 11.50 -93.45
C VAL L 106 6.84 10.15 -94.18
N GLN L 107 8.00 9.56 -93.98
CA GLN L 107 8.32 8.19 -94.33
C GLN L 107 8.90 7.62 -93.03
N LEU L 108 8.51 6.39 -92.72
CA LEU L 108 8.98 5.77 -91.47
C LEU L 108 9.90 4.60 -91.76
N VAL L 109 11.07 4.69 -91.16
CA VAL L 109 12.02 3.60 -91.21
C VAL L 109 12.20 3.02 -89.80
N LEU L 110 12.05 1.71 -89.74
CA LEU L 110 12.21 0.99 -88.49
C LEU L 110 12.70 -0.44 -88.73
N ALA L 111 12.97 -1.15 -87.66
CA ALA L 111 13.41 -2.54 -87.67
C ALA L 111 12.60 -3.45 -86.74
N CYS L 112 12.82 -4.74 -86.90
CA CYS L 112 12.16 -5.74 -86.06
C CYS L 112 13.09 -6.94 -85.96
N PRO L 113 12.88 -7.79 -84.95
CA PRO L 113 13.69 -9.00 -84.73
C PRO L 113 13.83 -9.74 -86.06
N LEU L 114 15.03 -10.25 -86.31
CA LEU L 114 15.33 -10.95 -87.57
C LEU L 114 14.40 -12.13 -87.82
N SER L 115 13.98 -12.77 -86.74
CA SER L 115 13.15 -13.99 -86.81
C SER L 115 11.71 -13.73 -87.27
N VAL L 116 11.28 -12.49 -87.23
CA VAL L 116 9.93 -12.12 -87.64
C VAL L 116 9.87 -11.31 -88.94
N LEU L 117 11.03 -10.88 -89.38
CA LEU L 117 11.17 -10.02 -90.56
C LEU L 117 10.79 -10.74 -91.85
N ARG L 118 9.53 -11.09 -92.04
CA ARG L 118 9.01 -11.75 -93.26
C ARG L 118 7.69 -12.44 -92.99
N ASN L 119 7.42 -12.70 -91.71
CA ASN L 119 6.19 -13.38 -91.27
C ASN L 119 4.98 -12.45 -91.36
N ALA L 120 3.88 -12.89 -90.75
CA ALA L 120 2.65 -12.12 -90.59
C ALA L 120 2.86 -10.95 -89.60
N LYS L 121 3.87 -11.05 -88.77
CA LYS L 121 4.17 -9.99 -87.81
C LYS L 121 5.53 -9.41 -88.11
N ALA L 122 5.70 -8.13 -87.75
CA ALA L 122 6.89 -7.35 -88.09
C ALA L 122 7.16 -7.34 -89.60
N LYS L 123 6.09 -7.63 -90.33
CA LYS L 123 6.10 -7.62 -91.78
C LYS L 123 4.73 -7.28 -92.37
N GLU L 124 3.64 -7.71 -91.72
CA GLU L 124 2.32 -7.25 -92.19
C GLU L 124 1.54 -6.45 -91.15
N GLU L 125 1.50 -6.94 -89.92
CA GLU L 125 0.74 -6.26 -88.85
C GLU L 125 1.50 -5.04 -88.37
N TYR L 126 2.82 -5.09 -88.28
CA TYR L 126 3.62 -3.93 -87.85
C TYR L 126 3.57 -2.79 -88.89
N ARG L 127 3.67 -3.19 -90.16
CA ARG L 127 3.56 -2.24 -91.29
C ARG L 127 2.18 -1.58 -91.33
N ASP L 128 1.17 -2.33 -90.91
CA ASP L 128 -0.20 -1.82 -90.88
C ASP L 128 -0.40 -0.77 -89.78
N TYR L 129 0.34 -0.96 -88.69
CA TYR L 129 0.28 -0.03 -87.56
C TYR L 129 0.94 1.29 -87.94
N ILE L 130 2.04 1.16 -88.67
CA ILE L 130 2.87 2.31 -89.06
C ILE L 130 2.25 3.09 -90.24
N LYS L 131 1.77 2.29 -91.22
CA LYS L 131 1.16 2.71 -92.46
C LYS L 131 -0.26 3.31 -92.34
N GLY L 132 -0.42 4.52 -91.75
CA GLY L 132 -1.70 5.26 -91.75
C GLY L 132 -1.52 6.72 -91.29
N ASN L 133 -2.47 7.52 -91.70
CA ASN L 133 -2.57 8.93 -91.24
C ASN L 133 -3.21 8.96 -89.85
N GLY L 134 -2.87 9.99 -89.09
CA GLY L 134 -3.43 10.17 -87.75
C GLY L 134 -3.25 11.60 -87.27
N GLU L 135 -4.20 12.01 -86.43
CA GLU L 135 -4.17 13.33 -85.78
C GLU L 135 -3.72 13.08 -84.35
N ILE L 136 -2.61 13.72 -84.01
CA ILE L 136 -2.05 13.62 -82.67
C ILE L 136 -1.87 15.03 -82.12
N THR L 137 -2.28 15.17 -80.86
CA THR L 137 -2.05 16.41 -80.12
C THR L 137 -0.73 16.30 -79.34
N VAL L 138 -0.20 17.45 -78.96
CA VAL L 138 1.08 17.50 -78.23
C VAL L 138 0.87 17.94 -76.81
N LYS L 139 0.15 19.04 -76.69
CA LYS L 139 -0.15 19.59 -75.37
C LYS L 139 -1.65 19.54 -75.11
N VAL L 140 -2.04 19.41 -73.86
CA VAL L 140 -3.48 19.43 -73.50
C VAL L 140 -4.16 20.74 -73.95
N ASP L 141 -3.37 21.79 -73.98
CA ASP L 141 -3.84 23.10 -74.43
C ASP L 141 -3.27 23.43 -75.82
N ASP L 142 -2.76 22.40 -76.50
CA ASP L 142 -2.10 22.46 -77.83
C ASP L 142 -1.89 21.01 -78.25
N LYS L 143 -0.80 20.64 -78.93
CA LYS L 143 -0.50 21.19 -80.26
C LYS L 143 -0.83 20.09 -81.26
N GLU L 144 -1.87 20.32 -82.02
CA GLU L 144 -2.33 19.34 -83.01
C GLU L 144 -1.37 19.23 -84.19
N TYR L 145 -1.04 17.99 -84.52
CA TYR L 145 -0.26 17.67 -85.72
C TYR L 145 -1.00 16.62 -86.54
N SER L 146 -1.10 16.90 -87.83
CA SER L 146 -1.74 15.98 -88.77
C SER L 146 -0.63 15.22 -89.50
N PHE L 147 -0.57 13.92 -89.23
CA PHE L 147 0.54 13.10 -89.70
C PHE L 147 0.10 12.13 -90.79
N GLU L 148 0.78 12.30 -91.90
CA GLU L 148 0.61 11.44 -93.02
C GLU L 148 1.84 10.62 -93.35
N ILE L 149 1.61 9.34 -93.59
CA ILE L 149 2.76 8.48 -93.89
C ILE L 149 2.75 8.08 -95.37
N THR L 150 3.82 8.47 -96.00
CA THR L 150 3.92 8.28 -97.46
C THR L 150 4.59 6.95 -97.83
N ASP L 151 5.21 6.31 -96.85
CA ASP L 151 5.89 5.01 -97.05
C ASP L 151 6.45 4.50 -95.70
N ILE L 152 6.75 3.22 -95.72
CA ILE L 152 7.32 2.54 -94.53
C ILE L 152 8.38 1.54 -94.99
N THR L 153 9.43 1.41 -94.18
CA THR L 153 10.57 0.53 -94.54
C THR L 153 11.10 -0.15 -93.30
N ILE L 154 10.96 -1.45 -93.32
CA ILE L 154 11.33 -2.29 -92.18
C ILE L 154 12.43 -3.26 -92.59
N LYS L 155 13.46 -3.33 -91.75
CA LYS L 155 14.56 -4.27 -91.92
C LYS L 155 14.86 -4.96 -90.57
N ALA L 156 15.78 -5.92 -90.61
CA ALA L 156 16.16 -6.69 -89.42
C ALA L 156 16.96 -5.72 -88.58
N GLU L 157 16.74 -5.78 -87.28
CA GLU L 157 17.36 -4.82 -86.35
C GLU L 157 18.88 -4.68 -86.51
N GLY L 158 19.56 -5.83 -86.61
CA GLY L 158 21.02 -5.88 -86.78
C GLY L 158 21.43 -5.13 -88.06
N SER L 159 20.55 -5.04 -89.03
CA SER L 159 20.88 -4.34 -90.28
C SER L 159 21.03 -2.83 -90.10
N GLY L 160 20.27 -2.27 -89.15
CA GLY L 160 20.34 -0.82 -88.84
C GLY L 160 21.74 -0.45 -88.36
N VAL L 161 22.28 -1.33 -87.53
CA VAL L 161 23.65 -1.15 -86.98
C VAL L 161 24.73 -1.23 -88.06
N LEU L 162 24.63 -2.26 -88.90
CA LEU L 162 25.56 -2.44 -90.03
C LEU L 162 25.56 -1.23 -90.97
N PHE L 163 24.36 -0.67 -91.17
CA PHE L 163 24.18 0.43 -92.12
C PHE L 163 24.76 1.72 -91.57
N LEU L 164 24.62 1.87 -90.26
CA LEU L 164 25.11 3.07 -89.58
C LEU L 164 26.63 3.18 -89.69
N GLU L 165 27.30 2.03 -89.51
CA GLU L 165 28.76 1.98 -89.63
C GLU L 165 29.14 2.26 -91.09
N GLN L 166 30.30 2.86 -91.29
CA GLN L 166 30.84 3.19 -92.62
C GLN L 166 31.81 2.08 -93.10
N GLU L 167 31.20 1.04 -93.65
CA GLU L 167 31.97 -0.12 -94.15
C GLU L 167 31.38 -0.54 -95.48
N ASN L 168 32.26 -1.06 -96.31
CA ASN L 168 31.85 -1.61 -97.61
C ASN L 168 32.09 -3.12 -97.57
N PHE L 169 31.24 -3.89 -98.24
CA PHE L 169 30.11 -4.51 -97.55
C PHE L 169 29.28 -5.42 -98.46
N LYS L 170 29.24 -5.07 -99.75
CA LYS L 170 28.46 -5.85 -100.74
C LYS L 170 28.91 -7.32 -100.83
N ASN L 171 30.21 -7.53 -100.66
CA ASN L 171 30.81 -8.87 -100.78
C ASN L 171 31.73 -9.25 -99.61
N LYS L 172 31.36 -8.76 -98.43
CA LYS L 172 32.16 -8.98 -97.23
C LYS L 172 31.39 -9.80 -96.19
N ASN L 173 32.11 -10.23 -95.17
CA ASN L 173 31.54 -10.96 -94.03
C ASN L 173 31.70 -10.08 -92.79
N VAL L 174 30.57 -9.76 -92.19
CA VAL L 174 30.52 -8.89 -91.01
C VAL L 174 29.64 -9.54 -89.94
N ALA L 175 29.96 -9.25 -88.70
CA ALA L 175 29.11 -9.69 -87.59
C ALA L 175 28.84 -8.53 -86.64
N VAL L 176 27.67 -8.61 -86.03
CA VAL L 176 27.22 -7.61 -85.06
C VAL L 176 27.19 -8.32 -83.70
N ILE L 177 28.05 -7.84 -82.82
CA ILE L 177 28.16 -8.39 -81.46
C ILE L 177 27.50 -7.42 -80.48
N ASP L 178 26.30 -7.79 -80.09
CA ASP L 178 25.42 -6.93 -79.31
C ASP L 178 25.38 -7.39 -77.85
N PHE L 179 26.08 -6.65 -77.01
CA PHE L 179 26.04 -6.90 -75.57
C PHE L 179 24.83 -6.22 -74.91
N GLY L 180 23.76 -7.02 -74.84
CA GLY L 180 22.49 -6.59 -74.22
C GLY L 180 22.53 -6.81 -72.71
N GLY L 181 21.46 -6.34 -72.07
CA GLY L 181 21.25 -6.47 -70.61
C GLY L 181 21.16 -7.92 -70.13
N LEU L 182 20.42 -8.71 -70.89
CA LEU L 182 20.16 -10.12 -70.50
C LEU L 182 20.82 -11.14 -71.44
N ASN L 183 21.16 -10.70 -72.64
CA ASN L 183 21.77 -11.59 -73.64
C ASN L 183 22.85 -10.88 -74.45
N MET L 184 23.71 -11.68 -75.06
CA MET L 184 24.74 -11.20 -75.99
C MET L 184 24.52 -11.89 -77.35
N GLY L 185 24.07 -11.08 -78.32
CA GLY L 185 23.63 -11.61 -79.62
C GLY L 185 24.57 -11.28 -80.78
N PHE L 186 24.86 -12.34 -81.54
CA PHE L 186 25.81 -12.26 -82.67
C PHE L 186 25.06 -12.61 -83.93
N SER L 187 25.05 -11.64 -84.83
CA SER L 187 24.40 -11.79 -86.14
C SER L 187 25.44 -11.59 -87.23
N LEU L 188 25.60 -12.60 -88.06
CA LEU L 188 26.62 -12.58 -89.11
C LEU L 188 25.95 -12.39 -90.48
N TYR L 189 26.58 -11.55 -91.27
CA TYR L 189 26.16 -11.22 -92.64
C TYR L 189 27.29 -11.52 -93.62
N ARG L 190 26.89 -12.08 -94.74
CA ARG L 190 27.81 -12.37 -95.85
C ARG L 190 27.18 -11.91 -97.15
N ASN L 191 27.83 -10.95 -97.82
CA ASN L 191 27.33 -10.40 -99.09
C ASN L 191 25.94 -9.79 -98.86
N CYS L 192 25.82 -9.05 -97.76
CA CYS L 192 24.60 -8.30 -97.36
C CYS L 192 23.41 -9.19 -96.97
N VAL L 193 23.66 -10.47 -96.71
CA VAL L 193 22.59 -11.40 -96.29
C VAL L 193 22.99 -12.07 -94.98
N VAL L 194 22.06 -12.03 -94.04
CA VAL L 194 22.24 -12.69 -92.74
C VAL L 194 22.47 -14.20 -92.95
N ASN L 195 23.41 -14.72 -92.19
CA ASN L 195 23.76 -16.15 -92.22
C ASN L 195 23.36 -16.75 -90.86
N PRO L 196 22.17 -17.38 -90.83
CA PRO L 196 21.62 -17.99 -89.61
C PRO L 196 22.51 -19.05 -89.00
N SER L 197 23.17 -19.80 -89.87
CA SER L 197 24.12 -20.86 -89.46
C SER L 197 25.32 -20.30 -88.69
N GLU L 198 25.58 -19.00 -88.86
CA GLU L 198 26.74 -18.35 -88.21
C GLU L 198 26.33 -17.23 -87.25
N ARG L 199 25.09 -17.31 -86.80
CA ARG L 199 24.56 -16.38 -85.79
C ARG L 199 24.13 -17.18 -84.58
N PHE L 200 24.16 -16.54 -83.42
CA PHE L 200 23.86 -17.21 -82.15
C PHE L 200 23.66 -16.20 -81.01
N ILE L 201 23.10 -16.72 -79.94
CA ILE L 201 22.84 -15.94 -78.73
C ILE L 201 23.44 -16.64 -77.51
N GLU L 202 23.98 -15.83 -76.63
CA GLU L 202 24.45 -16.32 -75.34
C GLU L 202 23.56 -15.68 -74.27
N GLU L 203 23.02 -16.55 -73.44
CA GLU L 203 22.00 -16.18 -72.46
C GLU L 203 22.60 -15.42 -71.25
N HIS L 204 23.60 -14.63 -71.45
CA HIS L 204 24.17 -13.83 -70.35
C HIS L 204 24.37 -12.42 -70.88
N GLY L 205 24.05 -11.46 -70.01
CA GLY L 205 24.14 -10.04 -70.40
C GLY L 205 24.96 -9.24 -69.40
N VAL L 206 24.77 -7.93 -69.46
CA VAL L 206 25.43 -6.99 -68.54
C VAL L 206 24.97 -7.21 -67.09
N LYS L 207 23.68 -7.52 -66.96
CA LYS L 207 23.08 -7.77 -65.64
C LYS L 207 23.80 -8.95 -64.99
N ASP L 208 24.04 -9.99 -65.77
CA ASP L 208 24.83 -11.14 -65.32
C ASP L 208 26.28 -10.79 -64.99
N LEU L 209 26.81 -9.87 -65.77
CA LEU L 209 28.18 -9.41 -65.61
C LEU L 209 28.38 -8.72 -64.26
N ILE L 210 27.60 -7.67 -64.06
CA ILE L 210 27.65 -6.85 -62.83
C ILE L 210 27.30 -7.69 -61.60
N ILE L 211 26.43 -8.69 -61.84
CA ILE L 211 25.99 -9.62 -60.81
C ILE L 211 27.08 -10.53 -60.28
N ARG L 212 27.76 -11.05 -61.27
CA ARG L 212 28.86 -11.99 -61.05
C ARG L 212 30.01 -11.27 -60.35
N VAL L 213 30.11 -9.96 -60.60
CA VAL L 213 31.17 -9.14 -60.00
C VAL L 213 30.80 -8.77 -58.56
N GLY L 214 29.56 -8.27 -58.41
CA GLY L 214 29.04 -7.83 -57.10
C GLY L 214 29.11 -8.97 -56.09
N ASP L 215 29.04 -10.21 -56.61
CA ASP L 215 29.09 -11.43 -55.80
C ASP L 215 27.93 -11.43 -54.78
N ALA L 216 26.81 -10.87 -55.20
CA ALA L 216 25.61 -10.80 -54.35
C ALA L 216 24.39 -10.56 -55.23
N LEU L 217 23.27 -11.14 -54.81
CA LEU L 217 22.01 -11.04 -55.57
C LEU L 217 21.54 -9.58 -55.65
N THR L 218 21.76 -8.88 -54.56
CA THR L 218 21.44 -7.45 -54.53
C THR L 218 22.80 -6.82 -54.54
N ASP L 219 22.79 -5.53 -54.34
CA ASP L 219 24.08 -5.07 -54.01
C ASP L 219 25.04 -4.72 -55.16
N LEU L 220 24.40 -4.48 -56.31
CA LEU L 220 25.15 -4.43 -57.53
C LEU L 220 24.94 -3.15 -58.20
N ASN L 221 23.90 -2.79 -58.94
CA ASN L 221 23.64 -1.38 -59.30
C ASN L 221 24.71 -0.49 -58.68
N ASN L 222 25.05 0.60 -59.25
CA ASN L 222 26.15 1.39 -58.68
C ASN L 222 26.02 1.79 -57.19
N GLY L 223 24.78 1.65 -56.71
CA GLY L 223 24.47 1.73 -55.28
C GLY L 223 23.53 0.60 -54.91
N ASN L 224 24.08 -0.39 -54.28
CA ASN L 224 23.25 -1.50 -53.85
C ASN L 224 22.56 -1.32 -52.51
N LEU L 225 23.23 -0.61 -51.63
CA LEU L 225 22.69 -0.19 -50.34
C LEU L 225 22.97 1.29 -50.22
N ILE L 226 21.90 2.06 -50.09
CA ILE L 226 22.01 3.53 -50.03
C ILE L 226 22.78 4.01 -48.80
N THR L 227 22.73 3.22 -47.73
CA THR L 227 23.45 3.57 -46.49
C THR L 227 24.97 3.33 -46.60
N ASN L 228 25.45 3.15 -47.82
CA ASN L 228 26.89 3.08 -48.10
C ASN L 228 27.29 4.31 -48.90
N GLU L 229 28.46 4.83 -48.57
CA GLU L 229 29.00 6.04 -49.22
C GLU L 229 29.13 5.80 -50.73
N GLN L 230 28.96 6.88 -51.50
CA GLN L 230 29.08 6.84 -52.97
C GLN L 230 30.39 6.17 -53.33
N ALA L 231 30.30 5.05 -54.06
CA ALA L 231 31.45 4.25 -54.54
C ALA L 231 31.45 2.87 -53.89
N GLU L 232 30.98 2.80 -52.66
CA GLU L 232 30.89 1.53 -51.94
C GLU L 232 29.71 0.76 -52.48
N SER L 233 29.99 -0.53 -52.72
CA SER L 233 29.04 -1.51 -53.21
C SER L 233 28.45 -1.05 -54.54
N ALA L 234 29.41 -0.73 -55.42
CA ALA L 234 29.21 -0.38 -56.82
C ALA L 234 28.20 -1.36 -57.47
N LEU L 235 28.25 -1.71 -58.75
CA LEU L 235 29.37 -1.70 -59.68
C LEU L 235 29.16 -0.78 -60.83
N ASN L 236 27.93 -0.83 -61.33
CA ASN L 236 27.58 -0.08 -62.55
C ASN L 236 27.97 1.40 -62.40
N ASN L 237 27.98 1.91 -61.19
CA ASN L 237 28.47 3.29 -60.98
C ASN L 237 29.74 3.26 -60.21
N GLY L 238 30.66 3.49 -61.12
CA GLY L 238 32.05 3.61 -60.73
C GLY L 238 32.82 2.42 -61.28
N TYR L 239 34.06 2.72 -61.64
CA TYR L 239 34.99 1.71 -62.16
C TYR L 239 35.99 1.32 -61.04
N MET L 240 37.27 1.53 -61.30
CA MET L 240 38.33 1.31 -60.31
C MET L 240 38.71 2.66 -59.72
N LYS L 241 37.80 3.17 -58.88
CA LYS L 241 37.92 4.53 -58.33
C LYS L 241 38.25 4.57 -56.83
N LYS L 242 38.64 3.42 -56.29
CA LYS L 242 39.04 3.34 -54.86
C LYS L 242 40.54 3.57 -54.76
N GLY L 243 40.90 4.83 -54.45
CA GLY L 243 42.30 5.26 -54.37
C GLY L 243 43.02 4.80 -53.09
N GLY L 244 42.43 3.80 -52.43
CA GLY L 244 43.00 3.18 -51.23
C GLY L 244 43.81 1.97 -51.67
N GLU L 245 45.13 2.16 -51.77
CA GLU L 245 46.05 1.13 -52.26
C GLU L 245 45.94 -0.20 -51.50
N ILE L 246 45.29 -0.15 -50.33
CA ILE L 246 45.11 -1.33 -49.47
C ILE L 246 43.91 -2.21 -49.89
N ASP L 247 42.91 -1.60 -50.50
CA ASP L 247 41.69 -2.33 -50.90
C ASP L 247 42.04 -3.43 -51.91
N THR L 248 41.35 -4.55 -51.77
CA THR L 248 41.57 -5.71 -52.66
C THR L 248 40.33 -6.08 -53.48
N GLU L 249 39.23 -5.35 -53.25
CA GLU L 249 38.03 -5.50 -54.10
C GLU L 249 38.39 -5.08 -55.53
N SER L 250 37.60 -5.55 -56.49
CA SER L 250 37.79 -5.14 -57.91
C SER L 250 38.03 -3.63 -57.99
N SER L 251 38.73 -3.07 -58.96
CA SER L 251 39.28 -3.56 -60.25
C SER L 251 39.65 -5.02 -60.54
N THR L 252 40.21 -5.73 -59.59
CA THR L 252 40.69 -7.10 -59.87
C THR L 252 39.56 -8.03 -60.36
N VAL L 253 38.40 -7.87 -59.74
CA VAL L 253 37.22 -8.70 -60.06
C VAL L 253 36.74 -8.40 -61.49
N ILE L 254 36.62 -7.12 -61.81
CA ILE L 254 36.15 -6.67 -63.13
C ILE L 254 36.92 -7.38 -64.27
N LYS L 255 38.24 -7.26 -64.24
CA LYS L 255 39.11 -7.81 -65.28
C LYS L 255 38.98 -9.34 -65.33
N LYS L 256 38.66 -9.92 -64.18
CA LYS L 256 38.47 -11.37 -64.07
C LYS L 256 37.20 -11.89 -64.71
N VAL L 257 36.11 -11.20 -64.40
CA VAL L 257 34.81 -11.55 -64.97
C VAL L 257 34.79 -11.30 -66.48
N LYS L 258 35.28 -10.12 -66.86
CA LYS L 258 35.33 -9.70 -68.26
C LYS L 258 36.30 -10.59 -69.06
N GLU L 259 37.33 -11.08 -68.38
CA GLU L 259 38.33 -11.95 -69.02
C GLU L 259 37.68 -13.25 -69.50
N LYS L 260 36.82 -13.79 -68.65
CA LYS L 260 36.07 -15.02 -68.95
C LYS L 260 34.96 -14.79 -69.97
N PHE L 261 34.34 -13.61 -69.89
CA PHE L 261 33.25 -13.26 -70.80
C PHE L 261 33.76 -13.12 -72.24
N LEU L 262 34.91 -12.47 -72.37
CA LEU L 262 35.55 -12.26 -73.69
C LEU L 262 36.08 -13.56 -74.28
N LYS L 263 36.61 -14.42 -73.41
CA LYS L 263 37.16 -15.70 -73.84
C LYS L 263 36.04 -16.61 -74.33
N ASP L 264 34.88 -16.54 -73.67
CA ASP L 264 33.72 -17.34 -74.06
C ASP L 264 33.15 -16.83 -75.40
N ALA L 265 33.07 -15.52 -75.55
CA ALA L 265 32.49 -14.91 -76.76
C ALA L 265 33.31 -15.23 -78.01
N ILE L 266 34.62 -15.02 -77.91
CA ILE L 266 35.54 -15.24 -79.03
C ILE L 266 35.68 -16.73 -79.36
N LYS L 267 35.58 -17.56 -78.33
CA LYS L 267 35.67 -19.02 -78.50
C LYS L 267 34.47 -19.54 -79.29
N LEU L 268 33.31 -18.97 -79.01
CA LEU L 268 32.07 -19.31 -79.74
C LEU L 268 32.14 -18.82 -81.19
N ILE L 269 32.77 -17.66 -81.36
CA ILE L 269 32.96 -17.07 -82.69
C ILE L 269 33.75 -17.99 -83.59
N GLU L 270 34.85 -18.47 -83.05
CA GLU L 270 35.77 -19.31 -83.82
C GLU L 270 35.14 -20.68 -84.12
N LYS L 271 34.25 -21.13 -83.24
CA LYS L 271 33.54 -22.39 -83.44
C LYS L 271 32.44 -22.27 -84.51
N ARG L 272 31.66 -21.20 -84.42
CA ARG L 272 30.50 -21.02 -85.30
C ARG L 272 30.83 -20.20 -86.56
N GLY L 273 31.36 -19.00 -86.32
CA GLY L 273 31.68 -18.02 -87.35
C GLY L 273 32.80 -18.50 -88.25
N PHE L 274 33.91 -18.96 -87.64
CA PHE L 274 35.15 -19.48 -88.26
C PHE L 274 36.39 -18.67 -87.89
N LYS L 275 37.42 -18.78 -88.73
CA LYS L 275 38.68 -18.07 -88.55
C LYS L 275 38.38 -16.58 -88.47
N LEU L 276 38.79 -15.97 -87.36
CA LEU L 276 38.59 -14.53 -87.15
C LEU L 276 39.18 -13.65 -88.25
N ASP L 277 40.04 -14.26 -89.06
CA ASP L 277 40.67 -13.58 -90.21
C ASP L 277 39.73 -13.50 -91.42
N GLN L 278 38.76 -14.41 -91.48
CA GLN L 278 37.79 -14.39 -92.60
C GLN L 278 36.69 -13.35 -92.41
N LEU L 279 36.69 -12.72 -91.23
CA LEU L 279 35.72 -11.68 -90.88
C LEU L 279 36.34 -10.32 -91.21
N ASP L 280 35.56 -9.51 -91.93
CA ASP L 280 36.00 -8.17 -92.35
C ASP L 280 35.88 -7.15 -91.22
N SER L 281 34.86 -7.33 -90.41
CA SER L 281 34.60 -6.45 -89.26
C SER L 281 33.53 -7.03 -88.34
N LEU L 282 33.71 -6.74 -87.07
CA LEU L 282 32.76 -7.13 -86.02
C LEU L 282 32.36 -5.86 -85.27
N ILE L 283 31.14 -5.42 -85.52
CA ILE L 283 30.62 -4.19 -84.88
C ILE L 283 30.18 -4.56 -83.47
N PHE L 284 30.64 -3.76 -82.53
CA PHE L 284 30.39 -4.03 -81.10
C PHE L 284 29.35 -3.04 -80.67
N ILE L 285 28.17 -3.52 -80.34
CA ILE L 285 27.02 -2.66 -79.99
C ILE L 285 26.31 -3.21 -78.74
N GLY L 286 25.37 -2.41 -78.26
CA GLY L 286 24.62 -2.78 -77.03
C GLY L 286 25.13 -1.93 -75.87
N GLY L 287 24.36 -2.01 -74.78
CA GLY L 287 24.68 -1.26 -73.55
C GLY L 287 26.08 -1.61 -73.01
N THR L 288 26.50 -2.85 -73.25
CA THR L 288 27.81 -3.31 -72.75
C THR L 288 28.98 -2.96 -73.67
N THR L 289 28.71 -2.44 -74.87
CA THR L 289 29.81 -2.18 -75.78
C THR L 289 30.92 -1.33 -75.16
N GLN L 290 30.51 -0.21 -74.57
CA GLN L 290 31.48 0.72 -73.97
C GLN L 290 32.35 0.01 -72.92
N LYS L 291 31.77 -1.01 -72.29
CA LYS L 291 32.46 -1.76 -71.23
C LYS L 291 33.53 -2.73 -71.76
N LEU L 292 33.27 -3.34 -72.90
CA LEU L 292 34.15 -4.40 -73.43
C LEU L 292 34.97 -4.07 -74.66
N LYS L 293 34.62 -2.97 -75.33
CA LYS L 293 35.28 -2.61 -76.60
C LYS L 293 36.81 -2.54 -76.45
N GLU L 294 37.27 -2.01 -75.33
CA GLU L 294 38.72 -1.85 -75.12
C GLU L 294 39.46 -3.20 -75.08
N GLN L 295 38.94 -4.10 -74.27
CA GLN L 295 39.59 -5.41 -74.12
C GLN L 295 39.53 -6.26 -75.37
N ILE L 296 38.42 -6.14 -76.08
CA ILE L 296 38.30 -6.87 -77.34
C ILE L 296 39.33 -6.42 -78.38
N SER L 297 39.54 -5.11 -78.43
CA SER L 297 40.47 -4.51 -79.40
C SER L 297 41.89 -5.03 -79.18
N LYS L 298 42.20 -5.35 -77.92
CA LYS L 298 43.50 -5.93 -77.57
C LYS L 298 43.53 -7.46 -77.76
N THR L 299 42.36 -8.06 -77.73
CA THR L 299 42.20 -9.51 -77.96
C THR L 299 42.55 -9.84 -79.41
N TYR L 300 41.99 -9.06 -80.33
CA TYR L 300 42.23 -9.18 -81.77
C TYR L 300 42.38 -7.80 -82.41
N PRO L 301 43.47 -7.59 -83.14
CA PRO L 301 43.75 -6.34 -83.86
C PRO L 301 43.02 -6.27 -85.21
N ASN L 302 42.65 -5.04 -85.56
CA ASN L 302 42.06 -4.69 -86.87
C ASN L 302 40.76 -5.43 -87.25
N ASN L 303 39.91 -5.75 -86.27
CA ASN L 303 38.64 -6.40 -86.60
C ASN L 303 37.42 -5.74 -85.94
N SER L 304 37.56 -5.40 -84.67
CA SER L 304 36.46 -4.81 -83.90
C SER L 304 36.32 -3.32 -84.18
N ILE L 305 35.07 -2.88 -84.23
CA ILE L 305 34.74 -1.46 -84.47
C ILE L 305 33.53 -1.09 -83.60
N ILE L 306 33.56 0.14 -83.14
CA ILE L 306 32.45 0.70 -82.36
C ILE L 306 32.04 2.06 -82.93
N THR L 307 30.77 2.37 -82.77
CA THR L 307 30.24 3.69 -83.16
C THR L 307 29.88 4.45 -81.88
N ASN L 308 30.01 5.78 -81.95
CA ASN L 308 29.63 6.65 -80.83
C ASN L 308 28.11 6.60 -80.64
N ASN L 309 27.69 6.72 -79.38
CA ASN L 309 26.26 6.63 -79.02
C ASN L 309 25.64 5.38 -79.65
N SER L 310 26.13 4.22 -79.19
CA SER L 310 25.68 2.92 -79.69
C SER L 310 24.15 2.77 -79.60
N GLN L 311 23.57 3.45 -78.62
CA GLN L 311 22.11 3.43 -78.44
C GLN L 311 21.31 3.92 -79.66
N TRP L 312 21.90 4.85 -80.42
CA TRP L 312 21.24 5.38 -81.63
C TRP L 312 21.78 4.75 -82.92
N THR L 313 22.52 3.66 -82.78
CA THR L 313 23.07 2.99 -83.97
C THR L 313 22.05 2.49 -84.99
N THR L 314 21.02 1.86 -84.45
CA THR L 314 19.96 1.29 -85.28
C THR L 314 19.22 2.41 -86.01
N CYS L 315 18.82 3.41 -85.25
CA CYS L 315 18.05 4.54 -85.79
C CYS L 315 18.85 5.29 -86.88
N GLU L 316 20.14 5.47 -86.68
CA GLU L 316 20.93 6.19 -87.69
C GLU L 316 21.05 5.35 -88.97
N GLY L 317 20.97 4.03 -88.78
CA GLY L 317 20.99 3.07 -89.90
C GLY L 317 19.67 3.09 -90.66
N LEU L 318 18.59 3.08 -89.90
CA LEU L 318 17.24 3.13 -90.48
C LEU L 318 16.99 4.47 -91.19
N TYR L 319 17.52 5.53 -90.62
CA TYR L 319 17.35 6.87 -91.21
C TYR L 319 17.88 6.95 -92.64
N LYS L 320 19.00 6.25 -92.87
CA LYS L 320 19.63 6.24 -94.20
C LYS L 320 18.75 5.54 -95.23
N VAL L 321 18.12 4.45 -94.85
CA VAL L 321 17.19 3.77 -95.77
C VAL L 321 15.92 4.61 -95.99
N ALA L 322 15.56 5.36 -94.96
CA ALA L 322 14.37 6.19 -95.06
C ALA L 322 14.57 7.41 -95.95
N VAL L 323 15.81 7.89 -96.03
CA VAL L 323 16.15 8.97 -96.97
C VAL L 323 15.99 8.48 -98.41
N ALA L 324 16.36 7.21 -98.62
CA ALA L 324 16.24 6.55 -99.92
C ALA L 324 14.77 6.34 -100.28
N LYS L 325 13.98 6.03 -99.25
CA LYS L 325 12.53 5.85 -99.41
C LYS L 325 11.85 7.18 -99.69
N TYR L 326 12.39 8.23 -99.09
CA TYR L 326 11.89 9.59 -99.26
C TYR L 326 12.10 10.06 -100.71
N CYS L 327 13.25 9.68 -101.29
CA CYS L 327 13.52 10.00 -102.70
C CYS L 327 12.57 9.22 -103.63
N ILE L 328 12.33 8.03 -103.31
N THR M 5 -1.39 60.04 62.56
CA THR M 5 -2.54 60.48 63.39
C THR M 5 -3.47 59.30 63.77
N ASN M 6 -4.27 59.56 64.79
CA ASN M 6 -5.27 58.61 65.30
C ASN M 6 -6.68 59.12 64.96
N GLU M 7 -7.07 58.86 63.73
CA GLU M 7 -8.35 59.38 63.27
C GLU M 7 -9.29 58.15 63.01
N TYR M 8 -10.57 58.31 63.25
CA TYR M 8 -11.59 57.28 63.01
C TYR M 8 -12.59 57.79 61.97
N VAL M 9 -13.40 56.85 61.47
CA VAL M 9 -14.42 57.18 60.49
C VAL M 9 -15.80 56.93 61.13
N MET M 10 -16.59 58.00 61.13
CA MET M 10 -17.98 57.91 61.58
C MET M 10 -18.89 58.08 60.38
N THR M 11 -19.80 57.13 60.26
CA THR M 11 -20.79 57.15 59.20
C THR M 11 -22.17 57.29 59.82
N LEU M 12 -22.88 58.30 59.32
CA LEU M 12 -24.20 58.62 59.84
C LEU M 12 -25.24 58.72 58.72
N ASP M 13 -26.46 58.33 59.06
CA ASP M 13 -27.59 58.35 58.14
C ASP M 13 -28.83 58.85 58.89
N ALA M 14 -29.06 60.17 58.80
CA ALA M 14 -30.23 60.80 59.42
C ALA M 14 -31.42 60.71 58.47
N GLY M 15 -32.10 59.56 58.52
CA GLY M 15 -33.17 59.24 57.56
C GLY M 15 -34.56 59.48 58.14
N LYS M 16 -35.53 59.02 57.36
CA LYS M 16 -36.98 59.11 57.68
C LYS M 16 -37.20 59.26 59.20
N TYR M 17 -37.41 58.12 59.86
CA TYR M 17 -37.80 58.11 61.27
C TYR M 17 -36.71 57.46 62.12
N GLU M 18 -35.63 57.02 61.50
CA GLU M 18 -34.51 56.42 62.23
C GLU M 18 -33.17 57.02 61.81
N THR M 19 -32.27 57.04 62.78
CA THR M 19 -30.88 57.47 62.56
C THR M 19 -29.99 56.24 62.71
N LYS M 20 -29.19 56.01 61.67
CA LYS M 20 -28.21 54.89 61.66
C LYS M 20 -26.81 55.46 61.79
N LEU M 21 -26.02 54.79 62.62
CA LEU M 21 -24.63 55.22 62.86
C LEU M 21 -23.71 54.02 62.94
N ILE M 22 -22.48 54.19 62.47
CA ILE M 22 -21.46 53.13 62.49
C ILE M 22 -20.06 53.72 62.67
N GLY M 23 -19.32 53.07 63.57
CA GLY M 23 -17.91 53.39 63.80
C GLY M 23 -17.18 52.06 63.99
N LYS M 24 -15.93 52.00 63.54
CA LYS M 24 -15.13 50.76 63.69
C LYS M 24 -14.87 50.40 65.14
N ASN M 25 -14.83 51.43 65.96
CA ASN M 25 -14.62 51.27 67.40
C ASN M 25 -15.84 50.64 68.08
N LYS M 26 -17.01 51.15 67.73
CA LYS M 26 -18.23 50.59 68.29
C LYS M 26 -18.54 49.22 67.73
N LYS M 27 -18.40 49.08 66.42
CA LYS M 27 -18.64 47.80 65.76
C LYS M 27 -17.76 46.69 66.35
N GLY M 28 -16.54 47.10 66.72
CA GLY M 28 -15.54 46.19 67.31
C GLY M 28 -15.95 45.64 68.68
N THR M 29 -16.78 46.40 69.39
CA THR M 29 -17.15 46.06 70.78
C THR M 29 -18.56 45.48 70.88
N THR M 30 -19.49 46.06 70.11
CA THR M 30 -20.89 45.60 70.13
C THR M 30 -21.18 44.86 68.84
N GLU M 31 -21.99 43.82 68.97
CA GLU M 31 -22.29 42.94 67.82
C GLU M 31 -23.50 43.39 67.03
N ASP M 32 -24.34 44.16 67.68
CA ASP M 32 -25.54 44.59 66.99
C ASP M 32 -25.10 45.37 65.72
N ILE M 33 -26.09 45.95 65.06
CA ILE M 33 -25.84 46.61 63.81
C ILE M 33 -25.74 48.09 63.85
N LYS M 34 -25.30 48.78 64.83
CA LYS M 34 -24.59 48.31 66.00
C LYS M 34 -23.05 48.36 66.08
N ARG M 35 -22.50 49.51 65.64
CA ARG M 35 -23.18 50.64 65.01
C ARG M 35 -24.39 51.04 65.96
N VAL M 36 -25.47 51.51 65.40
CA VAL M 36 -26.79 51.68 66.02
C VAL M 36 -27.91 52.21 65.08
N ILE M 37 -29.12 51.80 65.40
CA ILE M 37 -30.32 52.31 64.71
C ILE M 37 -31.36 52.67 65.76
N PHE M 38 -31.62 53.96 65.86
CA PHE M 38 -32.57 54.49 66.85
C PHE M 38 -33.54 55.44 66.18
N LYS M 39 -34.78 55.47 66.69
CA LYS M 39 -35.81 56.37 66.16
C LYS M 39 -35.32 57.82 66.28
N THR M 40 -35.65 58.61 65.27
CA THR M 40 -35.28 60.04 65.21
C THR M 40 -36.16 60.86 66.17
N LYS M 41 -35.98 60.56 67.45
CA LYS M 41 -36.68 61.24 68.54
C LYS M 41 -35.64 61.56 69.62
N ILE M 42 -35.89 62.65 70.33
CA ILE M 42 -34.97 63.08 71.39
C ILE M 42 -35.80 63.58 72.57
N TYR M 43 -35.26 63.37 73.76
CA TYR M 43 -35.90 63.84 74.98
C TYR M 43 -34.89 64.58 75.86
N ASN M 44 -35.37 65.01 77.02
CA ASN M 44 -34.54 65.72 78.00
C ASN M 44 -34.95 65.30 79.40
N LEU M 45 -33.98 65.27 80.29
CA LEU M 45 -34.24 64.83 81.66
C LEU M 45 -34.41 66.03 82.57
N GLU M 46 -35.66 66.26 82.92
CA GLU M 46 -36.02 67.38 83.79
C GLU M 46 -36.46 66.86 85.16
N ASP M 47 -36.32 67.72 86.16
CA ASP M 47 -36.65 67.39 87.56
C ASP M 47 -38.15 67.07 87.74
N GLY M 48 -38.96 67.50 86.77
CA GLY M 48 -40.40 67.21 86.81
C GLY M 48 -40.72 65.75 86.45
N TYR M 49 -39.69 64.90 86.44
CA TYR M 49 -39.80 63.49 86.05
C TYR M 49 -38.65 62.69 86.65
N ILE M 50 -38.81 61.37 86.61
CA ILE M 50 -37.82 60.42 87.17
C ILE M 50 -37.08 59.71 86.03
N ASP M 51 -35.79 59.98 85.97
CA ASP M 51 -34.93 59.28 85.00
C ASP M 51 -34.86 57.78 85.20
N ILE M 52 -34.64 57.06 84.12
CA ILE M 52 -34.52 55.59 84.12
C ILE M 52 -33.37 55.14 83.20
N GLU M 53 -32.80 54.00 83.52
CA GLU M 53 -31.76 53.41 82.67
C GLU M 53 -32.29 53.02 81.28
N GLY M 54 -31.36 53.04 80.34
CA GLY M 54 -31.69 52.75 78.94
C GLY M 54 -31.61 51.26 78.56
N ASN M 55 -31.87 50.94 77.30
CA ASN M 55 -31.05 51.34 76.14
C ASN M 55 -31.27 52.80 75.73
N SER M 56 -30.60 53.66 76.48
CA SER M 56 -30.70 55.11 76.34
C SER M 56 -29.62 55.75 77.17
N HIS M 57 -29.11 56.86 76.65
CA HIS M 57 -27.98 57.57 77.27
C HIS M 57 -28.34 59.03 77.52
N LYS M 58 -27.55 59.61 78.40
CA LYS M 58 -27.68 61.04 78.71
C LYS M 58 -26.46 61.77 78.11
N ILE M 59 -26.74 62.89 77.48
CA ILE M 59 -25.70 63.70 76.83
C ILE M 59 -25.78 65.15 77.32
N GLU M 60 -24.62 65.78 77.40
CA GLU M 60 -24.53 67.18 77.81
C GLU M 60 -24.31 68.04 76.58
N LEU M 61 -25.33 68.85 76.32
CA LEU M 61 -25.26 69.82 75.24
C LEU M 61 -25.99 71.08 75.71
N ASP M 62 -25.39 72.22 75.40
CA ASP M 62 -25.89 73.54 75.85
C ASP M 62 -25.83 73.54 77.40
N GLY M 63 -26.98 73.79 78.01
CA GLY M 63 -27.29 73.39 79.40
C GLY M 63 -28.48 72.46 79.10
N LYS M 64 -28.91 71.48 79.96
CA LYS M 64 -29.81 70.38 79.52
C LYS M 64 -29.07 69.07 79.35
N GLU M 65 -29.72 68.09 79.91
CA GLU M 65 -29.26 66.71 79.75
C GLU M 65 -30.16 66.03 78.72
N TYR M 66 -29.66 65.97 77.49
CA TYR M 66 -30.43 65.37 76.40
C TYR M 66 -30.47 63.87 76.57
N LEU M 67 -31.53 63.34 76.01
CA LEU M 67 -31.76 61.93 76.14
C LEU M 67 -32.06 61.35 74.75
N ILE M 68 -31.40 60.23 74.49
CA ILE M 68 -31.43 59.59 73.15
C ILE M 68 -31.13 58.10 73.28
N GLY M 69 -31.89 57.32 72.52
CA GLY M 69 -31.69 55.86 72.46
C GLY M 69 -32.87 55.14 73.10
N GLU M 70 -33.40 55.73 74.17
CA GLU M 70 -34.62 55.20 74.81
C GLU M 70 -35.79 55.49 73.88
N GLN M 71 -36.89 54.81 74.17
CA GLN M 71 -38.10 55.03 73.37
C GLN M 71 -39.14 55.88 74.13
N GLY M 72 -38.82 56.15 75.40
CA GLY M 72 -39.74 56.84 76.32
C GLY M 72 -40.11 55.92 77.48
N VAL M 73 -39.25 54.93 77.72
CA VAL M 73 -39.30 54.08 78.92
C VAL M 73 -38.69 54.83 80.11
N GLU M 74 -37.95 55.88 79.79
CA GLU M 74 -37.23 56.62 80.80
C GLU M 74 -37.69 58.06 80.89
N ASP M 75 -38.60 58.52 80.06
CA ASP M 75 -39.04 59.92 80.12
C ASP M 75 -40.30 60.08 79.29
N SER M 76 -40.96 61.20 79.52
CA SER M 76 -42.19 61.57 78.78
C SER M 76 -41.93 62.74 77.85
N SER M 77 -40.72 63.30 77.92
CA SER M 77 -40.28 64.43 77.08
C SER M 77 -39.92 64.03 75.64
N GLU M 78 -39.92 62.75 75.33
CA GLU M 78 -39.58 62.26 73.98
C GLU M 78 -40.51 62.84 72.92
N THR M 79 -41.79 62.94 73.27
CA THR M 79 -42.81 63.49 72.36
C THR M 79 -42.53 64.97 72.03
N SER M 80 -42.02 65.69 73.02
CA SER M 80 -41.68 67.12 72.90
C SER M 80 -40.53 67.32 71.91
N LYS M 81 -40.55 68.46 71.24
CA LYS M 81 -39.53 68.81 70.23
C LYS M 81 -39.06 70.26 70.36
N THR M 82 -37.87 70.50 69.82
CA THR M 82 -37.27 71.84 69.81
C THR M 82 -36.79 72.24 68.40
N ASN M 83 -36.36 73.47 68.23
CA ASN M 83 -36.04 74.08 66.89
C ASN M 83 -34.52 74.28 66.67
N LEU M 84 -33.82 73.16 66.55
CA LEU M 84 -32.87 72.72 67.60
C LEU M 84 -32.96 71.20 67.72
N ILE M 85 -34.13 70.68 67.39
CA ILE M 85 -34.44 69.24 67.42
C ILE M 85 -33.37 68.43 66.68
N HIS M 86 -33.18 68.80 65.42
CA HIS M 86 -32.27 68.10 64.52
C HIS M 86 -30.82 68.34 64.96
N LYS M 87 -30.52 69.59 65.34
CA LYS M 87 -29.16 69.94 65.77
C LYS M 87 -28.72 69.16 67.02
N LEU M 88 -29.68 68.93 67.90
CA LEU M 88 -29.43 68.12 69.11
C LEU M 88 -29.26 66.65 68.79
N ALA M 89 -30.07 66.19 67.84
CA ALA M 89 -30.01 64.80 67.36
C ALA M 89 -28.64 64.49 66.74
N ALA M 90 -28.10 65.48 66.02
CA ALA M 90 -26.78 65.34 65.37
C ALA M 90 -25.67 65.18 66.42
N TYR M 91 -25.80 65.95 67.49
CA TYR M 91 -24.78 65.97 68.54
C TYR M 91 -24.82 64.69 69.32
N THR M 92 -26.02 64.19 69.58
CA THR M 92 -26.20 62.94 70.32
C THR M 92 -25.78 61.70 69.50
N ALA M 93 -26.02 61.77 68.20
CA ALA M 93 -25.62 60.71 67.27
C ALA M 93 -24.10 60.65 67.18
N ILE M 94 -23.46 61.80 67.13
CA ILE M 94 -21.99 61.87 67.10
C ILE M 94 -21.41 61.34 68.42
N THR M 95 -22.10 61.67 69.50
CA THR M 95 -21.66 61.30 70.86
C THR M 95 -21.66 59.80 71.04
N GLN M 96 -22.74 59.18 70.58
CA GLN M 96 -22.92 57.74 70.73
C GLN M 96 -21.88 57.06 69.85
N VAL M 97 -21.30 55.99 70.38
CA VAL M 97 -20.29 55.21 69.62
C VAL M 97 -19.04 56.08 69.36
N LEU M 98 -18.67 56.87 70.34
CA LEU M 98 -17.50 57.75 70.17
C LEU M 98 -16.61 57.67 71.41
N ASP M 99 -15.75 56.66 71.39
CA ASP M 99 -14.79 56.44 72.48
C ASP M 99 -13.40 56.08 71.94
N SER M 100 -12.46 56.96 72.13
CA SER M 100 -11.10 56.65 71.67
C SER M 100 -10.44 55.69 72.70
N ASN M 101 -10.14 56.11 73.93
CA ASN M 101 -9.50 57.38 74.33
C ASN M 101 -10.43 58.59 74.47
N LYS M 102 -9.91 59.52 75.26
CA LYS M 102 -10.62 60.77 75.60
C LYS M 102 -10.79 61.68 74.37
N ASN M 103 -9.69 61.86 73.63
CA ASN M 103 -9.70 62.70 72.42
C ASN M 103 -9.98 61.82 71.20
N ASN M 104 -11.11 62.08 70.58
CA ASN M 104 -11.58 61.32 69.42
C ASN M 104 -11.57 62.19 68.17
N LYS M 105 -10.58 61.93 67.33
CA LYS M 105 -10.44 62.63 66.04
C LYS M 105 -11.10 61.77 64.96
N VAL M 106 -11.98 62.40 64.21
CA VAL M 106 -12.73 61.66 63.18
C VAL M 106 -12.85 62.46 61.86
N GLN M 107 -13.45 61.73 60.95
CA GLN M 107 -13.93 62.22 59.66
C GLN M 107 -15.38 61.73 59.63
N LEU M 108 -16.27 62.59 59.16
CA LEU M 108 -17.70 62.23 59.12
C LEU M 108 -18.17 62.09 57.68
N VAL M 109 -18.75 60.94 57.41
CA VAL M 109 -19.39 60.69 56.14
C VAL M 109 -20.89 60.52 56.35
N LEU M 110 -21.64 61.28 55.57
CA LEU M 110 -23.10 61.22 55.64
C LEU M 110 -23.70 61.58 54.28
N ALA M 111 -25.01 61.47 54.19
CA ALA M 111 -25.80 61.78 53.00
C ALA M 111 -26.99 62.72 53.28
N CYS M 112 -27.57 63.20 52.21
CA CYS M 112 -28.75 64.06 52.31
C CYS M 112 -29.57 63.86 51.05
N PRO M 113 -30.86 64.24 51.10
CA PRO M 113 -31.77 64.10 49.94
C PRO M 113 -31.08 64.65 48.69
N LEU M 114 -31.27 63.95 47.58
CA LEU M 114 -30.61 64.32 46.31
C LEU M 114 -30.95 65.75 45.88
N SER M 115 -32.17 66.18 46.22
CA SER M 115 -32.68 67.49 45.80
C SER M 115 -32.02 68.68 46.51
N VAL M 116 -31.34 68.41 47.61
CA VAL M 116 -30.67 69.45 48.38
C VAL M 116 -29.13 69.39 48.31
N LEU M 117 -28.65 68.29 47.75
CA LEU M 117 -27.20 68.02 47.68
C LEU M 117 -26.48 68.99 46.73
N ARG M 118 -26.39 70.26 47.08
CA ARG M 118 -25.68 71.29 46.29
C ARG M 118 -26.15 72.69 46.67
N ASN M 119 -27.34 72.75 47.28
CA ASN M 119 -27.95 74.02 47.68
C ASN M 119 -27.25 74.61 48.92
N ALA M 120 -27.88 75.61 49.51
CA ALA M 120 -27.47 76.22 50.79
C ALA M 120 -27.70 75.25 51.96
N LYS M 121 -28.54 74.26 51.77
CA LYS M 121 -28.80 73.27 52.82
C LYS M 121 -28.37 71.91 52.33
N ALA M 122 -28.00 71.05 53.29
CA ALA M 122 -27.40 69.73 53.01
C ALA M 122 -26.17 69.84 52.11
N LYS M 123 -25.62 71.05 52.12
CA LYS M 123 -24.39 71.36 51.39
C LYS M 123 -23.58 72.47 52.06
N GLU M 124 -24.25 73.45 52.67
CA GLU M 124 -23.48 74.44 53.45
C GLU M 124 -23.84 74.46 54.94
N GLU M 125 -25.14 74.47 55.25
CA GLU M 125 -25.58 74.53 56.65
C GLU M 125 -25.39 73.18 57.33
N TYR M 126 -25.63 72.08 56.62
CA TYR M 126 -25.44 70.74 57.20
C TYR M 126 -23.96 70.44 57.47
N ARG M 127 -23.11 70.84 56.53
CA ARG M 127 -21.65 70.71 56.66
C ARG M 127 -21.12 71.55 57.82
N ASP M 128 -21.77 72.68 58.06
CA ASP M 128 -21.39 73.57 59.16
C ASP M 128 -21.73 72.97 60.52
N TYR M 129 -22.81 72.20 60.56
CA TYR M 129 -23.26 71.54 61.79
C TYR M 129 -22.29 70.41 62.13
N ILE M 130 -21.85 69.72 61.09
CA ILE M 130 -20.98 68.55 61.24
C ILE M 130 -19.52 68.94 61.50
N LYS M 131 -19.08 69.95 60.73
CA LYS M 131 -17.76 70.53 60.72
C LYS M 131 -17.39 71.40 61.95
N GLY M 132 -17.22 70.81 63.16
CA GLY M 132 -16.68 71.51 64.34
C GLY M 132 -16.31 70.53 65.46
N ASN M 133 -15.43 71.02 66.31
CA ASN M 133 -15.05 70.31 67.55
C ASN M 133 -16.13 70.52 68.61
N GLY M 134 -16.23 69.55 69.50
CA GLY M 134 -17.20 69.64 70.61
C GLY M 134 -16.86 68.66 71.73
N GLU M 135 -17.24 69.08 72.93
CA GLU M 135 -17.08 68.26 74.13
C GLU M 135 -18.45 67.68 74.45
N ILE M 136 -18.49 66.36 74.46
CA ILE M 136 -19.72 65.64 74.76
C ILE M 136 -19.44 64.66 75.90
N THR M 137 -20.38 64.65 76.84
CA THR M 137 -20.35 63.68 77.94
C THR M 137 -21.18 62.46 77.54
N VAL M 138 -20.93 61.36 78.24
CA VAL M 138 -21.64 60.10 77.95
C VAL M 138 -22.56 59.73 79.08
N LYS M 139 -22.01 59.78 80.28
CA LYS M 139 -22.79 59.46 81.48
C LYS M 139 -22.87 60.69 82.38
N VAL M 140 -23.95 60.80 83.12
CA VAL M 140 -24.10 61.92 84.08
C VAL M 140 -22.95 61.94 85.11
N ASP M 141 -22.44 60.75 85.39
CA ASP M 141 -21.29 60.61 86.29
C ASP M 141 -20.02 60.27 85.52
N ASP M 142 -20.05 60.50 84.21
CA ASP M 142 -18.98 60.22 83.23
C ASP M 142 -19.43 60.85 81.91
N LYS M 143 -19.17 60.28 80.75
CA LYS M 143 -17.79 60.05 80.29
C LYS M 143 -17.52 61.09 79.21
N GLU M 144 -16.65 62.02 79.56
CA GLU M 144 -16.32 63.12 78.63
C GLU M 144 -15.49 62.63 77.44
N TYR M 145 -15.92 63.04 76.26
CA TYR M 145 -15.16 62.80 75.03
C TYR M 145 -14.97 64.13 74.30
N SER M 146 -13.73 64.36 73.90
CA SER M 146 -13.38 65.57 73.13
C SER M 146 -13.29 65.17 71.66
N PHE M 147 -14.22 65.71 70.88
CA PHE M 147 -14.38 65.29 69.49
C PHE M 147 -13.95 66.38 68.52
N GLU M 148 -12.99 65.97 67.71
CA GLU M 148 -12.51 66.79 66.64
C GLU M 148 -12.80 66.24 65.28
N ILE M 149 -13.27 67.11 64.41
CA ILE M 149 -13.60 66.65 63.06
C ILE M 149 -12.58 67.18 62.06
N THR M 150 -11.94 66.24 61.41
CA THR M 150 -10.84 66.56 60.50
C THR M 150 -11.31 66.74 59.07
N ASP M 151 -12.55 66.32 58.79
CA ASP M 151 -13.15 66.43 57.45
C ASP M 151 -14.60 65.93 57.48
N ILE M 152 -15.32 66.32 56.43
CA ILE M 152 -16.72 65.89 56.27
C ILE M 152 -16.98 65.61 54.80
N THR M 153 -17.84 64.62 54.54
CA THR M 153 -18.12 64.17 53.16
C THR M 153 -19.57 63.78 53.04
N ILE M 154 -20.25 64.56 52.21
CA ILE M 154 -21.69 64.41 52.02
C ILE M 154 -21.98 64.06 50.56
N LYS M 155 -22.82 63.05 50.40
CA LYS M 155 -23.30 62.63 49.08
C LYS M 155 -24.82 62.43 49.13
N ALA M 156 -25.41 62.13 47.97
CA ALA M 156 -26.85 61.92 47.83
C ALA M 156 -27.11 60.58 48.50
N GLU M 157 -28.21 60.51 49.22
CA GLU M 157 -28.52 59.31 50.01
C GLU M 157 -28.46 58.00 49.21
N GLY M 158 -29.07 58.03 48.01
CA GLY M 158 -29.09 56.87 47.11
C GLY M 158 -27.66 56.42 46.76
N SER M 159 -26.72 57.34 46.80
CA SER M 159 -25.33 57.00 46.48
C SER M 159 -24.68 56.08 47.52
N GLY M 160 -25.10 56.22 48.79
CA GLY M 160 -24.57 55.39 49.88
C GLY M 160 -24.91 53.92 49.63
N VAL M 161 -26.14 53.70 49.15
CA VAL M 161 -26.63 52.36 48.83
C VAL M 161 -25.87 51.73 47.65
N LEU M 162 -25.72 52.51 46.58
CA LEU M 162 -24.96 52.07 45.40
C LEU M 162 -23.53 51.67 45.75
N PHE M 163 -22.94 52.44 46.66
CA PHE M 163 -21.53 52.27 47.03
C PHE M 163 -21.36 51.02 47.88
N LEU M 164 -22.35 50.77 48.71
CA LEU M 164 -22.32 49.61 49.61
C LEU M 164 -22.33 48.30 48.81
N GLU M 165 -23.15 48.27 47.77
CA GLU M 165 -23.23 47.11 46.88
C GLU M 165 -21.88 46.98 46.13
N GLN M 166 -21.51 45.74 45.83
CA GLN M 166 -20.28 45.41 45.09
C GLN M 166 -20.57 45.26 43.59
N GLU M 167 -20.62 46.40 42.92
CA GLU M 167 -20.90 46.46 41.47
C GLU M 167 -19.96 47.45 40.84
N ASN M 168 -19.63 47.15 39.59
CA ASN M 168 -18.81 48.06 38.79
C ASN M 168 -19.68 48.60 37.64
N PHE M 169 -19.45 49.84 37.25
CA PHE M 169 -20.25 50.95 37.78
C PHE M 169 -19.90 52.29 37.13
N LYS M 170 -18.63 52.44 36.75
CA LYS M 170 -18.15 53.70 36.15
C LYS M 170 -18.90 54.06 34.85
N ASN M 171 -19.30 53.05 34.10
CA ASN M 171 -19.98 53.24 32.82
C ASN M 171 -21.25 52.39 32.66
N LYS M 172 -21.94 52.20 33.78
CA LYS M 172 -23.15 51.37 33.80
C LYS M 172 -24.38 52.20 34.18
N ASN M 173 -25.53 51.57 34.02
CA ASN M 173 -26.82 52.16 34.40
C ASN M 173 -27.40 51.31 35.53
N VAL M 174 -27.61 51.97 36.66
CA VAL M 174 -28.13 51.32 37.87
C VAL M 174 -29.28 52.14 38.43
N ALA M 175 -30.20 51.44 39.08
CA ALA M 175 -31.28 52.14 39.80
C ALA M 175 -31.42 51.58 41.21
N VAL M 176 -31.85 52.46 42.08
CA VAL M 176 -32.08 52.13 43.49
C VAL M 176 -33.59 52.20 43.70
N ILE M 177 -34.15 51.05 44.02
CA ILE M 177 -35.60 50.93 44.26
C ILE M 177 -35.83 50.78 45.77
N ASP M 178 -36.24 51.89 46.36
CA ASP M 178 -36.34 52.03 47.80
C ASP M 178 -37.81 51.95 48.24
N PHE M 179 -38.17 50.82 48.79
CA PHE M 179 -39.51 50.66 49.37
C PHE M 179 -39.57 51.20 50.82
N GLY M 180 -39.96 52.47 50.87
CA GLY M 180 -40.12 53.19 52.16
C GLY M 180 -41.51 52.93 52.74
N GLY M 181 -41.68 53.45 53.97
CA GLY M 181 -42.94 53.36 54.71
C GLY M 181 -44.13 54.05 54.02
N LEU M 182 -43.85 55.24 53.50
CA LEU M 182 -44.90 56.06 52.88
C LEU M 182 -44.74 56.23 51.37
N ASN M 183 -43.52 55.99 50.87
CA ASN M 183 -43.25 56.14 49.44
C ASN M 183 -42.28 55.06 48.94
N MET M 184 -42.29 54.87 47.63
CA MET M 184 -41.34 53.98 46.94
C MET M 184 -40.57 54.80 45.90
N GLY M 185 -39.28 55.00 46.20
CA GLY M 185 -38.44 55.93 45.42
C GLY M 185 -37.37 55.23 44.57
N PHE M 186 -37.34 55.67 43.31
CA PHE M 186 -36.46 55.09 42.28
C PHE M 186 -35.51 56.17 41.82
N SER M 187 -34.24 55.90 42.03
CA SER M 187 -33.16 56.81 41.62
C SER M 187 -32.24 56.08 40.64
N LEU M 188 -32.10 56.63 39.45
CA LEU M 188 -31.32 56.00 38.39
C LEU M 188 -30.02 56.78 38.19
N TYR M 189 -28.96 56.00 38.03
CA TYR M 189 -27.60 56.50 37.80
C TYR M 189 -27.05 55.92 36.51
N ARG M 190 -26.37 56.78 35.76
CA ARG M 190 -25.69 56.39 34.52
C ARG M 190 -24.30 56.99 34.52
N ASN M 191 -23.30 56.12 34.48
CA ASN M 191 -21.87 56.54 34.49
C ASN M 191 -21.60 57.36 35.75
N CYS M 192 -22.11 56.84 36.88
CA CYS M 192 -21.92 57.41 38.24
C CYS M 192 -22.62 58.76 38.47
N VAL M 193 -23.54 59.13 37.60
CA VAL M 193 -24.29 60.39 37.75
C VAL M 193 -25.79 60.09 37.75
N VAL M 194 -26.46 60.65 38.73
CA VAL M 194 -27.91 60.54 38.84
C VAL M 194 -28.59 61.14 37.59
N ASN M 195 -29.60 60.43 37.11
CA ASN M 195 -30.38 60.87 35.95
C ASN M 195 -31.80 61.19 36.42
N PRO M 196 -32.04 62.49 36.65
CA PRO M 196 -33.34 62.99 37.15
C PRO M 196 -34.52 62.63 36.25
N SER M 197 -34.26 62.65 34.95
CA SER M 197 -35.25 62.28 33.94
C SER M 197 -35.71 60.83 34.07
N GLU M 198 -34.90 60.00 34.72
CA GLU M 198 -35.20 58.56 34.86
C GLU M 198 -35.36 58.13 36.32
N ARG M 199 -35.66 59.11 37.17
CA ARG M 199 -35.94 58.87 38.59
C ARG M 199 -37.36 59.36 38.89
N PHE M 200 -37.98 58.76 39.90
CA PHE M 200 -39.38 59.07 40.23
C PHE M 200 -39.76 58.48 41.59
N ILE M 201 -40.88 58.97 42.07
CA ILE M 201 -41.44 58.53 43.36
C ILE M 201 -42.90 58.11 43.17
N GLU M 202 -43.24 57.04 43.87
CA GLU M 202 -44.65 56.62 43.94
C GLU M 202 -45.10 56.81 45.39
N GLU M 203 -46.22 57.51 45.50
CA GLU M 203 -46.73 57.96 46.79
C GLU M 203 -47.38 56.82 47.59
N HIS M 204 -46.89 55.62 47.51
CA HIS M 204 -47.42 54.50 48.29
C HIS M 204 -46.24 53.76 48.88
N GLY M 205 -46.42 53.36 50.13
CA GLY M 205 -45.34 52.66 50.85
C GLY M 205 -45.82 51.35 51.46
N VAL M 206 -45.04 50.87 52.42
CA VAL M 206 -45.38 49.65 53.17
C VAL M 206 -46.65 49.83 54.01
N LYS M 207 -46.80 51.03 54.55
CA LYS M 207 -47.97 51.37 55.36
C LYS M 207 -49.23 51.20 54.51
N ASP M 208 -49.17 51.68 53.27
CA ASP M 208 -50.25 51.50 52.28
C ASP M 208 -50.48 50.02 51.92
N LEU M 209 -49.38 49.31 51.87
CA LEU M 209 -49.40 47.89 51.53
C LEU M 209 -50.17 47.08 52.58
N ILE M 210 -49.68 47.17 53.80
CA ILE M 210 -50.28 46.45 54.95
C ILE M 210 -51.73 46.90 55.18
N ILE M 211 -51.98 48.16 54.85
CA ILE M 211 -53.31 48.77 54.97
C ILE M 211 -54.35 48.18 54.05
N ARG M 212 -53.87 48.09 52.82
CA ARG M 212 -54.67 47.59 51.70
C ARG M 212 -54.97 46.11 51.94
N VAL M 213 -54.08 45.43 52.64
CA VAL M 213 -54.23 44.00 52.94
C VAL M 213 -55.19 43.81 54.12
N GLY M 214 -54.93 44.57 55.18
CA GLY M 214 -55.74 44.51 56.42
C GLY M 214 -57.21 44.78 56.11
N ASP M 215 -57.43 45.57 55.05
CA ASP M 215 -58.78 45.94 54.61
C ASP M 215 -59.51 46.69 55.73
N ALA M 216 -58.75 47.45 56.51
CA ALA M 216 -59.29 48.23 57.62
C ALA M 216 -58.31 49.33 57.99
N LEU M 217 -58.87 50.47 58.41
CA LEU M 217 -58.06 51.65 58.77
C LEU M 217 -57.15 51.33 59.97
N THR M 218 -57.71 50.57 60.88
CA THR M 218 -56.92 50.11 62.03
C THR M 218 -56.72 48.67 61.73
N ASP M 219 -56.18 47.98 62.71
CA ASP M 219 -56.34 46.60 62.50
C ASP M 219 -55.28 45.88 61.64
N LEU M 220 -54.13 46.55 61.57
CA LEU M 220 -53.14 46.17 60.60
C LEU M 220 -51.88 45.86 61.24
N ASN M 221 -50.97 46.72 61.67
CA ASN M 221 -49.88 46.32 62.60
C ASN M 221 -50.02 44.83 62.92
N ASN M 222 -48.99 44.14 63.19
CA ASN M 222 -49.15 42.71 63.44
C ASN M 222 -50.16 42.29 64.53
N GLY M 223 -50.52 43.29 65.34
CA GLY M 223 -51.63 43.19 66.28
C GLY M 223 -52.46 44.46 66.20
N ASN M 224 -53.57 44.35 65.54
CA ASN M 224 -54.46 45.49 65.46
C ASN M 224 -55.41 45.69 66.62
N LEU M 225 -55.84 44.57 67.18
CA LEU M 225 -56.63 44.53 68.40
C LEU M 225 -55.96 43.53 69.32
N ILE M 226 -55.55 44.02 70.48
CA ILE M 226 -54.81 43.20 71.45
C ILE M 226 -55.65 42.03 71.99
N THR M 227 -56.96 42.22 72.02
CA THR M 227 -57.89 41.17 72.49
C THR M 227 -58.07 40.04 71.47
N ASN M 228 -57.19 40.00 70.47
CA ASN M 228 -57.14 38.88 69.50
C ASN M 228 -55.84 38.12 69.72
N GLU M 229 -55.96 36.80 69.62
CA GLU M 229 -54.81 35.90 69.83
C GLU M 229 -53.69 36.25 68.84
N GLN M 230 -52.46 36.02 69.28
CA GLN M 230 -51.26 36.27 68.45
C GLN M 230 -51.45 35.57 67.10
N ALA M 231 -51.43 36.37 66.03
CA ALA M 231 -51.58 35.91 64.62
C ALA M 231 -52.86 36.45 64.00
N GLU M 232 -53.88 36.62 64.84
CA GLU M 232 -55.16 37.15 64.38
C GLU M 232 -55.02 38.64 64.22
N SER M 233 -55.54 39.09 63.07
CA SER M 233 -55.57 40.49 62.68
C SER M 233 -54.15 41.06 62.62
N ALA M 234 -53.34 40.29 61.88
CA ALA M 234 -51.96 40.60 61.53
C ALA M 234 -51.84 42.07 61.08
N LEU M 235 -50.98 42.49 60.18
CA LEU M 235 -50.31 41.74 59.12
C LEU M 235 -48.82 41.73 59.27
N ASN M 236 -48.30 42.90 59.65
CA ASN M 236 -46.85 43.09 59.73
C ASN M 236 -46.20 42.00 60.60
N ASN M 237 -46.95 41.46 61.56
CA ASN M 237 -46.42 40.32 62.33
C ASN M 237 -47.20 39.10 62.01
N GLY M 238 -46.41 38.42 61.22
CA GLY M 238 -46.81 37.10 60.76
C GLY M 238 -47.07 37.17 59.26
N TYR M 239 -46.73 36.06 58.62
CA TYR M 239 -46.94 35.89 57.18
C TYR M 239 -48.17 35.00 56.95
N MET M 240 -47.97 33.87 56.27
CA MET M 240 -49.02 32.88 56.04
C MET M 240 -48.82 31.76 57.07
N LYS M 241 -49.16 32.08 58.31
CA LYS M 241 -48.89 31.18 59.45
C LYS M 241 -50.15 30.55 60.05
N LYS M 242 -51.27 30.68 59.34
CA LYS M 242 -52.54 30.06 59.78
C LYS M 242 -52.66 28.67 59.19
N GLY M 243 -52.27 27.68 60.01
CA GLY M 243 -52.24 26.26 59.59
C GLY M 243 -53.63 25.60 59.54
N GLY M 244 -54.67 26.46 59.51
CA GLY M 244 -56.06 26.00 59.39
C GLY M 244 -56.42 26.02 57.91
N GLU M 245 -56.37 24.84 57.30
CA GLU M 245 -56.61 24.70 55.84
C GLU M 245 -57.96 25.28 55.39
N ILE M 246 -58.84 25.53 56.35
CA ILE M 246 -60.18 26.09 56.08
C ILE M 246 -60.18 27.62 55.91
N ASP M 247 -59.24 28.30 56.55
CA ASP M 247 -59.18 29.78 56.51
C ASP M 247 -58.96 30.26 55.07
N THR M 248 -59.63 31.35 54.75
CA THR M 248 -59.53 31.94 53.39
C THR M 248 -58.92 33.35 53.39
N GLU M 249 -58.61 33.85 54.58
CA GLU M 249 -57.87 35.12 54.71
C GLU M 249 -56.48 34.93 54.08
N SER M 250 -55.84 36.04 53.70
CA SER M 250 -54.46 35.99 53.17
C SER M 250 -53.60 35.06 54.02
N SER M 251 -52.56 34.40 53.53
CA SER M 251 -51.80 34.49 52.27
C SER M 251 -52.38 34.97 50.94
N THR M 252 -53.61 34.63 50.63
CA THR M 252 -54.17 34.97 49.30
C THR M 252 -54.16 36.49 49.02
N VAL M 253 -54.47 37.25 50.07
CA VAL M 253 -54.53 38.73 49.96
C VAL M 253 -53.13 39.29 49.71
N ILE M 254 -52.16 38.83 50.49
CA ILE M 254 -50.76 39.30 50.37
C ILE M 254 -50.28 39.25 48.91
N LYS M 255 -50.36 38.07 48.30
CA LYS M 255 -49.87 37.86 46.94
C LYS M 255 -50.64 38.72 45.95
N LYS M 256 -51.89 39.04 46.30
CA LYS M 256 -52.75 39.88 45.47
C LYS M 256 -52.39 41.35 45.48
N VAL M 257 -52.15 41.85 46.68
CA VAL M 257 -51.74 43.25 46.86
C VAL M 257 -50.34 43.47 46.27
N LYS M 258 -49.44 42.56 46.62
CA LYS M 258 -48.04 42.62 46.18
C LYS M 258 -47.95 42.44 44.66
N GLU M 259 -48.88 41.66 44.11
CA GLU M 259 -48.91 41.40 42.67
C GLU M 259 -49.15 42.69 41.89
N LYS M 260 -50.07 43.49 42.41
CA LYS M 260 -50.41 44.80 41.81
C LYS M 260 -49.32 45.84 42.05
N PHE M 261 -48.69 45.76 43.23
CA PHE M 261 -47.63 46.70 43.60
C PHE M 261 -46.41 46.53 42.70
N LEU M 262 -46.05 45.27 42.46
CA LEU M 262 -44.92 44.92 41.59
C LEU M 262 -45.18 45.25 40.12
N LYS M 263 -46.42 45.03 39.71
CA LYS M 263 -46.81 45.31 38.32
C LYS M 263 -46.78 46.81 38.06
N ASP M 264 -47.17 47.59 39.05
CA ASP M 264 -47.17 49.05 38.94
C ASP M 264 -45.72 49.57 38.91
N ALA M 265 -44.88 49.02 39.76
CA ALA M 265 -43.48 49.48 39.89
C ALA M 265 -42.69 49.23 38.61
N ILE M 266 -42.79 48.00 38.09
CA ILE M 266 -42.06 47.59 36.88
C ILE M 266 -42.60 48.30 35.63
N LYS M 267 -43.91 48.55 35.64
CA LYS M 267 -44.57 49.23 34.52
C LYS M 267 -44.06 50.68 34.40
N LEU M 268 -43.88 51.31 35.56
CA LEU M 268 -43.33 52.68 35.62
C LEU M 268 -41.86 52.70 35.19
N ILE M 269 -41.15 51.64 35.55
CA ILE M 269 -39.74 51.48 35.19
C ILE M 269 -39.57 51.47 33.68
N GLU M 270 -40.39 50.67 33.04
CA GLU M 270 -40.28 50.48 31.59
C GLU M 270 -40.71 51.75 30.85
N LYS M 271 -41.60 52.53 31.46
CA LYS M 271 -42.06 53.80 30.89
C LYS M 271 -40.98 54.89 31.01
N ARG M 272 -40.40 55.01 32.21
CA ARG M 272 -39.45 56.09 32.50
C ARG M 272 -37.98 55.68 32.26
N GLY M 273 -37.60 54.58 32.91
CA GLY M 273 -36.23 54.06 32.88
C GLY M 273 -35.85 53.56 31.50
N PHE M 274 -36.72 52.72 30.91
CA PHE M 274 -36.60 52.09 29.57
C PHE M 274 -36.59 50.55 29.66
N LYS M 275 -36.05 49.92 28.60
CA LYS M 275 -35.94 48.46 28.50
C LYS M 275 -35.18 47.96 29.72
N LEU M 276 -35.81 47.08 30.47
CA LEU M 276 -35.19 46.48 31.67
C LEU M 276 -33.86 45.79 31.38
N ASP M 277 -33.59 45.55 30.11
CA ASP M 277 -32.33 44.95 29.66
C ASP M 277 -31.18 45.97 29.60
N GLN M 278 -31.52 47.25 29.47
CA GLN M 278 -30.48 48.30 29.44
C GLN M 278 -29.97 48.67 30.84
N LEU M 279 -30.61 48.09 31.85
CA LEU M 279 -30.24 48.31 33.26
C LEU M 279 -29.30 47.19 33.68
N ASP M 280 -28.18 47.60 34.29
CA ASP M 280 -27.16 46.65 34.75
C ASP M 280 -27.53 46.00 36.08
N SER M 281 -28.22 46.77 36.91
CA SER M 281 -28.67 46.29 38.22
C SER M 281 -29.64 47.28 38.86
N LEU M 282 -30.57 46.70 39.59
CA LEU M 282 -31.56 47.45 40.37
C LEU M 282 -31.46 46.99 41.82
N ILE M 283 -30.90 47.85 42.65
CA ILE M 283 -30.71 47.55 44.08
C ILE M 283 -32.05 47.78 44.78
N PHE M 284 -32.45 46.79 45.55
CA PHE M 284 -33.76 46.82 46.22
C PHE M 284 -33.49 47.10 47.67
N ILE M 285 -33.91 48.26 48.13
CA ILE M 285 -33.62 48.72 49.51
C ILE M 285 -34.89 49.31 50.14
N GLY M 286 -34.77 49.60 51.43
CA GLY M 286 -35.91 50.13 52.19
C GLY M 286 -36.48 49.03 53.09
N GLY M 287 -37.36 49.46 54.00
CA GLY M 287 -38.02 48.55 54.95
C GLY M 287 -38.79 47.42 54.23
N THR M 288 -39.30 47.74 53.04
CA THR M 288 -40.10 46.77 52.28
C THR M 288 -39.25 45.82 51.43
N THR M 289 -37.95 46.05 51.33
CA THR M 289 -37.15 45.20 50.46
C THR M 289 -37.30 43.70 50.75
N GLN M 290 -37.16 43.36 52.03
CA GLN M 290 -37.26 41.96 52.44
C GLN M 290 -38.60 41.34 52.03
N LYS M 291 -39.62 42.19 51.96
CA LYS M 291 -40.99 41.76 51.62
C LYS M 291 -41.17 41.45 50.13
N LEU M 292 -40.53 42.23 49.27
CA LEU M 292 -40.75 42.14 47.82
C LEU M 292 -39.61 41.55 46.99
N LYS M 293 -38.43 41.46 47.58
CA LYS M 293 -37.25 41.01 46.83
C LYS M 293 -37.48 39.66 46.14
N GLU M 294 -38.17 38.75 46.81
CA GLU M 294 -38.40 37.41 46.25
C GLU M 294 -39.23 37.45 44.96
N GLN M 295 -40.35 38.15 45.02
CA GLN M 295 -41.24 38.22 43.87
C GLN M 295 -40.65 38.97 42.69
N ILE M 296 -39.89 40.00 43.01
CA ILE M 296 -39.22 40.75 41.95
C ILE M 296 -38.21 39.88 41.19
N SER M 297 -37.48 39.08 41.93
CA SER M 297 -36.44 38.21 41.36
C SER M 297 -37.04 37.23 40.36
N LYS M 298 -38.30 36.85 40.60
CA LYS M 298 -39.03 35.97 39.70
C LYS M 298 -39.69 36.73 38.54
N THR M 299 -39.93 38.03 38.77
CA THR M 299 -40.52 38.92 37.76
C THR M 299 -39.51 39.10 36.62
N TYR M 300 -38.26 39.40 36.99
CA TYR M 300 -37.15 39.57 36.05
C TYR M 300 -35.88 38.91 36.60
N PRO M 301 -35.26 38.06 35.77
CA PRO M 301 -34.02 37.36 36.12
C PRO M 301 -32.78 38.24 35.88
N ASN M 302 -31.78 38.02 36.73
CA ASN M 302 -30.44 38.63 36.63
C ASN M 302 -30.40 40.17 36.63
N ASN M 303 -31.31 40.82 37.36
CA ASN M 303 -31.26 42.29 37.43
C ASN M 303 -31.33 42.84 38.86
N SER M 304 -32.23 42.28 39.65
CA SER M 304 -32.43 42.73 41.03
C SER M 304 -31.39 42.17 41.98
N ILE M 305 -30.98 43.01 42.92
CA ILE M 305 -29.98 42.63 43.94
C ILE M 305 -30.39 43.27 45.27
N ILE M 306 -30.11 42.54 46.34
CA ILE M 306 -30.36 43.02 47.70
C ILE M 306 -29.12 42.81 48.56
N THR M 307 -28.94 43.70 49.52
CA THR M 307 -27.86 43.57 50.51
C THR M 307 -28.47 43.20 51.87
N ASN M 308 -27.71 42.45 52.66
CA ASN M 308 -28.14 42.10 54.02
C ASN M 308 -28.17 43.35 54.90
N ASN M 309 -29.12 43.37 55.83
CA ASN M 309 -29.33 44.52 56.72
C ASN M 309 -29.42 45.81 55.89
N SER M 310 -30.47 45.87 55.07
CA SER M 310 -30.71 47.01 54.17
C SER M 310 -30.73 48.34 54.92
N GLN M 311 -31.11 48.29 56.19
CA GLN M 311 -31.14 49.47 57.05
C GLN M 311 -29.78 50.17 57.20
N TRP M 312 -28.70 49.38 57.13
CA TRP M 312 -27.33 49.94 57.23
C TRP M 312 -26.65 50.09 55.87
N THR M 313 -27.42 49.99 54.81
CA THR M 313 -26.87 50.12 53.46
C THR M 313 -26.17 51.45 53.16
N THR M 314 -26.86 52.50 53.54
CA THR M 314 -26.37 53.86 53.30
C THR M 314 -25.09 54.10 54.09
N CYS M 315 -25.13 53.76 55.38
CA CYS M 315 -23.99 53.96 56.27
C CYS M 315 -22.75 53.16 55.82
N GLU M 316 -22.96 51.95 55.34
CA GLU M 316 -21.81 51.15 54.90
C GLU M 316 -21.21 51.75 53.63
N GLY M 317 -22.07 52.43 52.86
CA GLY M 317 -21.65 53.14 51.64
C GLY M 317 -20.86 54.41 51.98
N LEU M 318 -21.40 55.16 52.93
CA LEU M 318 -20.77 56.39 53.40
C LEU M 318 -19.43 56.09 54.08
N TYR M 319 -19.37 55.00 54.82
CA TYR M 319 -18.14 54.60 55.52
C TYR M 319 -16.95 54.43 54.56
N LYS M 320 -17.25 53.90 53.38
CA LYS M 320 -16.21 53.66 52.36
C LYS M 320 -15.64 54.98 51.83
N VAL M 321 -16.49 55.97 51.64
CA VAL M 321 -15.99 57.29 51.20
C VAL M 321 -15.24 57.99 52.34
N ALA M 322 -15.65 57.69 53.55
CA ALA M 322 -15.00 58.30 54.70
C ALA M 322 -13.62 57.72 54.98
N VAL M 323 -13.41 56.46 54.61
CA VAL M 323 -12.08 55.84 54.69
C VAL M 323 -11.12 56.55 53.71
N ALA M 324 -11.67 56.92 52.56
CA ALA M 324 -10.92 57.63 51.50
C ALA M 324 -10.60 59.05 51.98
N LYS M 325 -11.54 59.64 52.70
CA LYS M 325 -11.36 60.98 53.27
C LYS M 325 -10.34 60.95 54.40
N TYR M 326 -10.34 59.85 55.12
CA TYR M 326 -9.40 59.62 56.23
C TYR M 326 -7.96 59.54 55.71
N CYS M 327 -7.80 58.90 54.55
CA CYS M 327 -6.47 58.81 53.91
C CYS M 327 -6.04 60.20 53.42
N ILE M 328 -6.91 60.93 52.90
N THR N 5 22.38 43.60 29.04
CA THR N 5 21.30 44.20 29.85
C THR N 5 20.13 43.21 30.08
N ASN N 6 19.32 43.55 31.08
CA ASN N 6 18.13 42.79 31.45
C ASN N 6 16.87 43.60 31.08
N GLU N 7 16.52 43.53 29.82
CA GLU N 7 15.41 44.34 29.35
C GLU N 7 14.25 43.35 28.93
N TYR N 8 13.02 43.76 29.12
CA TYR N 8 11.83 42.99 28.74
C TYR N 8 11.02 43.77 27.71
N VAL N 9 10.09 43.06 27.09
CA VAL N 9 9.20 43.67 26.08
C VAL N 9 7.77 43.67 26.62
N MET N 10 7.22 44.87 26.69
CA MET N 10 5.81 45.04 27.07
C MET N 10 5.03 45.48 25.83
N THR N 11 3.96 44.75 25.59
CA THR N 11 3.07 45.06 24.48
C THR N 11 1.70 45.44 25.05
N LEU N 12 1.26 46.60 24.61
CA LEU N 12 -0.01 47.15 25.10
C LEU N 12 -0.93 47.55 23.94
N ASP N 13 -2.22 47.40 24.19
CA ASP N 13 -3.26 47.73 23.22
C ASP N 13 -4.42 48.42 23.95
N ALA N 14 -4.38 49.75 23.96
CA ALA N 14 -5.42 50.56 24.59
C ALA N 14 -6.56 50.81 23.57
N GLY N 15 -7.45 49.80 23.48
CA GLY N 15 -8.49 49.80 22.44
C GLY N 15 -9.83 50.28 22.98
N LYS N 16 -10.84 50.09 22.12
CA LYS N 16 -12.24 50.45 22.37
C LYS N 16 -12.54 50.53 23.88
N TYR N 17 -13.02 49.41 24.42
CA TYR N 17 -13.49 49.36 25.81
C TYR N 17 -12.62 48.45 26.66
N GLU N 18 -11.61 47.84 26.04
CA GLU N 18 -10.68 46.96 26.77
C GLU N 18 -9.22 47.30 26.48
N THR N 19 -8.41 47.06 27.49
CA THR N 19 -6.94 47.20 27.38
C THR N 19 -6.33 45.81 27.45
N LYS N 20 -5.53 45.50 26.45
CA LYS N 20 -4.81 44.21 26.38
C LYS N 20 -3.33 44.47 26.63
N LEU N 21 -2.73 43.58 27.42
CA LEU N 21 -1.31 43.70 27.76
C LEU N 21 -0.66 42.32 27.79
N ILE N 22 0.61 42.28 27.40
CA ILE N 22 1.38 41.03 27.37
C ILE N 22 2.86 41.29 27.67
N GLY N 23 3.38 40.44 28.54
CA GLY N 23 4.82 40.44 28.87
C GLY N 23 5.25 38.98 28.97
N LYS N 24 6.48 38.70 28.59
CA LYS N 24 7.00 37.32 28.66
C LYS N 24 7.09 36.79 30.08
N ASN N 25 7.29 37.73 31.00
CA ASN N 25 7.36 37.40 32.42
C ASN N 25 6.00 37.00 32.98
N LYS N 26 4.98 37.77 32.62
CA LYS N 26 3.63 37.43 33.07
C LYS N 26 3.09 36.19 32.38
N LYS N 27 3.29 36.14 31.07
CA LYS N 27 2.84 34.98 30.27
C LYS N 27 3.43 33.69 30.81
N GLY N 28 4.69 33.79 31.28
CA GLY N 28 5.44 32.65 31.83
C GLY N 28 4.83 32.09 33.12
N THR N 29 4.13 32.95 33.85
CA THR N 29 3.61 32.59 35.19
C THR N 29 2.11 32.30 35.16
N THR N 30 1.37 33.11 34.41
CA THR N 30 -0.09 32.97 34.32
C THR N 30 -0.44 32.40 32.95
N GLU N 31 -1.46 31.54 32.95
CA GLU N 31 -1.85 30.84 31.72
C GLU N 31 -2.88 31.60 30.91
N ASP N 32 -3.60 32.47 31.58
CA ASP N 32 -4.63 33.19 30.88
C ASP N 32 -3.97 33.97 29.71
N ILE N 33 -4.77 34.78 29.06
CA ILE N 33 -4.31 35.48 27.87
C ILE N 33 -3.92 36.89 28.06
N LYS N 34 -3.41 37.39 29.12
CA LYS N 34 -2.89 36.70 30.28
C LYS N 34 -1.37 36.43 30.42
N ARG N 35 -0.57 37.47 30.13
CA ARG N 35 -0.98 38.76 29.57
C ARG N 35 -2.14 39.33 30.48
N VAL N 36 -3.05 40.05 29.93
CA VAL N 36 -4.35 40.44 30.49
C VAL N 36 -5.28 41.27 29.56
N ILE N 37 -6.57 41.10 29.78
CA ILE N 37 -7.58 41.89 29.07
C ILE N 37 -8.60 42.37 30.10
N PHE N 38 -8.60 43.67 30.31
CA PHE N 38 -9.48 44.32 31.29
C PHE N 38 -10.20 45.51 30.66
N LYS N 39 -11.43 45.74 31.11
CA LYS N 39 -12.22 46.88 30.61
C LYS N 39 -11.47 48.19 30.88
N THR N 40 -11.56 49.10 29.93
CA THR N 40 -10.90 50.42 30.02
C THR N 40 -11.65 51.32 31.02
N LYS N 41 -11.63 50.89 32.27
CA LYS N 41 -12.24 51.62 33.38
C LYS N 41 -11.24 51.64 34.53
N ILE N 42 -11.31 52.69 35.33
CA ILE N 42 -10.40 52.85 36.46
C ILE N 42 -11.18 53.40 37.65
N TYR N 43 -10.77 52.99 38.83
CA TYR N 43 -11.38 53.49 40.05
C TYR N 43 -10.31 53.93 41.05
N ASN N 44 -10.76 54.36 42.21
CA ASN N 44 -9.86 54.80 43.29
C ASN N 44 -10.46 54.37 44.62
N LEU N 45 -9.57 54.07 45.56
CA LEU N 45 -10.00 53.59 46.87
C LEU N 45 -9.99 54.72 47.88
N GLU N 46 -11.19 55.18 48.18
CA GLU N 46 -11.37 56.28 49.14
C GLU N 46 -11.99 55.75 50.43
N ASP N 47 -11.74 56.49 51.51
CA ASP N 47 -12.22 56.12 52.85
C ASP N 47 -13.77 56.10 52.93
N GLY N 48 -14.41 56.77 51.96
CA GLY N 48 -15.88 56.78 51.90
C GLY N 48 -16.46 55.45 51.41
N TYR N 49 -15.63 54.42 51.36
CA TYR N 49 -16.00 53.09 50.85
C TYR N 49 -15.07 52.02 51.42
N ILE N 50 -15.49 50.78 51.26
CA ILE N 50 -14.77 49.61 51.77
C ILE N 50 -14.10 48.84 50.63
N ASP N 51 -12.79 48.84 50.64
CA ASP N 51 -12.03 48.07 49.66
C ASP N 51 -12.27 46.56 49.74
N ILE N 52 -12.13 45.90 48.61
CA ILE N 52 -12.31 44.44 48.48
C ILE N 52 -11.22 43.84 47.58
N GLU N 53 -10.92 42.59 47.82
CA GLU N 53 -9.96 41.85 46.96
C GLU N 53 -10.47 41.70 45.53
N GLY N 54 -9.49 41.60 44.63
CA GLY N 54 -9.77 41.48 43.20
C GLY N 54 -9.98 40.05 42.70
N ASN N 55 -10.22 39.89 41.40
CA ASN N 55 -9.26 40.20 40.31
C ASN N 55 -9.14 41.70 40.04
N SER N 56 -8.37 42.35 40.89
CA SER N 56 -8.17 43.79 40.87
C SER N 56 -7.03 44.12 41.82
N HIS N 57 -6.27 45.14 41.42
CA HIS N 57 -5.08 45.55 42.16
C HIS N 57 -5.15 47.03 42.52
N LYS N 58 -4.31 47.37 43.48
CA LYS N 58 -4.15 48.76 43.92
C LYS N 58 -2.79 49.26 43.45
N ILE N 59 -2.79 50.47 42.91
CA ILE N 59 -1.56 51.09 42.39
C ILE N 59 -1.38 52.49 43.00
N GLU N 60 -0.13 52.85 43.19
CA GLU N 60 0.22 54.17 43.73
C GLU N 60 0.68 55.05 42.59
N LEU N 61 -0.13 56.07 42.36
CA LEU N 61 0.21 57.09 41.37
C LEU N 61 -0.29 58.44 41.92
N ASP N 62 0.56 59.44 41.74
CA ASP N 62 0.31 60.80 42.29
C ASP N 62 0.26 60.67 43.83
N GLY N 63 -0.85 61.11 44.39
CA GLY N 63 -1.34 60.67 45.72
C GLY N 63 -2.66 60.03 45.30
N LYS N 64 -3.34 59.11 46.04
CA LYS N 64 -4.41 58.24 45.46
C LYS N 64 -3.94 56.83 45.20
N GLU N 65 -4.80 55.95 45.64
CA GLU N 65 -4.63 54.55 45.38
C GLU N 65 -5.58 54.14 44.25
N TYR N 66 -5.02 54.08 43.05
CA TYR N 66 -5.82 53.74 41.87
C TYR N 66 -6.18 52.27 41.90
N LEU N 67 -7.29 52.02 41.26
CA LEU N 67 -7.80 50.68 41.25
C LEU N 67 -8.12 50.29 39.80
N ILE N 68 -7.68 49.07 39.46
CA ILE N 68 -7.76 48.56 38.07
C ILE N 68 -7.78 47.03 38.08
N GLY N 69 -8.62 46.49 37.21
CA GLY N 69 -8.72 45.03 37.04
C GLY N 69 -10.07 44.53 37.56
N GLU N 70 -10.54 45.13 38.65
CA GLU N 70 -11.87 44.81 39.17
C GLU N 70 -12.90 45.41 38.21
N GLN N 71 -14.12 44.95 38.38
CA GLN N 71 -15.21 45.49 37.56
C GLN N 71 -16.10 46.47 38.34
N GLY N 72 -15.82 46.57 39.64
CA GLY N 72 -16.64 47.36 40.57
C GLY N 72 -17.27 46.45 41.63
N VAL N 73 -16.65 45.29 41.81
CA VAL N 73 -16.95 44.38 42.93
C VAL N 73 -16.28 44.89 44.21
N GLU N 74 -15.32 45.78 44.03
CA GLU N 74 -14.53 46.27 45.14
C GLU N 74 -14.70 47.76 45.34
N ASP N 75 -15.43 48.47 44.51
CA ASP N 75 -15.59 49.91 44.66
C ASP N 75 -16.73 50.40 43.79
N SER N 76 -17.16 51.61 44.10
CA SER N 76 -18.24 52.28 43.34
C SER N 76 -17.69 53.45 42.51
N SER N 77 -16.40 53.73 42.70
CA SER N 77 -15.68 54.81 41.98
C SER N 77 -15.31 54.46 40.54
N GLU N 78 -15.55 53.23 40.12
CA GLU N 78 -15.23 52.79 38.74
C GLU N 78 -15.95 53.63 37.69
N THR N 79 -17.20 53.97 37.99
CA THR N 79 -18.03 54.79 37.08
C THR N 79 -17.44 56.20 36.90
N SER N 80 -16.86 56.71 37.98
CA SER N 80 -16.23 58.05 38.00
C SER N 80 -15.00 58.08 37.09
N LYS N 81 -14.75 59.26 36.53
CA LYS N 81 -13.62 59.47 35.60
C LYS N 81 -12.86 60.77 35.88
N THR N 82 -11.62 60.80 35.42
CA THR N 82 -10.76 61.98 35.57
C THR N 82 -10.12 62.38 34.22
N ASN N 83 -9.43 63.50 34.18
CA ASN N 83 -8.91 64.12 32.93
C ASN N 83 -7.37 64.03 32.79
N LEU N 84 -6.91 62.81 32.62
CA LEU N 84 -6.14 62.10 33.67
C LEU N 84 -6.53 60.63 33.64
N ILE N 85 -7.76 60.38 33.21
CA ILE N 85 -8.36 59.05 33.11
C ILE N 85 -7.45 58.09 32.34
N HIS N 86 -7.09 58.51 31.13
CA HIS N 86 -6.28 57.70 30.21
C HIS N 86 -4.85 57.61 30.74
N LYS N 87 -4.33 58.73 31.25
CA LYS N 87 -2.95 58.75 31.77
C LYS N 87 -2.76 57.82 32.97
N LEU N 88 -3.81 57.71 33.79
CA LEU N 88 -3.81 56.78 34.91
C LEU N 88 -3.92 55.33 34.47
N ALA N 89 -4.74 55.14 33.45
CA ALA N 89 -4.93 53.81 32.85
C ALA N 89 -3.61 53.26 32.28
N ALA N 90 -2.84 54.16 31.68
CA ALA N 90 -1.54 53.80 31.08
C ALA N 90 -0.55 53.34 32.16
N TYR N 91 -0.59 54.03 33.29
CA TYR N 91 0.34 53.77 34.39
C TYR N 91 -0.01 52.46 35.03
N THR N 92 -1.30 52.19 35.19
CA THR N 92 -1.78 50.96 35.81
C THR N 92 -1.57 49.73 34.91
N ALA N 93 -1.70 49.95 33.61
CA ALA N 93 -1.47 48.90 32.61
C ALA N 93 0.01 48.54 32.59
N ILE N 94 0.88 49.54 32.68
CA ILE N 94 2.34 49.29 32.72
C ILE N 94 2.70 48.56 34.02
N THR N 95 2.02 48.94 35.08
CA THR N 95 2.29 48.37 36.42
C THR N 95 1.97 46.90 36.46
N GLN N 96 0.81 46.56 35.90
CA GLN N 96 0.34 45.18 35.91
C GLN N 96 1.27 44.37 35.02
N VAL N 97 1.59 43.17 35.49
CA VAL N 97 2.46 42.25 34.71
C VAL N 97 3.89 42.86 34.59
N LEU N 98 4.35 43.49 35.65
CA LEU N 98 5.68 44.12 35.62
C LEU N 98 6.45 43.75 36.89
N ASP N 99 7.08 42.59 36.82
CA ASP N 99 7.91 42.09 37.93
C ASP N 99 9.23 41.49 37.43
N SER N 100 10.31 42.14 37.74
CA SER N 100 11.61 41.59 37.33
C SER N 100 11.98 40.43 38.29
N ASN N 101 12.29 40.69 39.57
CA ASN N 101 13.14 41.76 40.11
C ASN N 101 12.47 43.12 40.32
N LYS N 102 13.11 43.87 41.22
CA LYS N 102 12.65 45.20 41.62
C LYS N 102 12.75 46.22 40.48
N ASN N 103 13.91 46.22 39.82
CA ASN N 103 14.15 47.13 38.69
C ASN N 103 13.79 46.43 37.38
N ASN N 104 12.76 46.97 36.73
CA ASN N 104 12.24 46.42 35.49
C ASN N 104 12.50 47.37 34.31
N LYS N 105 13.46 46.97 33.50
CA LYS N 105 13.83 47.72 32.30
C LYS N 105 13.09 47.11 31.11
N VAL N 106 12.41 47.97 30.38
CA VAL N 106 11.59 47.49 29.24
C VAL N 106 11.72 48.38 28.01
N GLN N 107 11.05 47.87 27.00
CA GLN N 107 10.76 48.55 25.74
C GLN N 107 9.25 48.38 25.59
N LEU N 108 8.59 49.43 25.15
CA LEU N 108 7.13 49.38 25.01
C LEU N 108 6.73 49.46 23.55
N VAL N 109 5.95 48.47 23.16
CA VAL N 109 5.36 48.46 21.83
C VAL N 109 3.83 48.59 21.96
N LEU N 110 3.31 49.55 21.22
CA LEU N 110 1.88 49.78 21.20
C LEU N 110 1.45 50.37 19.85
N ALA N 111 0.14 50.53 19.70
CA ALA N 111 -0.48 51.11 18.51
C ALA N 111 -1.47 52.24 18.81
N CYS N 112 -1.87 52.92 17.76
CA CYS N 112 -2.86 54.00 17.87
C CYS N 112 -3.61 54.07 16.56
N PRO N 113 -4.80 54.70 16.58
CA PRO N 113 -5.65 54.85 15.39
C PRO N 113 -4.78 55.34 14.22
N LEU N 114 -5.02 54.78 13.04
CA LEU N 114 -4.23 55.11 11.84
C LEU N 114 -4.24 56.61 11.52
N SER N 115 -5.36 57.25 11.84
CA SER N 115 -5.56 58.67 11.52
C SER N 115 -4.73 59.63 12.36
N VAL N 116 -4.19 59.14 13.46
CA VAL N 116 -3.38 59.95 14.36
C VAL N 116 -1.88 59.58 14.35
N LEU N 117 -1.59 58.46 13.72
CA LEU N 117 -0.24 57.89 13.70
C LEU N 117 0.73 58.77 12.88
N ARG N 118 1.05 59.95 13.34
CA ARG N 118 2.01 60.87 12.69
C ARG N 118 1.81 62.31 13.16
N ASN N 119 0.63 62.57 13.72
CA ASN N 119 0.26 63.90 14.21
C ASN N 119 0.98 64.22 15.53
N ALA N 120 0.51 65.29 16.18
CA ALA N 120 0.96 65.71 17.52
C ALA N 120 0.47 64.71 18.59
N LYS N 121 -0.55 63.94 18.26
CA LYS N 121 -1.07 62.95 19.22
C LYS N 121 -0.89 61.56 18.62
N ALA N 122 -0.76 60.58 19.51
CA ALA N 122 -0.43 59.19 19.15
C ALA N 122 0.85 59.11 18.32
N LYS N 123 1.64 60.16 18.47
CA LYS N 123 2.94 60.28 17.83
C LYS N 123 3.91 61.14 18.64
N GLU N 124 3.42 62.19 19.31
CA GLU N 124 4.33 62.93 20.21
C GLU N 124 3.88 62.91 21.67
N GLU N 125 2.59 63.16 21.91
CA GLU N 125 2.08 63.20 23.29
C GLU N 125 1.95 61.79 23.85
N TYR N 126 1.54 60.83 23.03
CA TYR N 126 1.41 59.43 23.50
C TYR N 126 2.79 58.82 23.83
N ARG N 127 3.75 59.11 22.96
CA ARG N 127 5.13 58.67 23.15
C ARG N 127 5.76 59.28 24.40
N ASP N 128 5.33 60.50 24.71
CA ASP N 128 5.81 61.21 25.90
C ASP N 128 5.27 60.58 27.19
N TYR N 129 4.06 60.05 27.10
CA TYR N 129 3.41 59.41 28.25
C TYR N 129 4.10 58.08 28.54
N ILE N 130 4.45 57.39 27.45
CA ILE N 130 5.06 56.06 27.54
C ILE N 130 6.55 56.11 27.90
N LYS N 131 7.23 57.07 27.26
CA LYS N 131 8.65 57.36 27.36
C LYS N 131 9.10 58.04 28.67
N GLY N 132 9.07 57.34 29.83
CA GLY N 132 9.64 57.82 31.10
C GLY N 132 9.74 56.69 32.13
N ASN N 133 10.64 56.92 33.08
CA ASN N 133 10.79 56.05 34.26
C ASN N 133 9.71 56.40 35.28
N GLY N 134 9.35 55.40 36.08
CA GLY N 134 8.35 55.60 37.13
C GLY N 134 8.42 54.50 38.18
N GLU N 135 8.04 54.88 39.40
CA GLU N 135 7.96 53.96 40.52
C GLU N 135 6.48 53.65 40.73
N ILE N 136 6.17 52.37 40.61
CA ILE N 136 4.80 51.91 40.79
C ILE N 136 4.80 50.80 41.85
N THR N 137 3.83 50.91 42.74
CA THR N 137 3.59 49.88 43.74
C THR N 137 2.55 48.89 43.20
N VAL N 138 2.52 47.71 43.81
CA VAL N 138 1.60 46.65 43.37
C VAL N 138 0.54 46.40 44.42
N LYS N 139 1.01 46.23 45.64
CA LYS N 139 0.11 45.99 46.75
C LYS N 139 0.22 47.13 47.77
N VAL N 140 -0.86 47.42 48.46
CA VAL N 140 -0.85 48.46 49.51
C VAL N 140 0.21 48.16 50.59
N ASP N 141 0.46 46.88 50.79
CA ASP N 141 1.48 46.42 51.73
C ASP N 141 2.71 45.89 50.99
N ASP N 142 2.81 46.23 49.71
CA ASP N 142 3.87 45.80 48.76
C ASP N 142 3.64 46.61 47.49
N LYS N 143 3.86 46.09 46.29
CA LYS N 143 5.18 45.62 45.88
C LYS N 143 5.73 46.66 44.92
N GLU N 144 6.75 47.37 45.38
CA GLU N 144 7.36 48.44 44.58
C GLU N 144 8.15 47.88 43.39
N TYR N 145 7.89 48.46 42.23
CA TYR N 145 8.66 48.17 41.02
C TYR N 145 9.17 49.48 40.43
N SER N 146 10.46 49.49 40.11
CA SER N 146 11.10 50.65 39.47
C SER N 146 11.19 50.35 37.98
N PHE N 147 10.45 51.13 37.20
CA PHE N 147 10.30 50.87 35.77
C PHE N 147 11.00 51.91 34.93
N GLU N 148 11.91 51.38 34.14
CA GLU N 148 12.61 52.17 33.17
C GLU N 148 12.31 51.79 31.75
N ILE N 149 12.09 52.81 30.94
CA ILE N 149 11.76 52.53 29.55
C ILE N 149 12.93 52.91 28.65
N THR N 150 13.40 51.92 27.95
CA THR N 150 14.61 52.07 27.13
C THR N 150 14.28 52.45 25.68
N ASP N 151 13.01 52.33 25.31
CA ASP N 151 12.53 52.67 23.96
C ASP N 151 11.01 52.47 23.87
N ILE N 152 10.45 53.08 22.84
CA ILE N 152 9.02 52.97 22.56
C ILE N 152 8.79 52.87 21.05
N THR N 153 7.78 52.10 20.68
CA THR N 153 7.50 51.83 19.25
C THR N 153 6.01 51.77 19.01
N ILE N 154 5.56 52.73 18.24
CA ILE N 154 4.12 52.89 17.97
C ILE N 154 3.87 52.73 16.47
N LYS N 155 2.86 51.92 16.18
CA LYS N 155 2.39 51.71 14.79
C LYS N 155 0.87 51.83 14.75
N ALA N 156 0.31 51.76 13.54
CA ALA N 156 -1.13 51.86 13.33
C ALA N 156 -1.70 50.56 13.85
N GLU N 157 -2.84 50.65 14.50
CA GLU N 157 -3.44 49.49 15.17
C GLU N 157 -3.60 48.26 14.26
N GLY N 158 -4.10 48.51 13.04
CA GLY N 158 -4.30 47.45 12.03
C GLY N 158 -2.97 46.75 11.73
N SER N 159 -1.87 47.45 11.89
CA SER N 159 -0.55 46.85 11.60
C SER N 159 -0.18 45.74 12.59
N GLY N 160 -0.64 45.87 13.84
CA GLY N 160 -0.37 44.86 14.88
C GLY N 160 -0.98 43.51 14.49
N VAL N 161 -2.19 43.60 13.93
CA VAL N 161 -2.93 42.41 13.47
C VAL N 161 -2.24 41.74 12.27
N LEU N 162 -1.85 42.55 11.28
CA LEU N 162 -1.13 42.06 10.11
C LEU N 162 0.17 41.35 10.48
N PHE N 163 0.84 41.90 11.48
CA PHE N 163 2.16 41.41 11.92
C PHE N 163 2.02 40.09 12.64
N LEU N 164 0.94 39.99 13.40
CA LEU N 164 0.70 38.78 14.19
C LEU N 164 0.47 37.57 13.28
N GLU N 165 -0.28 37.80 12.20
CA GLU N 165 -0.54 36.74 11.22
C GLU N 165 0.79 36.39 10.52
N GLN N 166 0.94 35.13 10.13
CA GLN N 166 2.12 34.61 9.42
C GLN N 166 1.91 34.64 7.90
N GLU N 167 2.13 35.83 7.35
CA GLU N 167 1.96 36.04 5.90
C GLU N 167 3.12 36.87 5.39
N ASN N 168 3.47 36.60 4.15
CA ASN N 168 4.51 37.38 3.46
C ASN N 168 3.85 38.18 2.34
N PHE N 169 4.34 39.37 2.05
CA PHE N 169 3.76 40.59 2.65
C PHE N 169 4.41 41.87 2.16
N LYS N 170 5.71 41.78 1.84
CA LYS N 170 6.47 42.95 1.37
C LYS N 170 5.89 43.57 0.09
N ASN N 171 5.35 42.71 -0.77
CA ASN N 171 4.81 43.15 -2.07
C ASN N 171 3.41 42.59 -2.35
N LYS N 172 2.62 42.46 -1.30
CA LYS N 172 1.28 41.91 -1.41
C LYS N 172 0.22 42.94 -1.02
N ASN N 173 -1.03 42.59 -1.30
CA ASN N 173 -2.19 43.39 -0.93
C ASN N 173 -3.01 42.59 0.10
N VAL N 174 -3.16 43.19 1.26
CA VAL N 174 -3.87 42.57 2.39
C VAL N 174 -4.87 43.57 2.97
N ALA N 175 -5.96 43.04 3.51
CA ALA N 175 -6.91 43.87 4.23
C ALA N 175 -7.26 43.24 5.58
N VAL N 176 -7.55 44.13 6.50
CA VAL N 176 -7.94 43.75 7.87
C VAL N 176 -9.41 44.11 8.01
N ILE N 177 -10.22 43.08 8.19
CA ILE N 177 -11.67 43.24 8.35
C ILE N 177 -12.03 43.02 9.83
N ASP N 178 -12.24 44.15 10.49
CA ASP N 178 -12.41 44.18 11.94
C ASP N 178 -13.88 44.39 12.29
N PHE N 179 -14.51 43.31 12.73
CA PHE N 179 -15.88 43.40 13.22
C PHE N 179 -15.94 43.81 14.70
N GLY N 180 -16.05 45.13 14.86
CA GLY N 180 -16.15 45.77 16.19
C GLY N 180 -17.60 45.76 16.68
N GLY N 181 -17.74 46.19 17.94
CA GLY N 181 -19.05 46.32 18.62
C GLY N 181 -20.02 47.29 17.93
N LEU N 182 -19.47 48.43 17.53
CA LEU N 182 -20.30 49.50 16.94
C LEU N 182 -19.99 49.75 15.44
N ASN N 183 -18.83 49.30 15.00
CA ASN N 183 -18.42 49.50 13.60
C ASN N 183 -17.67 48.30 13.05
N MET N 184 -17.63 48.21 11.73
CA MET N 184 -16.84 47.19 11.01
C MET N 184 -15.85 47.91 10.09
N GLY N 185 -14.58 47.83 10.47
CA GLY N 185 -13.51 48.60 9.82
C GLY N 185 -12.56 47.78 8.95
N PHE N 186 -12.35 48.30 7.74
CA PHE N 186 -11.54 47.62 6.72
C PHE N 186 -10.36 48.53 6.40
N SER N 187 -9.19 47.98 6.64
CA SER N 187 -7.93 48.68 6.37
C SER N 187 -7.12 47.85 5.39
N LEU N 188 -6.79 48.45 4.25
CA LEU N 188 -6.08 47.75 3.17
C LEU N 188 -4.64 48.26 3.11
N TYR N 189 -3.74 47.29 2.93
CA TYR N 189 -2.30 47.52 2.81
C TYR N 189 -1.79 46.93 1.50
N ARG N 190 -0.90 47.69 0.87
CA ARG N 190 -0.24 47.27 -0.37
C ARG N 190 1.24 47.56 -0.24
N ASN N 191 2.05 46.51 -0.31
CA ASN N 191 3.51 46.63 -0.20
C ASN N 191 3.87 47.27 1.14
N CYS N 192 3.20 46.78 2.20
CA CYS N 192 3.41 47.19 3.61
C CYS N 192 2.99 48.63 3.93
N VAL N 193 2.20 49.25 3.04
CA VAL N 193 1.72 50.63 3.28
C VAL N 193 0.20 50.64 3.17
N VAL N 194 -0.40 51.26 4.17
CA VAL N 194 -1.86 51.43 4.19
C VAL N 194 -2.31 52.26 2.97
N ASN N 195 -3.41 51.83 2.39
CA ASN N 195 -4.01 52.49 1.23
C ASN N 195 -5.36 53.07 1.66
N PRO N 196 -5.35 54.36 2.00
CA PRO N 196 -6.55 55.09 2.48
C PRO N 196 -7.71 55.05 1.49
N SER N 197 -7.37 55.12 0.21
CA SER N 197 -8.36 55.05 -0.88
C SER N 197 -9.11 53.71 -0.90
N GLU N 198 -8.52 52.68 -0.29
CA GLU N 198 -9.11 51.33 -0.29
C GLU N 198 -9.46 50.84 1.11
N ARG N 199 -9.59 51.79 2.03
CA ARG N 199 -10.02 51.50 3.41
C ARG N 199 -11.32 52.25 3.67
N PHE N 200 -12.11 51.71 4.59
CA PHE N 200 -13.44 52.28 4.89
C PHE N 200 -14.03 51.68 6.16
N ILE N 201 -15.07 52.35 6.64
CA ILE N 201 -15.79 51.94 7.85
C ILE N 201 -17.28 51.83 7.55
N GLU N 202 -17.88 50.82 8.14
CA GLU N 202 -19.33 50.69 8.11
C GLU N 202 -19.84 50.85 9.53
N GLU N 203 -20.79 51.77 9.66
CA GLU N 203 -21.29 52.21 10.97
C GLU N 203 -22.21 51.16 11.63
N HIS N 204 -21.97 49.91 11.45
CA HIS N 204 -22.78 48.86 12.10
C HIS N 204 -21.80 47.85 12.68
N GLY N 205 -22.14 47.39 13.88
CA GLY N 205 -21.27 46.44 14.59
C GLY N 205 -22.05 45.21 15.05
N VAL N 206 -21.45 44.51 16.00
CA VAL N 206 -22.07 43.32 16.63
C VAL N 206 -23.34 43.70 17.41
N LYS N 207 -23.28 44.86 18.05
CA LYS N 207 -24.42 45.37 18.82
C LYS N 207 -25.62 45.54 17.90
N ASP N 208 -25.37 46.09 16.71
CA ASP N 208 -26.40 46.21 15.67
C ASP N 208 -26.89 44.85 15.16
N LEU N 209 -25.96 43.92 15.11
CA LEU N 209 -26.25 42.57 14.63
C LEU N 209 -27.24 41.87 15.57
N ILE N 210 -26.83 41.75 16.82
CA ILE N 210 -27.63 41.09 17.87
C ILE N 210 -28.98 41.80 18.07
N ILE N 211 -28.94 43.11 17.84
CA ILE N 211 -30.12 43.97 17.95
C ILE N 211 -31.19 43.69 16.92
N ARG N 212 -30.66 43.59 15.72
CA ARG N 212 -31.47 43.36 14.53
C ARG N 212 -32.08 41.96 14.60
N VAL N 213 -31.39 41.07 15.29
CA VAL N 213 -31.86 39.68 15.45
C VAL N 213 -32.92 39.60 16.56
N GLY N 214 -32.57 40.20 17.71
CA GLY N 214 -33.45 40.20 18.88
C GLY N 214 -34.81 40.80 18.54
N ASP N 215 -34.80 41.70 17.54
CA ASP N 215 -36.01 42.38 17.06
C ASP N 215 -36.66 43.18 18.21
N ALA N 216 -35.80 43.70 19.09
CA ALA N 216 -36.26 44.49 20.24
C ALA N 216 -35.09 45.33 20.76
N LEU N 217 -35.43 46.52 21.24
CA LEU N 217 -34.43 47.47 21.75
C LEU N 217 -33.69 46.88 22.96
N THR N 218 -34.45 46.17 23.78
CA THR N 218 -33.85 45.48 24.92
C THR N 218 -33.92 44.05 24.50
N ASP N 219 -33.60 43.20 25.43
CA ASP N 219 -34.01 41.89 25.09
C ASP N 219 -33.07 41.04 24.23
N LEU N 220 -31.81 41.46 24.27
CA LEU N 220 -30.86 40.96 23.32
C LEU N 220 -29.73 40.35 23.99
N ASN N 221 -28.70 40.97 24.54
CA ASN N 221 -27.78 40.27 25.48
C ASN N 221 -28.24 38.83 25.66
N ASN N 222 -27.38 37.91 25.92
CA ASN N 222 -27.85 36.53 26.03
C ASN N 222 -28.99 36.25 27.03
N GLY N 223 -29.19 37.24 27.90
CA GLY N 223 -30.36 37.30 28.78
C GLY N 223 -30.91 38.72 28.77
N ASN N 224 -31.98 38.89 28.05
CA ASN N 224 -32.60 40.19 28.03
C ASN N 224 -33.57 40.50 29.16
N LEU N 225 -34.25 39.45 29.59
CA LEU N 225 -35.12 39.48 30.76
C LEU N 225 -34.72 38.29 31.62
N ILE N 226 -34.29 38.60 32.84
CA ILE N 226 -33.80 37.56 33.76
C ILE N 226 -34.90 36.55 34.15
N THR N 227 -36.14 37.02 34.14
CA THR N 227 -37.29 36.14 34.47
C THR N 227 -37.64 35.16 33.34
N ASN N 228 -36.72 35.01 32.38
CA ASN N 228 -36.83 33.99 31.33
C ASN N 228 -35.73 32.96 31.54
N GLU N 229 -36.11 31.71 31.31
CA GLU N 229 -35.18 30.58 31.49
C GLU N 229 -33.95 30.76 30.60
N GLN N 230 -32.82 30.25 31.07
CA GLN N 230 -31.55 30.31 30.33
C GLN N 230 -31.78 29.78 28.93
N ALA N 231 -31.53 30.63 27.92
CA ALA N 231 -31.67 30.32 26.47
C ALA N 231 -32.77 31.16 25.84
N GLU N 232 -33.81 31.47 26.64
CA GLU N 232 -34.92 32.29 26.17
C GLU N 232 -34.45 33.73 26.16
N SER N 233 -34.79 34.37 25.02
CA SER N 233 -34.51 35.77 24.76
C SER N 233 -33.01 36.03 24.82
N ALA N 234 -32.32 35.18 24.06
CA ALA N 234 -30.88 35.21 23.80
C ALA N 234 -30.45 36.66 23.49
N LEU N 235 -29.46 36.96 22.67
CA LEU N 235 -28.88 36.18 21.59
C LEU N 235 -27.44 35.84 21.81
N ASN N 236 -26.72 36.85 22.31
CA ASN N 236 -25.27 36.72 22.49
C ASN N 236 -24.92 35.45 23.28
N ASN N 237 -25.83 35.02 24.15
CA ASN N 237 -25.60 33.73 24.85
C ASN N 237 -26.59 32.72 24.38
N GLY N 238 -25.90 31.96 23.58
CA GLY N 238 -26.52 30.80 22.97
C GLY N 238 -26.66 31.03 21.47
N TYR N 239 -26.51 29.93 20.76
CA TYR N 239 -26.66 29.91 19.29
C TYR N 239 -28.03 29.33 18.93
N MET N 240 -28.01 28.24 18.15
CA MET N 240 -29.23 27.50 17.79
C MET N 240 -29.32 26.29 18.72
N LYS N 241 -29.68 26.58 19.96
CA LYS N 241 -29.67 25.55 21.04
C LYS N 241 -31.06 25.16 21.51
N LYS N 242 -32.10 25.57 20.77
CA LYS N 242 -33.48 25.20 21.09
C LYS N 242 -33.84 23.90 20.36
N GLY N 243 -33.72 22.80 21.11
CA GLY N 243 -33.95 21.44 20.57
C GLY N 243 -35.43 21.10 20.39
N GLY N 244 -36.28 22.14 20.39
CA GLY N 244 -37.72 22.00 20.16
C GLY N 244 -37.96 22.20 18.67
N GLU N 245 -38.12 21.09 17.96
CA GLU N 245 -38.29 21.12 16.49
C GLU N 245 -39.45 22.00 16.02
N ILE N 246 -40.33 22.35 16.96
CA ILE N 246 -41.50 23.20 16.67
C ILE N 246 -41.18 24.70 16.63
N ASP N 247 -40.17 25.12 17.39
CA ASP N 247 -39.81 26.54 17.47
C ASP N 247 -39.40 27.08 16.11
N THR N 248 -39.81 28.32 15.85
CA THR N 248 -39.50 28.97 14.56
C THR N 248 -38.63 30.22 14.71
N GLU N 249 -38.30 30.56 15.96
CA GLU N 249 -37.32 31.63 16.23
C GLU N 249 -35.97 31.21 15.66
N SER N 250 -35.10 32.19 15.41
CA SER N 250 -33.72 31.90 14.93
C SER N 250 -33.13 30.75 15.75
N SER N 251 -32.21 29.93 15.27
CA SER N 251 -31.37 29.95 14.04
C SER N 251 -31.75 30.63 12.73
N THR N 252 -33.00 30.59 12.34
CA THR N 252 -33.38 31.14 11.02
C THR N 252 -33.05 32.63 10.89
N VAL N 253 -33.27 33.37 11.98
CA VAL N 253 -33.02 34.82 12.01
C VAL N 253 -31.52 35.10 11.87
N ILE N 254 -30.71 34.38 12.65
CA ILE N 254 -29.25 34.57 12.64
C ILE N 254 -28.68 34.53 11.21
N LYS N 255 -28.97 33.45 10.49
CA LYS N 255 -28.45 33.25 9.14
C LYS N 255 -28.96 34.33 8.20
N LYS N 256 -30.13 34.87 8.51
CA LYS N 256 -30.76 35.94 7.72
C LYS N 256 -30.09 37.29 7.88
N VAL N 257 -29.84 37.64 9.13
CA VAL N 257 -29.17 38.90 9.46
C VAL N 257 -27.72 38.87 8.96
N LYS N 258 -27.04 37.77 9.27
CA LYS N 258 -25.63 37.57 8.90
C LYS N 258 -25.48 37.49 7.38
N GLU N 259 -26.52 36.97 6.72
CA GLU N 259 -26.51 36.83 5.26
C GLU N 259 -26.43 38.20 4.59
N LYS N 260 -27.19 39.14 5.14
CA LYS N 260 -27.22 40.52 4.65
C LYS N 260 -25.96 41.30 5.03
N PHE N 261 -25.45 41.00 6.22
CA PHE N 261 -24.24 41.66 6.73
C PHE N 261 -23.02 41.31 5.86
N LEU N 262 -22.91 40.03 5.54
CA LEU N 262 -21.82 39.52 4.70
C LEU N 262 -21.91 40.01 3.26
N LYS N 263 -23.14 40.09 2.77
CA LYS N 263 -23.37 40.55 1.38
C LYS N 263 -23.02 42.02 1.26
N ASP N 264 -23.31 42.80 2.30
CA ASP N 264 -22.99 44.23 2.32
C ASP N 264 -21.48 44.44 2.41
N ALA N 265 -20.82 43.67 3.25
CA ALA N 265 -19.38 43.80 3.49
C ALA N 265 -18.56 43.49 2.22
N ILE N 266 -18.88 42.36 1.60
CA ILE N 266 -18.17 41.90 0.39
C ILE N 266 -18.47 42.79 -0.82
N LYS N 267 -19.70 43.32 -0.84
CA LYS N 267 -20.13 44.21 -1.93
C LYS N 267 -19.34 45.52 -1.89
N LEU N 268 -19.11 46.02 -0.67
CA LEU N 268 -18.29 47.23 -0.46
C LEU N 268 -16.83 46.97 -0.82
N ILE N 269 -16.38 45.76 -0.52
CA ILE N 269 -15.00 45.34 -0.83
C ILE N 269 -14.74 45.42 -2.31
N GLU N 270 -15.66 44.85 -3.07
CA GLU N 270 -15.50 44.77 -4.52
C GLU N 270 -15.61 46.15 -5.18
N LYS N 271 -16.37 47.05 -4.53
CA LYS N 271 -16.51 48.42 -5.01
C LYS N 271 -15.24 49.25 -4.73
N ARG N 272 -14.73 49.16 -3.51
CA ARG N 272 -13.61 49.99 -3.07
C ARG N 272 -12.25 49.31 -3.28
N GLY N 273 -12.13 48.11 -2.71
CA GLY N 273 -10.90 47.31 -2.72
C GLY N 273 -10.54 46.85 -4.11
N PHE N 274 -11.52 46.26 -4.83
CA PHE N 274 -11.45 45.72 -6.20
C PHE N 274 -11.75 44.21 -6.27
N LYS N 275 -11.29 43.58 -7.34
CA LYS N 275 -11.46 42.15 -7.57
C LYS N 275 -10.91 41.40 -6.36
N LEU N 276 -11.74 40.61 -5.73
CA LEU N 276 -11.34 39.81 -4.56
C LEU N 276 -10.15 38.88 -4.84
N ASP N 277 -9.87 38.68 -6.12
CA ASP N 277 -8.73 37.87 -6.55
C ASP N 277 -7.39 38.63 -6.46
N GLN N 278 -7.45 39.95 -6.49
CA GLN N 278 -6.23 40.77 -6.39
C GLN N 278 -5.75 40.91 -4.94
N LEU N 279 -6.56 40.40 -4.01
CA LEU N 279 -6.24 40.43 -2.57
C LEU N 279 -5.58 39.11 -2.20
N ASP N 280 -4.44 39.23 -1.51
CA ASP N 280 -3.66 38.06 -1.08
C ASP N 280 -4.25 37.39 0.16
N SER N 281 -4.82 38.23 1.03
CA SER N 281 -5.44 37.75 2.27
C SER N 281 -6.23 38.87 2.94
N LEU N 282 -7.32 38.43 3.58
CA LEU N 282 -8.17 39.31 4.37
C LEU N 282 -8.26 38.73 5.77
N ILE N 283 -7.60 39.39 6.70
CA ILE N 283 -7.57 38.94 8.11
C ILE N 283 -8.88 39.39 8.75
N PHE N 284 -9.52 38.44 9.41
CA PHE N 284 -10.84 38.70 10.01
C PHE N 284 -10.62 38.80 11.49
N ILE N 285 -10.82 39.98 12.04
CA ILE N 285 -10.53 40.26 13.47
C ILE N 285 -11.70 41.05 14.08
N GLY N 286 -11.61 41.21 15.41
CA GLY N 286 -12.66 41.90 16.15
C GLY N 286 -13.50 40.88 16.92
N GLY N 287 -14.34 41.41 17.81
CA GLY N 287 -15.23 40.58 18.65
C GLY N 287 -16.16 39.71 17.81
N THR N 288 -16.51 40.21 16.62
CA THR N 288 -17.44 39.49 15.73
C THR N 288 -16.75 38.44 14.84
N THR N 289 -15.43 38.42 14.82
CA THR N 289 -14.75 37.49 13.92
C THR N 289 -15.24 36.04 14.07
N GLN N 290 -15.25 35.58 15.32
CA GLN N 290 -15.66 34.20 15.60
C GLN N 290 -17.06 33.91 15.07
N LYS N 291 -17.89 34.95 15.03
CA LYS N 291 -19.28 34.84 14.59
C LYS N 291 -19.43 34.70 13.06
N LEU N 292 -18.58 35.39 12.31
CA LEU N 292 -18.72 35.46 10.85
C LEU N 292 -17.67 34.72 10.02
N LYS N 293 -16.57 34.34 10.66
CA LYS N 293 -15.46 33.70 9.93
C LYS N 293 -15.92 32.49 9.11
N GLU N 294 -16.82 31.70 9.66
CA GLU N 294 -17.28 30.48 8.98
C GLU N 294 -17.99 30.79 7.66
N GLN N 295 -18.96 31.71 7.73
CA GLN N 295 -19.73 32.06 6.54
C GLN N 295 -18.92 32.76 5.47
N ILE N 296 -17.99 33.58 5.92
CA ILE N 296 -17.12 34.24 4.96
C ILE N 296 -16.26 33.26 4.17
N SER N 297 -15.75 32.25 4.88
CA SER N 297 -14.88 31.23 4.28
C SER N 297 -15.60 30.49 3.17
N LYS N 298 -16.92 30.36 3.31
CA LYS N 298 -17.75 29.72 2.30
C LYS N 298 -18.17 30.70 1.19
N THR N 299 -18.16 31.98 1.52
CA THR N 299 -18.47 33.06 0.57
C THR N 299 -17.38 33.13 -0.51
N TYR N 300 -16.13 33.11 -0.05
CA TYR N 300 -14.95 33.12 -0.92
C TYR N 300 -13.88 32.18 -0.37
N PRO N 301 -13.39 31.28 -1.24
CA PRO N 301 -12.34 30.31 -0.89
C PRO N 301 -10.94 30.93 -0.99
N ASN N 302 -10.06 30.45 -0.11
CA ASN N 302 -8.62 30.78 -0.10
C ASN N 302 -8.26 32.27 0.05
N ASN N 303 -9.08 33.03 0.78
CA ASN N 303 -8.73 34.45 0.99
C ASN N 303 -8.78 34.89 2.46
N SER N 304 -9.83 34.46 3.16
CA SER N 304 -10.04 34.85 4.56
C SER N 304 -9.19 34.00 5.50
N ILE N 305 -8.67 34.66 6.53
CA ILE N 305 -7.85 34.01 7.56
C ILE N 305 -8.20 34.61 8.92
N ILE N 306 -8.15 33.76 9.93
CA ILE N 306 -8.39 34.16 11.31
C ILE N 306 -7.27 33.65 12.21
N THR N 307 -6.98 34.39 13.27
CA THR N 307 -6.01 33.96 14.28
C THR N 307 -6.78 33.63 15.56
N ASN N 308 -6.24 32.68 16.32
CA ASN N 308 -6.82 32.32 17.63
C ASN N 308 -6.65 33.48 18.60
N ASN N 309 -7.64 33.63 19.50
CA ASN N 309 -7.67 34.72 20.47
C ASN N 309 -7.44 36.05 19.75
N SER N 310 -8.41 36.39 18.89
CA SER N 310 -8.35 37.63 18.09
C SER N 310 -8.14 38.87 18.97
N GLN N 311 -8.62 38.79 20.20
CA GLN N 311 -8.46 39.89 21.15
C GLN N 311 -6.99 40.27 21.44
N TRP N 312 -6.09 39.30 21.35
CA TRP N 312 -4.66 39.55 21.56
C TRP N 312 -3.86 39.65 20.26
N THR N 313 -4.57 39.80 19.15
CA THR N 313 -3.91 39.92 17.85
C THR N 313 -2.94 41.09 17.71
N THR N 314 -3.43 42.23 18.16
CA THR N 314 -2.66 43.48 18.05
C THR N 314 -1.40 43.38 18.93
N CYS N 315 -1.62 42.96 20.16
CA CYS N 315 -0.52 42.84 21.14
C CYS N 315 0.56 41.85 20.67
N GLU N 316 0.15 40.74 20.09
CA GLU N 316 1.14 39.76 19.63
C GLU N 316 1.94 40.32 18.44
N GLY N 317 1.28 41.23 17.71
CA GLY N 317 1.92 41.92 16.57
C GLY N 317 2.91 42.97 17.06
N LEU N 318 2.47 43.73 18.05
CA LEU N 318 3.32 44.77 18.65
C LEU N 318 4.52 44.14 19.37
N TYR N 319 4.31 43.01 20.00
CA TYR N 319 5.38 42.32 20.73
C TYR N 319 6.57 41.97 19.82
N LYS N 320 6.25 41.62 18.59
CA LYS N 320 7.29 41.25 17.60
C LYS N 320 8.15 42.46 17.22
N VAL N 321 7.54 43.61 17.06
CA VAL N 321 8.32 44.84 16.79
C VAL N 321 9.11 45.27 18.01
N ALA N 322 8.57 44.96 19.18
CA ALA N 322 9.26 45.33 20.41
C ALA N 322 10.47 44.46 20.70
N VAL N 323 10.44 43.21 20.22
CA VAL N 323 11.61 42.33 20.31
C VAL N 323 12.76 42.90 19.45
N ALA N 324 12.36 43.46 18.30
CA ALA N 324 13.31 44.08 17.36
C ALA N 324 13.89 45.37 17.97
N LYS N 325 13.04 46.08 18.70
CA LYS N 325 13.45 47.30 19.41
C LYS N 325 14.36 46.98 20.57
N TYR N 326 14.09 45.84 21.19
CA TYR N 326 14.89 45.34 22.32
C TYR N 326 16.32 45.01 21.86
N CYS N 327 16.43 44.43 20.66
CA CYS N 327 17.74 44.13 20.08
C CYS N 327 18.48 45.43 19.74
N ILE N 328 17.82 46.36 19.24
N THR O 5 44.49 25.24 -4.63
CA THR O 5 43.50 25.99 -3.82
C THR O 5 42.14 25.26 -3.74
N ASN O 6 41.36 25.67 -2.76
CA ASN O 6 40.01 25.15 -2.52
C ASN O 6 38.98 26.23 -2.86
N GLU O 7 38.70 26.33 -4.15
CA GLU O 7 37.81 27.39 -4.59
C GLU O 7 36.51 26.70 -5.16
N TYR O 8 35.38 27.34 -4.98
CA TYR O 8 34.08 26.86 -5.49
C TYR O 8 33.52 27.88 -6.49
N VAL O 9 32.51 27.43 -7.22
CA VAL O 9 31.83 28.28 -8.20
C VAL O 9 30.40 28.53 -7.73
N MET O 10 30.10 29.81 -7.58
CA MET O 10 28.73 30.24 -7.27
C MET O 10 28.14 30.94 -8.49
N THR O 11 26.96 30.46 -8.85
CA THR O 11 26.23 31.04 -9.97
C THR O 11 24.93 31.64 -9.43
N LEU O 12 24.76 32.90 -9.79
CA LEU O 12 23.60 33.67 -9.32
C LEU O 12 22.86 34.34 -10.47
N ASP O 13 21.56 34.43 -10.31
CA ASP O 13 20.66 35.06 -11.30
C ASP O 13 19.63 35.91 -10.56
N ALA O 14 19.94 37.20 -10.43
CA ALA O 14 19.03 38.16 -9.79
C ALA O 14 18.04 38.71 -10.82
N GLY O 15 16.97 37.93 -11.05
CA GLY O 15 16.03 38.23 -12.13
C GLY O 15 14.77 38.92 -11.62
N LYS O 16 13.81 39.01 -12.55
CA LYS O 16 12.50 39.63 -12.32
C LYS O 16 12.13 39.65 -10.84
N TYR O 17 11.39 38.62 -10.42
CA TYR O 17 10.83 38.57 -9.06
C TYR O 17 11.44 37.43 -8.27
N GLU O 18 12.34 36.67 -8.89
CA GLU O 18 13.02 35.57 -8.20
C GLU O 18 14.54 35.62 -8.38
N THR O 19 15.22 35.14 -7.36
CA THR O 19 16.68 34.98 -7.39
C THR O 19 17.00 33.49 -7.41
N LYS O 20 17.79 33.10 -8.39
CA LYS O 20 18.23 31.70 -8.54
C LYS O 20 19.71 31.62 -8.20
N LEU O 21 20.06 30.57 -7.46
CA LEU O 21 21.46 30.36 -7.04
C LEU O 21 21.80 28.88 -7.11
N ILE O 22 23.06 28.61 -7.43
CA ILE O 22 23.56 27.23 -7.55
C ILE O 22 25.04 27.16 -7.15
N GLY O 23 25.33 26.15 -6.33
CA GLY O 23 26.71 25.82 -5.94
C GLY O 23 26.82 24.30 -5.95
N LYS O 24 28.00 23.80 -6.30
CA LYS O 24 28.22 22.34 -6.32
C LYS O 24 28.11 21.70 -4.95
N ASN O 25 28.43 22.51 -3.94
CA ASN O 25 28.35 22.06 -2.54
C ASN O 25 26.90 21.90 -2.10
N LYS O 26 26.08 22.88 -2.44
CA LYS O 26 24.66 22.80 -2.09
C LYS O 26 23.93 21.77 -2.91
N LYS O 27 24.20 21.77 -4.21
CA LYS O 27 23.57 20.81 -5.14
C LYS O 27 23.86 19.37 -4.69
N GLY O 28 25.07 19.18 -4.15
CA GLY O 28 25.54 17.87 -3.67
C GLY O 28 24.75 17.35 -2.46
N THR O 29 24.19 18.27 -1.69
CA THR O 29 23.51 17.93 -0.42
C THR O 29 21.98 17.97 -0.55
N THR O 30 21.49 18.97 -1.25
CA THR O 30 20.04 19.14 -1.42
C THR O 30 19.66 18.76 -2.86
N GLU O 31 18.51 18.14 -2.98
CA GLU O 31 18.06 17.62 -4.29
C GLU O 31 17.25 18.64 -5.08
N ASP O 32 16.69 19.59 -4.37
CA ASP O 32 15.88 20.56 -5.05
C ASP O 32 16.76 21.27 -6.11
N ILE O 33 16.18 22.28 -6.72
CA ILE O 33 16.85 22.96 -7.82
C ILE O 33 17.51 24.24 -7.48
N LYS O 34 18.04 24.54 -6.35
CA LYS O 34 18.33 23.67 -5.24
C LYS O 34 19.73 23.08 -5.06
N ARG O 35 20.76 23.94 -5.21
CA ARG O 35 20.65 25.34 -5.68
C ARG O 35 19.58 26.05 -4.77
N VAL O 36 18.87 27.00 -5.30
CA VAL O 36 17.64 27.60 -4.77
C VAL O 36 16.96 28.67 -5.68
N ILE O 37 15.66 28.76 -5.53
CA ILE O 37 14.87 29.81 -6.21
C ILE O 37 13.91 30.39 -5.19
N PHE O 38 14.16 31.65 -4.86
CA PHE O 38 13.35 32.38 -3.88
C PHE O 38 12.94 33.74 -4.43
N LYS O 39 11.76 34.20 -4.02
CA LYS O 39 11.25 35.50 -4.45
C LYS O 39 12.24 36.60 -4.02
N THR O 40 12.40 37.59 -4.89
CA THR O 40 13.29 38.73 -4.66
C THR O 40 12.67 39.69 -3.62
N LYS O 41 12.54 39.16 -2.42
CA LYS O 41 12.01 39.92 -1.27
C LYS O 41 12.91 39.63 -0.08
N ILE O 42 13.01 40.61 0.80
CA ILE O 42 13.85 40.48 1.99
C ILE O 42 13.12 41.10 3.18
N TYR O 43 13.36 40.52 4.34
CA TYR O 43 12.78 41.04 5.58
C TYR O 43 13.86 41.17 6.66
N ASN O 44 13.42 41.59 7.83
CA ASN O 44 14.31 41.75 8.99
C ASN O 44 13.56 41.35 10.25
N LEU O 45 14.31 40.79 11.20
CA LEU O 45 13.70 40.31 12.44
C LEU O 45 13.88 41.33 13.54
N GLU O 46 12.78 42.00 13.83
CA GLU O 46 12.76 43.05 14.87
C GLU O 46 11.96 42.57 16.07
N ASP O 47 12.28 43.14 17.21
CA ASP O 47 11.64 42.78 18.50
C ASP O 47 10.13 43.08 18.50
N GLY O 48 9.70 43.93 17.57
CA GLY O 48 8.27 44.26 17.44
C GLY O 48 7.46 43.12 16.79
N TYR O 49 8.08 41.94 16.70
CA TYR O 49 7.47 40.77 16.06
C TYR O 49 8.14 39.49 16.57
N ILE O 50 7.48 38.37 16.28
CA ILE O 50 7.91 37.04 16.72
C ILE O 50 8.48 36.24 15.54
N ASP O 51 9.77 35.97 15.62
CA ASP O 51 10.42 35.14 14.62
C ASP O 51 9.87 33.72 14.54
N ILE O 52 9.95 33.13 13.36
CA ILE O 52 9.48 31.76 13.10
C ILE O 52 10.49 31.01 12.20
N GLU O 53 10.53 29.71 12.33
CA GLU O 53 11.36 28.86 11.47
C GLU O 53 10.93 28.92 10.00
N GLY O 54 11.93 28.69 9.15
CA GLY O 54 11.71 28.75 7.70
C GLY O 54 11.26 27.44 7.07
N ASN O 55 11.08 27.43 5.75
CA ASN O 55 12.15 27.62 4.74
C ASN O 55 12.59 29.08 4.61
N SER O 56 13.42 29.48 5.56
CA SER O 56 13.91 30.85 5.68
C SER O 56 15.03 30.86 6.70
N HIS O 57 15.99 31.73 6.43
CA HIS O 57 17.20 31.83 7.26
C HIS O 57 17.40 33.25 7.75
N LYS O 58 18.23 33.33 8.78
CA LYS O 58 18.62 34.62 9.34
C LYS O 58 20.09 34.87 8.99
N ILE O 59 20.37 36.09 8.56
CA ILE O 59 21.74 36.48 8.16
C ILE O 59 22.15 37.75 8.91
N GLU O 60 23.44 37.84 9.19
CA GLU O 60 24.01 39.00 9.86
C GLU O 60 24.72 39.86 8.82
N LEU O 61 24.15 41.04 8.65
CA LEU O 61 24.74 42.04 7.77
C LEU O 61 24.50 43.42 8.42
N ASP O 62 25.55 44.24 8.37
CA ASP O 62 25.54 45.56 9.03
C ASP O 62 25.36 45.33 10.55
N GLY O 63 24.34 45.94 11.09
CA GLY O 63 23.68 45.50 12.35
C GLY O 63 22.28 45.20 11.81
N LYS O 64 21.39 44.37 12.42
CA LYS O 64 20.20 43.81 11.72
C LYS O 64 20.40 42.35 11.36
N GLU O 65 19.34 41.64 11.68
CA GLU O 65 19.23 40.25 11.30
C GLU O 65 18.31 40.14 10.09
N TYR O 66 18.92 40.06 8.92
CA TYR O 66 18.15 39.99 7.68
C TYR O 66 17.50 38.62 7.55
N LEU O 67 16.41 38.66 6.83
CA LEU O 67 15.63 37.46 6.69
C LEU O 67 15.35 37.25 5.19
N ILE O 68 15.53 36.01 4.76
CA ILE O 68 15.46 35.63 3.34
C ILE O 68 15.13 34.15 3.21
N GLY O 69 14.25 33.87 2.25
CA GLY O 69 13.87 32.48 1.95
C GLY O 69 12.41 32.22 2.35
N GLU O 70 12.01 32.82 3.47
CA GLU O 70 10.60 32.74 3.89
C GLU O 70 9.79 33.62 2.95
N GLN O 71 8.49 33.42 3.02
CA GLN O 71 7.58 34.22 2.18
C GLN O 71 6.86 35.31 3.00
N GLY O 72 7.07 35.24 4.32
CA GLY O 72 6.37 36.12 5.28
C GLY O 72 5.50 35.27 6.22
N VAL O 73 5.86 33.99 6.33
CA VAL O 73 5.31 33.09 7.35
C VAL O 73 5.99 33.34 8.71
N GLU O 74 7.11 34.02 8.63
CA GLU O 74 7.91 34.25 9.83
C GLU O 74 8.03 35.73 10.14
N ASP O 75 7.53 36.63 9.35
CA ASP O 75 7.65 38.06 9.64
C ASP O 75 6.69 38.84 8.76
N SER O 76 6.48 40.09 9.14
CA SER O 76 5.62 41.03 8.39
C SER O 76 6.46 42.11 7.71
N SER O 77 7.76 42.10 7.99
CA SER O 77 8.72 43.07 7.41
C SER O 77 9.10 42.77 5.95
N GLU O 78 8.66 41.64 5.41
CA GLU O 78 8.97 41.25 4.02
C GLU O 78 8.51 42.31 3.02
N THR O 79 7.32 42.88 3.28
CA THR O 79 6.75 43.91 2.42
C THR O 79 7.62 45.19 2.39
N SER O 80 8.22 45.49 3.54
CA SER O 80 9.10 46.65 3.71
C SER O 80 10.37 46.50 2.86
N LYS O 81 10.90 47.63 2.42
CA LYS O 81 12.11 47.67 1.58
C LYS O 81 13.09 48.76 2.01
N THR O 82 14.34 48.58 1.62
CA THR O 82 15.42 49.54 1.91
C THR O 82 16.21 49.90 0.64
N ASN O 83 17.11 50.86 0.72
CA ASN O 83 17.83 51.45 -0.43
C ASN O 83 19.32 51.05 -0.50
N LEU O 84 19.54 49.77 -0.77
CA LEU O 84 20.07 48.84 0.25
C LEU O 84 19.39 47.49 0.08
N ILE O 85 18.17 47.55 -0.43
CA ILE O 85 17.32 46.38 -0.70
C ILE O 85 18.08 45.31 -1.49
N HIS O 86 18.58 45.74 -2.65
CA HIS O 86 19.27 44.86 -3.58
C HIS O 86 20.62 44.43 -3.00
N LYS O 87 21.32 45.37 -2.37
CA LYS O 87 22.64 45.07 -1.78
C LYS O 87 22.55 44.02 -0.67
N LEU O 88 21.46 44.07 0.08
CA LEU O 88 21.19 43.08 1.13
C LEU O 88 20.82 41.73 0.55
N ALA O 89 20.05 41.77 -0.52
CA ALA O 89 19.63 40.58 -1.25
C ALA O 89 20.84 39.82 -1.80
N ALA O 90 21.83 40.58 -2.28
CA ALA O 90 23.06 40.00 -2.84
C ALA O 90 23.86 39.26 -1.77
N TYR O 91 23.89 39.86 -0.58
CA TYR O 91 24.67 39.32 0.53
C TYR O 91 24.02 38.07 1.04
N THR O 92 22.70 38.07 1.11
CA THR O 92 21.94 36.90 1.60
C THR O 92 21.94 35.74 0.59
N ALA O 93 21.96 36.08 -0.68
CA ALA O 93 22.03 35.09 -1.76
C ALA O 93 23.41 34.43 -1.74
N ILE O 94 24.45 35.22 -1.53
CA ILE O 94 25.83 34.67 -1.43
C ILE O 94 25.94 33.79 -0.19
N THR O 95 25.29 34.21 0.88
CA THR O 95 25.34 33.50 2.17
C THR O 95 24.74 32.12 2.06
N GLN O 96 23.57 32.08 1.41
CA GLN O 96 22.82 30.83 1.28
C GLN O 96 23.63 29.91 0.37
N VAL O 97 23.68 28.63 0.74
CA VAL O 97 24.39 27.62 -0.08
C VAL O 97 25.91 27.93 -0.08
N LEU O 98 26.42 28.36 1.06
CA LEU O 98 27.84 28.70 1.15
C LEU O 98 28.44 28.08 2.41
N ASP O 99 28.83 26.83 2.28
CA ASP O 99 29.47 26.08 3.37
C ASP O 99 30.66 25.27 2.89
N SER O 100 31.83 25.64 3.31
CA SER O 100 33.01 24.87 2.91
C SER O 100 33.08 23.59 3.78
N ASN O 101 33.35 23.68 5.09
CA ASN O 101 34.37 24.50 5.77
C ASN O 101 33.97 25.96 6.07
N LYS O 102 34.68 26.47 7.06
CA LYS O 102 34.48 27.84 7.57
C LYS O 102 34.87 28.91 6.51
N ASN O 103 36.04 28.72 5.92
CA ASN O 103 36.53 29.65 4.89
C ASN O 103 36.13 29.14 3.50
N ASN O 104 35.28 29.93 2.86
CA ASN O 104 34.74 29.59 1.55
C ASN O 104 35.26 30.56 0.47
N LYS O 105 36.18 30.03 -0.32
CA LYS O 105 36.77 30.78 -1.43
C LYS O 105 35.99 30.44 -2.70
N VAL O 106 35.55 31.47 -3.39
CA VAL O 106 34.73 31.26 -4.59
C VAL O 106 35.12 32.20 -5.74
N GLN O 107 34.43 31.92 -6.82
CA GLN O 107 34.37 32.74 -8.03
C GLN O 107 32.87 32.90 -8.27
N LEU O 108 32.46 34.10 -8.63
CA LEU O 108 31.03 34.37 -8.86
C LEU O 108 30.75 34.64 -10.32
N VAL O 109 29.82 33.87 -10.83
CA VAL O 109 29.33 34.09 -12.19
C VAL O 109 27.86 34.52 -12.12
N LEU O 110 27.60 35.62 -12.79
CA LEU O 110 26.23 36.15 -12.86
C LEU O 110 26.03 36.91 -14.18
N ALA O 111 24.80 37.36 -14.37
CA ALA O 111 24.38 38.13 -15.55
C ALA O 111 23.62 39.42 -15.19
N CYS O 112 23.44 40.24 -16.19
CA CYS O 112 22.69 41.50 -16.03
C CYS O 112 22.04 41.82 -17.36
N PRO O 113 21.02 42.69 -17.34
CA PRO O 113 20.30 43.10 -18.56
C PRO O 113 21.33 43.48 -19.64
N LEU O 114 21.05 43.09 -20.87
CA LEU O 114 21.97 43.33 -22.00
C LEU O 114 22.29 44.82 -22.18
N SER O 115 21.30 45.65 -21.86
CA SER O 115 21.40 47.11 -22.06
C SER O 115 22.36 47.81 -21.10
N VAL O 116 22.71 47.12 -20.02
CA VAL O 116 23.62 47.68 -19.02
C VAL O 116 25.00 47.02 -18.99
N LEU O 117 25.10 45.90 -19.69
CA LEU O 117 26.31 45.08 -19.70
C LEU O 117 27.48 45.79 -20.39
N ARG O 118 28.01 46.85 -19.80
CA ARG O 118 29.18 47.60 -20.33
C ARG O 118 29.23 49.00 -19.73
N ASN O 119 28.10 49.46 -19.21
CA ASN O 119 27.98 50.79 -18.63
C ASN O 119 28.66 50.86 -17.25
N ALA O 120 28.38 51.95 -16.54
CA ALA O 120 28.80 52.15 -15.14
C ALA O 120 28.06 51.20 -14.20
N LYS O 121 26.93 50.68 -14.63
CA LYS O 121 26.16 49.75 -13.80
C LYS O 121 26.09 48.41 -14.51
N ALA O 122 25.95 47.36 -13.70
CA ALA O 122 26.02 45.96 -14.18
C ALA O 122 27.32 45.67 -14.94
N LYS O 123 28.28 46.54 -14.66
CA LYS O 123 29.62 46.42 -15.23
C LYS O 123 30.70 47.00 -14.29
N GLU O 124 30.39 48.06 -13.56
CA GLU O 124 31.36 48.54 -12.56
C GLU O 124 30.82 48.50 -11.12
N GLU O 125 29.60 48.98 -10.92
CA GLU O 125 29.01 49.03 -9.57
C GLU O 125 28.56 47.64 -9.15
N TYR O 126 28.03 46.84 -10.06
CA TYR O 126 27.59 45.47 -9.74
C TYR O 126 28.79 44.56 -9.40
N ARG O 127 29.84 44.71 -10.20
CA ARG O 127 31.09 43.99 -9.97
C ARG O 127 31.74 44.35 -8.65
N ASP O 128 31.55 45.60 -8.24
CA ASP O 128 32.08 46.10 -6.97
C ASP O 128 31.34 45.51 -5.77
N TYR O 129 30.06 45.24 -5.97
CA TYR O 129 29.21 44.66 -4.91
C TYR O 129 29.61 43.20 -4.71
N ILE O 130 29.88 42.54 -5.83
CA ILE O 130 30.20 41.10 -5.84
C ILE O 130 31.64 40.82 -5.40
N LYS O 131 32.54 41.66 -5.92
CA LYS O 131 33.98 41.65 -5.73
C LYS O 131 34.46 42.11 -4.34
N GLY O 132 34.22 41.33 -3.26
CA GLY O 132 34.80 41.59 -1.92
C GLY O 132 34.59 40.39 -0.98
N ASN O 133 35.46 40.36 0.02
CA ASN O 133 35.35 39.39 1.12
C ASN O 133 34.30 39.87 2.12
N GLY O 134 33.69 38.91 2.81
CA GLY O 134 32.68 39.23 3.83
C GLY O 134 32.46 38.06 4.77
N GLU O 135 32.09 38.41 5.99
CA GLU O 135 31.75 37.45 7.03
C GLU O 135 30.22 37.44 7.13
N ILE O 136 29.67 36.27 6.88
CA ILE O 136 28.23 36.08 6.95
C ILE O 136 27.93 34.92 7.91
N THR O 137 26.94 35.16 8.75
CA THR O 137 26.43 34.12 9.65
C THR O 137 25.25 33.41 8.97
N VAL O 138 24.95 32.22 9.46
CA VAL O 138 23.86 31.42 8.89
C VAL O 138 22.71 31.31 9.86
N LYS O 139 23.05 30.95 11.08
CA LYS O 139 22.05 30.82 12.13
C LYS O 139 22.32 31.83 13.24
N VAL O 140 21.28 32.27 13.90
CA VAL O 140 21.43 33.20 15.05
C VAL O 140 22.34 32.61 16.14
N ASP O 141 22.30 31.29 16.24
CA ASP O 141 23.15 30.56 17.18
C ASP O 141 24.29 29.85 16.45
N ASP O 142 24.53 30.25 15.21
CA ASP O 142 25.55 29.70 14.29
C ASP O 142 25.57 30.64 13.09
N LYS O 143 25.77 30.17 11.85
CA LYS O 143 27.00 29.47 11.48
C LYS O 143 27.81 30.44 10.63
N GLU O 144 28.90 30.88 11.20
CA GLU O 144 29.77 31.87 10.54
C GLU O 144 30.51 31.25 9.34
N TYR O 145 30.45 31.96 8.22
CA TYR O 145 31.23 31.61 7.03
C TYR O 145 32.02 32.83 6.60
N SER O 146 33.31 32.60 6.33
CA SER O 146 34.20 33.65 5.83
C SER O 146 34.34 33.46 4.33
N PHE O 147 33.82 34.43 3.59
CA PHE O 147 33.71 34.31 2.14
C PHE O 147 34.67 35.25 1.43
N GLU O 148 35.50 34.62 0.64
CA GLU O 148 36.42 35.30 -0.21
C GLU O 148 36.14 35.11 -1.68
N ILE O 149 36.18 36.21 -2.41
CA ILE O 149 35.89 36.11 -3.84
C ILE O 149 37.18 36.33 -4.64
N THR O 150 37.48 35.31 -5.40
CA THR O 150 38.75 35.27 -6.15
C THR O 150 38.59 35.83 -7.56
N ASP O 151 37.35 35.99 -8.00
CA ASP O 151 37.05 36.54 -9.34
C ASP O 151 35.53 36.67 -9.52
N ILE O 152 35.18 37.45 -10.52
CA ILE O 152 33.76 37.67 -10.89
C ILE O 152 33.63 37.73 -12.40
N THR O 153 32.51 37.22 -12.88
CA THR O 153 32.27 37.12 -14.35
C THR O 153 30.82 37.39 -14.66
N ILE O 154 30.63 38.48 -15.37
CA ILE O 154 29.27 38.96 -15.69
C ILE O 154 29.10 38.97 -17.21
N LYS O 155 27.97 38.42 -17.63
CA LYS O 155 27.55 38.42 -19.04
C LYS O 155 26.09 38.85 -19.15
N ALA O 156 25.61 38.99 -20.38
CA ALA O 156 24.23 39.42 -20.67
C ALA O 156 23.39 38.22 -20.29
N GLU O 157 22.25 38.50 -19.68
CA GLU O 157 21.38 37.44 -19.15
C GLU O 157 21.04 36.34 -20.18
N GLY O 158 20.68 36.79 -21.39
CA GLY O 158 20.33 35.88 -22.49
C GLY O 158 21.51 34.94 -22.81
N SER O 159 22.72 35.37 -22.52
CA SER O 159 23.90 34.54 -22.80
C SER O 159 23.98 33.31 -21.90
N GLY O 160 23.47 33.42 -20.67
CA GLY O 160 23.46 32.30 -19.71
C GLY O 160 22.61 31.15 -20.26
N VAL O 161 21.49 31.53 -20.86
CA VAL O 161 20.56 30.57 -21.47
C VAL O 161 21.18 29.85 -22.68
N LEU O 162 21.78 30.64 -23.56
CA LEU O 162 22.46 30.10 -24.75
C LEU O 162 23.57 29.11 -24.37
N PHE O 163 24.26 29.43 -23.29
CA PHE O 163 25.43 28.65 -22.85
C PHE O 163 24.98 27.33 -22.24
N LEU O 164 23.85 27.39 -21.55
CA LEU O 164 23.31 26.21 -20.89
C LEU O 164 22.90 25.14 -21.92
N GLU O 165 22.29 25.60 -23.00
CA GLU O 165 21.89 24.71 -24.09
C GLU O 165 23.17 24.15 -24.74
N GLN O 166 23.08 22.92 -25.24
CA GLN O 166 24.18 22.23 -25.94
C GLN O 166 24.08 22.42 -27.46
N GLU O 167 24.57 23.56 -27.90
CA GLU O 167 24.55 23.93 -29.33
C GLU O 167 25.89 24.53 -29.70
N ASN O 168 26.25 24.30 -30.95
CA ASN O 168 27.47 24.89 -31.50
C ASN O 168 27.06 25.89 -32.58
N PHE O 169 27.80 26.97 -32.73
CA PHE O 169 27.44 28.23 -32.06
C PHE O 169 28.37 29.39 -32.41
N LYS O 170 29.64 29.06 -32.66
CA LYS O 170 30.65 30.07 -32.98
C LYS O 170 30.30 30.90 -34.23
N ASN O 171 29.65 30.25 -35.19
CA ASN O 171 29.29 30.88 -36.47
C ASN O 171 27.84 30.65 -36.88
N LYS O 172 26.97 30.61 -35.87
CA LYS O 172 25.54 30.35 -36.09
C LYS O 172 24.69 31.55 -35.66
N ASN O 173 23.43 31.48 -36.04
CA ASN O 173 22.42 32.48 -35.65
C ASN O 173 21.40 31.80 -34.74
N VAL O 174 21.30 32.32 -33.54
CA VAL O 174 20.40 31.77 -32.50
C VAL O 174 19.60 32.91 -31.89
N ALA O 175 18.39 32.58 -31.46
CA ALA O 175 17.57 33.53 -30.71
C ALA O 175 17.02 32.88 -29.45
N VAL O 176 16.85 33.74 -28.45
CA VAL O 176 16.30 33.34 -27.16
C VAL O 176 14.92 33.99 -27.05
N ILE O 177 13.92 33.14 -27.00
CA ILE O 177 12.53 33.59 -26.89
C ILE O 177 12.03 33.33 -25.46
N ASP O 178 12.02 34.42 -24.72
CA ASP O 178 11.76 34.38 -23.27
C ASP O 178 10.34 34.85 -22.98
N PHE O 179 9.47 33.90 -22.67
CA PHE O 179 8.11 34.22 -22.24
C PHE O 179 8.05 34.53 -20.74
N GLY O 180 8.19 35.83 -20.47
CA GLY O 180 8.13 36.36 -19.10
C GLY O 180 6.68 36.61 -18.67
N GLY O 181 6.55 36.97 -17.39
CA GLY O 181 5.26 37.32 -16.77
C GLY O 181 4.55 38.50 -17.41
N LEU O 182 5.34 39.54 -17.68
CA LEU O 182 4.79 40.80 -18.21
C LEU O 182 5.24 41.10 -19.65
N ASN O 183 6.32 40.46 -20.09
CA ASN O 183 6.85 40.68 -21.44
C ASN O 183 7.38 39.39 -22.06
N MET O 184 7.48 39.41 -23.38
CA MET O 184 8.09 38.30 -24.15
C MET O 184 9.28 38.87 -24.95
N GLY O 185 10.47 38.49 -24.51
CA GLY O 185 11.72 39.08 -25.05
C GLY O 185 12.54 38.15 -25.92
N PHE O 186 12.92 38.70 -27.08
CA PHE O 186 13.65 37.96 -28.12
C PHE O 186 15.00 38.62 -28.29
N SER O 187 16.03 37.82 -28.04
CA SER O 187 17.42 38.26 -28.19
C SER O 187 18.10 37.36 -29.21
N LEU O 188 18.62 37.97 -30.26
CA LEU O 188 19.24 37.22 -31.36
C LEU O 188 20.76 37.43 -31.32
N TYR O 189 21.44 36.31 -31.53
CA TYR O 189 22.92 36.24 -31.57
C TYR O 189 23.38 35.66 -32.90
N ARG O 190 24.44 36.28 -33.41
CA ARG O 190 25.08 35.82 -34.65
C ARG O 190 26.58 35.78 -34.43
N ASN O 191 27.16 34.60 -34.56
CA ASN O 191 28.61 34.40 -34.35
C ASN O 191 28.99 34.85 -32.95
N CYS O 192 28.18 34.43 -31.97
CA CYS O 192 28.37 34.67 -30.53
C CYS O 192 28.23 36.15 -30.10
N VAL O 193 27.65 36.98 -30.96
CA VAL O 193 27.43 38.40 -30.63
C VAL O 193 25.96 38.74 -30.80
N VAL O 194 25.43 39.38 -29.78
CA VAL O 194 24.05 39.85 -29.82
C VAL O 194 23.85 40.85 -30.97
N ASN O 195 22.73 40.71 -31.66
CA ASN O 195 22.36 41.57 -32.78
C ASN O 195 21.13 42.38 -32.36
N PRO O 196 21.37 43.61 -31.91
CA PRO O 196 20.32 44.53 -31.43
C PRO O 196 19.24 44.81 -32.46
N SER O 197 19.67 44.90 -33.72
CA SER O 197 18.77 45.13 -34.86
C SER O 197 17.76 43.98 -35.04
N GLU O 198 18.08 42.81 -34.49
CA GLU O 198 17.24 41.62 -34.64
C GLU O 198 16.70 41.10 -33.30
N ARG O 199 16.70 41.98 -32.32
CA ARG O 199 16.13 41.68 -30.99
C ARG O 199 14.99 42.66 -30.72
N PHE O 200 14.05 42.23 -29.89
CA PHE O 200 12.85 43.03 -29.61
C PHE O 200 12.07 42.47 -28.43
N ILE O 201 11.17 43.30 -27.94
CA ILE O 201 10.31 42.96 -26.81
C ILE O 201 8.84 43.19 -27.18
N GLU O 202 8.01 42.28 -26.73
CA GLU O 202 6.56 42.46 -26.85
C GLU O 202 6.02 42.61 -25.44
N GLU O 203 5.25 43.69 -25.27
CA GLU O 203 4.77 44.12 -23.96
C GLU O 203 3.61 43.24 -23.44
N HIS O 204 3.62 41.98 -23.71
CA HIS O 204 2.57 41.07 -23.20
C HIS O 204 3.27 39.84 -22.67
N GLY O 205 2.77 39.37 -21.54
CA GLY O 205 3.38 38.21 -20.87
C GLY O 205 2.34 37.14 -20.57
N VAL O 206 2.72 36.25 -19.65
CA VAL O 206 1.83 35.17 -19.17
C VAL O 206 0.62 35.74 -18.42
N LYS O 207 0.86 36.81 -17.68
CA LYS O 207 -0.19 37.48 -16.91
C LYS O 207 -1.27 37.97 -17.87
N ASP O 208 -0.84 38.55 -18.98
CA ASP O 208 -1.75 38.96 -20.06
C ASP O 208 -2.47 37.78 -20.73
N LEU O 209 -1.75 36.69 -20.82
CA LEU O 209 -2.27 35.46 -21.42
C LEU O 209 -3.45 34.91 -20.60
N ILE O 210 -3.15 34.61 -19.35
CA ILE O 210 -4.14 34.05 -18.40
C ILE O 210 -5.31 35.01 -18.20
N ILE O 211 -5.00 36.31 -18.32
CA ILE O 211 -5.99 37.37 -18.18
C ILE O 211 -7.03 37.41 -19.29
N ARG O 212 -6.45 37.29 -20.46
CA ARG O 212 -7.21 37.33 -21.71
C ARG O 212 -8.09 36.09 -21.79
N VAL O 213 -7.64 35.01 -21.16
CA VAL O 213 -8.39 33.74 -21.14
C VAL O 213 -9.51 33.80 -20.10
N GLY O 214 -9.13 34.22 -18.88
CA GLY O 214 -10.07 34.31 -17.76
C GLY O 214 -11.25 35.21 -18.11
N ASP O 215 -10.99 36.16 -19.02
CA ASP O 215 -12.01 37.12 -19.50
C ASP O 215 -12.54 37.94 -18.31
N ALA O 216 -11.67 38.20 -17.35
CA ALA O 216 -12.03 38.97 -16.15
C ALA O 216 -10.76 39.51 -15.50
N LEU O 217 -10.88 40.70 -14.94
CA LEU O 217 -9.74 41.38 -14.30
C LEU O 217 -9.22 40.56 -13.11
N THR O 218 -10.16 39.96 -12.40
CA THR O 218 -9.79 39.07 -11.30
C THR O 218 -10.12 37.73 -11.85
N ASP O 219 -10.04 36.76 -10.98
CA ASP O 219 -10.69 35.60 -11.46
C ASP O 219 -9.89 34.64 -12.35
N LEU O 220 -8.57 34.79 -12.20
CA LEU O 220 -7.68 34.17 -13.15
C LEU O 220 -6.74 33.29 -12.49
N ASN O 221 -5.64 33.63 -11.83
CA ASN O 221 -4.95 32.69 -10.91
C ASN O 221 -5.70 31.37 -10.88
N ASN O 222 -5.07 30.28 -10.67
CA ASN O 222 -5.81 29.02 -10.71
C ASN O 222 -7.06 28.90 -9.79
N GLY O 223 -7.11 29.84 -8.85
CA GLY O 223 -8.30 30.07 -8.03
C GLY O 223 -8.54 31.57 -7.93
N ASN O 224 -9.51 32.01 -8.68
CA ASN O 224 -9.85 33.42 -8.62
C ASN O 224 -10.81 33.83 -7.52
N LEU O 225 -11.71 32.92 -7.21
CA LEU O 225 -12.62 33.03 -6.09
C LEU O 225 -12.54 31.73 -5.32
N ILE O 226 -12.14 31.84 -4.06
CA ILE O 226 -11.93 30.66 -3.21
C ILE O 226 -13.23 29.87 -2.97
N THR O 227 -14.36 30.58 -3.00
CA THR O 227 -15.68 29.94 -2.81
C THR O 227 -16.14 29.14 -4.04
N ASN O 228 -15.21 28.89 -4.96
CA ASN O 228 -15.46 28.00 -6.11
C ASN O 228 -14.61 26.74 -5.93
N GLU O 229 -15.21 25.61 -6.29
CA GLU O 229 -14.54 24.31 -6.16
C GLU O 229 -13.25 24.30 -6.98
N GLN O 230 -12.27 23.53 -6.50
CA GLN O 230 -10.97 23.38 -7.17
C GLN O 230 -11.22 23.02 -8.63
N ALA O 231 -10.74 23.88 -9.53
CA ALA O 231 -10.83 23.73 -11.00
C ALA O 231 -11.70 24.82 -11.62
N GLU O 232 -12.69 25.27 -10.84
CA GLU O 232 -13.58 26.34 -11.30
C GLU O 232 -12.84 27.64 -11.15
N SER O 233 -12.97 28.43 -12.24
CA SER O 233 -12.40 29.76 -12.36
C SER O 233 -10.87 29.69 -12.20
N ALA O 234 -10.33 28.77 -13.00
CA ALA O 234 -8.90 28.53 -13.18
C ALA O 234 -8.16 29.89 -13.35
N LEU O 235 -7.08 30.03 -14.08
CA LEU O 235 -6.60 29.23 -15.20
C LEU O 235 -5.28 28.59 -14.94
N ASN O 236 -4.41 29.38 -14.32
CA ASN O 236 -3.04 28.95 -14.08
C ASN O 236 -2.99 27.57 -13.38
N ASN O 237 -4.02 27.27 -12.61
CA ASN O 237 -4.11 25.91 -12.03
C ASN O 237 -5.24 25.17 -12.63
N GLY O 238 -4.67 24.35 -13.46
CA GLY O 238 -5.47 23.39 -14.21
C GLY O 238 -5.47 23.76 -15.68
N TYR O 239 -5.50 22.71 -16.47
CA TYR O 239 -5.54 22.84 -17.95
C TYR O 239 -6.98 22.58 -18.43
N MET O 240 -7.13 21.59 -19.29
CA MET O 240 -8.44 21.15 -19.78
C MET O 240 -8.84 19.90 -18.97
N LYS O 241 -9.22 20.17 -17.72
CA LYS O 241 -9.48 19.08 -16.75
C LYS O 241 -10.96 18.95 -16.38
N LYS O 242 -11.83 19.62 -17.13
CA LYS O 242 -13.29 19.51 -16.92
C LYS O 242 -13.85 18.39 -17.77
N GLY O 243 -14.00 17.23 -17.12
CA GLY O 243 -14.46 15.99 -17.79
C GLY O 243 -15.97 15.98 -18.08
N GLY O 244 -16.58 17.17 -18.02
CA GLY O 244 -18.01 17.35 -18.34
C GLY O 244 -18.10 17.72 -19.80
N GLU O 245 -18.44 16.73 -20.63
CA GLU O 245 -18.49 16.89 -22.10
C GLU O 245 -19.43 18.05 -22.54
N ILE O 246 -20.27 18.49 -21.61
CA ILE O 246 -21.24 19.59 -21.88
C ILE O 246 -20.61 20.98 -21.76
N ASP O 247 -19.59 21.12 -20.93
CA ASP O 247 -18.96 22.44 -20.70
C ASP O 247 -18.36 22.98 -21.99
N THR O 248 -18.49 24.28 -22.16
CA THR O 248 -17.97 24.96 -23.36
C THR O 248 -16.88 25.99 -23.05
N GLU O 249 -16.56 26.14 -21.76
CA GLU O 249 -15.41 26.97 -21.35
C GLU O 249 -14.14 26.32 -21.89
N SER O 250 -13.07 27.11 -22.01
CA SER O 250 -11.75 26.58 -22.44
C SER O 250 -11.47 25.27 -21.70
N SER O 251 -10.70 24.32 -22.22
CA SER O 251 -9.80 24.26 -23.39
C SER O 251 -9.93 25.12 -24.66
N THR O 252 -11.14 25.36 -25.11
CA THR O 252 -11.32 26.08 -26.39
C THR O 252 -10.68 27.48 -26.37
N VAL O 253 -10.81 28.15 -25.24
CA VAL O 253 -10.29 29.52 -25.06
C VAL O 253 -8.76 29.49 -25.10
N ILE O 254 -8.16 28.57 -24.35
CA ILE O 254 -6.69 28.44 -24.26
C ILE O 254 -6.05 28.40 -25.66
N LYS O 255 -6.50 27.46 -26.49
CA LYS O 255 -5.95 27.25 -27.83
C LYS O 255 -6.16 28.49 -28.70
N LYS O 256 -7.22 29.23 -28.40
CA LYS O 256 -7.56 30.47 -29.10
C LYS O 256 -6.65 31.64 -28.80
N VAL O 257 -6.42 31.83 -27.51
CA VAL O 257 -5.52 32.90 -27.04
C VAL O 257 -4.08 32.60 -27.48
N LYS O 258 -3.66 31.37 -27.23
CA LYS O 258 -2.31 30.91 -27.54
C LYS O 258 -2.07 30.91 -29.05
N GLU O 259 -3.14 30.68 -29.81
CA GLU O 259 -3.07 30.66 -31.28
C GLU O 259 -2.67 32.03 -31.81
N LYS O 260 -3.26 33.06 -31.22
CA LYS O 260 -2.98 34.45 -31.58
C LYS O 260 -1.61 34.91 -31.07
N PHE O 261 -1.25 34.41 -29.89
CA PHE O 261 0.03 34.79 -29.27
C PHE O 261 1.21 34.25 -30.10
N LEU O 262 1.08 33.01 -30.53
CA LEU O 262 2.10 32.35 -31.36
C LEU O 262 2.20 32.95 -32.75
N LYS O 263 1.05 33.32 -33.31
CA LYS O 263 1.00 33.93 -34.65
C LYS O 263 1.66 35.31 -34.62
N ASP O 264 1.46 36.03 -33.52
CA ASP O 264 2.06 37.37 -33.36
C ASP O 264 3.57 37.25 -33.18
N ALA O 265 4.00 36.29 -32.37
CA ALA O 265 5.43 36.11 -32.06
C ALA O 265 6.24 35.74 -33.31
N ILE O 266 5.74 34.75 -34.04
CA ILE O 266 6.43 34.25 -35.25
C ILE O 266 6.39 35.28 -36.38
N LYS O 267 5.30 36.04 -36.43
CA LYS O 267 5.14 37.09 -37.45
C LYS O 267 6.17 38.20 -37.25
N LEU O 268 6.42 38.53 -35.98
CA LEU O 268 7.45 39.53 -35.62
C LEU O 268 8.84 39.01 -35.93
N ILE O 269 9.02 37.71 -35.72
CA ILE O 269 10.30 37.04 -35.99
C ILE O 269 10.67 37.17 -37.46
N GLU O 270 9.71 36.87 -38.31
CA GLU O 270 9.94 36.87 -39.75
C GLU O 270 10.17 38.29 -40.28
N LYS O 271 9.56 39.27 -39.60
CA LYS O 271 9.74 40.68 -39.95
C LYS O 271 11.11 41.21 -39.54
N ARG O 272 11.51 40.91 -38.31
CA ARG O 272 12.75 41.46 -37.74
C ARG O 272 13.95 40.53 -37.95
N GLY O 273 13.79 39.29 -37.48
CA GLY O 273 14.83 38.25 -37.50
C GLY O 273 15.19 37.84 -38.92
N PHE O 274 14.16 37.53 -39.72
CA PHE O 274 14.22 37.09 -41.14
C PHE O 274 13.61 35.70 -41.35
N LYS O 275 14.01 35.06 -42.46
CA LYS O 275 13.56 33.71 -42.82
C LYS O 275 13.87 32.78 -41.66
N LEU O 276 12.84 32.13 -41.15
CA LEU O 276 13.00 31.18 -40.03
C LEU O 276 13.99 30.04 -40.33
N ASP O 277 14.32 29.89 -41.61
CA ASP O 277 15.29 28.89 -42.06
C ASP O 277 16.75 29.36 -41.84
N GLN O 278 16.96 30.66 -41.76
CA GLN O 278 18.31 31.19 -41.51
C GLN O 278 18.72 31.12 -40.03
N LEU O 279 17.76 30.72 -39.19
CA LEU O 279 17.98 30.57 -37.75
C LEU O 279 18.34 29.11 -37.47
N ASP O 280 19.42 28.94 -36.72
CA ASP O 280 19.92 27.61 -36.35
C ASP O 280 19.13 26.98 -35.21
N SER O 281 18.69 27.85 -34.30
CA SER O 281 17.90 27.40 -33.14
C SER O 281 17.30 28.61 -32.42
N LEU O 282 16.12 28.37 -31.87
CA LEU O 282 15.40 29.34 -31.04
C LEU O 282 15.10 28.68 -29.70
N ILE O 283 15.82 29.11 -28.69
CA ILE O 283 15.67 28.56 -27.34
C ILE O 283 14.44 29.22 -26.71
N PHE O 284 13.58 28.38 -26.17
CA PHE O 284 12.30 28.85 -25.62
C PHE O 284 12.44 28.79 -24.12
N ILE O 285 12.45 29.95 -23.47
CA ILE O 285 12.69 30.04 -22.02
C ILE O 285 11.67 31.00 -21.40
N GLY O 286 11.71 31.04 -20.06
CA GLY O 286 10.76 31.87 -19.30
C GLY O 286 9.69 31.00 -18.68
N GLY O 287 8.92 31.62 -17.77
CA GLY O 287 7.83 30.92 -17.06
C GLY O 287 6.80 30.33 -18.03
N THR O 288 6.63 30.99 -19.18
CA THR O 288 5.64 30.55 -20.18
C THR O 288 6.16 29.45 -21.12
N THR O 289 7.45 29.15 -21.07
CA THR O 289 7.98 28.17 -22.03
C THR O 289 7.20 26.86 -22.02
N GLN O 290 7.01 26.31 -20.83
CA GLN O 290 6.32 25.02 -20.70
C GLN O 290 4.92 25.08 -21.32
N LYS O 291 4.32 26.27 -21.30
CA LYS O 291 2.97 26.48 -21.83
C LYS O 291 2.90 26.50 -23.37
N LEU O 292 3.92 27.05 -24.01
CA LEU O 292 3.90 27.27 -25.46
C LEU O 292 4.82 26.39 -26.29
N LYS O 293 5.78 25.73 -25.64
CA LYS O 293 6.78 24.94 -26.37
C LYS O 293 6.15 23.92 -27.32
N GLU O 294 5.07 23.29 -26.88
CA GLU O 294 4.41 22.26 -27.70
C GLU O 294 3.87 22.82 -29.02
N GLN O 295 3.11 23.90 -28.91
CA GLN O 295 2.50 24.49 -30.11
C GLN O 295 3.50 25.09 -31.06
N ILE O 296 4.55 25.66 -30.49
CA ILE O 296 5.60 26.21 -31.34
C ILE O 296 6.30 25.13 -32.18
N SER O 297 6.53 23.99 -31.53
CA SER O 297 7.23 22.86 -32.19
C SER O 297 6.45 22.37 -33.40
N LYS O 298 5.12 22.50 -33.33
CA LYS O 298 4.23 22.13 -34.44
C LYS O 298 4.10 23.27 -35.47
N THR O 299 4.35 24.48 -35.01
CA THR O 299 4.32 25.67 -35.89
C THR O 299 5.47 25.59 -36.91
N TYR O 300 6.66 25.29 -36.38
CA TYR O 300 7.88 25.13 -37.18
C TYR O 300 8.70 23.93 -36.67
N PRO O 301 9.05 23.03 -37.59
CA PRO O 301 9.86 21.84 -37.29
C PRO O 301 11.37 22.16 -37.27
N ASN O 302 12.06 21.44 -36.39
CA ASN O 302 13.54 21.46 -36.28
C ASN O 302 14.18 22.82 -35.97
N ASN O 303 13.49 23.68 -35.22
CA ASN O 303 14.10 24.97 -34.86
C ASN O 303 14.04 25.30 -33.37
N SER O 304 12.89 25.05 -32.77
CA SER O 304 12.67 25.35 -31.35
C SER O 304 13.27 24.27 -30.44
N ILE O 305 13.83 24.74 -29.34
CA ILE O 305 14.44 23.86 -28.33
C ILE O 305 14.12 24.41 -26.94
N ILE O 306 13.93 23.49 -26.01
CA ILE O 306 13.69 23.82 -24.61
C ILE O 306 14.63 23.01 -23.72
N THR O 307 14.99 23.60 -22.58
CA THR O 307 15.78 22.90 -21.56
C THR O 307 14.88 22.63 -20.35
N ASN O 308 15.16 21.54 -19.66
CA ASN O 308 14.43 21.20 -18.42
C ASN O 308 14.77 22.22 -17.33
N ASN O 309 13.78 22.49 -16.49
CA ASN O 309 13.90 23.50 -15.41
C ASN O 309 14.44 24.81 -16.00
N SER O 310 13.62 25.40 -16.87
CA SER O 310 13.98 26.66 -17.55
C SER O 310 14.37 27.76 -16.56
N GLN O 311 13.83 27.68 -15.37
CA GLN O 311 14.14 28.65 -14.30
C GLN O 311 15.62 28.70 -13.92
N TRP O 312 16.31 27.57 -14.05
CA TRP O 312 17.75 27.49 -13.75
C TRP O 312 18.63 27.53 -14.99
N THR O 313 18.04 27.90 -16.12
CA THR O 313 18.81 27.99 -17.37
C THR O 313 19.99 28.95 -17.36
N THR O 314 19.71 30.12 -16.83
CA THR O 314 20.74 31.19 -16.79
C THR O 314 21.88 30.75 -15.86
N CYS O 315 21.51 30.29 -14.68
CA CYS O 315 22.49 29.88 -13.67
C CYS O 315 23.38 28.73 -14.17
N GLU O 316 22.79 27.77 -14.87
CA GLU O 316 23.59 26.65 -15.37
C GLU O 316 24.56 27.12 -16.46
N GLY O 317 24.15 28.19 -17.15
CA GLY O 317 24.98 28.83 -18.18
C GLY O 317 26.15 29.61 -17.55
N LEU O 318 25.80 30.37 -16.51
CA LEU O 318 26.79 31.16 -15.79
C LEU O 318 27.80 30.24 -15.06
N TYR O 319 27.32 29.13 -14.55
CA TYR O 319 28.18 28.17 -13.84
C TYR O 319 29.33 27.67 -14.71
N LYS O 320 29.03 27.48 -15.98
CA LYS O 320 30.03 26.98 -16.95
C LYS O 320 31.14 28.01 -17.17
N VAL O 321 30.78 29.28 -17.26
CA VAL O 321 31.82 30.33 -17.39
C VAL O 321 32.61 30.49 -16.09
N ALA O 322 31.93 30.21 -14.99
CA ALA O 322 32.60 30.33 -13.70
C ALA O 322 33.58 29.21 -13.43
N VAL O 323 33.33 28.04 -14.02
CA VAL O 323 34.30 26.93 -13.95
C VAL O 323 35.59 27.31 -14.70
N ALA O 324 35.40 28.02 -15.81
CA ALA O 324 36.51 28.52 -16.64
C ALA O 324 37.28 29.60 -15.89
N LYS O 325 36.55 30.40 -15.14
CA LYS O 325 37.16 31.46 -14.30
C LYS O 325 37.91 30.87 -13.14
N TYR O 326 37.37 29.76 -12.64
CA TYR O 326 37.97 29.03 -11.53
C TYR O 326 39.33 28.43 -11.94
N CYS O 327 39.40 27.95 -13.18
CA CYS O 327 40.66 27.43 -13.73
C CYS O 327 41.68 28.57 -13.91
N ILE O 328 41.24 29.65 -14.34
N THR P 5 64.60 5.39 -38.69
CA THR P 5 63.73 6.26 -37.87
C THR P 5 62.25 5.82 -37.92
N ASN P 6 61.51 6.31 -36.95
CA ASN P 6 60.07 6.06 -36.82
C ASN P 6 59.31 7.36 -37.12
N GLU P 7 59.13 7.61 -38.40
CA GLU P 7 58.50 8.87 -38.79
C GLU P 7 57.13 8.51 -39.48
N TYR P 8 56.15 9.35 -39.30
CA TYR P 8 54.82 9.20 -39.92
C TYR P 8 54.54 10.38 -40.85
N VAL P 9 53.51 10.22 -41.66
CA VAL P 9 53.10 11.26 -42.59
C VAL P 9 51.70 11.76 -42.17
N MET P 10 51.66 13.07 -41.93
CA MET P 10 50.39 13.74 -41.64
C MET P 10 50.05 14.64 -42.82
N THR P 11 48.81 14.45 -43.28
CA THR P 11 48.28 15.25 -44.37
C THR P 11 47.11 16.07 -43.85
N LEU P 12 47.22 17.36 -44.10
CA LEU P 12 46.21 18.31 -43.62
C LEU P 12 45.70 19.21 -44.75
N ASP P 13 44.44 19.56 -44.64
CA ASP P 13 43.76 20.43 -45.61
C ASP P 13 42.87 21.41 -44.85
N ALA P 14 43.42 22.60 -44.58
CA ALA P 14 42.69 23.67 -43.90
C ALA P 14 41.91 24.49 -44.94
N GLY P 15 40.71 23.97 -45.28
CA GLY P 15 39.92 24.54 -46.37
C GLY P 15 38.80 25.44 -45.87
N LYS P 16 37.95 25.80 -46.82
CA LYS P 16 36.77 26.66 -46.62
C LYS P 16 36.32 26.64 -45.15
N TYR P 17 35.36 25.76 -44.86
CA TYR P 17 34.71 25.72 -43.55
C TYR P 17 35.03 24.42 -42.82
N GLU P 18 35.80 23.55 -43.47
CA GLU P 18 36.19 22.28 -42.85
C GLU P 18 37.69 22.02 -42.95
N THR P 19 38.19 21.33 -41.95
CA THR P 19 39.59 20.87 -41.91
C THR P 19 39.60 19.36 -42.06
N LYS P 20 40.36 18.88 -43.03
CA LYS P 20 40.51 17.44 -43.28
C LYS P 20 41.92 17.03 -42.88
N LEU P 21 42.00 15.88 -42.23
CA LEU P 21 43.29 15.35 -41.76
C LEU P 21 43.35 13.84 -41.94
N ILE P 22 44.53 13.34 -42.23
CA ILE P 22 44.76 11.90 -42.44
C ILE P 22 46.15 11.49 -41.98
N GLY P 23 46.18 10.39 -41.24
CA GLY P 23 47.43 9.74 -40.82
C GLY P 23 47.24 8.25 -40.96
N LYS P 24 48.30 7.54 -41.29
CA LYS P 24 48.23 6.07 -41.43
C LYS P 24 47.91 5.36 -40.13
N ASN P 25 48.31 6.00 -39.04
CA ASN P 25 48.05 5.47 -37.70
C ASN P 25 46.57 5.58 -37.34
N LYS P 26 46.00 6.74 -37.64
CA LYS P 26 44.56 6.93 -37.35
C LYS P 26 43.69 6.14 -38.30
N LYS P 27 44.05 6.18 -39.59
CA LYS P 27 43.30 5.44 -40.61
C LYS P 27 43.26 3.95 -40.29
N GLY P 28 44.37 3.47 -39.70
CA GLY P 28 44.54 2.05 -39.33
C GLY P 28 43.56 1.62 -38.21
N THR P 29 43.16 2.58 -37.38
CA THR P 29 42.35 2.28 -36.19
C THR P 29 40.87 2.64 -36.39
N THR P 30 40.64 3.78 -37.02
CA THR P 30 39.27 4.26 -37.25
C THR P 30 38.93 4.09 -38.73
N GLU P 31 37.66 3.73 -38.97
CA GLU P 31 37.22 3.42 -40.34
C GLU P 31 36.68 4.64 -41.06
N ASP P 32 36.29 5.63 -40.30
CA ASP P 32 35.73 6.79 -40.93
C ASP P 32 36.80 7.39 -41.88
N ILE P 33 36.49 8.54 -42.42
CA ILE P 33 37.35 9.14 -43.42
C ILE P 33 38.23 10.24 -42.94
N LYS P 34 38.73 10.33 -41.76
CA LYS P 34 38.77 9.33 -40.72
C LYS P 34 40.01 8.45 -40.51
N ARG P 35 41.20 9.09 -40.55
CA ARG P 35 41.40 10.51 -40.89
C ARG P 35 40.43 11.36 -39.97
N VAL P 36 39.98 12.47 -40.45
CA VAL P 36 38.86 13.27 -39.93
C VAL P 36 38.48 14.53 -40.77
N ILE P 37 37.21 14.88 -40.68
CA ILE P 37 36.70 16.11 -41.30
C ILE P 37 35.80 16.81 -40.28
N PHE P 38 36.28 17.96 -39.83
CA PHE P 38 35.59 18.76 -38.82
C PHE P 38 35.50 20.21 -39.27
N LYS P 39 34.41 20.86 -38.87
CA LYS P 39 34.19 22.28 -39.21
C LYS P 39 35.35 23.11 -38.64
N THR P 40 35.77 24.11 -39.41
CA THR P 40 36.86 25.02 -39.02
C THR P 40 36.39 26.00 -37.94
N LYS P 41 36.06 25.42 -36.80
CA LYS P 41 35.63 26.18 -35.61
C LYS P 41 36.37 25.61 -34.41
N ILE P 42 36.60 26.49 -33.44
CA ILE P 42 37.33 26.10 -32.23
C ILE P 42 36.65 26.75 -31.03
N TYR P 43 36.70 26.05 -29.91
CA TYR P 43 36.15 26.57 -28.66
C TYR P 43 37.15 26.39 -27.52
N ASN P 44 36.74 26.80 -26.34
CA ASN P 44 37.56 26.69 -25.13
C ASN P 44 36.67 26.35 -23.95
N LEU P 45 37.23 25.59 -23.02
CA LEU P 45 36.45 25.14 -21.87
C LEU P 45 36.76 26.01 -20.66
N GLU P 46 35.80 26.88 -20.37
CA GLU P 46 35.92 27.81 -19.24
C GLU P 46 34.96 27.41 -18.13
N ASP P 47 35.32 27.82 -16.91
CA ASP P 47 34.54 27.50 -15.71
C ASP P 47 33.12 28.10 -15.75
N GLY P 48 32.93 29.10 -16.62
CA GLY P 48 31.61 29.73 -16.79
C GLY P 48 30.63 28.84 -17.57
N TYR P 49 30.99 27.56 -17.75
CA TYR P 49 30.22 26.60 -18.52
C TYR P 49 30.57 25.17 -18.09
N ILE P 50 29.72 24.24 -18.52
CA ILE P 50 29.85 22.81 -18.18
C ILE P 50 30.32 22.01 -19.39
N ASP P 51 31.51 21.47 -19.28
CA ASP P 51 32.05 20.60 -20.32
C ASP P 51 31.23 19.34 -20.55
N ILE P 52 31.27 18.85 -21.77
CA ILE P 52 30.55 17.62 -22.18
C ILE P 52 31.45 16.75 -23.09
N GLU P 53 31.20 15.46 -23.07
CA GLU P 53 31.90 14.54 -23.97
C GLU P 53 31.59 14.80 -25.45
N GLY P 54 32.58 14.44 -26.27
CA GLY P 54 32.47 14.65 -27.71
C GLY P 54 31.81 13.51 -28.48
N ASN P 55 31.72 13.65 -29.81
CA ASN P 55 32.87 13.69 -30.74
C ASN P 55 33.60 15.03 -30.71
N SER P 56 34.43 15.17 -29.70
CA SER P 56 35.18 16.40 -29.43
C SER P 56 36.21 16.11 -28.36
N HIS P 57 37.34 16.77 -28.50
CA HIS P 57 38.49 16.54 -27.61
C HIS P 57 38.94 17.85 -26.98
N LYS P 58 39.70 17.69 -25.91
CA LYS P 58 40.32 18.81 -25.21
C LYS P 58 41.82 18.78 -25.48
N ILE P 59 42.37 19.94 -25.77
CA ILE P 59 43.80 20.07 -26.07
C ILE P 59 44.42 21.17 -25.20
N GLU P 60 45.68 20.95 -24.84
CA GLU P 60 46.43 21.93 -24.04
C GLU P 60 47.36 22.70 -24.96
N LEU P 61 47.05 23.98 -25.06
CA LEU P 61 47.90 24.90 -25.80
C LEU P 61 47.90 26.23 -25.06
N ASP P 62 49.08 26.83 -24.97
CA ASP P 62 49.31 28.07 -24.21
C ASP P 62 48.98 27.75 -22.72
N GLY P 63 48.07 28.53 -22.18
CA GLY P 63 47.25 28.14 -20.99
C GLY P 63 45.87 28.17 -21.63
N LYS P 64 44.78 27.51 -21.13
CA LYS P 64 43.56 27.25 -21.94
C LYS P 64 43.47 25.83 -22.42
N GLU P 65 42.28 25.32 -22.22
CA GLU P 65 41.92 24.01 -22.73
C GLU P 65 41.07 24.20 -23.99
N TYR P 66 41.73 24.08 -25.13
CA TYR P 66 41.04 24.28 -26.40
C TYR P 66 40.13 23.09 -26.68
N LEU P 67 39.13 23.40 -27.46
CA LEU P 67 38.13 22.41 -27.75
C LEU P 67 37.91 22.38 -29.27
N ILE P 68 37.88 21.17 -29.79
CA ILE P 68 37.82 20.93 -31.25
C ILE P 68 37.20 19.55 -31.53
N GLY P 69 36.35 19.54 -32.55
CA GLY P 69 35.72 18.28 -32.99
C GLY P 69 34.23 18.31 -32.69
N GLU P 70 33.87 18.89 -31.54
CA GLU P 70 32.45 19.07 -31.20
C GLU P 70 31.91 20.17 -32.09
N GLN P 71 30.58 20.24 -32.11
CA GLN P 71 29.91 21.28 -32.91
C GLN P 71 29.37 22.42 -32.03
N GLY P 72 29.48 22.21 -30.71
CA GLY P 72 28.91 23.13 -29.72
C GLY P 72 27.83 22.42 -28.90
N VAL P 73 27.91 21.08 -28.89
CA VAL P 73 27.12 20.23 -27.99
C VAL P 73 27.74 20.23 -26.58
N GLU P 74 28.99 20.67 -26.53
CA GLU P 74 29.73 20.63 -25.29
C GLU P 74 30.13 22.03 -24.83
N ASP P 75 29.87 23.08 -25.57
CA ASP P 75 30.26 24.42 -25.15
C ASP P 75 29.54 25.45 -26.00
N SER P 76 29.57 26.68 -25.51
CA SER P 76 28.97 27.83 -26.21
C SER P 76 30.05 28.77 -26.76
N SER P 77 31.30 28.47 -26.43
CA SER P 77 32.47 29.26 -26.86
C SER P 77 32.88 29.00 -28.31
N GLU P 78 32.25 28.04 -28.98
CA GLU P 78 32.57 27.70 -30.38
C GLU P 78 32.40 28.90 -31.31
N THR P 79 31.35 29.68 -31.04
CA THR P 79 31.05 30.88 -31.85
C THR P 79 32.16 31.94 -31.72
N SER P 80 32.74 32.02 -30.51
CA SER P 80 33.82 32.96 -30.19
C SER P 80 35.09 32.61 -30.99
N LYS P 81 35.86 33.64 -31.30
CA LYS P 81 37.11 33.50 -32.08
C LYS P 81 38.25 34.33 -31.50
N THR P 82 39.46 33.91 -31.85
CA THR P 82 40.69 34.60 -31.42
C THR P 82 41.62 34.89 -32.61
N ASN P 83 42.69 35.64 -32.40
CA ASN P 83 43.59 36.16 -33.46
C ASN P 83 44.97 35.45 -33.49
N LEU P 84 44.94 34.19 -33.86
CA LEU P 84 45.20 33.09 -32.90
C LEU P 84 44.28 31.92 -33.23
N ILE P 85 43.13 32.27 -33.79
CA ILE P 85 42.08 31.32 -34.20
C ILE P 85 42.67 30.19 -35.05
N HIS P 86 43.33 30.60 -36.14
CA HIS P 86 43.87 29.67 -37.11
C HIS P 86 45.07 28.92 -36.51
N LYS P 87 45.89 29.65 -35.76
CA LYS P 87 47.09 29.03 -35.14
C LYS P 87 46.71 27.95 -34.13
N LEU P 88 45.60 28.16 -33.43
CA LEU P 88 45.07 27.17 -32.50
C LEU P 88 44.49 25.97 -33.21
N ALA P 89 43.81 26.27 -34.32
CA ALA P 89 43.20 25.23 -35.16
C ALA P 89 44.27 24.29 -35.72
N ALA P 90 45.41 24.87 -36.08
CA ALA P 90 46.55 24.09 -36.63
C ALA P 90 47.09 23.11 -35.58
N TYR P 91 47.17 23.60 -34.36
CA TYR P 91 47.75 22.82 -33.26
C TYR P 91 46.82 21.71 -32.89
N THR P 92 45.53 21.96 -32.89
CA THR P 92 44.52 20.96 -32.55
C THR P 92 44.36 19.90 -33.65
N ALA P 93 44.52 20.33 -34.89
CA ALA P 93 44.46 19.43 -36.05
C ALA P 93 45.68 18.50 -36.03
N ILE P 94 46.84 19.03 -35.69
CA ILE P 94 48.06 18.22 -35.57
C ILE P 94 47.92 17.22 -34.42
N THR P 95 47.29 17.69 -33.35
CA THR P 95 47.13 16.88 -32.12
C THR P 95 46.25 15.67 -32.38
N GLN P 96 45.15 15.93 -33.09
CA GLN P 96 44.18 14.87 -33.38
C GLN P 96 44.85 13.88 -34.32
N VAL P 97 44.60 12.60 -34.07
CA VAL P 97 45.15 11.53 -34.93
C VAL P 97 46.70 11.51 -34.84
N LEU P 98 47.20 11.74 -33.63
CA LEU P 98 48.66 11.77 -33.45
C LEU P 98 49.04 10.94 -32.22
N ASP P 99 49.16 9.64 -32.44
CA ASP P 99 49.56 8.71 -31.39
C ASP P 99 50.59 7.70 -31.89
N SER P 100 51.80 7.79 -31.38
CA SER P 100 52.82 6.82 -31.79
C SER P 100 52.57 5.49 -31.03
N ASN P 101 52.75 5.41 -29.71
CA ASN P 101 53.88 5.96 -28.91
C ASN P 101 53.77 7.43 -28.51
N LYS P 102 54.50 7.72 -27.43
CA LYS P 102 54.55 9.05 -26.83
C LYS P 102 55.20 10.08 -27.75
N ASN P 103 56.35 9.71 -28.30
CA ASN P 103 57.10 10.59 -29.22
C ASN P 103 56.68 10.30 -30.66
N ASN P 104 56.06 11.29 -31.27
CA ASN P 104 55.54 11.17 -32.64
C ASN P 104 56.32 12.09 -33.59
N LYS P 105 57.16 11.45 -34.38
CA LYS P 105 57.97 12.15 -35.39
C LYS P 105 57.23 12.07 -36.73
N VAL P 106 57.05 13.22 -37.33
CA VAL P 106 56.29 13.28 -38.60
C VAL P 106 56.94 14.21 -39.63
N GLN P 107 56.27 14.16 -40.76
CA GLN P 107 56.45 15.07 -41.89
C GLN P 107 55.04 15.55 -42.19
N LEU P 108 54.91 16.84 -42.47
CA LEU P 108 53.58 17.41 -42.73
C LEU P 108 53.47 17.85 -44.18
N VAL P 109 52.43 17.33 -44.81
CA VAL P 109 52.09 17.75 -46.15
C VAL P 109 50.73 18.48 -46.13
N LEU P 110 50.75 19.65 -46.71
CA LEU P 110 49.53 20.46 -46.79
C LEU P 110 49.56 21.35 -48.04
N ALA P 111 48.47 22.05 -48.26
CA ALA P 111 48.29 22.98 -49.38
C ALA P 111 47.79 24.37 -48.94
N CYS P 112 47.84 25.29 -49.87
CA CYS P 112 47.35 26.65 -49.64
C CYS P 112 46.88 27.21 -50.97
N PRO P 113 46.05 28.27 -50.92
CA PRO P 113 45.51 28.91 -52.13
C PRO P 113 46.67 29.16 -53.11
N LEU P 114 46.39 28.93 -54.39
CA LEU P 114 47.42 29.06 -55.44
C LEU P 114 48.04 30.46 -55.47
N SER P 115 47.23 31.45 -55.12
CA SER P 115 47.63 32.87 -55.19
C SER P 115 48.65 33.27 -54.12
N VAL P 116 48.79 32.45 -53.10
CA VAL P 116 49.71 32.73 -52.00
C VAL P 116 50.93 31.79 -51.97
N LEU P 117 50.85 30.74 -52.76
CA LEU P 117 51.86 29.69 -52.78
C LEU P 117 53.20 30.19 -53.36
N ARG P 118 53.88 31.06 -52.65
CA ARG P 118 55.21 31.59 -53.04
C ARG P 118 55.52 32.91 -52.32
N ASN P 119 54.46 33.54 -51.83
CA ASN P 119 54.58 34.83 -51.12
C ASN P 119 55.17 34.64 -49.71
N ALA P 120 55.06 35.70 -48.92
CA ALA P 120 55.43 35.70 -47.50
C ALA P 120 54.45 34.86 -46.68
N LYS P 121 53.26 34.63 -47.21
CA LYS P 121 52.26 33.80 -46.51
C LYS P 121 51.98 32.56 -47.33
N ALA P 122 51.58 31.51 -46.63
CA ALA P 122 51.39 30.17 -47.23
C ALA P 122 52.65 29.68 -47.95
N LYS P 123 53.75 30.30 -47.54
CA LYS P 123 55.08 29.96 -48.04
C LYS P 123 56.18 30.22 -47.02
N GLU P 124 56.05 31.27 -46.21
CA GLU P 124 57.02 31.45 -45.12
C GLU P 124 56.40 31.41 -43.72
N GLU P 125 55.28 32.13 -43.54
CA GLU P 125 54.63 32.18 -42.23
C GLU P 125 53.88 30.88 -41.95
N TYR P 126 53.25 30.29 -42.96
CA TYR P 126 52.53 29.02 -42.78
C TYR P 126 53.49 27.86 -42.46
N ARG P 127 54.60 27.85 -43.18
CA ARG P 127 55.67 26.86 -42.97
C ARG P 127 56.29 26.99 -41.58
N ASP P 128 56.33 28.21 -41.09
CA ASP P 128 56.86 28.48 -39.75
C ASP P 128 55.95 27.96 -38.64
N TYR P 129 54.66 27.99 -38.93
CA TYR P 129 53.64 27.52 -37.97
C TYR P 129 53.71 26.00 -37.89
N ILE P 130 53.91 25.39 -39.05
CA ILE P 130 53.94 23.92 -39.17
C ILE P 130 55.25 23.32 -38.69
N LYS P 131 56.34 23.98 -39.09
CA LYS P 131 57.73 23.66 -38.82
C LYS P 131 58.21 23.90 -37.38
N GLY P 132 57.74 23.11 -36.38
CA GLY P 132 58.27 23.13 -35.00
C GLY P 132 57.77 21.93 -34.18
N ASN P 133 58.54 21.63 -33.15
CA ASN P 133 58.16 20.63 -32.15
C ASN P 133 57.18 21.24 -31.16
N GLY P 134 56.33 20.37 -30.59
CA GLY P 134 55.34 20.82 -29.60
C GLY P 134 54.82 19.65 -28.78
N GLU P 135 54.46 19.98 -27.55
CA GLU P 135 53.85 19.02 -26.62
C GLU P 135 52.35 19.32 -26.60
N ILE P 136 51.59 18.31 -26.97
CA ILE P 136 50.14 18.43 -27.00
C ILE P 136 49.57 17.28 -26.15
N THR P 137 48.58 17.65 -25.34
CA THR P 137 47.81 16.68 -24.57
C THR P 137 46.56 16.29 -25.37
N VAL P 138 46.00 15.15 -25.00
CA VAL P 138 44.81 14.63 -25.70
C VAL P 138 43.59 14.69 -24.81
N LYS P 139 43.78 14.18 -23.60
CA LYS P 139 42.70 14.17 -22.62
C LYS P 139 43.09 15.02 -21.41
N VAL P 140 42.13 15.61 -20.75
CA VAL P 140 42.38 16.40 -19.53
C VAL P 140 43.08 15.55 -18.44
N ASP P 141 42.77 14.26 -18.48
CA ASP P 141 43.39 13.30 -17.56
C ASP P 141 44.42 12.43 -18.29
N ASP P 142 44.82 12.86 -19.48
CA ASP P 142 45.75 12.18 -20.39
C ASP P 142 46.04 13.19 -21.51
N LYS P 143 46.21 12.79 -22.76
CA LYS P 143 47.30 11.88 -23.15
C LYS P 143 48.34 12.74 -23.86
N GLU P 144 49.47 12.88 -23.19
CA GLU P 144 50.56 13.72 -23.74
C GLU P 144 51.24 13.06 -24.94
N TYR P 145 51.40 13.85 -25.99
CA TYR P 145 52.17 13.45 -27.16
C TYR P 145 53.23 14.50 -27.46
N SER P 146 54.44 14.03 -27.68
CA SER P 146 55.57 14.89 -28.04
C SER P 146 55.76 14.80 -29.54
N PHE P 147 55.50 15.92 -30.21
CA PHE P 147 55.47 15.94 -31.67
C PHE P 147 56.64 16.72 -32.25
N GLU P 148 57.38 15.98 -33.05
CA GLU P 148 58.47 16.53 -33.80
C GLU P 148 58.25 16.52 -35.29
N ILE P 149 58.56 17.65 -35.90
CA ILE P 149 58.36 17.72 -37.35
C ILE P 149 59.71 17.71 -38.07
N THR P 150 59.85 16.71 -38.90
CA THR P 150 61.12 16.48 -39.59
C THR P 150 61.19 17.16 -40.95
N ASP P 151 60.03 17.62 -41.44
CA ASP P 151 59.94 18.31 -42.73
C ASP P 151 58.48 18.77 -42.98
N ILE P 152 58.38 19.69 -43.92
CA ILE P 152 57.06 20.22 -44.32
C ILE P 152 57.04 20.44 -45.82
N THR P 153 55.86 20.20 -46.42
CA THR P 153 55.72 20.27 -47.89
C THR P 153 54.38 20.85 -48.25
N ILE P 154 54.46 22.02 -48.87
CA ILE P 154 53.25 22.79 -49.21
C ILE P 154 53.18 22.95 -50.72
N LYS P 155 51.99 22.69 -51.25
CA LYS P 155 51.68 22.88 -52.67
C LYS P 155 50.34 23.62 -52.81
N ALA P 156 49.99 23.95 -54.04
CA ALA P 156 48.75 24.66 -54.36
C ALA P 156 47.65 23.65 -54.14
N GLU P 157 46.56 24.12 -53.55
CA GLU P 157 45.46 23.22 -53.16
C GLU P 157 44.97 22.29 -54.30
N GLY P 158 44.78 22.90 -55.49
CA GLY P 158 44.33 22.17 -56.68
C GLY P 158 45.32 21.03 -57.02
N SER P 159 46.58 21.18 -56.64
CA SER P 159 47.57 20.15 -56.93
C SER P 159 47.35 18.86 -56.14
N GLY P 160 46.79 18.98 -54.93
CA GLY P 160 46.49 17.82 -54.08
C GLY P 160 45.46 16.90 -54.77
N VAL P 161 44.48 17.56 -55.39
CA VAL P 161 43.42 16.87 -56.13
C VAL P 161 43.95 16.14 -57.37
N LEU P 162 44.77 16.85 -58.15
CA LEU P 162 45.41 16.27 -59.34
C LEU P 162 46.25 15.05 -59.00
N PHE P 163 46.93 15.13 -57.86
CA PHE P 163 47.88 14.10 -57.43
C PHE P 163 47.13 12.85 -56.98
N LEU P 164 46.00 13.09 -56.34
CA LEU P 164 45.19 12.00 -55.81
C LEU P 164 44.65 11.13 -56.95
N GLU P 165 44.21 11.79 -58.02
CA GLU P 165 43.70 11.08 -59.20
C GLU P 165 44.88 10.32 -59.84
N GLN P 166 44.58 9.18 -60.45
CA GLN P 166 45.56 8.33 -61.16
C GLN P 166 45.60 8.66 -62.66
N GLU P 167 46.34 9.71 -62.97
CA GLU P 167 46.48 10.18 -64.36
C GLU P 167 47.94 10.52 -64.60
N ASN P 168 48.33 10.31 -65.85
CA ASN P 168 49.69 10.68 -66.29
C ASN P 168 49.57 11.83 -67.29
N PHE P 169 50.52 12.74 -67.30
CA PHE P 169 50.36 13.98 -66.54
C PHE P 169 51.54 14.95 -66.74
N LYS P 170 52.71 14.39 -66.96
CA LYS P 170 53.94 15.19 -67.14
C LYS P 170 53.85 16.16 -68.32
N ASN P 171 53.15 15.74 -69.37
CA ASN P 171 53.01 16.53 -70.60
C ASN P 171 51.57 16.65 -71.10
N LYS P 172 50.64 16.71 -70.14
CA LYS P 172 49.22 16.77 -70.45
C LYS P 172 48.59 18.07 -69.96
N ASN P 173 47.37 18.30 -70.40
CA ASN P 173 46.57 19.45 -69.97
C ASN P 173 45.37 18.93 -69.19
N VAL P 174 45.29 19.37 -67.95
CA VAL P 174 44.24 18.93 -67.02
C VAL P 174 43.64 20.16 -66.34
N ALA P 175 42.36 20.05 -65.99
CA ALA P 175 41.72 21.09 -65.20
C ALA P 175 40.96 20.48 -64.03
N VAL P 176 40.90 21.28 -62.98
CA VAL P 176 40.19 20.90 -61.75
C VAL P 176 38.98 21.81 -61.65
N ILE P 177 37.81 21.18 -61.73
CA ILE P 177 36.54 21.90 -61.65
C ILE P 177 35.92 21.64 -60.27
N ASP P 178 36.06 22.65 -59.43
CA ASP P 178 35.71 22.55 -58.02
C ASP P 178 34.40 23.29 -57.75
N PHE P 179 33.34 22.51 -57.58
CA PHE P 179 32.05 23.08 -57.18
C PHE P 179 31.95 23.27 -55.66
N GLY P 180 32.34 24.48 -55.27
CA GLY P 180 32.30 24.91 -53.86
C GLY P 180 30.90 25.42 -53.49
N GLY P 181 30.77 25.71 -52.18
CA GLY P 181 29.53 26.25 -51.60
C GLY P 181 29.13 27.61 -52.17
N LEU P 182 30.12 28.48 -52.30
CA LEU P 182 29.88 29.86 -52.74
C LEU P 182 30.47 30.18 -54.13
N ASN P 183 31.42 29.36 -54.57
CA ASN P 183 32.07 29.57 -55.87
C ASN P 183 32.36 28.24 -56.57
N MET P 184 32.55 28.35 -57.87
CA MET P 184 32.98 27.21 -58.71
C MET P 184 34.30 27.58 -59.40
N GLY P 185 35.36 26.92 -58.95
CA GLY P 185 36.74 27.29 -59.35
C GLY P 185 37.41 26.27 -60.28
N PHE P 186 37.97 26.82 -61.35
CA PHE P 186 38.60 26.03 -62.42
C PHE P 186 40.07 26.40 -62.47
N SER P 187 40.89 25.40 -62.25
CA SER P 187 42.35 25.54 -62.28
C SER P 187 42.91 24.61 -63.34
N LEU P 188 43.61 25.17 -64.32
CA LEU P 188 44.14 24.41 -65.44
C LEU P 188 45.66 24.28 -65.30
N TYR P 189 46.11 23.08 -65.58
CA TYR P 189 47.53 22.70 -65.55
C TYR P 189 47.97 22.15 -66.91
N ARG P 190 49.16 22.56 -67.31
CA ARG P 190 49.77 22.08 -68.56
C ARG P 190 51.22 21.71 -68.26
N ASN P 191 51.55 20.45 -68.47
CA ASN P 191 52.92 19.94 -68.21
C ASN P 191 53.29 20.18 -66.75
N CYS P 192 52.33 19.87 -65.86
CA CYS P 192 52.48 19.96 -64.40
C CYS P 192 52.61 21.39 -63.84
N VAL P 193 52.27 22.39 -64.65
CA VAL P 193 52.34 23.79 -64.20
C VAL P 193 50.97 24.45 -64.42
N VAL P 194 50.51 25.10 -63.37
CA VAL P 194 49.26 25.85 -63.43
C VAL P 194 49.35 26.95 -64.50
N ASN P 195 48.27 27.10 -65.25
CA ASN P 195 48.15 28.11 -66.30
C ASN P 195 47.09 29.12 -65.87
N PRO P 196 47.55 30.24 -65.30
CA PRO P 196 46.67 31.31 -64.79
C PRO P 196 45.74 31.89 -65.85
N SER P 197 46.27 31.98 -67.06
CA SER P 197 45.50 32.48 -68.22
C SER P 197 44.29 31.59 -68.56
N GLU P 198 44.34 30.34 -68.10
CA GLU P 198 43.28 29.36 -68.40
C GLU P 198 42.56 28.86 -67.15
N ARG P 199 42.67 29.64 -66.08
CA ARG P 199 41.97 29.37 -64.82
C ARG P 199 41.04 30.54 -64.52
N PHE P 200 39.98 30.24 -63.78
CA PHE P 200 38.95 31.25 -63.49
C PHE P 200 38.00 30.77 -62.40
N ILE P 201 37.25 31.73 -61.88
CA ILE P 201 36.27 31.49 -60.83
C ILE P 201 34.90 32.05 -61.26
N GLU P 202 33.87 31.30 -60.91
CA GLU P 202 32.50 31.78 -61.10
C GLU P 202 31.90 31.94 -59.70
N GLU P 203 31.37 33.14 -59.48
CA GLU P 203 30.91 33.55 -58.16
C GLU P 203 29.56 32.90 -57.77
N HIS P 204 29.32 31.69 -58.17
CA HIS P 204 28.08 30.98 -57.79
C HIS P 204 28.49 29.59 -57.33
N GLY P 205 27.82 29.15 -56.27
CA GLY P 205 28.14 27.83 -55.68
C GLY P 205 26.88 26.98 -55.53
N VAL P 206 27.02 25.97 -54.67
CA VAL P 206 25.90 25.07 -54.34
C VAL P 206 24.78 25.81 -53.61
N LYS P 207 25.18 26.75 -52.75
CA LYS P 207 24.25 27.56 -51.98
C LYS P 207 23.36 28.33 -52.95
N ASP P 208 23.95 28.90 -53.99
CA ASP P 208 23.22 29.58 -55.07
C ASP P 208 22.33 28.63 -55.86
N LEU P 209 22.82 27.41 -56.02
CA LEU P 209 22.10 26.38 -56.75
C LEU P 209 20.78 26.02 -56.05
N ILE P 210 20.93 25.57 -54.81
CA ILE P 210 19.79 25.15 -53.98
C ILE P 210 18.82 26.31 -53.75
N ILE P 211 19.39 27.52 -53.72
CA ILE P 211 18.65 28.76 -53.54
C ILE P 211 17.71 29.09 -54.69
N ARG P 212 18.32 28.95 -55.84
CA ARG P 212 17.68 29.24 -57.11
C ARG P 212 16.56 28.22 -57.36
N VAL P 213 16.74 27.02 -56.79
CA VAL P 213 15.76 25.94 -56.93
C VAL P 213 14.60 26.15 -55.94
N GLY P 214 14.98 26.39 -54.68
CA GLY P 214 14.01 26.59 -53.59
C GLY P 214 13.05 27.74 -53.93
N ASP P 215 13.57 28.68 -54.73
CA ASP P 215 12.80 29.85 -55.17
C ASP P 215 12.35 30.67 -53.94
N ALA P 216 13.20 30.68 -52.92
CA ALA P 216 12.93 31.41 -51.67
C ALA P 216 14.24 31.62 -50.92
N LEU P 217 14.32 32.76 -50.25
CA LEU P 217 15.53 33.14 -49.50
C LEU P 217 15.80 32.14 -48.37
N THR P 218 14.71 31.69 -47.76
CA THR P 218 14.82 30.67 -46.73
C THR P 218 14.27 29.46 -47.41
N ASP P 219 14.09 28.43 -46.63
CA ASP P 219 13.24 27.48 -47.23
C ASP P 219 13.90 26.45 -48.18
N LEU P 220 15.20 26.30 -47.96
CA LEU P 220 16.01 25.59 -48.91
C LEU P 220 16.70 24.48 -48.28
N ASN P 221 17.80 24.54 -47.55
CA ASN P 221 18.23 23.41 -46.68
C ASN P 221 17.22 22.27 -46.81
N ASN P 222 17.61 21.07 -46.66
CA ASN P 222 16.62 19.98 -46.86
C ASN P 222 15.34 20.06 -46.01
N GLY P 223 15.40 20.91 -44.99
CA GLY P 223 14.24 21.32 -44.22
C GLY P 223 14.29 22.82 -44.00
N ASN P 224 13.49 23.52 -44.75
CA ASN P 224 13.44 24.96 -44.58
C ASN P 224 12.50 25.47 -43.49
N LEU P 225 11.42 24.74 -43.31
CA LEU P 225 10.48 24.95 -42.23
C LEU P 225 10.25 23.60 -41.58
N ILE P 226 10.57 23.54 -40.29
CA ILE P 226 10.48 22.26 -39.55
C ILE P 226 9.03 21.76 -39.44
N THR P 227 8.08 22.68 -39.47
CA THR P 227 6.65 22.32 -39.39
C THR P 227 6.12 21.73 -40.71
N ASN P 228 7.03 21.36 -41.60
CA ASN P 228 6.69 20.63 -42.83
C ASN P 228 7.26 19.22 -42.74
N GLU P 229 6.46 18.28 -43.22
CA GLU P 229 6.84 16.84 -43.18
C GLU P 229 8.16 16.64 -43.94
N GLN P 230 8.92 15.65 -43.47
CA GLN P 230 10.21 15.29 -44.09
C GLN P 230 9.99 15.09 -45.59
N ALA P 231 10.70 15.91 -46.38
CA ALA P 231 10.66 15.89 -47.87
C ALA P 231 10.07 17.19 -48.42
N GLU P 232 9.15 17.76 -47.66
CA GLU P 232 8.53 19.03 -48.05
C GLU P 232 9.52 20.14 -47.76
N SER P 233 9.61 21.02 -48.77
CA SER P 233 10.46 22.20 -48.75
C SER P 233 11.91 21.81 -48.52
N ALA P 234 12.31 20.87 -49.38
CA ALA P 234 13.68 20.35 -49.51
C ALA P 234 14.68 21.53 -49.51
N LEU P 235 15.82 21.50 -50.18
CA LEU P 235 16.20 20.72 -51.35
C LEU P 235 17.34 19.79 -51.08
N ASN P 236 18.31 20.33 -50.35
CA ASN P 236 19.55 19.60 -50.08
C ASN P 236 19.26 18.21 -49.51
N ASN P 237 18.15 18.06 -48.81
CA ASN P 237 17.76 16.71 -48.36
C ASN P 237 16.54 16.27 -49.08
N GLY P 238 16.98 15.41 -49.96
CA GLY P 238 16.04 14.70 -50.82
C GLY P 238 16.23 15.19 -52.25
N TYR P 239 16.03 14.23 -53.15
CA TYR P 239 16.12 14.48 -54.59
C TYR P 239 14.69 14.56 -55.17
N MET P 240 14.40 13.68 -56.12
CA MET P 240 13.06 13.56 -56.72
C MET P 240 12.36 12.38 -56.04
N LYS P 241 11.97 12.61 -54.79
CA LYS P 241 11.43 11.53 -53.93
C LYS P 241 9.93 11.68 -53.65
N LYS P 242 9.26 12.58 -54.39
CA LYS P 242 7.81 12.76 -54.24
C LYS P 242 7.09 11.85 -55.23
N GLY P 243 6.66 10.69 -54.70
CA GLY P 243 6.00 9.64 -55.50
C GLY P 243 4.55 9.96 -55.85
N GLY P 244 4.18 11.24 -55.72
CA GLY P 244 2.85 11.74 -56.09
C GLY P 244 2.93 12.23 -57.52
N GLU P 245 2.46 11.40 -58.44
CA GLU P 245 2.53 11.69 -59.90
C GLU P 245 1.89 13.03 -60.28
N ILE P 246 1.08 13.58 -59.36
CA ILE P 246 0.38 14.86 -59.57
C ILE P 246 1.27 16.10 -59.30
N ASP P 247 2.24 15.95 -58.40
CA ASP P 247 3.11 17.07 -58.02
C ASP P 247 3.89 17.58 -59.23
N THR P 248 4.04 18.90 -59.29
CA THR P 248 4.77 19.55 -60.40
C THR P 248 6.02 20.29 -59.94
N GLU P 249 6.27 20.28 -58.63
CA GLU P 249 7.54 20.81 -58.09
C GLU P 249 8.69 19.96 -58.62
N SER P 250 9.89 20.52 -58.62
CA SER P 250 11.10 19.76 -59.04
C SER P 250 11.08 18.36 -58.40
N SER P 251 11.67 17.33 -58.97
CA SER P 251 12.61 17.16 -60.09
C SER P 251 12.73 18.13 -61.27
N THR P 252 11.63 18.65 -61.77
CA THR P 252 11.69 19.50 -62.99
C THR P 252 12.60 20.72 -62.81
N VAL P 253 12.52 21.32 -61.63
CA VAL P 253 13.31 22.53 -61.30
C VAL P 253 14.80 22.19 -61.27
N ILE P 254 15.14 21.10 -60.58
CA ILE P 254 16.54 20.67 -60.44
C ILE P 254 17.25 20.60 -61.80
N LYS P 255 16.67 19.85 -62.72
CA LYS P 255 17.27 19.63 -64.05
C LYS P 255 17.37 20.95 -64.81
N LYS P 256 16.46 21.87 -64.50
CA LYS P 256 16.44 23.21 -65.11
C LYS P 256 17.54 24.14 -64.66
N VAL P 257 17.72 24.17 -63.34
CA VAL P 257 18.77 24.99 -62.74
C VAL P 257 20.15 24.44 -63.12
N LYS P 258 20.29 23.12 -62.97
CA LYS P 258 21.55 22.42 -63.26
C LYS P 258 21.88 22.50 -64.75
N GLU P 259 20.83 22.54 -65.57
CA GLU P 259 21.00 22.62 -67.03
C GLU P 259 21.71 23.92 -67.42
N LYS P 260 21.30 25.00 -66.77
CA LYS P 260 21.87 26.33 -66.99
C LYS P 260 23.27 26.45 -66.37
N PHE P 261 23.45 25.81 -65.23
CA PHE P 261 24.73 25.85 -64.51
C PHE P 261 25.83 25.15 -65.32
N LEU P 262 25.47 23.99 -65.88
CA LEU P 262 26.39 23.21 -66.71
C LEU P 262 26.71 23.88 -68.04
N LYS P 263 25.70 24.53 -68.60
CA LYS P 263 25.87 25.24 -69.88
C LYS P 263 26.78 26.44 -69.71
N ASP P 264 26.67 27.10 -68.57
CA ASP P 264 27.51 28.27 -68.25
C ASP P 264 28.95 27.82 -68.01
N ALA P 265 29.12 26.73 -67.27
CA ALA P 265 30.46 26.24 -66.91
C ALA P 265 31.26 25.81 -68.14
N ILE P 266 30.62 25.01 -68.99
CA ILE P 266 31.27 24.47 -70.19
C ILE P 266 31.52 25.57 -71.24
N LYS P 267 30.61 26.54 -71.26
CA LYS P 267 30.73 27.67 -72.19
C LYS P 267 31.95 28.52 -71.85
N LEU P 268 32.18 28.70 -70.54
CA LEU P 268 33.36 29.43 -70.05
C LEU P 268 34.64 28.66 -70.33
N ILE P 269 34.53 27.34 -70.22
CA ILE P 269 35.67 26.44 -70.50
C ILE P 269 36.16 26.60 -71.93
N GLU P 270 35.21 26.58 -72.84
CA GLU P 270 35.53 26.65 -74.26
C GLU P 270 36.07 28.03 -74.65
N LYS P 271 35.64 29.06 -73.92
CA LYS P 271 36.11 30.42 -74.13
C LYS P 271 37.54 30.61 -73.62
N ARG P 272 37.79 30.15 -72.39
CA ARG P 272 39.07 30.37 -71.72
C ARG P 272 40.08 29.23 -71.96
N GLY P 273 39.63 28.02 -71.60
CA GLY P 273 40.44 26.81 -71.67
C GLY P 273 40.79 26.44 -73.09
N PHE P 274 39.78 26.41 -73.98
CA PHE P 274 39.84 26.07 -75.43
C PHE P 274 38.98 24.86 -75.79
N LYS P 275 39.31 24.24 -76.92
CA LYS P 275 38.62 23.06 -77.43
C LYS P 275 38.67 21.99 -76.34
N LEU P 276 37.50 21.53 -75.94
CA LEU P 276 37.38 20.48 -74.91
C LEU P 276 38.14 19.19 -75.27
N ASP P 277 38.52 19.08 -76.54
CA ASP P 277 39.30 17.94 -77.03
C ASP P 277 40.80 18.07 -76.70
N GLN P 278 41.26 19.29 -76.48
CA GLN P 278 42.68 19.51 -76.13
C GLN P 278 42.96 19.24 -74.64
N LEU P 279 41.89 18.99 -73.89
CA LEU P 279 41.97 18.67 -72.45
C LEU P 279 42.01 17.16 -72.29
N ASP P 280 42.99 16.71 -71.50
CA ASP P 280 43.18 15.27 -71.24
C ASP P 280 42.20 14.75 -70.19
N SER P 281 41.88 15.60 -69.24
CA SER P 281 40.95 15.25 -68.16
C SER P 281 40.56 16.49 -67.36
N LEU P 282 39.33 16.45 -66.89
CA LEU P 282 38.77 17.49 -66.02
C LEU P 282 38.25 16.80 -64.77
N ILE P 283 38.98 16.99 -63.67
CA ILE P 283 38.62 16.37 -62.38
C ILE P 283 37.52 17.24 -61.76
N PHE P 284 36.46 16.55 -61.35
CA PHE P 284 35.27 17.23 -60.82
C PHE P 284 35.30 17.02 -59.33
N ILE P 285 35.50 18.09 -58.59
CA ILE P 285 35.66 18.03 -57.12
C ILE P 285 34.82 19.13 -56.45
N GLY P 286 34.77 19.05 -55.12
CA GLY P 286 33.97 20.00 -54.34
C GLY P 286 32.70 19.32 -53.85
N GLY P 287 32.02 20.01 -52.93
CA GLY P 287 30.77 19.52 -52.34
C GLY P 287 29.70 19.23 -53.41
N THR P 288 29.74 20.00 -54.49
CA THR P 288 28.75 19.84 -55.57
C THR P 288 29.10 18.75 -56.58
N THR P 289 30.29 18.18 -56.51
CA THR P 289 30.67 17.18 -57.51
C THR P 289 29.65 16.06 -57.68
N GLN P 290 29.28 15.48 -56.55
CA GLN P 290 28.33 14.35 -56.56
C GLN P 290 27.01 14.75 -57.25
N LYS P 291 26.67 16.03 -57.15
CA LYS P 291 25.43 16.56 -57.72
C LYS P 291 25.47 16.71 -59.24
N LEU P 292 26.62 17.09 -59.78
CA LEU P 292 26.73 17.42 -61.22
C LEU P 292 27.51 16.44 -62.08
N LYS P 293 28.27 15.55 -61.44
CA LYS P 293 29.14 14.63 -62.19
C LYS P 293 28.38 13.83 -63.25
N GLU P 294 27.17 13.41 -62.93
CA GLU P 294 26.37 12.61 -63.86
C GLU P 294 26.03 13.36 -65.15
N GLN P 295 25.52 14.56 -64.99
CA GLN P 295 25.11 15.36 -66.16
C GLN P 295 26.28 15.81 -67.00
N ILE P 296 27.38 16.11 -66.34
CA ILE P 296 28.57 16.49 -67.08
C ILE P 296 29.10 15.36 -67.98
N SER P 297 29.05 14.15 -67.43
CA SER P 297 29.54 12.95 -68.13
C SER P 297 28.75 12.72 -69.43
N LYS P 298 27.49 13.13 -69.40
CA LYS P 298 26.62 13.04 -70.59
C LYS P 298 26.79 14.25 -71.52
N THR P 299 27.24 15.36 -70.95
CA THR P 299 27.52 16.59 -71.72
C THR P 299 28.69 16.35 -72.66
N TYR P 300 29.76 15.77 -72.12
CA TYR P 300 30.97 15.42 -72.88
C TYR P 300 31.50 14.05 -72.43
N PRO P 301 31.71 13.16 -73.42
CA PRO P 301 32.24 11.81 -73.18
C PRO P 301 33.77 11.80 -73.05
N ASN P 302 34.26 10.89 -72.22
CA ASN P 302 35.69 10.60 -72.03
C ASN P 302 36.57 11.78 -71.58
N ASN P 303 36.03 12.68 -70.77
CA ASN P 303 36.87 13.80 -70.28
C ASN P 303 36.77 14.01 -68.76
N SER P 304 35.55 13.95 -68.24
CA SER P 304 35.30 14.19 -66.81
C SER P 304 35.61 12.95 -65.98
N ILE P 305 36.18 13.19 -64.81
CA ILE P 305 36.53 12.13 -63.87
C ILE P 305 36.24 12.63 -62.44
N ILE P 306 35.81 11.69 -61.61
CA ILE P 306 35.56 11.96 -60.20
C ILE P 306 36.24 10.90 -59.34
N THR P 307 36.63 11.31 -58.14
CA THR P 307 37.20 10.39 -57.15
C THR P 307 36.18 10.22 -56.01
N ASN P 308 36.19 9.04 -55.41
CA ASN P 308 35.34 8.76 -54.24
C ASN P 308 35.79 9.61 -53.05
N ASN P 309 34.82 10.01 -52.24
CA ASN P 309 35.09 10.88 -51.07
C ASN P 309 35.91 12.10 -51.51
N SER P 310 35.29 12.91 -52.36
CA SER P 310 35.95 14.12 -52.91
C SER P 310 36.49 15.03 -51.81
N GLN P 311 35.85 14.98 -50.65
CA GLN P 311 36.29 15.77 -49.49
C GLN P 311 37.72 15.48 -49.03
N TRP P 312 38.17 14.24 -49.23
CA TRP P 312 39.53 13.84 -48.86
C TRP P 312 40.49 13.80 -50.06
N THR P 313 40.06 14.37 -51.17
CA THR P 313 40.91 14.39 -52.37
C THR P 313 42.27 15.08 -52.22
N THR P 314 42.20 16.25 -51.60
CA THR P 314 43.41 17.06 -51.41
C THR P 314 44.38 16.33 -50.47
N CYS P 315 43.84 15.86 -49.36
CA CYS P 315 44.65 15.18 -48.34
C CYS P 315 45.31 13.91 -48.90
N GLU P 316 44.59 13.16 -49.71
CA GLU P 316 45.18 11.93 -50.27
C GLU P 316 46.29 12.28 -51.27
N GLY P 317 46.16 13.46 -51.88
CA GLY P 317 47.18 14.00 -52.80
C GLY P 317 48.42 14.47 -52.04
N LEU P 318 48.17 15.20 -50.97
CA LEU P 318 49.25 15.70 -50.13
C LEU P 318 50.00 14.54 -49.44
N TYR P 319 49.27 13.52 -49.05
CA TYR P 319 49.87 12.35 -48.39
C TYR P 319 50.95 11.68 -49.25
N LYS P 320 50.71 11.66 -50.55
CA LYS P 320 51.65 11.05 -51.51
C LYS P 320 52.95 11.84 -51.57
N VAL P 321 52.86 13.16 -51.56
CA VAL P 321 54.10 13.97 -51.55
C VAL P 321 54.81 13.87 -50.20
N ALA P 322 54.03 13.65 -49.16
CA ALA P 322 54.62 13.53 -47.84
C ALA P 322 55.34 12.21 -47.62
N VAL P 323 54.89 11.17 -48.32
CA VAL P 323 55.61 9.88 -48.31
C VAL P 323 56.99 10.04 -48.95
N ALA P 324 57.03 10.87 -50.01
CA ALA P 324 58.26 11.17 -50.73
C ALA P 324 59.19 12.01 -49.86
N LYS P 325 58.59 12.89 -49.07
CA LYS P 325 59.34 13.74 -48.12
C LYS P 325 59.87 12.91 -46.97
N TYR P 326 59.09 11.90 -46.60
CA TYR P 326 59.46 10.97 -45.53
C TYR P 326 60.69 10.15 -45.93
N CYS P 327 60.74 9.75 -47.21
CA CYS P 327 61.91 9.03 -47.73
C CYS P 327 63.14 9.94 -47.76
N ILE P 328 62.97 11.13 -48.13
#